data_2BPN
#
_entry.id   2BPN
#
_cell.length_a   1.000
_cell.length_b   1.000
_cell.length_c   1.000
_cell.angle_alpha   90.00
_cell.angle_beta   90.00
_cell.angle_gamma   90.00
#
_symmetry.space_group_name_H-M   'P 1'
#
loop_
_entity.id
_entity.type
_entity.pdbx_description
1 polymer 'CYTOCHROME C3'
2 non-polymer 'HEME C'
#
_entity_poly.entity_id   1
_entity_poly.type   'polypeptide(L)'
_entity_poly.pdbx_seq_one_letter_code
;APKAPADGLKMEATKQPVVFNHSTHKSVKCGDCHHPVNGKEDYRKCGTAGCHDSMDKKDKSAKGYYHVMHDKNTKFKSCV
GCHVEVAGADAAKKKDLTGCKKSKCHE
;
_entity_poly.pdbx_strand_id   A
#
loop_
_chem_comp.id
_chem_comp.type
_chem_comp.name
_chem_comp.formula
HEC non-polymer 'HEME C' 'C34 H34 Fe N4 O4'
#
# COMPACT_ATOMS: atom_id res chain seq x y z
N ALA A 1 16.61 -11.04 -3.42
CA ALA A 1 17.68 -10.33 -2.74
C ALA A 1 18.24 -9.25 -3.67
N PRO A 2 17.34 -8.35 -4.08
CA PRO A 2 17.64 -7.24 -4.96
C PRO A 2 18.23 -6.09 -4.14
N LYS A 3 18.23 -4.89 -4.71
CA LYS A 3 18.77 -3.73 -4.03
C LYS A 3 17.74 -2.60 -4.07
N ALA A 4 17.29 -2.21 -2.89
CA ALA A 4 16.31 -1.14 -2.77
C ALA A 4 16.61 -0.07 -3.83
N PRO A 5 15.86 -0.14 -4.93
CA PRO A 5 15.97 0.77 -6.06
C PRO A 5 15.96 2.21 -5.55
N ALA A 6 16.34 3.14 -6.40
CA ALA A 6 16.37 4.54 -6.03
C ALA A 6 14.95 5.12 -6.11
N ASP A 7 14.66 6.01 -5.18
CA ASP A 7 13.35 6.64 -5.15
C ASP A 7 12.94 7.06 -6.56
N GLY A 8 11.66 7.42 -6.71
CA GLY A 8 11.14 7.83 -7.99
C GLY A 8 10.09 6.85 -8.50
N LEU A 9 9.54 6.09 -7.57
CA LEU A 9 8.52 5.11 -7.91
C LEU A 9 7.15 5.63 -7.45
N LYS A 10 6.21 5.64 -8.40
CA LYS A 10 4.88 6.11 -8.12
C LYS A 10 3.86 5.14 -8.73
N MET A 11 2.77 4.92 -8.01
CA MET A 11 1.73 4.03 -8.48
C MET A 11 0.48 4.81 -8.89
N GLU A 12 0.14 4.67 -10.16
CA GLU A 12 -1.03 5.36 -10.69
C GLU A 12 -1.69 4.52 -11.78
N ALA A 13 -2.07 3.31 -11.40
CA ALA A 13 -2.71 2.40 -12.33
C ALA A 13 -4.20 2.73 -12.43
N THR A 14 -4.76 3.11 -11.28
CA THR A 14 -6.17 3.46 -11.21
C THR A 14 -6.36 4.95 -11.47
N LYS A 15 -7.48 5.46 -10.97
CA LYS A 15 -7.80 6.87 -11.14
C LYS A 15 -7.25 7.66 -9.95
N GLN A 16 -6.24 7.09 -9.32
CA GLN A 16 -5.62 7.72 -8.17
C GLN A 16 -4.14 7.35 -8.08
N PRO A 17 -3.29 8.31 -8.47
CA PRO A 17 -1.85 8.16 -8.47
C PRO A 17 -1.31 8.39 -7.06
N VAL A 18 -0.45 7.50 -6.61
CA VAL A 18 0.11 7.62 -5.28
C VAL A 18 1.61 7.32 -5.33
N VAL A 19 2.41 8.33 -5.00
CA VAL A 19 3.85 8.18 -5.02
C VAL A 19 4.31 7.54 -3.70
N PHE A 20 5.41 6.80 -3.79
CA PHE A 20 5.95 6.13 -2.63
C PHE A 20 7.46 5.93 -2.77
N ASN A 21 8.20 6.57 -1.87
CA ASN A 21 9.65 6.46 -1.88
C ASN A 21 10.10 5.49 -0.79
N HIS A 22 10.89 4.50 -1.20
CA HIS A 22 11.41 3.48 -0.30
C HIS A 22 12.15 4.16 0.88
N SER A 23 12.68 5.34 0.61
CA SER A 23 13.40 6.09 1.62
C SER A 23 12.49 6.35 2.83
N THR A 24 11.24 6.71 2.52
CA THR A 24 10.27 6.99 3.56
C THR A 24 9.74 5.68 4.15
N HIS A 25 10.20 4.57 3.58
CA HIS A 25 9.81 3.24 4.00
C HIS A 25 10.99 2.27 3.88
N LYS A 26 12.14 2.71 4.40
CA LYS A 26 13.34 1.90 4.35
C LYS A 26 13.61 1.31 5.74
N SER A 27 12.67 1.54 6.64
CA SER A 27 12.79 1.05 8.00
C SER A 27 11.68 0.03 8.28
N VAL A 28 11.28 -0.67 7.23
CA VAL A 28 10.24 -1.67 7.36
C VAL A 28 10.64 -2.93 6.57
N LYS A 29 10.35 -4.08 7.15
CA LYS A 29 10.67 -5.34 6.52
C LYS A 29 10.06 -5.38 5.12
N CYS A 30 10.89 -5.68 4.14
CA CYS A 30 10.44 -5.76 2.77
C CYS A 30 9.28 -6.74 2.69
N GLY A 31 9.26 -7.66 3.65
CA GLY A 31 8.21 -8.67 3.70
C GLY A 31 6.90 -8.05 4.18
N ASP A 32 6.95 -6.77 4.51
CA ASP A 32 5.78 -6.06 4.97
C ASP A 32 4.94 -5.60 3.77
N CYS A 33 5.65 -5.19 2.74
CA CYS A 33 5.00 -4.72 1.52
C CYS A 33 5.06 -5.85 0.49
N HIS A 34 6.24 -6.47 0.38
CA HIS A 34 6.48 -7.56 -0.55
C HIS A 34 6.28 -8.91 0.15
N HIS A 35 5.01 -9.28 0.32
CA HIS A 35 4.63 -10.53 0.97
C HIS A 35 5.01 -11.72 0.07
N PRO A 36 5.21 -12.88 0.70
CA PRO A 36 5.56 -14.12 0.05
C PRO A 36 4.33 -14.70 -0.64
N VAL A 37 4.43 -14.89 -1.95
CA VAL A 37 3.31 -15.45 -2.70
C VAL A 37 3.70 -16.81 -3.26
N ASN A 38 2.70 -17.68 -3.38
CA ASN A 38 2.94 -19.01 -3.90
C ASN A 38 4.25 -19.56 -3.34
N GLY A 39 4.57 -19.10 -2.14
CA GLY A 39 5.79 -19.54 -1.47
C GLY A 39 7.03 -19.06 -2.24
N LYS A 40 7.14 -17.75 -2.37
CA LYS A 40 8.26 -17.15 -3.08
C LYS A 40 8.10 -15.63 -3.08
N GLU A 41 8.89 -14.99 -2.24
CA GLU A 41 8.86 -13.54 -2.14
C GLU A 41 8.56 -12.92 -3.50
N ASP A 42 7.50 -12.12 -3.52
CA ASP A 42 7.09 -11.45 -4.75
C ASP A 42 7.38 -9.96 -4.64
N TYR A 43 7.98 -9.42 -5.71
CA TYR A 43 8.33 -8.02 -5.77
C TYR A 43 7.80 -7.40 -7.06
N ARG A 44 6.80 -8.03 -7.65
CA ARG A 44 6.22 -7.52 -8.88
C ARG A 44 5.01 -6.65 -8.59
N LYS A 45 4.51 -6.00 -9.63
CA LYS A 45 3.35 -5.13 -9.50
C LYS A 45 2.37 -5.75 -8.51
N CYS A 46 1.84 -4.90 -7.64
CA CYS A 46 0.88 -5.34 -6.65
C CYS A 46 -0.34 -5.92 -7.38
N GLY A 47 -0.80 -5.18 -8.37
CA GLY A 47 -1.95 -5.59 -9.15
C GLY A 47 -1.59 -6.74 -10.09
N THR A 48 -1.06 -6.37 -11.25
CA THR A 48 -0.67 -7.37 -12.24
C THR A 48 -1.85 -8.30 -12.55
N ALA A 49 -1.68 -9.07 -13.61
CA ALA A 49 -2.71 -10.01 -14.03
C ALA A 49 -2.48 -11.35 -13.33
N GLY A 50 -3.48 -11.77 -12.57
CA GLY A 50 -3.40 -13.03 -11.86
C GLY A 50 -3.49 -12.81 -10.34
N CYS A 51 -3.12 -11.60 -9.94
CA CYS A 51 -3.15 -11.24 -8.52
C CYS A 51 -4.31 -10.26 -8.30
N HIS A 52 -4.01 -9.22 -7.54
CA HIS A 52 -4.99 -8.17 -7.21
C HIS A 52 -5.40 -7.43 -8.49
N ASP A 53 -6.39 -7.98 -9.17
CA ASP A 53 -6.88 -7.38 -10.41
C ASP A 53 -8.18 -6.62 -10.11
N SER A 54 -8.78 -6.97 -8.98
CA SER A 54 -10.04 -6.34 -8.58
C SER A 54 -9.81 -4.84 -8.36
N MET A 55 -10.55 -4.04 -9.12
CA MET A 55 -10.44 -2.60 -9.01
C MET A 55 -11.82 -1.94 -9.06
N ASP A 56 -12.64 -2.30 -8.08
CA ASP A 56 -13.99 -1.75 -8.00
C ASP A 56 -14.21 -1.14 -6.61
N LYS A 57 -15.34 -0.46 -6.47
CA LYS A 57 -15.67 0.17 -5.20
C LYS A 57 -16.81 -0.61 -4.55
N LYS A 58 -16.45 -1.72 -3.92
CA LYS A 58 -17.43 -2.54 -3.25
C LYS A 58 -16.83 -3.93 -2.99
N ASP A 59 -16.83 -4.75 -4.02
CA ASP A 59 -16.29 -6.09 -3.91
C ASP A 59 -14.99 -6.05 -3.12
N LYS A 60 -14.92 -6.91 -2.10
CA LYS A 60 -13.74 -6.98 -1.26
C LYS A 60 -12.90 -8.20 -1.65
N SER A 61 -12.43 -8.89 -0.63
CA SER A 61 -11.62 -10.09 -0.85
C SER A 61 -10.15 -9.69 -1.02
N ALA A 62 -9.29 -10.71 -0.97
CA ALA A 62 -7.87 -10.48 -1.12
C ALA A 62 -7.59 -9.95 -2.53
N LYS A 63 -8.42 -10.37 -3.47
CA LYS A 63 -8.26 -9.94 -4.84
C LYS A 63 -8.41 -8.41 -4.92
N GLY A 64 -9.19 -7.87 -4.00
CA GLY A 64 -9.41 -6.45 -3.95
C GLY A 64 -8.08 -5.68 -3.94
N TYR A 65 -7.86 -4.93 -5.02
CA TYR A 65 -6.64 -4.15 -5.18
C TYR A 65 -6.60 -3.05 -4.11
N TYR A 66 -7.71 -2.32 -3.98
CA TYR A 66 -7.79 -1.25 -3.00
C TYR A 66 -8.04 -1.81 -1.62
N HIS A 67 -8.17 -3.14 -1.55
CA HIS A 67 -8.42 -3.78 -0.27
C HIS A 67 -7.10 -4.31 0.30
N VAL A 68 -6.08 -4.29 -0.54
CA VAL A 68 -4.76 -4.76 -0.12
C VAL A 68 -3.84 -3.55 0.06
N MET A 69 -4.45 -2.38 0.15
CA MET A 69 -3.69 -1.15 0.34
C MET A 69 -4.54 -0.09 1.07
N HIS A 70 -5.46 -0.58 1.90
CA HIS A 70 -6.35 0.27 2.68
C HIS A 70 -6.82 -0.49 3.94
N ASP A 71 -7.70 -1.45 3.72
CA ASP A 71 -8.23 -2.25 4.82
C ASP A 71 -7.09 -2.66 5.75
N LYS A 72 -7.41 -2.81 7.01
CA LYS A 72 -6.43 -3.20 8.00
C LYS A 72 -6.75 -4.61 8.52
N ASN A 73 -7.96 -5.04 8.22
CA ASN A 73 -8.41 -6.37 8.64
C ASN A 73 -8.00 -7.39 7.59
N THR A 74 -6.75 -7.30 7.15
CA THR A 74 -6.24 -8.21 6.15
C THR A 74 -5.09 -9.05 6.73
N LYS A 75 -4.75 -10.11 6.02
CA LYS A 75 -3.68 -10.99 6.45
C LYS A 75 -2.38 -10.21 6.52
N PHE A 76 -2.18 -9.34 5.54
CA PHE A 76 -0.98 -8.52 5.48
C PHE A 76 -1.31 -7.05 5.71
N LYS A 77 -0.30 -6.31 6.14
CA LYS A 77 -0.47 -4.89 6.41
C LYS A 77 -0.74 -4.16 5.10
N SER A 78 -1.35 -2.99 5.22
CA SER A 78 -1.67 -2.18 4.05
C SER A 78 -0.88 -0.87 4.09
N CYS A 79 -1.49 0.16 3.53
CA CYS A 79 -0.86 1.47 3.49
C CYS A 79 -1.55 2.37 4.51
N VAL A 80 -2.87 2.23 4.58
CA VAL A 80 -3.66 3.02 5.51
C VAL A 80 -3.59 2.39 6.90
N GLY A 81 -3.45 1.07 6.91
CA GLY A 81 -3.37 0.33 8.16
C GLY A 81 -2.21 0.84 9.02
N CYS A 82 -1.00 0.54 8.58
CA CYS A 82 0.19 0.95 9.28
C CYS A 82 0.01 2.41 9.70
N HIS A 83 -0.44 3.22 8.75
CA HIS A 83 -0.68 4.65 8.96
C HIS A 83 -1.70 4.84 10.10
N VAL A 84 -2.66 3.94 10.17
CA VAL A 84 -3.68 4.00 11.19
C VAL A 84 -3.05 3.67 12.55
N GLU A 85 -2.21 2.66 12.54
CA GLU A 85 -1.54 2.23 13.76
C GLU A 85 -0.44 3.23 14.14
N VAL A 86 -0.27 4.23 13.29
CA VAL A 86 0.74 5.24 13.52
C VAL A 86 0.05 6.58 13.78
N ALA A 87 -0.74 7.01 12.81
CA ALA A 87 -1.47 8.27 12.93
C ALA A 87 -2.68 8.07 13.83
N GLY A 88 -2.42 7.59 15.03
CA GLY A 88 -3.49 7.35 15.99
C GLY A 88 -3.17 8.00 17.35
N ALA A 89 -2.34 9.03 17.28
CA ALA A 89 -1.95 9.75 18.49
C ALA A 89 -2.51 11.17 18.43
N ASP A 90 -2.63 11.67 17.21
CA ASP A 90 -3.16 13.02 17.01
C ASP A 90 -4.31 12.97 16.01
N ALA A 91 -5.22 13.91 16.16
CA ALA A 91 -6.38 13.99 15.28
C ALA A 91 -6.11 15.04 14.19
N ALA A 92 -4.84 15.20 13.86
CA ALA A 92 -4.45 16.15 12.85
C ALA A 92 -3.85 15.42 11.65
N LYS A 93 -2.76 14.72 11.92
CA LYS A 93 -2.08 13.96 10.88
C LYS A 93 -3.02 12.87 10.35
N LYS A 94 -3.98 12.50 11.20
CA LYS A 94 -4.94 11.48 10.83
C LYS A 94 -5.65 11.90 9.53
N LYS A 95 -5.53 13.18 9.23
CA LYS A 95 -6.16 13.71 8.03
C LYS A 95 -5.09 13.91 6.94
N ASP A 96 -3.96 13.27 7.17
CA ASP A 96 -2.86 13.37 6.22
C ASP A 96 -2.35 11.95 5.89
N LEU A 97 -2.23 11.15 6.92
CA LEU A 97 -1.76 9.78 6.76
C LEU A 97 -2.91 8.90 6.29
N THR A 98 -4.05 9.07 6.95
CA THR A 98 -5.25 8.30 6.60
C THR A 98 -6.27 9.19 5.89
N GLY A 99 -5.87 10.44 5.68
CA GLY A 99 -6.74 11.39 5.02
C GLY A 99 -7.14 10.90 3.62
N CYS A 100 -8.28 11.38 3.16
CA CYS A 100 -8.78 11.00 1.85
C CYS A 100 -8.42 12.11 0.86
N LYS A 101 -8.63 13.34 1.29
CA LYS A 101 -8.33 14.48 0.44
C LYS A 101 -7.26 15.35 1.13
N LYS A 102 -6.27 15.74 0.34
CA LYS A 102 -5.20 16.58 0.85
C LYS A 102 -4.11 15.67 1.46
N SER A 103 -4.44 14.39 1.55
CA SER A 103 -3.50 13.42 2.10
C SER A 103 -2.28 13.29 1.19
N LYS A 104 -1.20 12.80 1.78
CA LYS A 104 0.03 12.61 1.02
C LYS A 104 -0.22 11.63 -0.12
N CYS A 105 -0.97 10.59 0.18
CA CYS A 105 -1.28 9.58 -0.82
C CYS A 105 -2.20 10.22 -1.87
N HIS A 106 -3.35 10.68 -1.41
CA HIS A 106 -4.35 11.33 -2.26
C HIS A 106 -4.27 12.86 -2.11
N GLU A 107 -3.12 13.41 -2.48
CA GLU A 107 -2.91 14.84 -2.37
C GLU A 107 -3.21 15.51 -3.72
FE HEC B . 9.69 -2.32 -2.46
CHA HEC B . 8.78 -1.82 -5.80
CHB HEC B . 12.62 -3.74 -3.51
CHC HEC B . 10.63 -2.62 0.79
CHD HEC B . 6.64 -0.94 -1.52
NA HEC B . 10.54 -2.65 -4.28
C1A HEC B . 9.99 -2.47 -5.53
C2A HEC B . 10.83 -3.04 -6.55
C3A HEC B . 11.91 -3.57 -5.92
C4A HEC B . 11.72 -3.33 -4.51
CMA HEC B . 13.07 -4.29 -6.53
CAA HEC B . 10.55 -3.03 -8.02
CBA HEC B . 10.26 -4.40 -8.61
CGA HEC B . 11.43 -4.89 -9.45
O1A HEC B . 12.16 -5.78 -8.96
O2A HEC B . 11.57 -4.36 -10.59
NB HEC B . 11.28 -3.04 -1.56
C1B HEC B . 12.42 -3.57 -2.14
C2B HEC B . 13.38 -3.93 -1.12
C3B HEC B . 12.83 -3.63 0.07
C4B HEC B . 11.52 -3.07 -0.20
CMB HEC B . 14.72 -4.54 -1.39
CAB HEC B . 13.42 -3.81 1.44
CBB HEC B . 14.88 -3.38 1.54
NC HEC B . 8.82 -1.80 -0.73
C1C HEC B . 9.35 -2.01 0.54
C2C HEC B . 8.38 -1.66 1.55
C3C HEC B . 7.28 -1.22 0.91
C4C HEC B . 7.54 -1.30 -0.51
CMC HEC B . 8.61 -1.77 3.03
CAC HEC B . 5.99 -0.74 1.52
CBC HEC B . 6.13 -0.22 2.94
ND HEC B . 8.05 -1.50 -3.45
C1D HEC B . 6.88 -1.05 -2.88
C2D HEC B . 5.93 -0.68 -3.91
C3D HEC B . 6.53 -0.92 -5.10
C4D HEC B . 7.85 -1.44 -4.82
CMD HEC B . 4.56 -0.13 -3.66
CAD HEC B . 5.96 -0.71 -6.47
CBD HEC B . 4.75 -1.58 -6.79
CGD HEC B . 3.61 -0.75 -7.38
O1D HEC B . 3.89 -0.06 -8.38
O2D HEC B . 2.51 -0.82 -6.81
HHA HEC B . 8.54 -1.58 -6.84
HHB HEC B . 13.55 -4.22 -3.83
HHC HEC B . 10.93 -2.75 1.83
HHD HEC B . 5.66 -0.54 -1.20
HMA1 HEC B . 13.17 -3.99 -7.57
HMA2 HEC B . 13.98 -4.03 -5.98
HMA3 HEC B . 12.91 -5.36 -6.46
HAA1 HEC B . 9.67 -2.41 -8.21
HAA2 HEC B . 11.40 -2.62 -8.56
HBA1 HEC B . 10.10 -5.11 -7.80
HBA2 HEC B . 9.37 -4.35 -9.24
HMB1 HEC B . 14.58 -5.53 -1.86
HMB2 HEC B . 15.29 -3.90 -2.06
HMB3 HEC B . 15.26 -4.65 -0.45
HAB HEC B . 12.86 -3.23 2.16
HBB1 HEC B . 15.14 -2.77 0.67
HBB2 HEC B . 15.02 -2.79 2.45
HBB3 HEC B . 15.52 -4.26 1.57
HMC1 HEC B . 8.86 -0.79 3.43
HMC2 HEC B . 7.70 -2.13 3.51
HMC3 HEC B . 9.43 -2.46 3.21
HAC HEC B . 5.59 0.08 0.91
HBC1 HEC B . 6.01 -1.04 3.64
HBC2 HEC B . 7.11 0.23 3.07
HBC3 HEC B . 5.36 0.52 3.14
HMD1 HEC B . 3.82 -0.93 -3.79
HMD2 HEC B . 4.50 0.24 -2.64
HMD3 HEC B . 4.35 0.67 -4.36
HAD1 HEC B . 5.65 0.33 -6.58
HAD2 HEC B . 6.73 -0.94 -7.22
HBD1 HEC B . 5.03 -2.35 -7.51
HBD2 HEC B . 4.39 -2.06 -5.87
FE HEC C . -1.00 -9.49 -2.36
CHA HEC C . -3.12 -11.16 -0.09
CHB HEC C . -1.09 -6.74 -0.34
CHC HEC C . 1.27 -8.04 -4.40
CHD HEC C . -1.10 -12.35 -4.35
NA HEC C . -1.90 -9.06 -0.57
C1A HEC C . -2.78 -9.83 0.18
C2A HEC C . -3.30 -9.06 1.28
C3A HEC C . -2.74 -7.84 1.22
C4A HEC C . -1.86 -7.83 0.07
CMA HEC C . -2.95 -6.67 2.14
CAA HEC C . -4.28 -9.57 2.30
CBA HEC C . -5.72 -9.16 2.03
CGA HEC C . -6.69 -9.98 2.87
O1A HEC C . -6.22 -10.59 3.85
O2A HEC C . -7.90 -9.97 2.52
NB HEC C . -0.14 -7.75 -2.38
C1B HEC C . -0.24 -6.74 -1.45
C2B HEC C . 0.68 -5.67 -1.76
C3B HEC C . 1.34 -6.03 -2.88
C4B HEC C . 0.83 -7.32 -3.27
CMB HEC C . 0.84 -4.41 -0.96
CAB HEC C . 2.40 -5.26 -3.62
CBB HEC C . 3.64 -4.96 -2.78
NC HEC C . -0.12 -10.09 -4.04
C1C HEC C . 0.67 -9.29 -4.84
C2C HEC C . 0.94 -9.94 -6.11
C3C HEC C . 0.31 -11.15 -6.07
C4C HEC C . -0.34 -11.24 -4.78
CMC HEC C . 1.74 -9.37 -7.22
CAC HEC C . 0.28 -12.20 -7.12
CBC HEC C . 1.65 -12.75 -7.50
ND HEC C . -1.92 -11.37 -2.24
C1D HEC C . -1.83 -12.39 -3.17
C2D HEC C . -2.62 -13.53 -2.75
C3D HEC C . -3.18 -13.20 -1.56
C4D HEC C . -2.75 -11.86 -1.25
CMD HEC C . -2.75 -14.81 -3.51
CAD HEC C . -4.08 -14.04 -0.70
CBD HEC C . -3.35 -14.89 0.33
CGD HEC C . -3.46 -14.26 1.72
O1D HEC C . -4.61 -14.05 2.16
O2D HEC C . -2.38 -14.01 2.31
HHA HEC C . -3.73 -11.68 0.64
HHB HEC C . -1.18 -5.82 0.24
HHC HEC C . 2.09 -7.62 -4.99
HHD HEC C . -1.11 -13.22 -5.00
HMA1 HEC C . -3.87 -6.82 2.71
HMA2 HEC C . -2.10 -6.59 2.81
HMA3 HEC C . -3.04 -5.76 1.55
HAA1 HEC C . -4.25 -10.66 2.31
HAA2 HEC C . -4.02 -9.19 3.28
HBA1 HEC C . -5.85 -8.11 2.28
HBA2 HEC C . -5.96 -9.32 0.98
HMB1 HEC C . 1.11 -3.58 -1.62
HMB2 HEC C . -0.08 -4.18 -0.45
HMB3 HEC C . 1.64 -4.56 -0.22
HAB HEC C . 2.72 -5.84 -4.48
HBB1 HEC C . 4.14 -5.89 -2.52
HBB2 HEC C . 4.32 -4.33 -3.36
HBB3 HEC C . 3.34 -4.44 -1.88
HMC1 HEC C . 2.33 -8.52 -6.85
HMC2 HEC C . 2.42 -10.12 -7.61
HMC3 HEC C . 1.08 -9.02 -8.01
HAC HEC C . -0.32 -13.05 -6.78
HBC1 HEC C . 1.54 -13.75 -7.94
HBC2 HEC C . 2.12 -12.09 -8.23
HBC3 HEC C . 2.27 -12.80 -6.61
HMD1 HEC C . -2.74 -14.61 -4.57
HMD2 HEC C . -1.91 -15.47 -3.26
HMD3 HEC C . -3.68 -15.31 -3.24
HAD1 HEC C . -4.77 -13.38 -0.17
HAD2 HEC C . -4.65 -14.72 -1.33
HBD1 HEC C . -3.79 -15.88 0.36
HBD2 HEC C . -2.30 -14.95 0.06
FE HEC D . 3.58 5.00 4.66
CHA HEC D . 4.83 8.21 5.53
CHB HEC D . 2.55 6.43 1.60
CHC HEC D . 2.61 1.98 3.56
CHD HEC D . 4.51 3.87 7.69
NA HEC D . 3.69 6.95 3.75
C1A HEC D . 4.22 8.10 4.28
C2A HEC D . 4.05 9.20 3.36
C3A HEC D . 3.41 8.72 2.28
C4A HEC D . 3.19 7.30 2.51
CMA HEC D . 3.00 9.45 1.04
CAA HEC D . 4.50 10.61 3.61
CBA HEC D . 5.86 10.94 3.01
CGA HEC D . 6.72 11.72 3.99
O1A HEC D . 7.92 11.38 4.09
O2A HEC D . 6.16 12.64 4.63
NB HEC D . 2.72 4.37 2.96
C1B HEC D . 2.44 5.06 1.78
C2B HEC D . 2.02 4.15 0.75
C3B HEC D . 2.04 2.91 1.28
C4B HEC D . 2.46 3.04 2.66
CMB HEC D . 1.65 4.54 -0.65
CAB HEC D . 1.68 1.61 0.63
CBB HEC D . 2.27 1.44 -0.77
NC HEC D . 3.53 3.31 5.49
C1C HEC D . 3.10 2.12 4.92
C2C HEC D . 3.28 1.03 5.84
C3C HEC D . 3.82 1.55 6.97
C4C HEC D . 3.98 2.97 6.75
CMC HEC D . 2.92 -0.40 5.57
CAC HEC D . 4.21 0.83 8.23
CBC HEC D . 4.54 -0.65 8.02
ND HEC D . 4.49 5.87 6.27
C1D HEC D . 4.77 5.20 7.44
C2D HEC D . 5.38 6.11 8.40
C3D HEC D . 5.47 7.32 7.80
C4D HEC D . 4.92 7.17 6.48
CMD HEC D . 5.82 5.72 9.78
CAD HEC D . 6.03 8.58 8.37
CBD HEC D . 4.98 9.57 8.86
CGD HEC D . 5.61 10.82 9.45
O1D HEC D . 5.94 10.75 10.66
O2D HEC D . 5.75 11.80 8.70
HHA HEC D . 5.28 9.17 5.79
HHB HEC D . 2.12 6.87 0.70
HHC HEC D . 2.32 0.98 3.22
HHD HEC D . 4.73 3.47 8.69
HMA1 HEC D . 1.92 9.55 1.01
HMA2 HEC D . 3.46 10.44 1.04
HMA3 HEC D . 3.34 8.90 0.16
HAA1 HEC D . 3.78 11.31 3.18
HAA2 HEC D . 4.57 10.78 4.69
HBA1 HEC D . 6.38 10.01 2.75
HBA2 HEC D . 5.73 11.54 2.11
HMB1 HEC D . 0.81 5.24 -0.61
HMB2 HEC D . 2.50 5.01 -1.14
HMB3 HEC D . 1.36 3.65 -1.21
HAB HEC D . 2.04 0.78 1.24
HBB1 HEC D . 1.47 1.36 -1.50
HBB2 HEC D . 2.90 2.30 -1.01
HBB3 HEC D . 2.88 0.54 -0.79
HMC1 HEC D . 3.77 -1.05 5.82
HMC2 HEC D . 2.06 -0.68 6.17
HMC3 HEC D . 2.68 -0.52 4.51
HAC HEC D . 5.09 1.29 8.66
HBC1 HEC D . 5.22 -0.75 7.18
HBC2 HEC D . 5.01 -1.05 8.93
HBC3 HEC D . 3.62 -1.20 7.81
HMD1 HEC D . 6.38 6.55 10.23
HMD2 HEC D . 4.95 5.51 10.39
HMD3 HEC D . 6.45 4.84 9.73
HAD1 HEC D . 6.67 8.35 9.22
HAD2 HEC D . 6.62 9.10 7.61
HBD1 HEC D . 4.34 9.87 8.01
HBD2 HEC D . 4.35 9.09 9.62
FE HEC E . -6.44 5.29 -1.39
CHA HEC E . -6.29 3.70 -4.51
CHB HEC E . -9.83 5.73 -1.86
CHC HEC E . -6.70 6.50 1.78
CHD HEC E . -3.02 4.97 -1.11
NA HEC E . -7.77 4.81 -2.88
C1A HEC E . -7.52 4.16 -4.09
C2A HEC E . -8.74 4.03 -4.84
C3A HEC E . -9.73 4.59 -4.11
C4A HEC E . -9.13 5.08 -2.90
CMA HEC E . -11.18 4.71 -4.47
CAA HEC E . -8.85 3.38 -6.19
CBA HEC E . -9.18 1.89 -6.13
CGA HEC E . -9.73 1.40 -7.47
O1A HEC E . -10.98 1.31 -7.56
O2A HEC E . -8.90 1.13 -8.36
NB HEC E . -7.97 5.90 -0.25
C1B HEC E . -9.26 6.16 -0.67
C2B HEC E . -9.96 6.94 0.33
C3B HEC E . -9.10 7.14 1.35
C4B HEC E . -7.85 6.50 0.99
CMB HEC E . -11.39 7.39 0.22
CAB HEC E . -9.34 7.90 2.62
CBB HEC E . -9.57 7.01 3.84
NC HEC E . -5.11 5.59 0.07
C1C HEC E . -5.35 6.18 1.30
C2C HEC E . -4.10 6.45 1.98
C3C HEC E . -3.10 6.04 1.17
C4C HEC E . -3.73 5.50 -0.02
CMC HEC E . -3.98 7.08 3.34
CAC HEC E . -1.63 6.11 1.42
CBC HEC E . -1.21 5.69 2.82
ND HEC E . -4.95 4.55 -2.59
C1D HEC E . -3.62 4.42 -2.24
C2D HEC E . -2.92 3.60 -3.22
C3D HEC E . -3.82 3.26 -4.15
C4D HEC E . -5.09 3.84 -3.77
CMD HEC E . -1.46 3.25 -3.15
CAD HEC E . -3.60 2.41 -5.38
CBD HEC E . -2.84 3.12 -6.49
CGD HEC E . -3.01 2.40 -7.81
O1D HEC E . -3.02 3.10 -8.85
O2D HEC E . -3.11 1.16 -7.78
HHA HEC E . -6.23 3.19 -5.46
HHB HEC E . -10.89 5.93 -2.03
HHC HEC E . -6.81 6.77 2.84
HHD HEC E . -1.93 4.99 -1.08
HMA1 HEC E . -11.38 5.72 -4.85
HMA2 HEC E . -11.44 3.97 -5.22
HMA3 HEC E . -11.79 4.54 -3.57
HAA1 HEC E . -9.63 3.86 -6.76
HAA2 HEC E . -7.90 3.47 -6.71
HBA1 HEC E . -8.28 1.32 -5.90
HBA2 HEC E . -9.93 1.71 -5.36
HMB1 HEC E . -11.41 8.45 -0.07
HMB2 HEC E . -11.91 6.80 -0.53
HMB3 HEC E . -11.89 7.28 1.19
HAB HEC E . -8.47 8.52 2.84
HBB1 HEC E . -10.32 6.25 3.59
HBB2 HEC E . -8.64 6.52 4.12
HBB3 HEC E . -9.94 7.61 4.67
HMC1 HEC E . -3.46 8.04 3.26
HMC2 HEC E . -4.98 7.25 3.75
HMC3 HEC E . -3.42 6.42 4.00
HAC HEC E . -1.11 5.45 0.71
HBC1 HEC E . -0.17 5.34 2.80
HBC2 HEC E . -1.29 6.54 3.49
HBC3 HEC E . -1.86 4.89 3.17
HMD1 HEC E . -1.06 3.54 -2.19
HMD2 HEC E . -1.35 2.17 -3.27
HMD3 HEC E . -0.93 3.77 -3.94
HAD1 HEC E . -3.02 1.52 -5.11
HAD2 HEC E . -4.56 2.10 -5.79
HBD1 HEC E . -3.22 4.13 -6.60
HBD2 HEC E . -1.78 3.16 -6.24
N ALA A 1 17.66 -11.10 -4.97
CA ALA A 1 17.90 -10.53 -3.66
C ALA A 1 18.69 -9.23 -3.81
N PRO A 2 18.11 -8.29 -4.56
CA PRO A 2 18.69 -7.00 -4.83
C PRO A 2 18.41 -6.06 -3.67
N LYS A 3 19.24 -5.04 -3.52
CA LYS A 3 19.06 -4.08 -2.43
C LYS A 3 18.05 -3.03 -2.87
N ALA A 4 17.39 -2.45 -1.87
CA ALA A 4 16.39 -1.43 -2.13
C ALA A 4 16.92 -0.47 -3.20
N PRO A 5 16.05 -0.14 -4.15
CA PRO A 5 16.34 0.75 -5.25
C PRO A 5 16.29 2.20 -4.77
N ALA A 6 16.60 3.13 -5.66
CA ALA A 6 16.58 4.54 -5.30
C ALA A 6 15.16 5.09 -5.49
N ASP A 7 14.82 6.06 -4.65
CA ASP A 7 13.51 6.68 -4.72
C ASP A 7 13.16 6.97 -6.18
N GLY A 8 11.90 7.28 -6.41
CA GLY A 8 11.42 7.58 -7.75
C GLY A 8 10.41 6.54 -8.21
N LEU A 9 9.87 5.80 -7.25
CA LEU A 9 8.88 4.78 -7.56
C LEU A 9 7.49 5.30 -7.20
N LYS A 10 6.63 5.33 -8.21
CA LYS A 10 5.26 5.80 -8.00
C LYS A 10 4.30 4.82 -8.66
N MET A 11 3.18 4.58 -7.97
CA MET A 11 2.18 3.66 -8.47
C MET A 11 0.96 4.43 -8.99
N GLU A 12 0.68 4.24 -10.27
CA GLU A 12 -0.46 4.90 -10.89
C GLU A 12 -1.05 4.02 -11.99
N ALA A 13 -1.46 2.82 -11.59
CA ALA A 13 -2.04 1.88 -12.52
C ALA A 13 -3.53 2.20 -12.71
N THR A 14 -4.14 2.68 -11.64
CA THR A 14 -5.55 3.04 -11.67
C THR A 14 -5.72 4.51 -12.01
N LYS A 15 -6.86 5.05 -11.61
CA LYS A 15 -7.16 6.45 -11.87
C LYS A 15 -6.68 7.29 -10.68
N GLN A 16 -5.72 6.75 -9.96
CA GLN A 16 -5.15 7.43 -8.81
C GLN A 16 -3.69 7.05 -8.62
N PRO A 17 -2.80 7.98 -9.00
CA PRO A 17 -1.37 7.83 -8.91
C PRO A 17 -0.91 8.12 -7.48
N VAL A 18 -0.11 7.22 -6.92
CA VAL A 18 0.38 7.39 -5.56
C VAL A 18 1.88 7.10 -5.53
N VAL A 19 2.63 8.12 -5.17
CA VAL A 19 4.08 8.00 -5.08
C VAL A 19 4.46 7.39 -3.73
N PHE A 20 5.55 6.66 -3.73
CA PHE A 20 6.04 6.03 -2.52
C PHE A 20 7.54 5.79 -2.58
N ASN A 21 8.25 6.44 -1.67
CA ASN A 21 9.70 6.31 -1.62
C ASN A 21 10.08 5.34 -0.49
N HIS A 22 10.96 4.39 -0.84
CA HIS A 22 11.43 3.38 0.10
C HIS A 22 12.13 4.06 1.29
N SER A 23 12.74 5.20 1.01
CA SER A 23 13.43 5.95 2.05
C SER A 23 12.48 6.27 3.20
N THR A 24 11.26 6.63 2.83
CA THR A 24 10.24 6.96 3.82
C THR A 24 9.60 5.68 4.37
N HIS A 25 10.09 4.54 3.88
CA HIS A 25 9.62 3.23 4.28
C HIS A 25 10.77 2.22 4.26
N LYS A 26 11.88 2.60 4.88
CA LYS A 26 13.05 1.74 4.92
C LYS A 26 13.16 1.12 6.32
N SER A 27 12.36 1.64 7.24
CA SER A 27 12.36 1.14 8.60
C SER A 27 11.22 0.15 8.79
N VAL A 28 10.90 -0.56 7.72
CA VAL A 28 9.83 -1.54 7.76
C VAL A 28 10.28 -2.80 7.03
N LYS A 29 10.02 -3.94 7.65
CA LYS A 29 10.39 -5.22 7.07
C LYS A 29 9.83 -5.31 5.65
N CYS A 30 10.71 -5.66 4.72
CA CYS A 30 10.30 -5.78 3.33
C CYS A 30 9.12 -6.75 3.25
N GLY A 31 9.05 -7.63 4.24
CA GLY A 31 7.97 -8.61 4.29
C GLY A 31 6.66 -7.95 4.73
N ASP A 32 6.76 -6.66 5.04
CA ASP A 32 5.58 -5.92 5.46
C ASP A 32 4.79 -5.47 4.23
N CYS A 33 5.52 -5.22 3.16
CA CYS A 33 4.89 -4.79 1.92
C CYS A 33 4.98 -5.94 0.92
N HIS A 34 6.16 -6.54 0.84
CA HIS A 34 6.44 -7.65 -0.06
C HIS A 34 6.22 -8.99 0.68
N HIS A 35 4.95 -9.33 0.88
CA HIS A 35 4.56 -10.56 1.56
C HIS A 35 4.89 -11.77 0.68
N PRO A 36 5.00 -12.93 1.33
CA PRO A 36 5.31 -14.20 0.70
C PRO A 36 4.17 -14.59 -0.23
N VAL A 37 4.50 -14.92 -1.47
CA VAL A 37 3.50 -15.31 -2.44
C VAL A 37 3.91 -16.62 -3.11
N ASN A 38 3.08 -17.63 -2.94
CA ASN A 38 3.35 -18.93 -3.52
C ASN A 38 4.64 -19.49 -2.92
N GLY A 39 4.79 -19.30 -1.62
CA GLY A 39 5.97 -19.78 -0.92
C GLY A 39 7.24 -19.26 -1.59
N LYS A 40 7.32 -17.95 -1.69
CA LYS A 40 8.49 -17.31 -2.29
C LYS A 40 8.26 -15.80 -2.36
N GLU A 41 8.92 -15.09 -1.45
CA GLU A 41 8.80 -13.65 -1.39
C GLU A 41 8.58 -13.08 -2.78
N ASP A 42 7.56 -12.25 -2.90
CA ASP A 42 7.23 -11.63 -4.16
C ASP A 42 7.47 -10.11 -4.07
N TYR A 43 8.04 -9.57 -5.15
CA TYR A 43 8.34 -8.16 -5.21
C TYR A 43 7.82 -7.57 -6.52
N ARG A 44 6.87 -8.27 -7.14
CA ARG A 44 6.30 -7.81 -8.40
C ARG A 44 5.11 -6.88 -8.13
N LYS A 45 4.64 -6.26 -9.20
CA LYS A 45 3.51 -5.35 -9.10
C LYS A 45 2.48 -5.93 -8.12
N CYS A 46 2.16 -5.13 -7.12
CA CYS A 46 1.19 -5.55 -6.11
C CYS A 46 0.01 -6.22 -6.82
N GLY A 47 -0.38 -5.61 -7.93
CA GLY A 47 -1.49 -6.14 -8.72
C GLY A 47 -1.02 -7.24 -9.67
N THR A 48 -0.72 -6.83 -10.89
CA THR A 48 -0.26 -7.76 -11.90
C THR A 48 -1.28 -8.89 -12.10
N ALA A 49 -1.32 -9.41 -13.31
CA ALA A 49 -2.24 -10.48 -13.63
C ALA A 49 -1.81 -11.75 -12.90
N GLY A 50 -2.70 -12.24 -12.07
CA GLY A 50 -2.43 -13.45 -11.30
C GLY A 50 -2.58 -13.18 -9.79
N CYS A 51 -2.68 -11.90 -9.46
CA CYS A 51 -2.83 -11.51 -8.07
C CYS A 51 -3.96 -10.49 -7.97
N HIS A 52 -3.74 -9.46 -7.17
CA HIS A 52 -4.69 -8.38 -6.96
C HIS A 52 -5.00 -7.68 -8.28
N ASP A 53 -5.97 -8.22 -9.00
CA ASP A 53 -6.36 -7.66 -10.29
C ASP A 53 -7.68 -6.90 -10.13
N SER A 54 -8.36 -7.19 -9.03
CA SER A 54 -9.63 -6.55 -8.75
C SER A 54 -9.44 -5.04 -8.60
N MET A 55 -10.18 -4.28 -9.39
CA MET A 55 -10.09 -2.83 -9.36
C MET A 55 -11.48 -2.20 -9.53
N ASP A 56 -12.34 -2.47 -8.57
CA ASP A 56 -13.69 -1.93 -8.60
C ASP A 56 -14.08 -1.45 -7.21
N LYS A 57 -15.34 -1.09 -7.07
CA LYS A 57 -15.86 -0.61 -5.80
C LYS A 57 -16.96 -1.55 -5.30
N LYS A 58 -16.54 -2.55 -4.54
CA LYS A 58 -17.48 -3.52 -4.01
C LYS A 58 -16.71 -4.69 -3.38
N ASP A 59 -16.14 -5.51 -4.26
CA ASP A 59 -15.37 -6.65 -3.81
C ASP A 59 -14.24 -6.19 -2.89
N LYS A 60 -14.19 -6.78 -1.71
CA LYS A 60 -13.18 -6.43 -0.74
C LYS A 60 -12.29 -7.66 -0.46
N SER A 61 -12.49 -8.67 -1.28
CA SER A 61 -11.73 -9.91 -1.14
C SER A 61 -10.23 -9.61 -1.27
N ALA A 62 -9.43 -10.61 -0.93
CA ALA A 62 -7.98 -10.47 -1.01
C ALA A 62 -7.59 -9.99 -2.41
N LYS A 63 -8.38 -10.40 -3.38
CA LYS A 63 -8.13 -10.02 -4.77
C LYS A 63 -8.23 -8.50 -4.90
N GLY A 64 -9.08 -7.92 -4.06
CA GLY A 64 -9.26 -6.48 -4.07
C GLY A 64 -7.92 -5.75 -4.04
N TYR A 65 -7.66 -5.01 -5.13
CA TYR A 65 -6.43 -4.26 -5.26
C TYR A 65 -6.44 -3.08 -4.28
N TYR A 66 -7.59 -2.42 -4.16
CA TYR A 66 -7.71 -1.29 -3.27
C TYR A 66 -8.04 -1.78 -1.86
N HIS A 67 -8.20 -3.08 -1.70
CA HIS A 67 -8.52 -3.65 -0.40
C HIS A 67 -7.23 -4.12 0.27
N VAL A 68 -6.16 -4.16 -0.52
CA VAL A 68 -4.87 -4.59 -0.01
C VAL A 68 -3.96 -3.37 0.17
N MET A 69 -4.58 -2.20 0.16
CA MET A 69 -3.84 -0.96 0.32
C MET A 69 -4.73 0.13 0.92
N HIS A 70 -5.69 -0.32 1.75
CA HIS A 70 -6.63 0.58 2.41
C HIS A 70 -7.16 -0.10 3.70
N ASP A 71 -8.06 -1.05 3.50
CA ASP A 71 -8.64 -1.77 4.62
C ASP A 71 -7.53 -2.15 5.60
N LYS A 72 -7.94 -2.35 6.85
CA LYS A 72 -7.01 -2.72 7.90
C LYS A 72 -7.35 -4.11 8.43
N ASN A 73 -8.51 -4.60 7.98
CA ASN A 73 -8.96 -5.92 8.40
C ASN A 73 -8.53 -6.96 7.37
N THR A 74 -7.23 -6.92 7.06
CA THR A 74 -6.68 -7.86 6.10
C THR A 74 -5.61 -8.72 6.75
N LYS A 75 -5.24 -9.79 6.06
CA LYS A 75 -4.24 -10.72 6.57
C LYS A 75 -2.92 -9.97 6.75
N PHE A 76 -2.62 -9.12 5.77
CA PHE A 76 -1.39 -8.35 5.80
C PHE A 76 -1.70 -6.85 6.00
N LYS A 77 -0.63 -6.10 6.27
CA LYS A 77 -0.78 -4.67 6.47
C LYS A 77 -1.01 -3.98 5.12
N SER A 78 -1.59 -2.78 5.20
CA SER A 78 -1.87 -2.02 4.00
C SER A 78 -1.14 -0.68 4.03
N CYS A 79 -1.69 0.28 3.32
CA CYS A 79 -1.09 1.61 3.27
C CYS A 79 -1.79 2.49 4.31
N VAL A 80 -3.11 2.51 4.24
CA VAL A 80 -3.90 3.31 5.16
C VAL A 80 -3.88 2.64 6.54
N GLY A 81 -3.75 1.32 6.52
CA GLY A 81 -3.71 0.56 7.75
C GLY A 81 -2.60 1.06 8.68
N CYS A 82 -1.38 0.75 8.32
CA CYS A 82 -0.23 1.16 9.10
C CYS A 82 -0.43 2.62 9.53
N HIS A 83 -0.78 3.45 8.54
CA HIS A 83 -1.02 4.87 8.75
C HIS A 83 -2.09 5.06 9.83
N VAL A 84 -3.08 4.18 9.82
CA VAL A 84 -4.15 4.25 10.80
C VAL A 84 -3.61 3.85 12.17
N GLU A 85 -2.75 2.85 12.17
CA GLU A 85 -2.16 2.37 13.41
C GLU A 85 -1.11 3.36 13.91
N VAL A 86 -0.74 4.28 13.04
CA VAL A 86 0.24 5.30 13.38
C VAL A 86 -0.47 6.59 13.75
N ALA A 87 -1.31 7.06 12.85
CA ALA A 87 -2.06 8.28 13.08
C ALA A 87 -3.34 7.95 13.86
N GLY A 88 -3.96 9.00 14.38
CA GLY A 88 -5.18 8.85 15.14
C GLY A 88 -5.12 9.66 16.44
N ALA A 89 -3.93 9.69 17.02
CA ALA A 89 -3.72 10.42 18.26
C ALA A 89 -3.95 11.91 18.02
N ASP A 90 -3.79 12.31 16.77
CA ASP A 90 -3.98 13.70 16.39
C ASP A 90 -5.02 13.77 15.27
N ALA A 91 -5.72 14.90 15.23
CA ALA A 91 -6.74 15.12 14.22
C ALA A 91 -6.13 15.84 13.02
N ALA A 92 -4.83 15.62 12.85
CA ALA A 92 -4.11 16.25 11.76
C ALA A 92 -3.56 15.16 10.83
N LYS A 93 -2.56 14.45 11.32
CA LYS A 93 -1.95 13.38 10.55
C LYS A 93 -3.02 12.39 10.11
N LYS A 94 -4.07 12.30 10.92
CA LYS A 94 -5.17 11.40 10.63
C LYS A 94 -6.01 11.97 9.50
N LYS A 95 -5.69 13.21 9.14
CA LYS A 95 -6.41 13.89 8.06
C LYS A 95 -5.45 14.15 6.90
N ASP A 96 -4.32 13.45 6.93
CA ASP A 96 -3.32 13.60 5.90
C ASP A 96 -2.80 12.22 5.50
N LEU A 97 -2.49 11.42 6.51
CA LEU A 97 -1.98 10.08 6.28
C LEU A 97 -3.11 9.20 5.74
N THR A 98 -4.27 9.35 6.35
CA THR A 98 -5.43 8.57 5.93
C THR A 98 -6.35 9.42 5.05
N GLY A 99 -5.99 10.69 4.92
CA GLY A 99 -6.77 11.61 4.11
C GLY A 99 -6.71 11.22 2.63
N CYS A 100 -7.69 11.71 1.89
CA CYS A 100 -7.77 11.42 0.46
C CYS A 100 -7.46 12.71 -0.31
N LYS A 101 -8.44 13.60 -0.33
CA LYS A 101 -8.28 14.88 -1.01
C LYS A 101 -7.25 15.73 -0.27
N LYS A 102 -6.21 16.10 -1.01
CA LYS A 102 -5.14 16.92 -0.45
C LYS A 102 -4.49 16.15 0.71
N SER A 103 -4.30 14.86 0.50
CA SER A 103 -3.69 14.02 1.51
C SER A 103 -2.25 13.69 1.11
N LYS A 104 -1.65 12.79 1.89
CA LYS A 104 -0.27 12.38 1.63
C LYS A 104 -0.28 11.15 0.72
N CYS A 105 -1.29 11.09 -0.12
CA CYS A 105 -1.43 9.97 -1.04
C CYS A 105 -2.19 10.45 -2.28
N HIS A 106 -3.43 10.87 -2.05
CA HIS A 106 -4.31 11.38 -3.10
C HIS A 106 -4.31 12.91 -3.09
N GLU A 107 -3.13 13.48 -3.27
CA GLU A 107 -2.99 14.93 -3.29
C GLU A 107 -3.42 15.49 -4.64
FE HEC B . 9.75 -2.46 -1.97
CHA HEC B . 8.90 -1.99 -5.34
CHB HEC B . 12.65 -3.95 -2.92
CHC HEC B . 10.58 -2.69 1.31
CHD HEC B . 6.64 -1.03 -1.14
NA HEC B . 10.60 -2.84 -3.77
C1A HEC B . 10.09 -2.66 -5.03
C2A HEC B . 10.97 -3.24 -6.02
C3A HEC B . 12.01 -3.78 -5.35
C4A HEC B . 11.78 -3.53 -3.95
CMA HEC B . 13.19 -4.51 -5.91
CAA HEC B . 10.73 -3.23 -7.51
CBA HEC B . 11.85 -2.57 -8.30
CGA HEC B . 12.83 -3.60 -8.83
O1A HEC B . 12.35 -4.63 -9.35
O2A HEC B . 14.05 -3.34 -8.70
NB HEC B . 11.28 -3.18 -1.03
C1B HEC B . 12.42 -3.74 -1.56
C2B HEC B . 13.34 -4.11 -0.51
C3B HEC B . 12.77 -3.75 0.66
C4B HEC B . 11.48 -3.18 0.35
CMB HEC B . 14.69 -4.75 -0.73
CAB HEC B . 13.32 -3.92 2.04
CBB HEC B . 14.78 -3.51 2.18
NC HEC B . 8.79 -1.90 -0.27
C1C HEC B . 9.27 -2.11 1.01
C2C HEC B . 8.27 -1.74 1.99
C3C HEC B . 7.19 -1.30 1.30
C4C HEC B . 7.50 -1.40 -0.10
CMC HEC B . 8.45 -1.84 3.47
CAC HEC B . 5.88 -0.82 1.86
CBC HEC B . 5.98 -0.29 3.29
ND HEC B . 8.11 -1.63 -3.02
C1D HEC B . 6.92 -1.19 -2.49
C2D HEC B . 5.97 -0.90 -3.55
C3D HEC B . 6.61 -1.17 -4.72
C4D HEC B . 7.93 -1.62 -4.39
CMD HEC B . 4.57 -0.40 -3.35
CAD HEC B . 6.06 -1.03 -6.12
CBD HEC B . 4.89 -1.97 -6.42
CGD HEC B . 3.71 -1.19 -6.99
O1D HEC B . 3.88 -0.62 -8.09
O2D HEC B . 2.65 -1.20 -6.33
HHA HEC B . 8.71 -1.75 -6.39
HHB HEC B . 13.57 -4.46 -3.21
HHC HEC B . 10.86 -2.76 2.35
HHD HEC B . 5.67 -0.61 -0.87
HMA1 HEC B . 13.91 -3.79 -6.32
HMA2 HEC B . 13.67 -5.10 -5.13
HMA3 HEC B . 12.86 -5.17 -6.72
HAA1 HEC B . 10.64 -4.25 -7.87
HAA2 HEC B . 9.81 -2.68 -7.72
HBA1 HEC B . 11.42 -2.03 -9.15
HBA2 HEC B . 12.38 -1.86 -7.67
HMB1 HEC B . 14.56 -5.63 -1.36
HMB2 HEC B . 15.34 -4.04 -1.23
HMB3 HEC B . 15.11 -5.03 0.23
HAB HEC B . 12.75 -3.32 2.74
HBB1 HEC B . 15.41 -4.39 2.31
HBB2 HEC B . 15.10 -2.98 1.28
HBB3 HEC B . 14.90 -2.85 3.04
HMC1 HEC B . 7.53 -2.22 3.92
HMC2 HEC B . 9.26 -2.52 3.70
HMC3 HEC B . 8.67 -0.86 3.88
HAC HEC B . 5.52 0.01 1.25
HBC1 HEC B . 5.84 -1.12 3.99
HBC2 HEC B . 6.96 0.16 3.45
HBC3 HEC B . 5.20 0.46 3.46
HMD1 HEC B . 3.89 -1.25 -3.35
HMD2 HEC B . 4.51 0.12 -2.40
HMD3 HEC B . 4.31 0.27 -4.17
HAD1 HEC B . 5.71 -0.01 -6.26
HAD2 HEC B . 6.85 -1.26 -6.83
HBD1 HEC B . 5.20 -2.71 -7.14
HBD2 HEC B . 4.57 -2.46 -5.50
FE HEC C . -1.04 -9.54 -1.78
CHA HEC C . -3.30 -11.17 0.33
CHB HEC C . -1.23 -6.77 0.09
CHC HEC C . 1.37 -8.17 -3.77
CHD HEC C . -0.92 -12.51 -3.70
NA HEC C . -2.03 -9.11 -0.11
C1A HEC C . -2.97 -9.83 0.57
C2A HEC C . -3.58 -9.03 1.61
C3A HEC C . -3.00 -7.81 1.55
C4A HEC C . -2.04 -7.85 0.48
CMA HEC C . -3.29 -6.61 2.41
CAA HEC C . -4.65 -9.51 2.56
CBA HEC C . -6.06 -9.07 2.17
CGA HEC C . -7.09 -9.75 3.05
O1A HEC C . -7.98 -9.03 3.55
O2A HEC C . -7.00 -10.99 3.20
NB HEC C . -0.15 -7.83 -1.85
C1B HEC C . -0.31 -6.79 -0.95
C2B HEC C . 0.61 -5.73 -1.24
C3B HEC C . 1.35 -6.12 -2.31
C4B HEC C . 0.86 -7.42 -2.70
CMB HEC C . 0.73 -4.44 -0.47
CAB HEC C . 2.44 -5.37 -3.01
CBB HEC C . 3.60 -4.98 -2.10
NC HEC C . -0.03 -10.21 -3.45
C1C HEC C . 0.75 -9.40 -4.26
C2C HEC C . 1.10 -10.10 -5.48
C3C HEC C . 0.51 -11.32 -5.41
C4C HEC C . -0.19 -11.39 -4.15
CMC HEC C . 1.93 -9.53 -6.58
CAC HEC C . 0.56 -12.42 -6.43
CBC HEC C . 1.97 -12.92 -6.73
ND HEC C . -1.93 -11.46 -1.72
C1D HEC C . -1.74 -12.52 -2.59
C2D HEC C . -2.52 -13.65 -2.16
C3D HEC C . -3.19 -13.29 -1.04
C4D HEC C . -2.82 -11.92 -0.76
CMD HEC C . -2.55 -14.98 -2.86
CAD HEC C . -4.12 -14.10 -0.21
CBD HEC C . -3.53 -14.60 1.10
CGD HEC C . -2.27 -15.43 0.86
O1D HEC C . -2.42 -16.64 0.58
O2D HEC C . -1.18 -14.83 0.95
HHA HEC C . -3.98 -11.66 1.02
HHB HEC C . -1.33 -5.83 0.65
HHC HEC C . 2.23 -7.77 -4.31
HHD HEC C . -0.83 -13.43 -4.28
HMA1 HEC C . -2.67 -6.66 3.31
HMA2 HEC C . -3.05 -5.71 1.85
HMA3 HEC C . -4.34 -6.61 2.69
HAA1 HEC C . -4.64 -10.59 2.58
HAA2 HEC C . -4.44 -9.12 3.55
HBA1 HEC C . -6.15 -7.99 2.29
HBA2 HEC C . -6.25 -9.33 1.13
HMB1 HEC C . 1.33 -4.62 0.42
HMB2 HEC C . 1.20 -3.68 -1.09
HMB3 HEC C . -0.27 -4.10 -0.19
HAB HEC C . 2.84 -5.98 -3.81
HBB1 HEC C . 4.16 -4.17 -2.54
HBB2 HEC C . 3.22 -4.67 -1.13
HBB3 HEC C . 4.26 -5.85 -1.97
HMC1 HEC C . 2.28 -10.34 -7.22
HMC2 HEC C . 1.33 -8.84 -7.18
HMC3 HEC C . 2.79 -9.01 -6.16
HAC HEC C . 0.00 -13.28 -6.06
HBC1 HEC C . 2.39 -12.34 -7.56
HBC2 HEC C . 2.60 -12.80 -5.85
HBC3 HEC C . 1.93 -13.97 -7.01
HMD1 HEC C . -1.76 -15.62 -2.47
HMD2 HEC C . -3.52 -15.46 -2.68
HMD3 HEC C . -2.42 -14.83 -3.92
HAD1 HEC C . -5.00 -13.51 0.04
HAD2 HEC C . -4.43 -14.98 -0.77
HBD1 HEC C . -3.27 -13.75 1.73
HBD2 HEC C . -4.25 -15.23 1.62
FE HEC D . 3.42 5.14 4.65
CHA HEC D . 4.70 8.34 5.50
CHB HEC D . 2.56 6.54 1.51
CHC HEC D . 2.42 2.12 3.57
CHD HEC D . 4.19 4.04 7.73
NA HEC D . 3.61 7.06 3.70
C1A HEC D . 4.14 8.22 4.23
C2A HEC D . 4.03 9.31 3.29
C3A HEC D . 3.44 8.81 2.18
C4A HEC D . 3.18 7.41 2.44
CMA HEC D . 3.10 9.53 0.91
CAA HEC D . 4.50 10.70 3.53
CBA HEC D . 5.90 10.99 2.98
CGA HEC D . 6.69 11.87 3.94
O1A HEC D . 7.67 11.34 4.50
O2A HEC D . 6.31 13.05 4.09
NB HEC D . 2.62 4.50 2.91
C1B HEC D . 2.39 5.17 1.72
C2B HEC D . 1.94 4.25 0.70
C3B HEC D . 1.91 3.02 1.27
C4B HEC D . 2.33 3.17 2.64
CMB HEC D . 1.60 4.62 -0.71
CAB HEC D . 1.51 1.72 0.63
CBB HEC D . 2.22 1.43 -0.69
NC HEC D . 3.32 3.45 5.49
C1C HEC D . 2.92 2.26 4.91
C2C HEC D . 3.05 1.18 5.86
C3C HEC D . 3.53 1.72 7.01
C4C HEC D . 3.70 3.13 6.78
CMC HEC D . 2.72 -0.26 5.59
CAC HEC D . 3.85 1.01 8.30
CBC HEC D . 4.22 -0.46 8.13
ND HEC D . 4.27 6.03 6.26
C1D HEC D . 4.49 5.37 7.46
C2D HEC D . 5.09 6.28 8.42
C3D HEC D . 5.24 7.47 7.81
C4D HEC D . 4.72 7.32 6.46
CMD HEC D . 5.46 5.91 9.83
CAD HEC D . 5.81 8.73 8.37
CBD HEC D . 4.75 9.76 8.79
CGD HEC D . 5.41 11.01 9.37
O1D HEC D . 4.71 11.71 10.13
O2D HEC D . 6.59 11.23 9.03
HHA HEC D . 5.15 9.29 5.77
HHB HEC D . 2.19 6.97 0.58
HHC HEC D . 2.06 1.14 3.25
HHD HEC D . 4.32 3.69 8.75
HMA1 HEC D . 2.30 9.00 0.39
HMA2 HEC D . 2.77 10.54 1.15
HMA3 HEC D . 3.98 9.57 0.27
HAA1 HEC D . 3.82 11.41 3.06
HAA2 HEC D . 4.54 10.91 4.60
HBA1 HEC D . 6.43 10.06 2.84
HBA2 HEC D . 5.81 11.52 2.02
HMB1 HEC D . 0.54 4.84 -0.78
HMB2 HEC D . 2.18 5.51 -1.00
HMB3 HEC D . 1.85 3.79 -1.38
HAB HEC D . 1.74 0.89 1.31
HBB1 HEC D . 1.53 1.60 -1.52
HBB2 HEC D . 3.08 2.09 -0.79
HBB3 HEC D . 2.55 0.39 -0.70
HMC1 HEC D . 2.55 -0.39 4.52
HMC2 HEC D . 3.53 -0.90 5.92
HMC3 HEC D . 1.80 -0.53 6.13
HAC HEC D . 4.70 1.50 8.78
HBC1 HEC D . 3.31 -1.03 7.90
HBC2 HEC D . 4.93 -0.57 7.32
HBC3 HEC D . 4.66 -0.83 9.06
HMD1 HEC D . 6.53 5.68 9.87
HMD2 HEC D . 5.24 6.75 10.49
HMD3 HEC D . 4.89 5.04 10.15
HAD1 HEC D . 6.40 8.51 9.25
HAD2 HEC D . 6.44 9.21 7.62
HBD1 HEC D . 4.16 10.04 7.93
HBD2 HEC D . 4.11 9.32 9.56
FE HEC E . -6.39 5.38 -1.87
CHA HEC E . -6.11 3.52 -4.90
CHB HEC E . -9.74 5.85 -2.62
CHC HEC E . -6.79 6.82 1.13
CHD HEC E . -3.00 4.98 -1.45
NA HEC E . -7.65 4.81 -3.46
C1A HEC E . -7.37 4.02 -4.57
C2A HEC E . -8.56 3.79 -5.33
C3A HEC E . -9.58 4.43 -4.71
C4A HEC E . -9.01 5.07 -3.54
CMA HEC E . -11.02 4.50 -5.11
CAA HEC E . -8.63 2.98 -6.59
CBA HEC E . -9.68 1.87 -6.57
CGA HEC E . -10.29 1.66 -7.94
O1A HEC E . -9.66 0.93 -8.74
O2A HEC E . -11.38 2.23 -8.17
NB HEC E . -7.96 6.09 -0.93
C1B HEC E . -9.23 6.34 -1.43
C2B HEC E . -9.96 7.21 -0.53
C3B HEC E . -9.14 7.48 0.50
C4B HEC E . -7.90 6.78 0.27
CMB HEC E . -11.36 7.70 -0.76
CAB HEC E . -9.42 8.34 1.70
CBB HEC E . -10.35 7.69 2.73
NC HEC E . -5.14 5.71 -0.42
C1C HEC E . -5.43 6.43 0.74
C2C HEC E . -4.21 6.80 1.42
C3C HEC E . -3.19 6.31 0.70
C4C HEC E . -3.76 5.63 -0.45
CMC HEC E . -4.15 7.57 2.70
CAC HEC E . -1.72 6.41 0.99
CBC HEC E . -1.31 5.90 2.36
ND HEC E . -4.86 4.48 -2.98
C1D HEC E . -3.55 4.36 -2.57
C2D HEC E . -2.81 3.51 -3.47
C3D HEC E . -3.67 3.11 -4.42
C4D HEC E . -4.95 3.70 -4.13
CMD HEC E . -1.36 3.17 -3.32
CAD HEC E . -3.39 2.20 -5.59
CBD HEC E . -2.54 2.84 -6.68
CGD HEC E . -2.60 2.04 -7.97
O1D HEC E . -2.72 2.67 -9.04
O2D HEC E . -2.54 0.79 -7.86
HHA HEC E . -6.02 2.95 -5.82
HHB HEC E . -10.78 6.06 -2.86
HHC HEC E . -6.95 7.15 2.15
HHD HEC E . -1.93 4.97 -1.33
HMA1 HEC E . -11.60 3.81 -4.49
HMA2 HEC E . -11.39 5.52 -4.96
HMA3 HEC E . -11.12 4.22 -6.15
HAA1 HEC E . -8.88 3.63 -7.43
HAA2 HEC E . -7.67 2.51 -6.77
HBA1 HEC E . -9.22 0.94 -6.24
HBA2 HEC E . -10.47 2.14 -5.88
HMB1 HEC E . -11.37 8.39 -1.60
HMB2 HEC E . -12.01 6.85 -0.98
HMB3 HEC E . -11.72 8.20 0.14
HAB HEC E . -8.50 8.58 2.21
HBB1 HEC E . -11.32 7.51 2.28
HBB2 HEC E . -9.92 6.75 3.06
HBB3 HEC E . -10.47 8.36 3.59
HMC1 HEC E . -3.92 6.90 3.53
HMC2 HEC E . -3.37 8.33 2.63
HMC3 HEC E . -5.11 8.05 2.89
HAC HEC E . -1.16 5.83 0.25
HBC1 HEC E . -1.61 6.62 3.13
HBC2 HEC E . -1.82 4.95 2.56
HBC3 HEC E . -0.24 5.74 2.40
HMD1 HEC E . -1.18 2.72 -2.34
HMD2 HEC E . -1.07 2.46 -4.10
HMD3 HEC E . -0.76 4.08 -3.42
HAD1 HEC E . -2.86 1.32 -5.24
HAD2 HEC E . -4.34 1.90 -6.05
HBD1 HEC E . -2.92 3.85 -6.89
HBD2 HEC E . -1.51 2.90 -6.34
N ALA A 1 16.45 -10.71 -5.91
CA ALA A 1 16.79 -10.50 -4.51
C ALA A 1 17.95 -9.49 -4.42
N PRO A 2 17.74 -8.34 -5.04
CA PRO A 2 18.70 -7.24 -5.07
C PRO A 2 18.56 -6.41 -3.81
N LYS A 3 19.09 -5.20 -3.84
CA LYS A 3 19.02 -4.32 -2.68
C LYS A 3 18.07 -3.16 -2.98
N ALA A 4 17.52 -2.62 -1.91
CA ALA A 4 16.58 -1.50 -2.04
C ALA A 4 17.07 -0.55 -3.13
N PRO A 5 16.19 -0.26 -4.08
CA PRO A 5 16.44 0.61 -5.20
C PRO A 5 16.40 2.06 -4.74
N ALA A 6 16.65 2.98 -5.65
CA ALA A 6 16.65 4.39 -5.31
C ALA A 6 15.23 4.95 -5.49
N ASP A 7 14.89 5.89 -4.63
CA ASP A 7 13.57 6.50 -4.68
C ASP A 7 13.23 6.86 -6.14
N GLY A 8 11.98 7.19 -6.35
CA GLY A 8 11.51 7.56 -7.68
C GLY A 8 10.47 6.56 -8.18
N LEU A 9 9.86 5.86 -7.24
CA LEU A 9 8.85 4.88 -7.57
C LEU A 9 7.46 5.44 -7.26
N LYS A 10 6.57 5.33 -8.23
CA LYS A 10 5.22 5.83 -8.08
C LYS A 10 4.23 4.83 -8.69
N MET A 11 3.15 4.61 -7.98
CA MET A 11 2.12 3.68 -8.45
C MET A 11 0.89 4.44 -8.96
N GLU A 12 0.64 4.30 -10.25
CA GLU A 12 -0.50 4.97 -10.87
C GLU A 12 -1.10 4.09 -11.96
N ALA A 13 -1.45 2.88 -11.58
CA ALA A 13 -2.04 1.93 -12.51
C ALA A 13 -3.54 2.21 -12.65
N THR A 14 -4.11 2.73 -11.58
CA THR A 14 -5.53 3.05 -11.57
C THR A 14 -5.73 4.54 -11.87
N LYS A 15 -6.88 5.04 -11.44
CA LYS A 15 -7.22 6.44 -11.66
C LYS A 15 -6.73 7.26 -10.47
N GLN A 16 -5.76 6.71 -9.76
CA GLN A 16 -5.20 7.38 -8.60
C GLN A 16 -3.72 7.02 -8.43
N PRO A 17 -2.87 7.96 -8.81
CA PRO A 17 -1.42 7.84 -8.74
C PRO A 17 -0.96 8.10 -7.32
N VAL A 18 -0.10 7.23 -6.79
CA VAL A 18 0.40 7.39 -5.44
C VAL A 18 1.90 7.10 -5.42
N VAL A 19 2.67 8.10 -5.02
CA VAL A 19 4.11 7.96 -4.95
C VAL A 19 4.50 7.38 -3.58
N PHE A 20 5.60 6.65 -3.58
CA PHE A 20 6.08 6.04 -2.35
C PHE A 20 7.59 5.78 -2.43
N ASN A 21 8.32 6.48 -1.57
CA ASN A 21 9.77 6.33 -1.53
C ASN A 21 10.16 5.37 -0.40
N HIS A 22 11.02 4.42 -0.74
CA HIS A 22 11.50 3.41 0.19
C HIS A 22 12.21 4.10 1.37
N SER A 23 12.67 5.31 1.13
CA SER A 23 13.36 6.07 2.16
C SER A 23 12.40 6.41 3.30
N THR A 24 11.16 6.68 2.91
CA THR A 24 10.13 7.01 3.90
C THR A 24 9.53 5.73 4.49
N HIS A 25 10.02 4.59 4.00
CA HIS A 25 9.57 3.28 4.45
C HIS A 25 10.75 2.29 4.42
N LYS A 26 11.86 2.71 5.00
CA LYS A 26 13.04 1.88 5.06
C LYS A 26 13.20 1.32 6.47
N SER A 27 12.24 1.66 7.32
CA SER A 27 12.26 1.19 8.70
C SER A 27 11.15 0.16 8.93
N VAL A 28 10.80 -0.53 7.86
CA VAL A 28 9.77 -1.54 7.92
C VAL A 28 10.23 -2.79 7.16
N LYS A 29 9.93 -3.94 7.75
CA LYS A 29 10.31 -5.20 7.15
C LYS A 29 9.74 -5.28 5.73
N CYS A 30 10.61 -5.62 4.80
CA CYS A 30 10.21 -5.74 3.40
C CYS A 30 9.03 -6.71 3.32
N GLY A 31 8.98 -7.61 4.29
CA GLY A 31 7.91 -8.60 4.33
C GLY A 31 6.58 -7.94 4.75
N ASP A 32 6.66 -6.65 5.04
CA ASP A 32 5.48 -5.91 5.45
C ASP A 32 4.71 -5.46 4.21
N CYS A 33 5.46 -5.13 3.18
CA CYS A 33 4.86 -4.69 1.92
C CYS A 33 4.95 -5.84 0.91
N HIS A 34 6.13 -6.46 0.88
CA HIS A 34 6.40 -7.58 -0.02
C HIS A 34 6.19 -8.91 0.72
N HIS A 35 4.91 -9.27 0.88
CA HIS A 35 4.52 -10.51 1.55
C HIS A 35 4.90 -11.72 0.68
N PRO A 36 5.09 -12.86 1.35
CA PRO A 36 5.45 -14.12 0.73
C PRO A 36 4.23 -14.71 0.04
N VAL A 37 4.33 -14.92 -1.27
CA VAL A 37 3.22 -15.48 -2.02
C VAL A 37 3.66 -16.80 -2.65
N ASN A 38 2.72 -17.73 -2.74
CA ASN A 38 2.99 -19.03 -3.32
C ASN A 38 4.29 -19.58 -2.73
N GLY A 39 4.60 -19.11 -1.52
CA GLY A 39 5.81 -19.55 -0.85
C GLY A 39 7.06 -19.07 -1.58
N LYS A 40 7.18 -17.76 -1.70
CA LYS A 40 8.32 -17.16 -2.38
C LYS A 40 8.13 -15.64 -2.42
N GLU A 41 8.85 -14.96 -1.55
CA GLU A 41 8.78 -13.52 -1.48
C GLU A 41 8.60 -12.93 -2.88
N ASP A 42 7.53 -12.16 -3.03
CA ASP A 42 7.22 -11.54 -4.31
C ASP A 42 7.39 -10.01 -4.18
N TYR A 43 8.07 -9.44 -5.17
CA TYR A 43 8.32 -8.01 -5.20
C TYR A 43 7.81 -7.43 -6.51
N ARG A 44 6.91 -8.14 -7.17
CA ARG A 44 6.36 -7.67 -8.43
C ARG A 44 5.16 -6.75 -8.17
N LYS A 45 4.70 -6.11 -9.24
CA LYS A 45 3.57 -5.22 -9.15
C LYS A 45 2.51 -5.82 -8.22
N CYS A 46 2.23 -5.09 -7.15
CA CYS A 46 1.25 -5.54 -6.18
C CYS A 46 0.06 -6.14 -6.94
N GLY A 47 -0.28 -5.51 -8.04
CA GLY A 47 -1.39 -5.97 -8.86
C GLY A 47 -0.93 -7.08 -9.81
N THR A 48 -0.55 -6.67 -11.01
CA THR A 48 -0.09 -7.62 -12.02
C THR A 48 -1.16 -8.69 -12.25
N ALA A 49 -1.16 -9.21 -13.47
CA ALA A 49 -2.12 -10.25 -13.83
C ALA A 49 -1.74 -11.56 -13.12
N GLY A 50 -2.68 -12.04 -12.32
CA GLY A 50 -2.45 -13.28 -11.59
C GLY A 50 -2.62 -13.06 -10.08
N CYS A 51 -2.59 -11.80 -9.70
CA CYS A 51 -2.74 -11.43 -8.29
C CYS A 51 -3.88 -10.42 -8.17
N HIS A 52 -3.64 -9.39 -7.37
CA HIS A 52 -4.61 -8.33 -7.12
C HIS A 52 -4.93 -7.60 -8.45
N ASP A 53 -5.92 -8.13 -9.16
CA ASP A 53 -6.31 -7.54 -10.43
C ASP A 53 -7.64 -6.80 -10.24
N SER A 54 -8.31 -7.11 -9.14
CA SER A 54 -9.58 -6.48 -8.84
C SER A 54 -9.40 -4.98 -8.65
N MET A 55 -10.14 -4.21 -9.44
CA MET A 55 -10.06 -2.77 -9.37
C MET A 55 -11.45 -2.14 -9.52
N ASP A 56 -12.31 -2.45 -8.57
CA ASP A 56 -13.67 -1.92 -8.58
C ASP A 56 -13.99 -1.33 -7.21
N LYS A 57 -15.28 -1.07 -7.00
CA LYS A 57 -15.74 -0.51 -5.74
C LYS A 57 -16.82 -1.41 -5.15
N LYS A 58 -16.37 -2.38 -4.36
CA LYS A 58 -17.28 -3.32 -3.73
C LYS A 58 -16.50 -4.50 -3.18
N ASP A 59 -16.08 -5.36 -4.11
CA ASP A 59 -15.32 -6.54 -3.73
C ASP A 59 -14.19 -6.14 -2.79
N LYS A 60 -14.10 -6.86 -1.68
CA LYS A 60 -13.06 -6.59 -0.69
C LYS A 60 -12.20 -7.84 -0.50
N SER A 61 -12.39 -8.79 -1.41
CA SER A 61 -11.64 -10.03 -1.36
C SER A 61 -10.14 -9.74 -1.45
N ALA A 62 -9.35 -10.78 -1.18
CA ALA A 62 -7.91 -10.64 -1.24
C ALA A 62 -7.49 -10.13 -2.61
N LYS A 63 -8.30 -10.45 -3.60
CA LYS A 63 -8.03 -10.02 -4.96
C LYS A 63 -8.12 -8.50 -5.04
N GLY A 64 -9.01 -7.95 -4.23
CA GLY A 64 -9.20 -6.51 -4.19
C GLY A 64 -7.86 -5.78 -4.15
N TYR A 65 -7.61 -5.01 -5.22
CA TYR A 65 -6.37 -4.25 -5.34
C TYR A 65 -6.36 -3.13 -4.32
N TYR A 66 -7.50 -2.43 -4.19
CA TYR A 66 -7.62 -1.32 -3.27
C TYR A 66 -7.95 -1.85 -1.88
N HIS A 67 -8.10 -3.17 -1.75
CA HIS A 67 -8.42 -3.77 -0.48
C HIS A 67 -7.15 -4.28 0.19
N VAL A 68 -6.07 -4.29 -0.60
CA VAL A 68 -4.79 -4.75 -0.09
C VAL A 68 -3.87 -3.54 0.12
N MET A 69 -4.48 -2.37 0.12
CA MET A 69 -3.73 -1.13 0.30
C MET A 69 -4.61 -0.05 0.93
N HIS A 70 -5.56 -0.50 1.75
CA HIS A 70 -6.50 0.38 2.45
C HIS A 70 -7.05 -0.34 3.70
N ASP A 71 -7.93 -1.30 3.45
CA ASP A 71 -8.53 -2.05 4.55
C ASP A 71 -7.44 -2.45 5.55
N LYS A 72 -7.86 -2.59 6.80
CA LYS A 72 -6.93 -2.97 7.85
C LYS A 72 -7.27 -4.37 8.34
N ASN A 73 -8.48 -4.80 8.01
CA ASN A 73 -8.92 -6.13 8.41
C ASN A 73 -8.47 -7.15 7.36
N THR A 74 -7.20 -7.07 7.02
CA THR A 74 -6.63 -7.99 6.04
C THR A 74 -5.55 -8.86 6.67
N LYS A 75 -5.18 -9.91 5.96
CA LYS A 75 -4.16 -10.82 6.45
C LYS A 75 -2.85 -10.07 6.62
N PHE A 76 -2.57 -9.19 5.67
CA PHE A 76 -1.36 -8.39 5.70
C PHE A 76 -1.68 -6.91 5.89
N LYS A 77 -0.67 -6.16 6.32
CA LYS A 77 -0.83 -4.74 6.55
C LYS A 77 -1.05 -4.04 5.21
N SER A 78 -1.65 -2.85 5.28
CA SER A 78 -1.92 -2.08 4.08
C SER A 78 -1.13 -0.77 4.12
N CYS A 79 -1.71 0.24 3.50
CA CYS A 79 -1.08 1.55 3.46
C CYS A 79 -1.81 2.48 4.44
N VAL A 80 -3.13 2.35 4.44
CA VAL A 80 -3.95 3.17 5.32
C VAL A 80 -3.95 2.56 6.73
N GLY A 81 -3.81 1.24 6.76
CA GLY A 81 -3.79 0.53 8.02
C GLY A 81 -2.68 1.04 8.93
N CYS A 82 -1.45 0.71 8.56
CA CYS A 82 -0.29 1.14 9.33
C CYS A 82 -0.49 2.61 9.71
N HIS A 83 -0.86 3.41 8.72
CA HIS A 83 -1.09 4.84 8.89
C HIS A 83 -2.15 5.06 9.99
N VAL A 84 -3.14 4.18 10.01
CA VAL A 84 -4.21 4.27 11.00
C VAL A 84 -3.65 3.92 12.37
N GLU A 85 -2.81 2.89 12.39
CA GLU A 85 -2.20 2.45 13.63
C GLU A 85 -1.10 3.43 14.07
N VAL A 86 -0.85 4.41 13.22
CA VAL A 86 0.17 5.40 13.50
C VAL A 86 -0.51 6.72 13.89
N ALA A 87 -1.35 7.20 12.99
CA ALA A 87 -2.06 8.44 13.22
C ALA A 87 -3.24 8.18 14.18
N GLY A 88 -3.79 9.27 14.71
CA GLY A 88 -4.90 9.17 15.63
C GLY A 88 -4.82 10.23 16.71
N ALA A 89 -3.60 10.52 17.14
CA ALA A 89 -3.37 11.52 18.17
C ALA A 89 -3.55 12.91 17.56
N ASP A 90 -3.35 12.98 16.25
CA ASP A 90 -3.47 14.25 15.54
C ASP A 90 -4.54 14.11 14.46
N ALA A 91 -5.41 15.11 14.40
CA ALA A 91 -6.49 15.12 13.42
C ALA A 91 -5.89 15.30 12.02
N ALA A 92 -5.27 16.45 11.81
CA ALA A 92 -4.66 16.76 10.54
C ALA A 92 -3.91 15.53 10.02
N LYS A 93 -3.08 14.99 10.91
CA LYS A 93 -2.30 13.80 10.56
C LYS A 93 -3.24 12.69 10.11
N LYS A 94 -4.37 12.60 10.80
CA LYS A 94 -5.36 11.59 10.49
C LYS A 94 -6.12 11.98 9.21
N LYS A 95 -5.75 13.14 8.69
CA LYS A 95 -6.38 13.64 7.48
C LYS A 95 -5.32 13.80 6.39
N ASP A 96 -4.10 13.44 6.74
CA ASP A 96 -2.99 13.55 5.80
C ASP A 96 -2.44 12.14 5.51
N LEU A 97 -2.53 11.29 6.53
CA LEU A 97 -2.04 9.93 6.41
C LEU A 97 -3.18 9.03 5.92
N THR A 98 -4.35 9.23 6.50
CA THR A 98 -5.52 8.46 6.13
C THR A 98 -6.50 9.31 5.33
N GLY A 99 -6.10 10.55 5.09
CA GLY A 99 -6.93 11.48 4.34
C GLY A 99 -7.33 10.89 2.99
N CYS A 100 -8.39 11.44 2.43
CA CYS A 100 -8.88 10.98 1.13
C CYS A 100 -8.50 12.01 0.08
N LYS A 101 -8.68 13.28 0.44
CA LYS A 101 -8.37 14.37 -0.45
C LYS A 101 -7.41 15.34 0.24
N LYS A 102 -6.31 15.63 -0.45
CA LYS A 102 -5.31 16.53 0.09
C LYS A 102 -4.29 15.74 0.89
N SER A 103 -4.40 14.42 0.80
CA SER A 103 -3.49 13.54 1.51
C SER A 103 -2.21 13.33 0.68
N LYS A 104 -1.17 12.90 1.37
CA LYS A 104 0.11 12.66 0.71
C LYS A 104 -0.09 11.65 -0.41
N CYS A 105 -0.91 10.65 -0.14
CA CYS A 105 -1.20 9.61 -1.11
C CYS A 105 -2.03 10.23 -2.24
N HIS A 106 -3.24 10.65 -1.87
CA HIS A 106 -4.19 11.25 -2.79
C HIS A 106 -4.11 12.80 -2.69
N GLU A 107 -2.93 13.32 -2.98
CA GLU A 107 -2.72 14.76 -2.91
C GLU A 107 -3.00 15.40 -4.28
FE HEC B . 9.73 -2.39 -1.92
CHA HEC B . 8.94 -1.95 -5.29
CHB HEC B . 12.67 -3.89 -2.82
CHC HEC B . 10.55 -2.64 1.39
CHD HEC B . 6.65 -0.96 -1.10
NA HEC B . 10.63 -2.78 -3.69
C1A HEC B . 10.13 -2.61 -4.97
C2A HEC B . 11.01 -3.21 -5.94
C3A HEC B . 12.04 -3.74 -5.26
C4A HEC B . 11.81 -3.48 -3.85
CMA HEC B . 13.23 -4.48 -5.82
CAA HEC B . 10.78 -3.20 -7.43
CBA HEC B . 11.90 -2.54 -8.22
CGA HEC B . 12.89 -3.59 -8.72
O1A HEC B . 14.10 -3.28 -8.70
O2A HEC B . 12.42 -4.68 -9.14
NB HEC B . 11.27 -3.12 -0.94
C1B HEC B . 12.42 -3.70 -1.47
C2B HEC B . 13.33 -4.07 -0.40
C3B HEC B . 12.74 -3.73 0.76
C4B HEC B . 11.46 -3.13 0.44
CMB HEC B . 14.66 -4.72 -0.62
CAB HEC B . 13.27 -3.90 2.15
CBB HEC B . 14.75 -3.50 2.30
NC HEC B . 8.80 -1.81 -0.21
C1C HEC B . 9.27 -2.02 1.07
C2C HEC B . 8.27 -1.65 2.04
C3C HEC B . 7.19 -1.22 1.35
C4C HEC B . 7.52 -1.32 -0.05
CMC HEC B . 8.43 -1.75 3.53
CAC HEC B . 5.88 -0.71 1.90
CBC HEC B . 5.96 -0.21 3.33
ND HEC B . 8.14 -1.57 -2.97
C1D HEC B . 6.94 -1.11 -2.46
C2D HEC B . 6.01 -0.82 -3.52
C3D HEC B . 6.64 -1.10 -4.68
C4D HEC B . 7.97 -1.57 -4.35
CMD HEC B . 4.61 -0.31 -3.33
CAD HEC B . 6.12 -0.96 -6.08
CBD HEC B . 4.94 -1.88 -6.39
CGD HEC B . 3.79 -1.11 -7.02
O1D HEC B . 2.69 -1.14 -6.42
O2D HEC B . 4.02 -0.50 -8.08
HHA HEC B . 8.75 -1.72 -6.33
HHB HEC B . 13.60 -4.39 -3.10
HHC HEC B . 10.81 -2.75 2.44
HHD HEC B . 5.68 -0.53 -0.83
HMA1 HEC B . 12.90 -5.14 -6.61
HMA2 HEC B . 13.95 -3.76 -6.20
HMA3 HEC B . 13.70 -5.07 -5.02
HAA1 HEC B . 10.69 -4.23 -7.78
HAA2 HEC B . 9.87 -2.66 -7.65
HBA1 HEC B . 11.48 -2.03 -9.08
HBA2 HEC B . 12.43 -1.84 -7.59
HMB1 HEC B . 14.86 -5.41 0.20
HMB2 HEC B . 14.67 -5.26 -1.56
HMB3 HEC B . 15.44 -3.95 -0.64
HAB HEC B . 12.70 -3.29 2.84
HBB1 HEC B . 14.95 -3.31 3.35
HBB2 HEC B . 15.38 -4.31 1.94
HBB3 HEC B . 14.93 -2.60 1.73
HMC1 HEC B . 7.50 -2.11 3.97
HMC2 HEC B . 9.24 -2.44 3.76
HMC3 HEC B . 8.67 -0.76 3.93
HAC HEC B . 5.52 0.11 1.28
HBC1 HEC B . 5.18 0.54 3.50
HBC2 HEC B . 5.81 -1.05 4.02
HBC3 HEC B . 6.94 0.23 3.51
HMD1 HEC B . 3.93 -1.15 -3.22
HMD2 HEC B . 4.57 0.32 -2.43
HMD3 HEC B . 4.33 0.28 -4.20
HAD1 HEC B . 5.77 0.06 -6.24
HAD2 HEC B . 6.90 -1.20 -6.80
HBD1 HEC B . 5.26 -2.66 -7.09
HBD2 HEC B . 4.59 -2.35 -5.46
FE HEC C . -0.95 -9.58 -2.01
CHA HEC C . -3.28 -11.16 0.15
CHB HEC C . -1.14 -6.79 -0.04
CHC HEC C . 1.46 -8.21 -3.91
CHD HEC C . -0.91 -12.51 -3.88
NA HEC C . -1.98 -9.11 -0.27
C1A HEC C . -2.93 -9.84 0.42
C2A HEC C . -3.52 -9.04 1.47
C3A HEC C . -2.92 -7.83 1.42
C4A HEC C . -1.97 -7.87 0.33
CMA HEC C . -3.18 -6.64 2.30
CAA HEC C . -4.58 -9.51 2.41
CBA HEC C . -5.99 -9.07 2.04
CGA HEC C . -7.04 -9.82 2.84
O1A HEC C . -7.94 -9.14 3.38
O2A HEC C . -6.92 -11.06 2.92
NB HEC C . -0.07 -7.85 -1.99
C1B HEC C . -0.22 -6.83 -1.07
C2B HEC C . 0.75 -5.79 -1.35
C3B HEC C . 1.47 -6.17 -2.41
C4B HEC C . 0.96 -7.46 -2.82
CMB HEC C . 0.88 -4.51 -0.55
CAB HEC C . 2.59 -5.44 -3.09
CBB HEC C . 3.68 -4.97 -2.13
NC HEC C . 0.03 -10.24 -3.60
C1C HEC C . 0.84 -9.43 -4.39
C2C HEC C . 1.16 -10.12 -5.62
C3C HEC C . 0.55 -11.33 -5.57
C4C HEC C . -0.15 -11.40 -4.31
CMC HEC C . 2.01 -9.56 -6.72
CAC HEC C . 0.58 -12.42 -6.61
CBC HEC C . 1.97 -12.98 -6.88
ND HEC C . -1.90 -11.46 -1.89
C1D HEC C . -1.74 -12.51 -2.78
C2D HEC C . -2.57 -13.62 -2.38
C3D HEC C . -3.24 -13.25 -1.26
C4D HEC C . -2.82 -11.90 -0.96
CMD HEC C . -2.67 -14.92 -3.12
CAD HEC C . -4.22 -14.05 -0.48
CBD HEC C . -3.68 -14.58 0.85
CGD HEC C . -4.60 -15.63 1.45
O1D HEC C . -4.54 -16.78 0.98
O2D HEC C . -5.37 -15.25 2.36
HHA HEC C . -3.97 -11.66 0.84
HHB HEC C . -1.25 -5.86 0.52
HHC HEC C . 2.31 -7.80 -4.44
HHD HEC C . -0.82 -13.43 -4.46
HMA1 HEC C . -2.39 -6.56 3.04
HMA2 HEC C . -3.20 -5.73 1.69
HMA3 HEC C . -4.14 -6.76 2.80
HAA1 HEC C . -4.58 -10.61 2.44
HAA2 HEC C . -4.37 -9.12 3.42
HBA1 HEC C . -6.10 -8.00 2.23
HBA2 HEC C . -6.16 -9.26 0.98
HMB1 HEC C . -0.10 -4.20 -0.20
HMB2 HEC C . 1.53 -4.69 0.31
HMB3 HEC C . 1.32 -3.74 -1.18
HAB HEC C . 3.07 -6.09 -3.81
HBB1 HEC C . 3.23 -4.63 -1.20
HBB2 HEC C . 4.37 -5.78 -1.93
HBB3 HEC C . 4.22 -4.13 -2.58
HMC1 HEC C . 1.89 -8.48 -6.76
HMC2 HEC C . 3.06 -9.81 -6.53
HMC3 HEC C . 1.70 -9.99 -7.67
HAC HEC C . -0.04 -13.25 -6.27
HBC1 HEC C . 1.89 -14.00 -7.25
HBC2 HEC C . 2.48 -12.36 -7.62
HBC3 HEC C . 2.56 -12.97 -5.96
HMD1 HEC C . -3.70 -15.26 -3.14
HMD2 HEC C . -2.30 -14.79 -4.14
HMD3 HEC C . -2.05 -15.67 -2.62
HAD1 HEC C . -5.09 -13.43 -0.24
HAD2 HEC C . -4.56 -14.91 -1.06
HBD1 HEC C . -2.70 -15.03 0.68
HBD2 HEC C . -3.58 -13.75 1.56
FE HEC D . 3.33 5.10 4.77
CHA HEC D . 4.58 8.31 5.61
CHB HEC D . 2.46 6.45 1.64
CHC HEC D . 2.40 2.04 3.71
CHD HEC D . 4.14 4.02 7.87
NA HEC D . 3.50 7.00 3.82
C1A HEC D . 4.02 8.18 4.34
C2A HEC D . 3.89 9.24 3.39
C3A HEC D . 3.31 8.74 2.28
C4A HEC D . 3.06 7.34 2.55
CMA HEC D . 2.96 9.43 1.01
CAA HEC D . 4.35 10.66 3.62
CBA HEC D . 5.73 10.96 3.07
CGA HEC D . 6.55 11.78 4.06
O1A HEC D . 6.24 12.98 4.20
O2A HEC D . 7.48 11.19 4.66
NB HEC D . 2.55 4.42 3.04
C1B HEC D . 2.34 5.08 1.85
C2B HEC D . 1.94 4.14 0.83
C3B HEC D . 1.92 2.91 1.40
C4B HEC D . 2.31 3.08 2.78
CMB HEC D . 1.62 4.49 -0.60
CAB HEC D . 1.58 1.59 0.75
CBB HEC D . 2.26 1.37 -0.60
NC HEC D . 3.25 3.41 5.64
C1C HEC D . 2.83 2.22 5.08
C2C HEC D . 2.97 1.15 6.05
C3C HEC D . 3.45 1.69 7.18
C4C HEC D . 3.64 3.10 6.93
CMC HEC D . 2.60 -0.29 5.79
CAC HEC D . 3.78 1.00 8.47
CBC HEC D . 4.10 -0.48 8.33
ND HEC D . 4.19 6.00 6.39
C1D HEC D . 4.42 5.35 7.59
C2D HEC D . 5.01 6.27 8.54
C3D HEC D . 5.13 7.46 7.93
C4D HEC D . 4.62 7.30 6.58
CMD HEC D . 5.40 5.93 9.95
CAD HEC D . 5.69 8.74 8.48
CBD HEC D . 4.64 9.67 9.07
CGD HEC D . 3.90 8.99 10.22
O1D HEC D . 3.70 9.67 11.25
O2D HEC D . 3.54 7.81 10.04
HHA HEC D . 5.01 9.28 5.88
HHB HEC D . 2.07 6.86 0.71
HHC HEC D . 2.10 1.04 3.38
HHD HEC D . 4.31 3.66 8.89
HMA1 HEC D . 3.44 10.42 0.99
HMA2 HEC D . 3.31 8.85 0.15
HMA3 HEC D . 1.88 9.57 0.94
HAA1 HEC D . 3.65 11.35 3.14
HAA2 HEC D . 4.37 10.86 4.69
HBA1 HEC D . 6.26 10.03 2.87
HBA2 HEC D . 5.64 11.53 2.14
HMB1 HEC D . 0.71 5.08 -0.63
HMB2 HEC D . 2.43 5.08 -1.02
HMB3 HEC D . 1.50 3.59 -1.19
HAB HEC D . 1.89 0.78 1.41
HBB1 HEC D . 2.85 0.45 -0.55
HBB2 HEC D . 1.50 1.27 -1.37
HBB3 HEC D . 2.92 2.21 -0.82
HMC1 HEC D . 1.71 -0.54 6.35
HMC2 HEC D . 2.42 -0.43 4.73
HMC3 HEC D . 3.43 -0.93 6.11
HAC HEC D . 4.63 1.48 8.94
HBC1 HEC D . 3.19 -1.04 8.09
HBC2 HEC D . 4.82 -0.61 7.51
HBC3 HEC D . 4.53 -0.85 9.26
HMD1 HEC D . 6.03 6.71 10.36
HMD2 HEC D . 4.50 5.81 10.56
HMD3 HEC D . 5.94 4.98 9.95
HAD1 HEC D . 6.40 8.52 9.27
HAD2 HEC D . 6.19 9.30 7.68
HBD1 HEC D . 5.12 10.58 9.46
HBD2 HEC D . 3.91 9.94 8.30
FE HEC E . -6.35 5.26 -1.83
CHA HEC E . -6.03 3.56 -4.86
CHB HEC E . -9.70 5.67 -2.46
CHC HEC E . -6.74 6.56 1.30
CHD HEC E . -2.94 4.94 -1.38
NA HEC E . -7.60 4.72 -3.35
C1A HEC E . -7.29 4.03 -4.51
C2A HEC E . -8.47 3.88 -5.32
C3A HEC E . -9.49 4.47 -4.66
C4A HEC E . -8.95 4.99 -3.43
CMA HEC E . -10.93 4.57 -5.08
CAA HEC E . -8.51 3.19 -6.66
CBA HEC E . -8.84 1.70 -6.57
CGA HEC E . -9.32 1.16 -7.91
O1A HEC E . -9.25 -0.08 -8.09
O2A HEC E . -9.76 1.99 -8.73
NB HEC E . -7.91 5.90 -0.78
C1B HEC E . -9.19 6.13 -1.25
C2B HEC E . -9.95 6.90 -0.28
C3B HEC E . -9.13 7.14 0.76
C4B HEC E . -7.86 6.53 0.45
CMB HEC E . -11.38 7.32 -0.45
CAB HEC E . -9.44 7.90 2.02
CBB HEC E . -9.70 7.02 3.24
NC HEC E . -5.06 5.62 -0.30
C1C HEC E . -5.37 6.26 0.89
C2C HEC E . -4.15 6.56 1.61
C3C HEC E . -3.12 6.11 0.86
C4C HEC E . -3.69 5.53 -0.33
CMC HEC E . -4.09 7.25 2.95
CAC HEC E . -1.65 6.19 1.16
CBC HEC E . -1.30 5.78 2.59
ND HEC E . -4.79 4.48 -2.93
C1D HEC E . -3.48 4.34 -2.50
C2D HEC E . -2.74 3.49 -3.40
C3D HEC E . -3.60 3.10 -4.37
C4D HEC E . -4.87 3.72 -4.09
CMD HEC E . -1.30 3.12 -3.24
CAD HEC E . -3.32 2.20 -5.55
CBD HEC E . -2.47 2.84 -6.63
CGD HEC E . -2.49 2.02 -7.91
O1D HEC E . -2.44 2.66 -8.98
O2D HEC E . -2.58 0.79 -7.79
HHA HEC E . -5.93 3.03 -5.81
HHB HEC E . -10.75 5.86 -2.68
HHC HEC E . -6.90 6.86 2.33
HHD HEC E . -1.85 4.96 -1.28
HMA1 HEC E . -11.57 4.22 -4.28
HMA2 HEC E . -11.17 5.61 -5.31
HMA3 HEC E . -11.09 3.96 -5.97
HAA1 HEC E . -9.28 3.64 -7.28
HAA2 HEC E . -7.54 3.27 -7.14
HBA1 HEC E . -7.94 1.14 -6.28
HBA2 HEC E . -9.62 1.54 -5.83
HMB1 HEC E . -11.87 6.67 -1.19
HMB2 HEC E . -11.90 7.25 0.50
HMB3 HEC E . -11.41 8.35 -0.82
HAB HEC E . -8.60 8.55 2.26
HBB1 HEC E . -9.13 6.09 3.13
HBB2 HEC E . -9.38 7.54 4.13
HBB3 HEC E . -10.77 6.79 3.29
HMC1 HEC E . -3.65 6.58 3.68
HMC2 HEC E . -3.49 8.15 2.85
HMC3 HEC E . -5.10 7.52 3.26
HAC HEC E . -1.10 5.53 0.50
HBC1 HEC E . -0.21 5.63 2.67
HBC2 HEC E . -1.61 6.57 3.28
HBC3 HEC E . -1.80 4.85 2.85
HMD1 HEC E . -0.71 3.60 -4.03
HMD2 HEC E . -0.94 3.46 -2.27
HMD3 HEC E . -1.19 2.04 -3.32
HAD1 HEC E . -2.81 1.31 -5.20
HAD2 HEC E . -4.28 1.92 -6.01
HBD1 HEC E . -2.84 3.85 -6.84
HBD2 HEC E . -1.44 2.91 -6.28
N ALA A 1 21.25 -9.95 -1.34
CA ALA A 1 20.04 -9.28 -0.92
C ALA A 1 19.60 -8.29 -2.00
N PRO A 2 18.28 -8.08 -2.06
CA PRO A 2 17.64 -7.19 -3.01
C PRO A 2 17.64 -5.78 -2.45
N LYS A 3 18.83 -5.22 -2.25
CA LYS A 3 18.94 -3.88 -1.71
C LYS A 3 17.87 -2.98 -2.35
N ALA A 4 17.22 -2.19 -1.51
CA ALA A 4 16.17 -1.30 -1.98
C ALA A 4 16.76 -0.36 -3.05
N PRO A 5 15.92 -0.06 -4.04
CA PRO A 5 16.26 0.81 -5.15
C PRO A 5 16.17 2.26 -4.70
N ALA A 6 16.50 3.18 -5.60
CA ALA A 6 16.46 4.59 -5.28
C ALA A 6 15.04 5.12 -5.50
N ASP A 7 14.67 6.09 -4.69
CA ASP A 7 13.35 6.69 -4.79
C ASP A 7 13.03 6.96 -6.26
N GLY A 8 11.76 7.28 -6.51
CA GLY A 8 11.31 7.56 -7.86
C GLY A 8 10.27 6.54 -8.32
N LEU A 9 9.74 5.80 -7.35
CA LEU A 9 8.74 4.79 -7.64
C LEU A 9 7.35 5.34 -7.29
N LYS A 10 6.48 5.33 -8.29
CA LYS A 10 5.13 5.82 -8.11
C LYS A 10 4.14 4.84 -8.76
N MET A 11 3.01 4.67 -8.10
CA MET A 11 1.98 3.77 -8.60
C MET A 11 0.77 4.56 -9.09
N GLU A 12 0.46 4.36 -10.37
CA GLU A 12 -0.67 5.04 -10.98
C GLU A 12 -1.29 4.16 -12.08
N ALA A 13 -1.72 2.97 -11.67
CA ALA A 13 -2.32 2.04 -12.61
C ALA A 13 -3.81 2.37 -12.77
N THR A 14 -4.35 3.01 -11.74
CA THR A 14 -5.76 3.39 -11.74
C THR A 14 -5.91 4.87 -12.08
N LYS A 15 -7.03 5.43 -11.66
CA LYS A 15 -7.31 6.84 -11.91
C LYS A 15 -6.81 7.67 -10.71
N GLN A 16 -5.80 7.13 -10.05
CA GLN A 16 -5.23 7.81 -8.90
C GLN A 16 -3.79 7.35 -8.67
N PRO A 17 -2.86 8.24 -9.05
CA PRO A 17 -1.43 8.02 -8.92
C PRO A 17 -0.99 8.25 -7.48
N VAL A 18 -0.19 7.34 -6.95
CA VAL A 18 0.29 7.47 -5.59
C VAL A 18 1.78 7.16 -5.53
N VAL A 19 2.56 8.19 -5.24
CA VAL A 19 4.00 8.04 -5.17
C VAL A 19 4.38 7.46 -3.79
N PHE A 20 5.48 6.73 -3.78
CA PHE A 20 5.95 6.11 -2.55
C PHE A 20 7.46 5.86 -2.61
N ASN A 21 8.18 6.53 -1.73
CA ASN A 21 9.62 6.38 -1.66
C ASN A 21 9.99 5.40 -0.53
N HIS A 22 10.86 4.44 -0.87
CA HIS A 22 11.31 3.44 0.08
C HIS A 22 12.00 4.11 1.27
N SER A 23 12.56 5.29 1.02
CA SER A 23 13.23 6.04 2.06
C SER A 23 12.25 6.37 3.19
N THR A 24 11.03 6.71 2.80
CA THR A 24 10.00 7.03 3.77
C THR A 24 9.38 5.76 4.34
N HIS A 25 9.89 4.63 3.87
CA HIS A 25 9.43 3.31 4.29
C HIS A 25 10.60 2.31 4.30
N LYS A 26 11.69 2.73 4.92
CA LYS A 26 12.88 1.90 5.00
C LYS A 26 13.00 1.33 6.42
N SER A 27 12.03 1.66 7.24
CA SER A 27 12.02 1.21 8.62
C SER A 27 10.89 0.20 8.84
N VAL A 28 10.55 -0.51 7.77
CA VAL A 28 9.50 -1.50 7.82
C VAL A 28 9.96 -2.77 7.09
N LYS A 29 9.65 -3.91 7.71
CA LYS A 29 10.02 -5.19 7.12
C LYS A 29 9.49 -5.26 5.70
N CYS A 30 10.39 -5.58 4.78
CA CYS A 30 10.03 -5.69 3.37
C CYS A 30 8.86 -6.67 3.26
N GLY A 31 8.78 -7.56 4.24
CA GLY A 31 7.72 -8.56 4.25
C GLY A 31 6.38 -7.92 4.64
N ASP A 32 6.44 -6.64 4.95
CA ASP A 32 5.24 -5.90 5.34
C ASP A 32 4.49 -5.46 4.08
N CYS A 33 5.26 -5.12 3.05
CA CYS A 33 4.69 -4.69 1.80
C CYS A 33 4.81 -5.84 0.79
N HIS A 34 5.97 -6.47 0.79
CA HIS A 34 6.28 -7.59 -0.09
C HIS A 34 6.04 -8.92 0.65
N HIS A 35 4.77 -9.29 0.76
CA HIS A 35 4.36 -10.53 1.43
C HIS A 35 4.82 -11.74 0.60
N PRO A 36 4.99 -12.87 1.30
CA PRO A 36 5.41 -14.13 0.71
C PRO A 36 4.24 -14.76 -0.02
N VAL A 37 4.41 -14.99 -1.32
CA VAL A 37 3.35 -15.59 -2.11
C VAL A 37 3.80 -16.97 -2.60
N ASN A 38 2.83 -17.87 -2.72
CA ASN A 38 3.12 -19.22 -3.17
C ASN A 38 4.44 -19.70 -2.55
N GLY A 39 4.67 -19.23 -1.32
CA GLY A 39 5.88 -19.61 -0.61
C GLY A 39 7.13 -19.12 -1.36
N LYS A 40 7.19 -17.82 -1.56
CA LYS A 40 8.32 -17.22 -2.26
C LYS A 40 8.14 -15.71 -2.31
N GLU A 41 8.88 -15.03 -1.44
CA GLU A 41 8.81 -13.58 -1.37
C GLU A 41 8.59 -12.99 -2.77
N ASP A 42 7.54 -12.19 -2.88
CA ASP A 42 7.21 -11.57 -4.15
C ASP A 42 7.49 -10.06 -4.06
N TYR A 43 8.10 -9.54 -5.11
CA TYR A 43 8.42 -8.12 -5.18
C TYR A 43 7.99 -7.56 -6.53
N ARG A 44 7.03 -8.21 -7.17
CA ARG A 44 6.54 -7.75 -8.45
C ARG A 44 5.29 -6.88 -8.27
N LYS A 45 4.86 -6.30 -9.37
CA LYS A 45 3.68 -5.43 -9.34
C LYS A 45 2.65 -6.02 -8.37
N CYS A 46 2.06 -5.14 -7.58
CA CYS A 46 1.06 -5.56 -6.62
C CYS A 46 -0.11 -6.19 -7.37
N GLY A 47 -0.51 -5.50 -8.44
CA GLY A 47 -1.61 -5.98 -9.26
C GLY A 47 -1.19 -7.17 -10.12
N THR A 48 -0.60 -6.86 -11.27
CA THR A 48 -0.16 -7.89 -12.18
C THR A 48 -1.30 -8.86 -12.51
N ALA A 49 -1.07 -9.67 -13.52
CA ALA A 49 -2.07 -10.65 -13.94
C ALA A 49 -1.88 -11.94 -13.15
N GLY A 50 -2.94 -12.33 -12.46
CA GLY A 50 -2.91 -13.54 -11.66
C GLY A 50 -3.09 -13.22 -10.17
N CYS A 51 -2.73 -12.00 -9.81
CA CYS A 51 -2.84 -11.56 -8.43
C CYS A 51 -4.00 -10.56 -8.34
N HIS A 52 -3.76 -9.48 -7.59
CA HIS A 52 -4.74 -8.43 -7.37
C HIS A 52 -5.07 -7.75 -8.71
N ASP A 53 -5.88 -8.41 -9.52
CA ASP A 53 -6.27 -7.87 -10.80
C ASP A 53 -7.71 -7.37 -10.74
N SER A 54 -8.14 -7.05 -9.53
CA SER A 54 -9.49 -6.56 -9.32
C SER A 54 -9.45 -5.08 -8.93
N MET A 55 -10.12 -4.27 -9.73
CA MET A 55 -10.17 -2.84 -9.48
C MET A 55 -11.62 -2.34 -9.46
N ASP A 56 -12.42 -2.94 -8.59
CA ASP A 56 -13.81 -2.57 -8.46
C ASP A 56 -14.02 -1.80 -7.16
N LYS A 57 -15.23 -1.29 -6.99
CA LYS A 57 -15.56 -0.54 -5.79
C LYS A 57 -16.66 -1.28 -5.02
N LYS A 58 -16.22 -2.25 -4.23
CA LYS A 58 -17.15 -3.03 -3.44
C LYS A 58 -16.43 -4.29 -2.92
N ASP A 59 -16.24 -5.23 -3.83
CA ASP A 59 -15.57 -6.48 -3.48
C ASP A 59 -14.41 -6.18 -2.52
N LYS A 60 -14.42 -6.90 -1.41
CA LYS A 60 -13.38 -6.72 -0.40
C LYS A 60 -12.52 -7.98 -0.34
N SER A 61 -12.53 -8.73 -1.43
CA SER A 61 -11.76 -9.96 -1.52
C SER A 61 -10.27 -9.64 -1.64
N ALA A 62 -9.45 -10.61 -1.30
CA ALA A 62 -8.01 -10.45 -1.37
C ALA A 62 -7.63 -9.97 -2.77
N LYS A 63 -8.40 -10.42 -3.74
CA LYS A 63 -8.16 -10.03 -5.12
C LYS A 63 -8.30 -8.51 -5.27
N GLY A 64 -9.10 -7.94 -4.37
CA GLY A 64 -9.33 -6.51 -4.39
C GLY A 64 -8.01 -5.74 -4.33
N TYR A 65 -7.75 -4.98 -5.39
CA TYR A 65 -6.54 -4.19 -5.49
C TYR A 65 -6.55 -3.10 -4.44
N TYR A 66 -7.65 -2.34 -4.37
CA TYR A 66 -7.79 -1.26 -3.41
C TYR A 66 -8.13 -1.82 -2.04
N HIS A 67 -8.24 -3.15 -1.96
CA HIS A 67 -8.56 -3.80 -0.70
C HIS A 67 -7.27 -4.32 -0.05
N VAL A 68 -6.20 -4.28 -0.82
CA VAL A 68 -4.92 -4.75 -0.35
C VAL A 68 -3.99 -3.55 -0.14
N MET A 69 -4.59 -2.38 -0.11
CA MET A 69 -3.84 -1.15 0.08
C MET A 69 -4.69 -0.07 0.75
N HIS A 70 -5.65 -0.52 1.54
CA HIS A 70 -6.57 0.35 2.26
C HIS A 70 -7.12 -0.38 3.50
N ASP A 71 -7.99 -1.34 3.26
CA ASP A 71 -8.59 -2.10 4.34
C ASP A 71 -7.50 -2.51 5.33
N LYS A 72 -7.91 -2.64 6.59
CA LYS A 72 -6.98 -3.02 7.63
C LYS A 72 -7.32 -4.43 8.12
N ASN A 73 -8.51 -4.88 7.77
CA ASN A 73 -8.97 -6.19 8.16
C ASN A 73 -8.50 -7.22 7.12
N THR A 74 -7.23 -7.12 6.77
CA THR A 74 -6.65 -8.02 5.79
C THR A 74 -5.57 -8.88 6.44
N LYS A 75 -5.17 -9.93 5.73
CA LYS A 75 -4.15 -10.83 6.22
C LYS A 75 -2.85 -10.05 6.42
N PHE A 76 -2.56 -9.17 5.46
CA PHE A 76 -1.36 -8.36 5.53
C PHE A 76 -1.69 -6.89 5.78
N LYS A 77 -0.67 -6.14 6.15
CA LYS A 77 -0.84 -4.73 6.42
C LYS A 77 -1.11 -3.97 5.11
N SER A 78 -1.72 -2.81 5.24
CA SER A 78 -2.03 -2.00 4.08
C SER A 78 -1.26 -0.68 4.14
N CYS A 79 -1.80 0.32 3.47
CA CYS A 79 -1.17 1.64 3.44
C CYS A 79 -1.98 2.57 4.34
N VAL A 80 -3.30 2.39 4.31
CA VAL A 80 -4.19 3.20 5.11
C VAL A 80 -4.36 2.57 6.49
N GLY A 81 -3.81 1.37 6.61
CA GLY A 81 -3.90 0.64 7.87
C GLY A 81 -2.80 1.07 8.83
N CYS A 82 -1.58 0.67 8.49
CA CYS A 82 -0.42 1.00 9.31
C CYS A 82 -0.52 2.49 9.67
N HIS A 83 -0.97 3.28 8.70
CA HIS A 83 -1.12 4.72 8.87
C HIS A 83 -2.11 5.01 10.01
N VAL A 84 -3.14 4.19 10.11
CA VAL A 84 -4.15 4.34 11.14
C VAL A 84 -3.55 3.94 12.49
N GLU A 85 -2.65 2.96 12.43
CA GLU A 85 -2.01 2.47 13.64
C GLU A 85 -0.83 3.38 14.03
N VAL A 86 -0.57 4.35 13.16
CA VAL A 86 0.51 5.29 13.40
C VAL A 86 -0.04 6.52 14.13
N ALA A 87 -1.02 7.15 13.51
CA ALA A 87 -1.64 8.33 14.09
C ALA A 87 -2.19 7.98 15.48
N GLY A 88 -2.64 9.01 16.18
CA GLY A 88 -3.20 8.82 17.51
C GLY A 88 -3.62 10.17 18.13
N ALA A 89 -2.69 11.11 18.09
CA ALA A 89 -2.94 12.44 18.63
C ALA A 89 -2.88 13.47 17.50
N ASP A 90 -2.02 13.18 16.53
CA ASP A 90 -1.86 14.07 15.39
C ASP A 90 -3.04 13.89 14.44
N ALA A 91 -4.13 14.59 14.76
CA ALA A 91 -5.33 14.52 13.94
C ALA A 91 -4.96 14.83 12.49
N ALA A 92 -4.23 15.92 12.32
CA ALA A 92 -3.82 16.33 10.98
C ALA A 92 -3.31 15.11 10.21
N LYS A 93 -2.43 14.36 10.86
CA LYS A 93 -1.87 13.17 10.24
C LYS A 93 -2.99 12.20 9.90
N LYS A 94 -4.03 12.22 10.72
CA LYS A 94 -5.17 11.35 10.51
C LYS A 94 -5.98 11.85 9.32
N LYS A 95 -5.56 12.99 8.80
CA LYS A 95 -6.24 13.59 7.66
C LYS A 95 -5.22 13.77 6.52
N ASP A 96 -3.99 13.39 6.80
CA ASP A 96 -2.93 13.50 5.80
C ASP A 96 -2.39 12.11 5.47
N LEU A 97 -2.46 11.23 6.47
CA LEU A 97 -1.98 9.87 6.30
C LEU A 97 -3.14 8.99 5.79
N THR A 98 -4.30 9.21 6.39
CA THR A 98 -5.48 8.44 6.02
C THR A 98 -6.44 9.31 5.20
N GLY A 99 -6.04 10.56 5.00
CA GLY A 99 -6.84 11.49 4.24
C GLY A 99 -7.27 10.88 2.90
N CYS A 100 -8.37 11.41 2.37
CA CYS A 100 -8.89 10.91 1.11
C CYS A 100 -8.52 11.93 0.01
N LYS A 101 -8.68 13.20 0.35
CA LYS A 101 -8.36 14.27 -0.58
C LYS A 101 -7.40 15.26 0.08
N LYS A 102 -6.33 15.56 -0.64
CA LYS A 102 -5.33 16.48 -0.14
C LYS A 102 -4.27 15.70 0.65
N SER A 103 -4.47 14.40 0.72
CA SER A 103 -3.55 13.54 1.43
C SER A 103 -2.29 13.32 0.58
N LYS A 104 -1.22 12.93 1.26
CA LYS A 104 0.04 12.68 0.59
C LYS A 104 -0.17 11.66 -0.53
N CYS A 105 -1.05 10.70 -0.26
CA CYS A 105 -1.35 9.68 -1.23
C CYS A 105 -2.24 10.28 -2.32
N HIS A 106 -3.41 10.76 -1.89
CA HIS A 106 -4.40 11.37 -2.78
C HIS A 106 -4.37 12.90 -2.60
N GLU A 107 -3.23 13.50 -2.95
CA GLU A 107 -3.08 14.93 -2.84
C GLU A 107 -3.45 15.62 -4.15
FE HEC B . 9.60 -2.40 -1.97
CHA HEC B . 8.88 -1.96 -5.38
CHB HEC B . 12.54 -3.91 -2.83
CHC HEC B . 10.35 -2.61 1.32
CHD HEC B . 6.51 -0.96 -1.25
NA HEC B . 10.53 -2.81 -3.74
C1A HEC B . 10.07 -2.61 -5.04
C2A HEC B . 10.99 -3.18 -5.99
C3A HEC B . 12.00 -3.72 -5.28
C4A HEC B . 11.72 -3.50 -3.88
CMA HEC B . 13.21 -4.44 -5.81
CAA HEC B . 10.81 -3.16 -7.48
CBA HEC B . 11.94 -2.46 -8.23
CGA HEC B . 12.97 -3.47 -8.71
O1A HEC B . 12.54 -4.48 -9.31
O2A HEC B . 14.17 -3.21 -8.48
NB HEC B . 11.11 -3.12 -0.98
C1B HEC B . 12.27 -3.68 -1.48
C2B HEC B . 13.17 -4.03 -0.41
C3B HEC B . 12.57 -3.66 0.74
C4B HEC B . 11.28 -3.10 0.39
CMB HEC B . 14.52 -4.66 -0.58
CAB HEC B . 13.09 -3.81 2.15
CBB HEC B . 14.54 -3.38 2.31
NC HEC B . 8.64 -1.80 -0.32
C1C HEC B . 9.08 -2.01 0.97
C2C HEC B . 8.06 -1.62 1.92
C3C HEC B . 7.00 -1.20 1.21
C4C HEC B . 7.36 -1.31 -0.18
CMC HEC B . 8.21 -1.71 3.41
CAC HEC B . 5.68 -0.70 1.72
CBC HEC B . 5.75 -0.14 3.14
ND HEC B . 8.04 -1.59 -3.09
C1D HEC B . 6.83 -1.11 -2.59
C2D HEC B . 5.94 -0.77 -3.69
C3D HEC B . 6.59 -1.05 -4.83
C4D HEC B . 7.90 -1.56 -4.47
CMD HEC B . 4.56 -0.23 -3.52
CAD HEC B . 6.11 -0.87 -6.24
CBD HEC B . 4.92 -1.77 -6.60
CGD HEC B . 3.82 -0.96 -7.28
O1D HEC B . 2.67 -1.06 -6.80
O2D HEC B . 4.16 -0.26 -8.27
HHA HEC B . 8.71 -1.74 -6.44
HHB HEC B . 13.46 -4.44 -3.08
HHC HEC B . 10.60 -2.70 2.38
HHD HEC B . 5.53 -0.55 -1.00
HMA1 HEC B . 12.95 -4.99 -6.71
HMA2 HEC B . 13.99 -3.72 -6.03
HMA3 HEC B . 13.58 -5.14 -5.06
HAA1 HEC B . 10.76 -4.18 -7.86
HAA2 HEC B . 9.89 -2.63 -7.72
HBA1 HEC B . 11.53 -1.93 -9.09
HBA2 HEC B . 12.43 -1.75 -7.56
HMB1 HEC B . 15.25 -3.90 -0.88
HMB2 HEC B . 14.84 -5.10 0.37
HMB3 HEC B . 14.46 -5.44 -1.34
HAB HEC B . 12.50 -3.19 2.82
HBB1 HEC B . 15.18 -4.26 2.35
HBB2 HEC B . 14.84 -2.75 1.47
HBB3 HEC B . 14.65 -2.82 3.25
HMC1 HEC B . 7.27 -2.08 3.85
HMC2 HEC B . 9.02 -2.40 3.67
HMC3 HEC B . 8.43 -0.73 3.82
HAC HEC B . 5.32 0.10 1.07
HBC1 HEC B . 6.72 0.33 3.31
HBC2 HEC B . 4.96 0.61 3.27
HBC3 HEC B . 5.61 -0.94 3.86
HMD1 HEC B . 4.48 0.31 -2.58
HMD2 HEC B . 4.34 0.46 -4.35
HMD3 HEC B . 3.84 -1.04 -3.53
HAD1 HEC B . 5.80 0.15 -6.40
HAD2 HEC B . 6.91 -1.12 -6.94
HBD1 HEC B . 5.25 -2.55 -7.28
HBD2 HEC B . 4.51 -2.21 -5.69
FE HEC C . -1.03 -9.55 -2.27
CHA HEC C . -3.26 -11.18 -0.06
CHB HEC C . -1.25 -6.75 -0.34
CHC HEC C . 1.33 -8.16 -4.23
CHD HEC C . -1.01 -12.48 -4.18
NA HEC C . -2.03 -9.09 -0.54
C1A HEC C . -2.94 -9.85 0.18
C2A HEC C . -3.53 -9.05 1.23
C3A HEC C . -2.98 -7.82 1.16
C4A HEC C . -2.04 -7.84 0.06
CMA HEC C . -3.25 -6.63 2.03
CAA HEC C . -4.56 -9.54 2.20
CBA HEC C . -5.99 -9.13 1.85
CGA HEC C . -7.00 -9.85 2.73
O1A HEC C . -8.02 -9.22 3.05
O2A HEC C . -6.73 -11.03 3.04
NB HEC C . -0.18 -7.82 -2.29
C1B HEC C . -0.33 -6.78 -1.39
C2B HEC C . 0.59 -5.71 -1.69
C3B HEC C . 1.31 -6.09 -2.76
C4B HEC C . 0.83 -7.41 -3.14
CMB HEC C . 0.70 -4.43 -0.92
CAB HEC C . 2.40 -5.34 -3.47
CBB HEC C . 3.61 -5.05 -2.58
NC HEC C . -0.06 -10.20 -3.88
C1C HEC C . 0.77 -9.41 -4.67
C2C HEC C . 1.12 -10.12 -5.88
C3C HEC C . 0.51 -11.32 -5.83
C4C HEC C . -0.22 -11.38 -4.60
CMC HEC C . 2.00 -9.57 -6.97
CAC HEC C . 0.56 -12.42 -6.86
CBC HEC C . 1.97 -12.92 -7.16
ND HEC C . -1.96 -11.43 -2.16
C1D HEC C . -1.78 -12.50 -3.03
C2D HEC C . -2.49 -13.66 -2.55
C3D HEC C . -3.13 -13.30 -1.41
C4D HEC C . -2.79 -11.92 -1.17
CMD HEC C . -2.52 -15.00 -3.25
CAD HEC C . -4.01 -14.15 -0.54
CBD HEC C . -5.50 -13.90 -0.74
CGD HEC C . -6.26 -15.22 -0.83
O1D HEC C . -6.21 -15.83 -1.93
O2D HEC C . -6.87 -15.60 0.18
HHA HEC C . -3.92 -11.68 0.64
HHB HEC C . -1.37 -5.82 0.21
HHC HEC C . 2.18 -7.74 -4.77
HHD HEC C . -0.99 -13.37 -4.81
HMA1 HEC C . -2.84 -6.81 3.03
HMA2 HEC C . -2.77 -5.75 1.59
HMA3 HEC C . -4.32 -6.46 2.09
HAA1 HEC C . -4.54 -10.62 2.24
HAA2 HEC C . -4.35 -9.13 3.20
HBA1 HEC C . -6.10 -8.05 2.01
HBA2 HEC C . -6.19 -9.37 0.81
HMB1 HEC C . -0.29 -4.13 -0.58
HMB2 HEC C . 1.36 -4.58 -0.06
HMB3 HEC C . 1.12 -3.66 -1.56
HAB HEC C . 2.76 -5.92 -4.32
HBB1 HEC C . 4.32 -4.43 -3.14
HBB2 HEC C . 3.30 -4.53 -1.69
HBB3 HEC C . 4.10 -5.99 -2.31
HMC1 HEC C . 1.42 -9.42 -7.87
HMC2 HEC C . 2.43 -8.62 -6.64
HMC3 HEC C . 2.81 -10.28 -7.16
HAC HEC C . -0.01 -13.28 -6.50
HBC1 HEC C . 1.91 -13.85 -7.72
HBC2 HEC C . 2.50 -12.16 -7.76
HBC3 HEC C . 2.51 -13.07 -6.23
HMD1 HEC C . -3.49 -15.46 -3.10
HMD2 HEC C . -2.32 -14.86 -4.31
HMD3 HEC C . -1.75 -15.63 -2.82
HAD1 HEC C . -3.82 -15.21 -0.75
HAD2 HEC C . -3.78 -13.94 0.51
HBD1 HEC C . -5.89 -13.34 0.10
HBD2 HEC C . -5.65 -13.35 -1.67
FE HEC D . 3.20 5.08 4.66
CHA HEC D . 4.42 8.31 5.47
CHB HEC D . 2.27 6.38 1.54
CHC HEC D . 2.31 1.98 3.64
CHD HEC D . 4.16 4.00 7.73
NA HEC D . 3.33 6.96 3.70
C1A HEC D . 3.84 8.14 4.22
C2A HEC D . 3.70 9.21 3.24
C3A HEC D . 3.11 8.68 2.15
C4A HEC D . 2.87 7.28 2.44
CMA HEC D . 2.75 9.37 0.87
CAA HEC D . 4.15 10.62 3.45
CBA HEC D . 5.54 10.92 2.89
CGA HEC D . 6.35 11.77 3.86
O1A HEC D . 7.53 11.41 4.08
O2A HEC D . 5.78 12.75 4.37
NB HEC D . 2.40 4.36 2.97
C1B HEC D . 2.18 5.00 1.76
C2B HEC D . 1.82 4.04 0.74
C3B HEC D . 1.84 2.82 1.31
C4B HEC D . 2.19 3.01 2.70
CMB HEC D . 1.52 4.39 -0.69
CAB HEC D . 1.54 1.50 0.67
CBB HEC D . 2.17 1.32 -0.70
NC HEC D . 3.16 3.40 5.54
C1C HEC D . 2.65 2.21 5.04
C2C HEC D . 2.75 1.16 6.03
C3C HEC D . 3.31 1.70 7.13
C4C HEC D . 3.58 3.09 6.84
CMC HEC D . 2.29 -0.25 5.82
CAC HEC D . 3.63 1.03 8.43
CBC HEC D . 3.92 -0.47 8.30
ND HEC D . 4.11 5.98 6.26
C1D HEC D . 4.39 5.34 7.45
C2D HEC D . 4.99 6.27 8.38
C3D HEC D . 5.07 7.46 7.76
C4D HEC D . 4.52 7.28 6.44
CMD HEC D . 5.44 5.93 9.78
CAD HEC D . 5.61 8.76 8.30
CBD HEC D . 4.53 9.74 8.75
CGD HEC D . 5.15 11.01 9.30
O1D HEC D . 6.20 10.88 10.00
O2D HEC D . 4.59 12.09 9.04
HHA HEC D . 4.80 9.29 5.74
HHB HEC D . 1.85 6.78 0.63
HHC HEC D . 2.09 0.96 3.30
HHD HEC D . 4.45 3.62 8.71
HMA1 HEC D . 3.01 8.72 0.03
HMA2 HEC D . 1.68 9.57 0.85
HMA3 HEC D . 3.30 10.30 0.80
HAA1 HEC D . 3.47 11.30 2.96
HAA2 HEC D . 4.18 10.84 4.51
HBA1 HEC D . 6.08 9.98 2.72
HBA2 HEC D . 5.45 11.46 1.96
HMB1 HEC D . 1.17 3.50 -1.21
HMB2 HEC D . 0.73 5.16 -0.72
HMB3 HEC D . 2.41 4.76 -1.17
HAB HEC D . 1.92 0.70 1.30
HBB1 HEC D . 2.76 2.20 -0.96
HBB2 HEC D . 2.81 0.45 -0.70
HBB3 HEC D . 1.38 1.19 -1.44
HMC1 HEC D . 2.05 -0.41 4.77
HMC2 HEC D . 3.08 -0.94 6.12
HMC3 HEC D . 1.40 -0.44 6.43
HAC HEC D . 4.51 1.49 8.87
HBC1 HEC D . 4.40 -0.83 9.22
HBC2 HEC D . 2.99 -1.01 8.13
HBC3 HEC D . 4.59 -0.63 7.46
HMD1 HEC D . 5.32 6.80 10.42
HMD2 HEC D . 4.84 5.11 10.15
HMD3 HEC D . 6.49 5.63 9.76
HAD1 HEC D . 6.24 8.55 9.16
HAD2 HEC D . 6.20 9.25 7.52
HBD1 HEC D . 3.91 10.00 7.89
HBD2 HEC D . 3.93 9.28 9.52
FE HEC E . -6.40 5.30 -1.93
CHA HEC E . -6.13 3.64 -4.99
CHB HEC E . -9.78 5.73 -2.53
CHC HEC E . -6.79 6.54 1.23
CHD HEC E . -3.00 4.96 -1.49
NA HEC E . -7.68 4.79 -3.44
C1A HEC E . -7.39 4.10 -4.61
C2A HEC E . -8.58 3.94 -5.41
C3A HEC E . -9.59 4.52 -4.73
C4A HEC E . -9.04 5.05 -3.51
CMA HEC E . -11.03 4.61 -5.13
CAA HEC E . -8.64 3.25 -6.74
CBA HEC E . -8.96 1.76 -6.64
CGA HEC E . -9.48 1.22 -7.97
O1A HEC E . -9.84 0.03 -8.00
O2A HEC E . -9.50 2.03 -8.93
NB HEC E . -7.97 5.93 -0.85
C1B HEC E . -9.26 6.15 -1.30
C2B HEC E . -10.01 6.89 -0.32
C3B HEC E . -9.19 7.13 0.72
C4B HEC E . -7.92 6.52 0.39
CMB HEC E . -11.45 7.32 -0.48
CAB HEC E . -9.49 7.86 1.99
CBB HEC E . -9.73 6.96 3.19
NC HEC E . -5.13 5.62 -0.40
C1C HEC E . -5.42 6.25 0.80
C2C HEC E . -4.20 6.57 1.51
C3C HEC E . -3.17 6.13 0.74
C4C HEC E . -3.75 5.53 -0.44
CMC HEC E . -4.13 7.27 2.83
CAC HEC E . -1.70 6.22 1.03
CBC HEC E . -1.32 5.82 2.44
ND HEC E . -4.87 4.53 -3.04
C1D HEC E . -3.56 4.38 -2.63
C2D HEC E . -2.83 3.54 -3.55
C3D HEC E . -3.69 3.17 -4.52
C4D HEC E . -4.96 3.78 -4.21
CMD HEC E . -1.38 3.17 -3.41
CAD HEC E . -3.42 2.30 -5.71
CBD HEC E . -2.57 2.96 -6.79
CGD HEC E . -2.63 2.18 -8.09
O1D HEC E . -2.84 2.82 -9.14
O2D HEC E . -2.48 0.94 -8.01
HHA HEC E . -6.03 3.14 -5.95
HHB HEC E . -10.82 5.93 -2.73
HHC HEC E . -6.94 6.83 2.27
HHD HEC E . -1.91 4.96 -1.40
HMA1 HEC E . -11.49 5.47 -4.65
HMA2 HEC E . -11.11 4.72 -6.21
HMA3 HEC E . -11.55 3.70 -4.82
HAA1 HEC E . -9.40 3.70 -7.35
HAA2 HEC E . -7.67 3.34 -7.24
HBA1 HEC E . -8.05 1.20 -6.39
HBA2 HEC E . -9.72 1.59 -5.89
HMB1 HEC E . -11.97 7.19 0.48
HMB2 HEC E . -11.49 8.36 -0.78
HMB3 HEC E . -11.93 6.70 -1.23
HAB HEC E . -8.65 8.51 2.24
HBB1 HEC E . -9.00 6.13 3.18
HBB2 HEC E . -9.62 7.53 4.12
HBB3 HEC E . -10.74 6.54 3.14
HMC1 HEC E . -3.45 8.12 2.76
HMC2 HEC E . -5.12 7.61 3.11
HMC3 HEC E . -3.76 6.58 3.58
HAC HEC E . -1.16 5.56 0.35
HBC1 HEC E . -1.88 4.93 2.73
HBC2 HEC E . -0.25 5.62 2.49
HBC3 HEC E . -1.57 6.63 3.14
HMD1 HEC E . -0.80 3.64 -4.20
HMD2 HEC E . -1.01 3.51 -2.44
HMD3 HEC E . -1.27 2.08 -3.48
HAD1 HEC E . -2.90 1.40 -5.39
HAD2 HEC E . -4.37 2.02 -6.17
HBD1 HEC E . -2.95 3.98 -6.97
HBD2 HEC E . -1.54 3.01 -6.46
N ALA A 1 20.18 -10.82 -0.30
CA ALA A 1 18.94 -10.23 -0.77
C ALA A 1 19.27 -9.04 -1.69
N PRO A 2 18.23 -8.56 -2.37
CA PRO A 2 18.31 -7.44 -3.29
C PRO A 2 18.01 -6.15 -2.54
N LYS A 3 19.02 -5.30 -2.37
CA LYS A 3 18.83 -4.05 -1.67
C LYS A 3 17.64 -3.30 -2.27
N ALA A 4 17.38 -2.13 -1.72
CA ALA A 4 16.27 -1.31 -2.19
C ALA A 4 16.78 -0.33 -3.24
N PRO A 5 15.93 -0.08 -4.24
CA PRO A 5 16.21 0.82 -5.34
C PRO A 5 16.10 2.26 -4.86
N ALA A 6 16.38 3.21 -5.74
CA ALA A 6 16.31 4.61 -5.38
C ALA A 6 14.88 5.13 -5.62
N ASP A 7 14.50 6.10 -4.82
CA ASP A 7 13.17 6.69 -4.93
C ASP A 7 12.85 6.93 -6.41
N GLY A 8 11.58 7.20 -6.67
CA GLY A 8 11.13 7.46 -8.03
C GLY A 8 10.07 6.44 -8.45
N LEU A 9 9.61 5.68 -7.48
CA LEU A 9 8.60 4.66 -7.74
C LEU A 9 7.22 5.21 -7.35
N LYS A 10 6.34 5.25 -8.33
CA LYS A 10 4.99 5.74 -8.11
C LYS A 10 3.99 4.78 -8.75
N MET A 11 2.89 4.56 -8.04
CA MET A 11 1.85 3.66 -8.52
C MET A 11 0.63 4.45 -8.99
N GLU A 12 0.35 4.34 -10.28
CA GLU A 12 -0.78 5.04 -10.86
C GLU A 12 -1.43 4.17 -11.96
N ALA A 13 -1.80 2.97 -11.56
CA ALA A 13 -2.43 2.04 -12.50
C ALA A 13 -3.90 2.38 -12.63
N THR A 14 -4.43 3.05 -11.60
CA THR A 14 -5.82 3.43 -11.59
C THR A 14 -5.96 4.93 -11.89
N LYS A 15 -7.09 5.49 -11.46
CA LYS A 15 -7.35 6.90 -11.68
C LYS A 15 -6.84 7.70 -10.48
N GLN A 16 -5.80 7.17 -9.86
CA GLN A 16 -5.20 7.82 -8.71
C GLN A 16 -3.76 7.36 -8.52
N PRO A 17 -2.82 8.24 -8.90
CA PRO A 17 -1.41 8.00 -8.81
C PRO A 17 -0.93 8.21 -7.38
N VAL A 18 -0.20 7.26 -6.84
CA VAL A 18 0.29 7.36 -5.48
C VAL A 18 1.78 7.05 -5.46
N VAL A 19 2.57 8.09 -5.16
CA VAL A 19 4.01 7.94 -5.10
C VAL A 19 4.41 7.34 -3.75
N PHE A 20 5.51 6.60 -3.77
CA PHE A 20 6.00 5.97 -2.55
C PHE A 20 7.52 5.76 -2.62
N ASN A 21 8.22 6.43 -1.72
CA ASN A 21 9.66 6.33 -1.68
C ASN A 21 10.06 5.37 -0.55
N HIS A 22 10.91 4.41 -0.92
CA HIS A 22 11.41 3.39 0.01
C HIS A 22 12.13 4.07 1.18
N SER A 23 12.53 5.32 0.96
CA SER A 23 13.23 6.07 1.99
C SER A 23 12.29 6.32 3.18
N THR A 24 11.06 6.69 2.86
CA THR A 24 10.07 6.96 3.89
C THR A 24 9.52 5.64 4.45
N HIS A 25 10.00 4.54 3.88
CA HIS A 25 9.59 3.20 4.27
C HIS A 25 10.80 2.25 4.22
N LYS A 26 11.91 2.70 4.78
CA LYS A 26 13.12 1.91 4.79
C LYS A 26 13.34 1.35 6.19
N SER A 27 12.40 1.63 7.07
CA SER A 27 12.47 1.17 8.45
C SER A 27 11.34 0.18 8.73
N VAL A 28 10.96 -0.55 7.69
CA VAL A 28 9.90 -1.53 7.81
C VAL A 28 10.31 -2.81 7.09
N LYS A 29 9.90 -3.94 7.66
CA LYS A 29 10.22 -5.23 7.08
C LYS A 29 9.65 -5.30 5.67
N CYS A 30 10.53 -5.62 4.72
CA CYS A 30 10.13 -5.73 3.33
C CYS A 30 8.96 -6.71 3.24
N GLY A 31 8.90 -7.60 4.22
CA GLY A 31 7.84 -8.59 4.27
C GLY A 31 6.51 -7.96 4.68
N ASP A 32 6.56 -6.67 4.97
CA ASP A 32 5.38 -5.94 5.38
C ASP A 32 4.60 -5.50 4.14
N CYS A 33 5.35 -5.13 3.11
CA CYS A 33 4.73 -4.68 1.87
C CYS A 33 4.81 -5.83 0.86
N HIS A 34 5.99 -6.45 0.80
CA HIS A 34 6.24 -7.57 -0.10
C HIS A 34 6.01 -8.90 0.64
N HIS A 35 4.74 -9.25 0.81
CA HIS A 35 4.32 -10.47 1.48
C HIS A 35 4.71 -11.69 0.63
N PRO A 36 4.88 -12.83 1.31
CA PRO A 36 5.24 -14.09 0.71
C PRO A 36 4.04 -14.68 -0.01
N VAL A 37 4.15 -14.85 -1.32
CA VAL A 37 3.04 -15.41 -2.09
C VAL A 37 3.47 -16.75 -2.67
N ASN A 38 2.49 -17.65 -2.79
CA ASN A 38 2.73 -18.98 -3.32
C ASN A 38 4.03 -19.53 -2.70
N GLY A 39 4.32 -19.06 -1.50
CA GLY A 39 5.52 -19.50 -0.80
C GLY A 39 6.77 -19.05 -1.54
N LYS A 40 6.89 -17.73 -1.71
CA LYS A 40 8.04 -17.17 -2.39
C LYS A 40 7.90 -15.65 -2.43
N GLU A 41 8.64 -14.99 -1.57
CA GLU A 41 8.62 -13.54 -1.49
C GLU A 41 8.41 -12.94 -2.89
N ASP A 42 7.37 -12.13 -3.01
CA ASP A 42 7.06 -11.50 -4.28
C ASP A 42 7.32 -10.00 -4.16
N TYR A 43 7.90 -9.45 -5.23
CA TYR A 43 8.22 -8.04 -5.28
C TYR A 43 7.71 -7.43 -6.59
N ARG A 44 6.85 -8.17 -7.27
CA ARG A 44 6.28 -7.70 -8.53
C ARG A 44 5.11 -6.77 -8.26
N LYS A 45 4.56 -6.23 -9.34
CA LYS A 45 3.42 -5.32 -9.24
C LYS A 45 2.39 -5.93 -8.31
N CYS A 46 1.89 -5.11 -7.40
CA CYS A 46 0.89 -5.54 -6.44
C CYS A 46 -0.38 -5.92 -7.21
N GLY A 47 -0.55 -5.28 -8.36
CA GLY A 47 -1.71 -5.55 -9.20
C GLY A 47 -1.29 -6.15 -10.54
N THR A 48 -0.44 -7.17 -10.46
CA THR A 48 0.03 -7.84 -11.66
C THR A 48 -0.81 -9.08 -11.96
N ALA A 49 -0.94 -9.37 -13.25
CA ALA A 49 -1.72 -10.52 -13.68
C ALA A 49 -1.31 -11.74 -12.85
N GLY A 50 -2.32 -12.41 -12.31
CA GLY A 50 -2.09 -13.59 -11.50
C GLY A 50 -2.12 -13.25 -10.00
N CYS A 51 -2.63 -12.06 -9.72
CA CYS A 51 -2.72 -11.60 -8.34
C CYS A 51 -3.91 -10.65 -8.23
N HIS A 52 -3.68 -9.52 -7.58
CA HIS A 52 -4.69 -8.49 -7.37
C HIS A 52 -5.02 -7.82 -8.71
N ASP A 53 -6.03 -8.36 -9.39
CA ASP A 53 -6.45 -7.82 -10.66
C ASP A 53 -7.86 -7.23 -10.53
N SER A 54 -8.24 -6.98 -9.29
CA SER A 54 -9.55 -6.42 -9.00
C SER A 54 -9.47 -4.90 -8.97
N MET A 55 -10.16 -4.27 -9.91
CA MET A 55 -10.17 -2.83 -9.99
C MET A 55 -11.59 -2.30 -10.20
N ASP A 56 -12.45 -2.63 -9.26
CA ASP A 56 -13.84 -2.19 -9.32
C ASP A 56 -14.31 -1.77 -7.93
N LYS A 57 -15.61 -1.61 -7.81
CA LYS A 57 -16.20 -1.20 -6.54
C LYS A 57 -17.21 -2.27 -6.09
N LYS A 58 -16.71 -3.25 -5.36
CA LYS A 58 -17.55 -4.32 -4.86
C LYS A 58 -16.68 -5.43 -4.26
N ASP A 59 -16.04 -6.17 -5.15
CA ASP A 59 -15.17 -7.26 -4.73
C ASP A 59 -14.36 -6.82 -3.51
N LYS A 60 -14.37 -7.67 -2.50
CA LYS A 60 -13.65 -7.38 -1.27
C LYS A 60 -12.70 -8.53 -0.96
N SER A 61 -12.65 -9.49 -1.88
CA SER A 61 -11.80 -10.64 -1.71
C SER A 61 -10.33 -10.20 -1.72
N ALA A 62 -9.46 -11.18 -1.55
CA ALA A 62 -8.02 -10.92 -1.52
C ALA A 62 -7.60 -10.34 -2.88
N LYS A 63 -8.49 -10.49 -3.85
CA LYS A 63 -8.22 -10.00 -5.19
C LYS A 63 -8.26 -8.47 -5.18
N GLY A 64 -9.16 -7.94 -4.36
CA GLY A 64 -9.31 -6.50 -4.26
C GLY A 64 -7.95 -5.80 -4.26
N TYR A 65 -7.78 -4.90 -5.24
CA TYR A 65 -6.55 -4.15 -5.38
C TYR A 65 -6.51 -3.02 -4.37
N TYR A 66 -7.65 -2.34 -4.19
CA TYR A 66 -7.74 -1.24 -3.26
C TYR A 66 -8.05 -1.77 -1.86
N HIS A 67 -8.29 -3.07 -1.76
CA HIS A 67 -8.60 -3.67 -0.47
C HIS A 67 -7.31 -4.21 0.16
N VAL A 68 -6.26 -4.23 -0.65
CA VAL A 68 -4.97 -4.73 -0.18
C VAL A 68 -4.02 -3.54 0.04
N MET A 69 -4.62 -2.36 0.10
CA MET A 69 -3.85 -1.14 0.30
C MET A 69 -4.70 -0.05 0.95
N HIS A 70 -5.61 -0.49 1.82
CA HIS A 70 -6.51 0.41 2.53
C HIS A 70 -6.99 -0.27 3.83
N ASP A 71 -7.71 -1.36 3.66
CA ASP A 71 -8.23 -2.11 4.80
C ASP A 71 -7.07 -2.48 5.73
N LYS A 72 -7.44 -2.99 6.90
CA LYS A 72 -6.44 -3.39 7.89
C LYS A 72 -6.70 -4.83 8.32
N ASN A 73 -7.98 -5.11 8.56
CA ASN A 73 -8.38 -6.45 8.98
C ASN A 73 -7.67 -7.49 8.10
N THR A 74 -7.34 -7.06 6.89
CA THR A 74 -6.67 -7.94 5.94
C THR A 74 -5.61 -8.78 6.66
N LYS A 75 -5.20 -9.85 5.99
CA LYS A 75 -4.19 -10.74 6.55
C LYS A 75 -2.89 -9.98 6.75
N PHE A 76 -2.61 -9.09 5.81
CA PHE A 76 -1.40 -8.28 5.87
C PHE A 76 -1.74 -6.80 6.05
N LYS A 77 -0.72 -6.04 6.41
CA LYS A 77 -0.89 -4.62 6.62
C LYS A 77 -1.11 -3.92 5.28
N SER A 78 -1.71 -2.75 5.34
CA SER A 78 -1.99 -1.97 4.14
C SER A 78 -1.16 -0.69 4.15
N CYS A 79 -1.72 0.33 3.52
CA CYS A 79 -1.05 1.62 3.45
C CYS A 79 -1.75 2.59 4.41
N VAL A 80 -3.06 2.45 4.48
CA VAL A 80 -3.86 3.30 5.36
C VAL A 80 -3.81 2.75 6.78
N GLY A 81 -3.75 1.42 6.86
CA GLY A 81 -3.71 0.75 8.15
C GLY A 81 -2.55 1.29 9.00
N CYS A 82 -1.35 0.93 8.58
CA CYS A 82 -0.15 1.35 9.30
C CYS A 82 -0.31 2.84 9.65
N HIS A 83 -0.71 3.61 8.63
CA HIS A 83 -0.92 5.05 8.77
C HIS A 83 -1.94 5.32 9.89
N VAL A 84 -2.92 4.45 9.99
CA VAL A 84 -3.96 4.59 10.99
C VAL A 84 -3.36 4.29 12.37
N GLU A 85 -2.44 3.35 12.39
CA GLU A 85 -1.79 2.97 13.64
C GLU A 85 -0.71 3.99 14.00
N VAL A 86 -0.41 4.86 13.04
CA VAL A 86 0.59 5.88 13.26
C VAL A 86 -0.10 7.23 13.47
N ALA A 87 -0.91 7.61 12.49
CA ALA A 87 -1.63 8.87 12.56
C ALA A 87 -2.84 8.71 13.49
N GLY A 88 -2.55 8.29 14.71
CA GLY A 88 -3.60 8.09 15.70
C GLY A 88 -3.26 8.81 17.00
N ALA A 89 -2.45 9.85 16.87
CA ALA A 89 -2.04 10.62 18.04
C ALA A 89 -2.60 12.04 17.92
N ASP A 90 -2.68 12.51 16.68
CA ASP A 90 -3.19 13.84 16.41
C ASP A 90 -4.33 13.75 15.39
N ALA A 91 -5.27 14.67 15.52
CA ALA A 91 -6.41 14.71 14.62
C ALA A 91 -6.11 15.65 13.45
N ALA A 92 -4.81 15.80 13.19
CA ALA A 92 -4.37 16.67 12.11
C ALA A 92 -3.81 15.80 10.97
N LYS A 93 -2.71 15.14 11.26
CA LYS A 93 -2.07 14.28 10.28
C LYS A 93 -3.08 13.22 9.80
N LYS A 94 -4.04 12.93 10.66
CA LYS A 94 -5.06 11.96 10.34
C LYS A 94 -5.75 12.37 9.04
N LYS A 95 -5.59 13.63 8.69
CA LYS A 95 -6.20 14.17 7.48
C LYS A 95 -5.13 14.31 6.40
N ASP A 96 -4.01 13.63 6.63
CA ASP A 96 -2.91 13.68 5.68
C ASP A 96 -2.42 12.25 5.40
N LEU A 97 -2.31 11.48 6.47
CA LEU A 97 -1.86 10.10 6.36
C LEU A 97 -3.02 9.23 5.89
N THR A 98 -4.18 9.44 6.53
CA THR A 98 -5.36 8.68 6.19
C THR A 98 -6.37 9.56 5.45
N GLY A 99 -5.96 10.80 5.21
CA GLY A 99 -6.81 11.75 4.52
C GLY A 99 -7.11 11.26 3.10
N CYS A 100 -8.27 11.67 2.61
CA CYS A 100 -8.70 11.30 1.26
C CYS A 100 -8.27 12.41 0.30
N LYS A 101 -8.56 13.63 0.69
CA LYS A 101 -8.21 14.78 -0.13
C LYS A 101 -7.11 15.58 0.57
N LYS A 102 -6.13 16.00 -0.23
CA LYS A 102 -5.02 16.78 0.30
C LYS A 102 -4.01 15.83 0.94
N SER A 103 -4.36 14.55 0.96
CA SER A 103 -3.50 13.54 1.55
C SER A 103 -2.27 13.33 0.66
N LYS A 104 -1.19 12.89 1.29
CA LYS A 104 0.05 12.64 0.57
C LYS A 104 -0.20 11.63 -0.54
N CYS A 105 -0.98 10.60 -0.21
CA CYS A 105 -1.30 9.57 -1.18
C CYS A 105 -2.19 10.17 -2.26
N HIS A 106 -3.33 10.69 -1.82
CA HIS A 106 -4.31 11.32 -2.70
C HIS A 106 -4.27 12.85 -2.54
N GLU A 107 -3.13 13.43 -2.89
CA GLU A 107 -2.96 14.86 -2.80
C GLU A 107 -3.37 15.55 -4.10
FE HEC B . 9.60 -2.43 -2.01
CHA HEC B . 8.80 -2.02 -5.41
CHB HEC B . 12.54 -3.92 -2.94
CHC HEC B . 10.43 -2.66 1.27
CHD HEC B . 6.53 -0.97 -1.22
NA HEC B . 10.49 -2.84 -3.81
C1A HEC B . 9.99 -2.66 -5.08
C2A HEC B . 10.89 -3.25 -6.06
C3A HEC B . 11.92 -3.78 -5.38
C4A HEC B . 11.68 -3.53 -3.98
CMA HEC B . 13.11 -4.50 -5.93
CAA HEC B . 10.65 -3.25 -7.54
CBA HEC B . 11.76 -2.57 -8.34
CGA HEC B . 12.78 -3.60 -8.84
O1A HEC B . 13.93 -3.51 -8.38
O2A HEC B . 12.37 -4.44 -9.67
NB HEC B . 11.14 -3.15 -1.05
C1B HEC B . 12.29 -3.71 -1.58
C2B HEC B . 13.22 -4.05 -0.53
C3B HEC B . 12.63 -3.70 0.64
C4B HEC B . 11.35 -3.14 0.32
CMB HEC B . 14.57 -4.68 -0.73
CAB HEC B . 13.19 -3.84 2.03
CBB HEC B . 14.66 -3.44 2.16
NC HEC B . 8.68 -1.83 -0.33
C1C HEC B . 9.16 -2.04 0.95
C2C HEC B . 8.16 -1.65 1.92
C3C HEC B . 7.08 -1.21 1.23
C4C HEC B . 7.40 -1.33 -0.17
CMC HEC B . 8.33 -1.73 3.41
CAC HEC B . 5.78 -0.71 1.78
CBC HEC B . 5.86 -0.18 3.21
ND HEC B . 8.01 -1.61 -3.09
C1D HEC B . 6.82 -1.15 -2.57
C2D HEC B . 5.88 -0.88 -3.63
C3D HEC B . 6.50 -1.16 -4.80
C4D HEC B . 7.84 -1.62 -4.47
CMD HEC B . 4.48 -0.37 -3.44
CAD HEC B . 5.97 -1.04 -6.19
CBD HEC B . 4.91 -2.09 -6.55
CGD HEC B . 4.19 -1.73 -7.84
O1D HEC B . 4.73 -0.90 -8.57
O2D HEC B . 3.10 -2.30 -8.05
HHA HEC B . 8.60 -1.80 -6.45
HHB HEC B . 13.47 -4.43 -3.21
HHC HEC B . 10.69 -2.77 2.32
HHD HEC B . 5.57 -0.53 -0.95
HMA1 HEC B . 12.84 -4.98 -6.86
HMA2 HEC B . 13.92 -3.78 -6.11
HMA3 HEC B . 13.44 -5.25 -5.21
HAA1 HEC B . 10.58 -4.28 -7.90
HAA2 HEC B . 9.73 -2.72 -7.77
HBA1 HEC B . 11.33 -2.06 -9.19
HBA2 HEC B . 12.28 -1.86 -7.71
HMB1 HEC B . 14.52 -5.73 -0.49
HMB2 HEC B . 14.87 -4.56 -1.77
HMB3 HEC B . 15.30 -4.19 -0.09
HAB HEC B . 12.62 -3.21 2.71
HBB1 HEC B . 15.28 -4.30 1.93
HBB2 HEC B . 14.87 -2.63 1.47
HBB3 HEC B . 14.84 -3.12 3.18
HMC1 HEC B . 7.40 -2.06 3.87
HMC2 HEC B . 9.12 -2.44 3.65
HMC3 HEC B . 8.59 -0.75 3.80
HAC HEC B . 5.42 0.11 1.16
HBC1 HEC B . 5.12 0.59 3.35
HBC2 HEC B . 5.69 -1.00 3.90
HBC3 HEC B . 6.86 0.23 3.38
HMD1 HEC B . 4.41 0.14 -2.48
HMD2 HEC B . 4.24 0.34 -4.24
HMD3 HEC B . 3.78 -1.20 -3.46
HAD1 HEC B . 5.49 -0.07 -6.32
HAD2 HEC B . 6.78 -1.15 -6.91
HBD1 HEC B . 5.40 -3.06 -6.68
HBD2 HEC B . 4.18 -2.17 -5.74
FE HEC C . -1.13 -9.48 -2.09
CHA HEC C . -3.42 -11.08 0.09
CHB HEC C . -1.32 -6.69 -0.25
CHC HEC C . 1.28 -8.19 -4.08
CHD HEC C . -1.13 -12.48 -3.99
NA HEC C . -2.16 -9.02 -0.43
C1A HEC C . -3.05 -9.76 0.34
C2A HEC C . -3.54 -8.97 1.44
C3A HEC C . -2.96 -7.76 1.35
C4A HEC C . -2.10 -7.78 0.19
CMA HEC C . -3.14 -6.58 2.26
CAA HEC C . -4.51 -9.47 2.47
CBA HEC C . -5.96 -9.07 2.20
CGA HEC C . -6.64 -10.10 1.30
O1A HEC C . -5.97 -10.55 0.34
O2A HEC C . -7.82 -10.41 1.59
NB HEC C . -0.25 -7.80 -2.18
C1B HEC C . -0.39 -6.76 -1.27
C2B HEC C . 0.60 -5.74 -1.54
C3B HEC C . 1.32 -6.15 -2.61
C4B HEC C . 0.80 -7.43 -3.01
CMB HEC C . 0.74 -4.46 -0.76
CAB HEC C . 2.46 -5.44 -3.28
CBB HEC C . 3.57 -5.01 -2.33
NC HEC C . -0.12 -10.24 -3.68
C1C HEC C . 0.76 -9.50 -4.45
C2C HEC C . 1.11 -10.21 -5.64
C3C HEC C . 0.46 -11.39 -5.61
C4C HEC C . -0.32 -11.42 -4.39
CMC HEC C . 2.05 -9.71 -6.70
CAC HEC C . 0.49 -12.50 -6.63
CBC HEC C . 1.87 -13.14 -6.80
ND HEC C . -2.07 -11.41 -1.98
C1D HEC C . -1.95 -12.46 -2.86
C2D HEC C . -2.80 -13.56 -2.46
C3D HEC C . -3.43 -13.17 -1.32
C4D HEC C . -2.98 -11.84 -1.03
CMD HEC C . -2.92 -14.87 -3.19
CAD HEC C . -4.42 -13.96 -0.51
CBD HEC C . -3.77 -14.91 0.49
CGD HEC C . -4.32 -16.33 0.31
O1D HEC C . -5.45 -16.56 0.77
O2D HEC C . -3.57 -17.14 -0.28
HHA HEC C . -4.08 -11.57 0.79
HHB HEC C . -1.46 -5.74 0.26
HHC HEC C . 2.08 -7.76 -4.69
HHD HEC C . -1.14 -13.37 -4.61
HMA1 HEC C . -4.00 -6.76 2.91
HMA2 HEC C . -2.25 -6.44 2.86
HMA3 HEC C . -3.31 -5.68 1.66
HAA1 HEC C . -4.48 -10.55 2.52
HAA2 HEC C . -4.25 -9.04 3.45
HBA1 HEC C . -6.51 -9.01 3.13
HBA2 HEC C . -5.98 -8.10 1.69
HMB1 HEC C . 1.24 -3.71 -1.37
HMB2 HEC C . -0.24 -4.09 -0.49
HMB3 HEC C . 1.33 -4.65 0.14
HAB HEC C . 2.91 -6.09 -4.02
HBB1 HEC C . 3.14 -4.63 -1.40
HBB2 HEC C . 4.21 -5.86 -2.10
HBB3 HEC C . 4.17 -4.22 -2.79
HMC1 HEC C . 1.47 -9.21 -7.49
HMC2 HEC C . 2.75 -9.00 -6.26
HMC3 HEC C . 2.60 -10.54 -7.13
HAC HEC C . -0.19 -13.29 -6.33
HBC1 HEC C . 2.45 -12.54 -7.51
HBC2 HEC C . 2.37 -13.18 -5.84
HBC3 HEC C . 1.74 -14.15 -7.20
HMD1 HEC C . -3.94 -15.23 -3.10
HMD2 HEC C . -2.67 -14.72 -4.24
HMD3 HEC C . -2.23 -15.59 -2.74
HAD1 HEC C . -5.04 -13.26 0.07
HAD2 HEC C . -5.05 -14.56 -1.17
HBD1 HEC C . -2.70 -14.93 0.34
HBD2 HEC C . -4.00 -14.58 1.51
FE HEC D . 3.40 5.13 4.51
CHA HEC D . 4.75 8.33 5.28
CHB HEC D . 2.47 6.43 1.42
CHC HEC D . 2.42 2.05 3.55
CHD HEC D . 4.28 4.08 7.64
NA HEC D . 3.60 7.00 3.55
C1A HEC D . 4.14 8.17 4.04
C2A HEC D . 3.98 9.24 3.09
C3A HEC D . 3.35 8.72 2.01
C4A HEC D . 3.12 7.32 2.30
CMA HEC D . 2.96 9.42 0.75
CAA HEC D . 4.45 10.65 3.29
CBA HEC D . 5.82 10.94 2.67
CGA HEC D . 6.51 12.11 3.39
O1A HEC D . 6.18 13.26 3.04
O2A HEC D . 7.34 11.81 4.27
NB HEC D . 2.57 4.42 2.85
C1B HEC D . 2.33 5.07 1.65
C2B HEC D . 1.93 4.11 0.64
C3B HEC D . 1.91 2.89 1.23
C4B HEC D . 2.31 3.09 2.60
CMB HEC D . 1.59 4.46 -0.78
CAB HEC D . 1.55 1.58 0.61
CBB HEC D . 2.15 1.35 -0.78
NC HEC D . 3.30 3.46 5.45
C1C HEC D . 2.84 2.26 4.94
C2C HEC D . 2.99 1.20 5.91
C3C HEC D . 3.53 1.76 7.02
C4C HEC D . 3.73 3.16 6.73
CMC HEC D . 2.59 -0.23 5.70
CAC HEC D . 3.87 1.08 8.32
CBC HEC D . 4.18 -0.40 8.18
ND HEC D . 4.31 6.03 6.14
C1D HEC D . 4.61 5.40 7.32
C2D HEC D . 5.32 6.29 8.21
C3D HEC D . 5.45 7.47 7.55
C4D HEC D . 4.82 7.31 6.26
CMD HEC D . 5.80 5.94 9.59
CAD HEC D . 6.12 8.72 8.04
CBD HEC D . 7.41 9.07 7.31
CGD HEC D . 8.44 7.95 7.46
O1D HEC D . 8.07 6.92 8.07
O2D HEC D . 9.57 8.15 6.95
HHA HEC D . 5.21 9.28 5.52
HHB HEC D . 2.06 6.85 0.50
HHC HEC D . 2.16 1.05 3.22
HHD HEC D . 4.46 3.74 8.67
HMA1 HEC D . 3.29 8.83 -0.12
HMA2 HEC D . 1.88 9.52 0.72
HMA3 HEC D . 3.42 10.41 0.72
HAA1 HEC D . 3.74 11.34 2.83
HAA2 HEC D . 4.53 10.86 4.35
HBA1 HEC D . 6.45 10.07 2.76
HBA2 HEC D . 5.69 11.21 1.62
HMB1 HEC D . 1.94 3.66 -1.44
HMB2 HEC D . 0.50 4.56 -0.88
HMB3 HEC D . 2.07 5.39 -1.05
HAB HEC D . 1.91 0.76 1.25
HBB1 HEC D . 1.43 1.63 -1.54
HBB2 HEC D . 3.05 1.97 -0.88
HBB3 HEC D . 2.42 0.30 -0.90
HMC1 HEC D . 3.41 -0.88 6.01
HMC2 HEC D . 1.70 -0.46 6.30
HMC3 HEC D . 2.37 -0.39 4.64
HAC HEC D . 4.76 1.56 8.75
HBC1 HEC D . 3.25 -0.95 8.00
HBC2 HEC D . 4.85 -0.56 7.34
HBC3 HEC D . 4.64 -0.77 9.09
HMD1 HEC D . 5.18 5.14 9.99
HMD2 HEC D . 6.84 5.59 9.53
HMD3 HEC D . 5.75 6.82 10.22
HAD1 HEC D . 5.44 9.56 7.91
HAD2 HEC D . 6.37 8.62 9.10
HBD1 HEC D . 7.20 9.20 6.24
HBD2 HEC D . 7.83 9.99 7.72
FE HEC E . -6.42 5.29 -1.63
CHA HEC E . -6.24 3.55 -4.71
CHB HEC E . -9.79 5.80 -2.26
CHC HEC E . -6.74 6.66 1.43
CHD HEC E . -3.03 4.87 -1.29
NA HEC E . -7.73 4.80 -3.19
C1A HEC E . -7.48 4.05 -4.33
C2A HEC E . -8.70 3.84 -5.07
C3A HEC E . -9.69 4.45 -4.39
C4A HEC E . -9.09 5.06 -3.22
CMA HEC E . -11.15 4.53 -4.75
CAA HEC E . -8.81 3.06 -6.35
CBA HEC E . -9.87 1.97 -6.34
CGA HEC E . -10.47 1.76 -7.72
O1A HEC E . -10.60 2.78 -8.44
O2A HEC E . -10.78 0.59 -8.03
NB HEC E . -7.98 5.98 -0.61
C1B HEC E . -9.25 6.27 -1.07
C2B HEC E . -9.94 7.14 -0.15
C3B HEC E . -9.10 7.37 0.88
C4B HEC E . -7.87 6.66 0.60
CMB HEC E . -11.34 7.64 -0.32
CAB HEC E . -9.34 8.21 2.10
CBB HEC E . -9.60 7.40 3.37
NC HEC E . -5.14 5.57 -0.17
C1C HEC E . -5.39 6.23 1.01
C2C HEC E . -4.16 6.55 1.69
C3C HEC E . -3.15 6.09 0.92
C4C HEC E . -3.76 5.48 -0.24
CMC HEC E . -4.06 7.27 3.01
CAC HEC E . -1.68 6.17 1.18
CBC HEC E . -1.27 5.79 2.59
ND HEC E . -4.94 4.44 -2.80
C1D HEC E . -3.61 4.30 -2.42
C2D HEC E . -2.91 3.46 -3.35
C3D HEC E . -3.80 3.09 -4.31
C4D HEC E . -5.05 3.70 -3.97
CMD HEC E . -1.45 3.10 -3.26
CAD HEC E . -3.55 2.22 -5.50
CBD HEC E . -2.67 2.86 -6.57
CGD HEC E . -2.63 2.02 -7.83
O1D HEC E . -2.80 2.62 -8.92
O2D HEC E . -2.44 0.79 -7.70
HHA HEC E . -6.17 3.01 -5.66
HHB HEC E . -10.85 6.01 -2.46
HHC HEC E . -6.87 6.99 2.46
HHD HEC E . -1.95 4.86 -1.21
HMA1 HEC E . -11.28 4.29 -5.80
HMA2 HEC E . -11.71 3.82 -4.14
HMA3 HEC E . -11.51 5.54 -4.56
HAA1 HEC E . -9.06 3.74 -7.17
HAA2 HEC E . -7.86 2.57 -6.56
HBA1 HEC E . -9.43 1.03 -6.00
HBA2 HEC E . -10.68 2.25 -5.65
HMB1 HEC E . -11.30 8.67 -0.69
HMB2 HEC E . -11.86 7.02 -1.05
HMB3 HEC E . -11.86 7.61 0.63
HAB HEC E . -8.46 8.84 2.29
HBB1 HEC E . -9.74 8.08 4.21
HBB2 HEC E . -10.50 6.80 3.24
HBB3 HEC E . -8.76 6.75 3.57
HMC1 HEC E . -3.50 8.19 2.88
HMC2 HEC E . -5.07 7.50 3.37
HMC3 HEC E . -3.55 6.63 3.73
HAC HEC E . -1.15 5.51 0.49
HBC1 HEC E . -1.77 4.86 2.87
HBC2 HEC E . -0.19 5.65 2.64
HBC3 HEC E . -1.56 6.58 3.29
HMD1 HEC E . -1.24 2.28 -3.93
HMD2 HEC E . -0.84 3.96 -3.51
HMD3 HEC E . -1.23 2.79 -2.23
HAD1 HEC E . -3.06 1.30 -5.20
HAD2 HEC E . -4.51 1.99 -5.98
HBD1 HEC E . -3.04 3.85 -6.82
HBD2 HEC E . -1.64 2.95 -6.19
N ALA A 1 19.12 -10.88 -0.77
CA ALA A 1 17.81 -10.43 -1.18
C ALA A 1 17.94 -9.11 -1.94
N PRO A 2 16.98 -8.88 -2.84
CA PRO A 2 16.90 -7.69 -3.67
C PRO A 2 17.15 -6.46 -2.82
N LYS A 3 18.04 -5.59 -3.27
CA LYS A 3 18.35 -4.38 -2.53
C LYS A 3 17.15 -3.42 -2.59
N ALA A 4 17.39 -2.20 -2.17
CA ALA A 4 16.34 -1.19 -2.17
C ALA A 4 16.71 -0.10 -3.18
N PRO A 5 16.24 -0.30 -4.41
CA PRO A 5 16.46 0.60 -5.53
C PRO A 5 16.33 2.04 -5.05
N ALA A 6 16.85 2.97 -5.83
CA ALA A 6 16.79 4.37 -5.47
C ALA A 6 15.35 4.88 -5.64
N ASP A 7 14.98 5.81 -4.78
CA ASP A 7 13.64 6.38 -4.83
C ASP A 7 13.28 6.72 -6.27
N GLY A 8 12.01 7.00 -6.49
CA GLY A 8 11.52 7.33 -7.82
C GLY A 8 10.50 6.30 -8.31
N LEU A 9 9.80 5.71 -7.35
CA LEU A 9 8.79 4.71 -7.67
C LEU A 9 7.41 5.24 -7.30
N LYS A 10 6.55 5.30 -8.31
CA LYS A 10 5.20 5.78 -8.11
C LYS A 10 4.21 4.80 -8.73
N MET A 11 3.06 4.67 -8.08
CA MET A 11 2.02 3.77 -8.56
C MET A 11 0.80 4.55 -9.04
N GLU A 12 0.51 4.40 -10.33
CA GLU A 12 -0.62 5.08 -10.93
C GLU A 12 -1.24 4.21 -12.02
N ALA A 13 -1.65 3.01 -11.63
CA ALA A 13 -2.27 2.08 -12.56
C ALA A 13 -3.74 2.44 -12.73
N THR A 14 -4.35 2.89 -11.64
CA THR A 14 -5.75 3.27 -11.67
C THR A 14 -5.89 4.77 -11.97
N LYS A 15 -7.03 5.31 -11.58
CA LYS A 15 -7.30 6.72 -11.79
C LYS A 15 -6.82 7.53 -10.59
N GLN A 16 -5.78 7.00 -9.95
CA GLN A 16 -5.22 7.66 -8.78
C GLN A 16 -3.75 7.25 -8.61
N PRO A 17 -2.86 8.18 -8.97
CA PRO A 17 -1.43 8.02 -8.90
C PRO A 17 -0.96 8.27 -7.47
N VAL A 18 -0.18 7.36 -6.93
CA VAL A 18 0.33 7.50 -5.57
C VAL A 18 1.82 7.16 -5.54
N VAL A 19 2.61 8.17 -5.21
CA VAL A 19 4.05 7.98 -5.15
C VAL A 19 4.43 7.42 -3.78
N PHE A 20 5.47 6.60 -3.76
CA PHE A 20 5.94 5.99 -2.54
C PHE A 20 7.45 5.80 -2.56
N ASN A 21 8.12 6.49 -1.65
CA ASN A 21 9.57 6.40 -1.55
C ASN A 21 9.95 5.36 -0.50
N HIS A 22 10.89 4.50 -0.86
CA HIS A 22 11.37 3.43 0.02
C HIS A 22 12.10 4.06 1.22
N SER A 23 12.66 5.23 1.00
CA SER A 23 13.38 5.93 2.06
C SER A 23 12.42 6.26 3.21
N THR A 24 11.20 6.62 2.83
CA THR A 24 10.18 6.97 3.80
C THR A 24 9.52 5.71 4.36
N HIS A 25 10.01 4.57 3.90
CA HIS A 25 9.52 3.26 4.31
C HIS A 25 10.66 2.24 4.32
N LYS A 26 11.77 2.62 4.94
CA LYS A 26 12.93 1.75 5.02
C LYS A 26 13.02 1.15 6.42
N SER A 27 12.20 1.70 7.32
CA SER A 27 12.18 1.23 8.69
C SER A 27 11.09 0.18 8.86
N VAL A 28 10.74 -0.46 7.75
CA VAL A 28 9.72 -1.49 7.77
C VAL A 28 10.22 -2.71 7.00
N LYS A 29 9.96 -3.88 7.57
CA LYS A 29 10.37 -5.13 6.96
C LYS A 29 9.79 -5.21 5.55
N CYS A 30 10.65 -5.56 4.61
CA CYS A 30 10.23 -5.68 3.22
C CYS A 30 9.05 -6.65 3.16
N GLY A 31 9.00 -7.53 4.15
CA GLY A 31 7.92 -8.51 4.22
C GLY A 31 6.61 -7.86 4.64
N ASP A 32 6.69 -6.56 4.91
CA ASP A 32 5.51 -5.81 5.32
C ASP A 32 4.72 -5.39 4.08
N CYS A 33 5.44 -5.12 3.01
CA CYS A 33 4.83 -4.71 1.77
C CYS A 33 4.95 -5.86 0.77
N HIS A 34 6.13 -6.46 0.73
CA HIS A 34 6.43 -7.58 -0.16
C HIS A 34 6.21 -8.91 0.59
N HIS A 35 4.94 -9.32 0.64
CA HIS A 35 4.55 -10.56 1.31
C HIS A 35 4.82 -11.76 0.38
N PRO A 36 4.96 -12.94 1.00
CA PRO A 36 5.21 -14.19 0.31
C PRO A 36 4.01 -14.55 -0.55
N VAL A 37 4.27 -14.99 -1.77
CA VAL A 37 3.20 -15.37 -2.68
C VAL A 37 3.56 -16.68 -3.37
N ASN A 38 4.46 -16.58 -4.34
CA ASN A 38 4.90 -17.75 -5.08
C ASN A 38 5.87 -18.56 -4.23
N GLY A 39 5.35 -19.10 -3.14
CA GLY A 39 6.16 -19.90 -2.23
C GLY A 39 7.53 -19.25 -2.02
N LYS A 40 7.55 -17.93 -2.12
CA LYS A 40 8.78 -17.19 -1.94
C LYS A 40 8.48 -15.68 -2.04
N GLU A 41 9.06 -14.95 -1.11
CA GLU A 41 8.87 -13.50 -1.07
C GLU A 41 8.78 -12.95 -2.50
N ASP A 42 7.64 -12.35 -2.80
CA ASP A 42 7.41 -11.77 -4.11
C ASP A 42 7.63 -10.26 -4.04
N TYR A 43 8.19 -9.73 -5.13
CA TYR A 43 8.46 -8.30 -5.23
C TYR A 43 7.94 -7.77 -6.55
N ARG A 44 6.95 -8.44 -7.12
CA ARG A 44 6.38 -8.01 -8.39
C ARG A 44 5.20 -7.07 -8.14
N LYS A 45 4.75 -6.44 -9.22
CA LYS A 45 3.63 -5.52 -9.14
C LYS A 45 2.59 -6.07 -8.17
N CYS A 46 2.16 -5.23 -7.26
CA CYS A 46 1.17 -5.62 -6.26
C CYS A 46 0.00 -6.27 -7.01
N GLY A 47 -0.37 -5.67 -8.13
CA GLY A 47 -1.46 -6.18 -8.94
C GLY A 47 -1.00 -7.31 -9.84
N THR A 48 -0.62 -6.94 -11.06
CA THR A 48 -0.15 -7.92 -12.03
C THR A 48 -1.20 -9.03 -12.21
N ALA A 49 -1.20 -9.60 -13.41
CA ALA A 49 -2.14 -10.66 -13.73
C ALA A 49 -1.76 -11.92 -12.96
N GLY A 50 -2.70 -12.37 -12.13
CA GLY A 50 -2.48 -13.56 -11.33
C GLY A 50 -2.63 -13.26 -9.83
N CYS A 51 -2.72 -11.97 -9.53
CA CYS A 51 -2.87 -11.53 -8.16
C CYS A 51 -3.99 -10.49 -8.10
N HIS A 52 -3.75 -9.44 -7.32
CA HIS A 52 -4.69 -8.34 -7.13
C HIS A 52 -4.95 -7.65 -8.48
N ASP A 53 -5.74 -8.29 -9.32
CA ASP A 53 -6.05 -7.75 -10.63
C ASP A 53 -7.50 -7.24 -10.62
N SER A 54 -7.98 -6.94 -9.43
CA SER A 54 -9.33 -6.44 -9.28
C SER A 54 -9.31 -4.95 -8.90
N MET A 55 -10.00 -4.16 -9.70
CA MET A 55 -10.06 -2.72 -9.46
C MET A 55 -11.51 -2.23 -9.47
N ASP A 56 -12.31 -2.83 -8.59
CA ASP A 56 -13.71 -2.46 -8.48
C ASP A 56 -14.00 -1.99 -7.04
N LYS A 57 -15.29 -1.90 -6.74
CA LYS A 57 -15.71 -1.46 -5.42
C LYS A 57 -16.96 -2.24 -5.01
N LYS A 58 -16.75 -3.29 -4.23
CA LYS A 58 -17.84 -4.11 -3.76
C LYS A 58 -17.28 -5.43 -3.21
N ASP A 59 -16.30 -5.96 -3.93
CA ASP A 59 -15.68 -7.21 -3.53
C ASP A 59 -14.53 -6.92 -2.57
N LYS A 60 -14.66 -7.45 -1.36
CA LYS A 60 -13.65 -7.25 -0.34
C LYS A 60 -12.83 -8.53 -0.18
N SER A 61 -12.40 -9.07 -1.31
CA SER A 61 -11.62 -10.29 -1.31
C SER A 61 -10.12 -9.95 -1.35
N ALA A 62 -9.31 -11.00 -1.34
CA ALA A 62 -7.87 -10.83 -1.37
C ALA A 62 -7.44 -10.44 -2.80
N LYS A 63 -8.41 -10.45 -3.69
CA LYS A 63 -8.15 -10.10 -5.08
C LYS A 63 -8.39 -8.60 -5.27
N GLY A 64 -8.85 -7.96 -4.21
CA GLY A 64 -9.11 -6.53 -4.25
C GLY A 64 -7.81 -5.73 -4.18
N TYR A 65 -7.61 -4.91 -5.21
CA TYR A 65 -6.42 -4.07 -5.31
C TYR A 65 -6.49 -2.97 -4.27
N TYR A 66 -7.59 -2.22 -4.27
CA TYR A 66 -7.77 -1.13 -3.33
C TYR A 66 -8.16 -1.68 -1.97
N HIS A 67 -8.24 -2.99 -1.86
CA HIS A 67 -8.60 -3.62 -0.60
C HIS A 67 -7.34 -4.13 0.11
N VAL A 68 -6.23 -4.07 -0.63
CA VAL A 68 -4.95 -4.51 -0.09
C VAL A 68 -4.04 -3.30 0.09
N MET A 69 -4.65 -2.13 0.06
CA MET A 69 -3.89 -0.89 0.22
C MET A 69 -4.77 0.20 0.85
N HIS A 70 -5.75 -0.24 1.62
CA HIS A 70 -6.68 0.65 2.30
C HIS A 70 -7.26 -0.05 3.55
N ASP A 71 -8.10 -1.04 3.30
CA ASP A 71 -8.72 -1.78 4.39
C ASP A 71 -7.65 -2.14 5.43
N LYS A 72 -8.11 -2.30 6.66
CA LYS A 72 -7.20 -2.64 7.74
C LYS A 72 -7.60 -4.00 8.33
N ASN A 73 -8.70 -4.53 7.81
CA ASN A 73 -9.19 -5.81 8.27
C ASN A 73 -8.72 -6.91 7.32
N THR A 74 -7.43 -6.88 7.04
CA THR A 74 -6.84 -7.87 6.14
C THR A 74 -5.76 -8.67 6.87
N LYS A 75 -5.39 -9.79 6.26
CA LYS A 75 -4.38 -10.65 6.84
C LYS A 75 -3.05 -9.89 6.91
N PHE A 76 -2.78 -9.12 5.87
CA PHE A 76 -1.56 -8.34 5.80
C PHE A 76 -1.84 -6.85 5.95
N LYS A 77 -0.82 -6.11 6.32
CA LYS A 77 -0.94 -4.68 6.50
C LYS A 77 -1.16 -4.01 5.14
N SER A 78 -1.70 -2.80 5.18
CA SER A 78 -1.96 -2.05 3.96
C SER A 78 -1.18 -0.74 3.99
N CYS A 79 -1.77 0.27 3.35
CA CYS A 79 -1.15 1.58 3.29
C CYS A 79 -1.85 2.49 4.30
N VAL A 80 -3.17 2.49 4.23
CA VAL A 80 -3.97 3.31 5.13
C VAL A 80 -3.99 2.66 6.52
N GLY A 81 -3.85 1.35 6.52
CA GLY A 81 -3.85 0.60 7.77
C GLY A 81 -2.74 1.09 8.70
N CYS A 82 -1.51 0.76 8.33
CA CYS A 82 -0.37 1.15 9.13
C CYS A 82 -0.55 2.61 9.54
N HIS A 83 -0.87 3.44 8.56
CA HIS A 83 -1.09 4.87 8.75
C HIS A 83 -2.14 5.08 9.86
N VAL A 84 -3.14 4.21 9.87
CA VAL A 84 -4.19 4.30 10.87
C VAL A 84 -3.64 3.86 12.23
N GLU A 85 -2.74 2.89 12.19
CA GLU A 85 -2.13 2.37 13.40
C GLU A 85 -0.98 3.28 13.85
N VAL A 86 -0.70 4.27 13.02
CA VAL A 86 0.37 5.22 13.32
C VAL A 86 -0.19 6.39 14.12
N ALA A 87 -1.25 6.99 13.57
CA ALA A 87 -1.88 8.12 14.21
C ALA A 87 -2.06 7.81 15.71
N GLY A 88 -2.42 8.85 16.45
CA GLY A 88 -2.62 8.71 17.88
C GLY A 88 -3.81 9.55 18.36
N ALA A 89 -3.68 10.86 18.16
CA ALA A 89 -4.72 11.78 18.56
C ALA A 89 -4.53 13.11 17.83
N ASP A 90 -3.94 13.01 16.65
CA ASP A 90 -3.69 14.20 15.84
C ASP A 90 -4.79 14.32 14.77
N ALA A 91 -5.41 15.49 14.73
CA ALA A 91 -6.47 15.73 13.76
C ALA A 91 -5.86 16.31 12.49
N ALA A 92 -4.59 16.02 12.30
CA ALA A 92 -3.88 16.50 11.12
C ALA A 92 -3.28 15.31 10.37
N LYS A 93 -2.49 14.53 11.08
CA LYS A 93 -1.86 13.37 10.50
C LYS A 93 -2.93 12.36 10.08
N LYS A 94 -4.04 12.40 10.81
CA LYS A 94 -5.15 11.50 10.52
C LYS A 94 -5.93 12.02 9.31
N LYS A 95 -5.47 13.16 8.79
CA LYS A 95 -6.11 13.77 7.64
C LYS A 95 -5.07 13.95 6.52
N ASP A 96 -3.85 13.56 6.84
CA ASP A 96 -2.76 13.67 5.87
C ASP A 96 -2.23 12.27 5.53
N LEU A 97 -2.39 11.37 6.50
CA LEU A 97 -1.93 10.01 6.32
C LEU A 97 -3.09 9.14 5.81
N THR A 98 -4.25 9.38 6.40
CA THR A 98 -5.44 8.63 6.03
C THR A 98 -6.38 9.51 5.21
N GLY A 99 -5.96 10.75 5.02
CA GLY A 99 -6.75 11.71 4.25
C GLY A 99 -7.16 11.13 2.90
N CYS A 100 -8.25 11.66 2.37
CA CYS A 100 -8.74 11.21 1.07
C CYS A 100 -8.32 12.22 0.01
N LYS A 101 -8.45 13.49 0.36
CA LYS A 101 -8.09 14.56 -0.55
C LYS A 101 -7.10 15.50 0.14
N LYS A 102 -6.04 15.84 -0.59
CA LYS A 102 -5.02 16.72 -0.05
C LYS A 102 -3.97 15.90 0.70
N SER A 103 -4.26 14.61 0.84
CA SER A 103 -3.37 13.71 1.52
C SER A 103 -2.11 13.47 0.68
N LYS A 104 -1.05 13.05 1.36
CA LYS A 104 0.21 12.80 0.70
C LYS A 104 0.00 11.78 -0.43
N CYS A 105 -0.89 10.83 -0.16
CA CYS A 105 -1.21 9.80 -1.13
C CYS A 105 -2.04 10.43 -2.26
N HIS A 106 -3.24 10.88 -1.89
CA HIS A 106 -4.17 11.51 -2.82
C HIS A 106 -4.08 13.04 -2.68
N GLU A 107 -2.89 13.56 -2.95
CA GLU A 107 -2.68 15.00 -2.87
C GLU A 107 -2.93 15.67 -4.22
FE HEC B . 9.62 -2.35 -2.11
CHA HEC B . 8.81 -1.95 -5.48
CHB HEC B . 12.62 -3.80 -3.05
CHC HEC B . 10.50 -2.59 1.18
CHD HEC B . 6.55 -0.97 -1.28
NA HEC B . 10.54 -2.73 -3.90
C1A HEC B . 10.01 -2.59 -5.16
C2A HEC B . 10.88 -3.19 -6.15
C3A HEC B . 11.93 -3.71 -5.48
C4A HEC B . 11.73 -3.42 -4.07
CMA HEC B . 13.13 -4.44 -6.03
CAA HEC B . 10.62 -3.23 -7.63
CBA HEC B . 11.72 -2.58 -8.47
CGA HEC B . 12.71 -3.63 -8.97
O1A HEC B . 12.23 -4.69 -9.43
O2A HEC B . 13.92 -3.34 -8.89
NB HEC B . 11.22 -3.05 -1.15
C1B HEC B . 12.37 -3.61 -1.69
C2B HEC B . 13.29 -3.97 -0.64
C3B HEC B . 12.71 -3.63 0.53
C4B HEC B . 11.42 -3.07 0.22
CMB HEC B . 14.63 -4.60 -0.86
CAB HEC B . 13.26 -3.81 1.92
CBB HEC B . 14.71 -3.39 2.07
NC HEC B . 8.72 -1.81 -0.41
C1C HEC B . 9.21 -2.01 0.88
C2C HEC B . 8.21 -1.65 1.85
C3C HEC B . 7.13 -1.22 1.17
C4C HEC B . 7.43 -1.32 -0.23
CMC HEC B . 8.40 -1.73 3.34
CAC HEC B . 5.82 -0.73 1.72
CBC HEC B . 5.92 -0.21 3.16
ND HEC B . 8.03 -1.58 -3.15
C1D HEC B . 6.83 -1.14 -2.63
C2D HEC B . 5.89 -0.84 -3.68
C3D HEC B . 6.52 -1.10 -4.85
C4D HEC B . 7.85 -1.58 -4.53
CMD HEC B . 4.50 -0.33 -3.48
CAD HEC B . 5.97 -0.97 -6.25
CBD HEC B . 4.79 -1.88 -6.54
CGD HEC B . 3.62 -1.09 -7.11
O1D HEC B . 2.56 -1.09 -6.44
O2D HEC B . 3.80 -0.49 -8.19
HHA HEC B . 8.60 -1.74 -6.53
HHB HEC B . 13.55 -4.26 -3.34
HHC HEC B . 10.78 -2.69 2.23
HHD HEC B . 5.59 -0.56 -0.99
HMA1 HEC B . 12.83 -4.96 -6.95
HMA2 HEC B . 13.91 -3.73 -6.26
HMA3 HEC B . 13.48 -5.17 -5.31
HAA1 HEC B . 10.54 -4.27 -7.96
HAA2 HEC B . 9.70 -2.71 -7.84
HBA1 HEC B . 11.28 -2.09 -9.32
HBA2 HEC B . 12.26 -1.86 -7.86
HMB1 HEC B . 14.79 -5.38 -0.12
HMB2 HEC B . 14.67 -5.04 -1.86
HMB3 HEC B . 15.41 -3.85 -0.76
HAB HEC B . 12.67 -3.22 2.62
HBB1 HEC B . 15.32 -4.26 2.30
HBB2 HEC B . 15.06 -2.95 1.14
HBB3 HEC B . 14.80 -2.66 2.87
HMC1 HEC B . 9.21 -2.40 3.56
HMC2 HEC B . 8.62 -0.73 3.73
HMC3 HEC B . 7.48 -2.09 3.80
HAC HEC B . 5.45 0.10 1.11
HBC1 HEC B . 5.77 -1.03 3.85
HBC2 HEC B . 6.89 0.24 3.32
HBC3 HEC B . 5.14 0.54 3.33
HMD1 HEC B . 4.27 0.43 -4.23
HMD2 HEC B . 3.79 -1.15 -3.58
HMD3 HEC B . 4.41 0.10 -2.49
HAD1 HEC B . 5.64 0.06 -6.41
HAD2 HEC B . 6.76 -1.22 -6.96
HBD1 HEC B . 5.08 -2.64 -7.27
HBD2 HEC B . 4.46 -2.37 -5.62
FE HEC C . -1.07 -9.50 -1.91
CHA HEC C . -3.36 -11.11 0.21
CHB HEC C . -1.28 -6.72 -0.07
CHC HEC C . 1.36 -8.21 -3.89
CHD HEC C . -1.02 -12.50 -3.83
NA HEC C . -2.10 -9.05 -0.26
C1A HEC C . -3.02 -9.79 0.45
C2A HEC C . -3.60 -8.98 1.50
C3A HEC C . -3.02 -7.76 1.43
C4A HEC C . -2.08 -7.81 0.33
CMA HEC C . -3.28 -6.56 2.29
CAA HEC C . -4.65 -9.45 2.48
CBA HEC C . -6.07 -9.03 2.10
CGA HEC C . -7.09 -9.85 2.88
O1A HEC C . -6.74 -10.99 3.27
O2A HEC C . -8.21 -9.31 3.07
NB HEC C . -0.19 -7.83 -1.99
C1B HEC C . -0.35 -6.78 -1.10
C2B HEC C . 0.59 -5.71 -1.41
C3B HEC C . 1.31 -6.13 -2.47
C4B HEC C . 0.85 -7.44 -2.83
CMB HEC C . 0.70 -4.42 -0.65
CAB HEC C . 2.43 -5.39 -3.16
CBB HEC C . 3.57 -4.96 -2.24
NC HEC C . -0.09 -10.22 -3.56
C1C HEC C . 0.74 -9.44 -4.35
C2C HEC C . 1.08 -10.15 -5.56
C3C HEC C . 0.47 -11.35 -5.51
C4C HEC C . -0.25 -11.40 -4.27
CMC HEC C . 1.97 -9.61 -6.66
CAC HEC C . 0.52 -12.46 -6.52
CBC HEC C . 1.93 -12.97 -6.83
ND HEC C . -2.01 -11.42 -1.84
C1D HEC C . -1.84 -12.50 -2.71
C2D HEC C . -2.64 -13.61 -2.28
C3D HEC C . -3.30 -13.23 -1.16
C4D HEC C . -2.90 -11.87 -0.88
CMD HEC C . -2.72 -14.93 -2.99
CAD HEC C . -4.26 -14.04 -0.33
CBD HEC C . -3.59 -15.02 0.61
CGD HEC C . -3.87 -16.46 0.19
O1D HEC C . -4.09 -17.29 1.10
O2D HEC C . -3.88 -16.70 -1.04
HHA HEC C . -4.04 -11.61 0.92
HHB HEC C . -1.39 -5.77 0.46
HHC HEC C . 2.22 -7.82 -4.42
HHD HEC C . -0.98 -13.41 -4.42
HMA1 HEC C . -4.18 -6.73 2.88
HMA2 HEC C . -2.43 -6.41 2.95
HMA3 HEC C . -3.41 -5.68 1.66
HAA1 HEC C . -4.63 -10.54 2.53
HAA2 HEC C . -4.44 -9.02 3.46
HBA1 HEC C . -6.21 -7.98 2.31
HBA2 HEC C . -6.22 -9.22 1.03
HMB1 HEC C . -0.29 -4.15 -0.27
HMB2 HEC C . 1.39 -4.54 0.17
HMB3 HEC C . 1.05 -3.64 -1.32
HAB HEC C . 2.85 -6.02 -3.94
HBB1 HEC C . 3.16 -4.65 -1.28
HBB2 HEC C . 4.25 -5.80 -2.09
HBB3 HEC C . 4.11 -4.14 -2.69
HMC1 HEC C . 1.41 -9.59 -7.59
HMC2 HEC C . 2.27 -8.60 -6.40
HMC3 HEC C . 2.84 -10.25 -6.77
HAC HEC C . -0.06 -13.31 -6.15
HBC1 HEC C . 1.87 -14.01 -7.14
HBC2 HEC C . 2.36 -12.37 -7.62
HBC3 HEC C . 2.54 -12.89 -5.93
HMD1 HEC C . -3.75 -15.28 -3.01
HMD2 HEC C . -2.35 -14.82 -4.01
HMD3 HEC C . -2.11 -15.65 -2.46
HAD1 HEC C . -4.85 -13.36 0.28
HAD2 HEC C . -4.92 -14.60 -0.99
HBD1 HEC C . -2.51 -14.87 0.59
HBD2 HEC C . -3.96 -14.88 1.62
FE HEC D . 3.31 5.13 4.61
CHA HEC D . 4.60 8.34 5.47
CHB HEC D . 2.43 6.52 1.51
CHC HEC D . 2.35 2.10 3.54
CHD HEC D . 4.09 4.05 7.72
NA HEC D . 3.50 7.05 3.68
C1A HEC D . 4.03 8.22 4.20
C2A HEC D . 3.92 9.29 3.25
C3A HEC D . 3.31 8.79 2.16
C4A HEC D . 3.05 7.40 2.42
CMA HEC D . 2.97 9.52 0.88
CAA HEC D . 4.39 10.70 3.49
CBA HEC D . 5.78 10.99 2.92
CGA HEC D . 6.55 11.94 3.81
O1A HEC D . 7.12 12.90 3.25
O2A HEC D . 6.56 11.69 5.04
NB HEC D . 2.52 4.48 2.89
C1B HEC D . 2.28 5.16 1.70
C2B HEC D . 1.86 4.22 0.68
C3B HEC D . 1.85 3.00 1.24
C4B HEC D . 2.24 3.15 2.61
CMB HEC D . 1.53 4.60 -0.74
CAB HEC D . 1.47 1.69 0.59
CBB HEC D . 2.15 1.46 -0.75
NC HEC D . 3.22 3.45 5.48
C1C HEC D . 2.80 2.26 4.92
C2C HEC D . 2.91 1.18 5.88
C3C HEC D . 3.41 1.72 7.02
C4C HEC D . 3.60 3.13 6.77
CMC HEC D . 2.55 -0.24 5.62
CAC HEC D . 3.71 1.03 8.31
CBC HEC D . 4.05 -0.45 8.16
ND HEC D . 4.18 6.03 6.24
C1D HEC D . 4.40 5.38 7.45
C2D HEC D . 5.01 6.28 8.39
C3D HEC D . 5.15 7.47 7.77
C4D HEC D . 4.64 7.32 6.43
CMD HEC D . 5.40 5.92 9.80
CAD HEC D . 5.73 8.74 8.32
CBD HEC D . 4.68 9.76 8.75
CGD HEC D . 5.34 11.02 9.31
O1D HEC D . 6.58 10.98 9.50
O2D HEC D . 4.60 12.00 9.55
HHA HEC D . 5.06 9.29 5.72
HHB HEC D . 2.03 6.95 0.58
HHC HEC D . 2.06 1.10 3.21
HHD HEC D . 4.25 3.68 8.74
HMA1 HEC D . 1.89 9.68 0.85
HMA2 HEC D . 3.49 10.47 0.85
HMA3 HEC D . 3.27 8.91 0.02
HAA1 HEC D . 3.70 11.39 3.02
HAA2 HEC D . 4.44 10.89 4.56
HBA1 HEC D . 6.34 10.05 2.84
HBA2 HEC D . 5.69 11.43 1.93
HMB1 HEC D . 2.42 4.98 -1.23
HMB2 HEC D . 1.16 3.73 -1.27
HMB3 HEC D . 0.76 5.36 -0.73
HAB HEC D . 1.77 0.87 1.24
HBB1 HEC D . 1.40 1.48 -1.55
HBB2 HEC D . 2.89 2.24 -0.94
HBB3 HEC D . 2.63 0.49 -0.75
HMC1 HEC D . 3.36 -0.89 5.94
HMC2 HEC D . 1.64 -0.50 6.17
HMC3 HEC D . 2.38 -0.39 4.55
HAC HEC D . 4.57 1.50 8.78
HBC1 HEC D . 4.47 -0.83 9.09
HBC2 HEC D . 3.13 -1.01 7.94
HBC3 HEC D . 4.76 -0.59 7.34
HMD1 HEC D . 5.74 6.81 10.32
HMD2 HEC D . 4.53 5.50 10.31
HMD3 HEC D . 6.20 5.18 9.78
HAD1 HEC D . 6.33 8.51 9.20
HAD2 HEC D . 6.35 9.22 7.56
HBD1 HEC D . 4.08 10.04 7.90
HBD2 HEC D . 4.05 9.33 9.53
FE HEC E . -6.39 5.52 -1.95
CHA HEC E . -6.14 3.83 -4.99
CHB HEC E . -9.75 6.04 -2.58
CHC HEC E . -6.77 6.81 1.19
CHD HEC E . -3.00 5.13 -1.50
NA HEC E . -7.67 5.03 -3.48
C1A HEC E . -7.38 4.33 -4.64
C2A HEC E . -8.58 4.18 -5.44
C3A HEC E . -9.58 4.79 -4.77
C4A HEC E . -9.02 5.32 -3.55
CMA HEC E . -11.02 4.92 -5.19
CAA HEC E . -8.64 3.47 -6.76
CBA HEC E . -9.33 2.11 -6.70
CGA HEC E . -9.92 1.73 -8.04
O1A HEC E . -11.01 1.12 -8.04
O2A HEC E . -9.26 2.05 -9.06
NB HEC E . -7.95 6.21 -0.90
C1B HEC E . -9.24 6.46 -1.35
C2B HEC E . -9.99 7.21 -0.38
C3B HEC E . -9.16 7.43 0.67
C4B HEC E . -7.89 6.80 0.35
CMB HEC E . -11.41 7.66 -0.54
CAB HEC E . -9.45 8.17 1.94
CBB HEC E . -9.76 7.26 3.13
NC HEC E . -5.12 5.82 -0.42
C1C HEC E . -5.40 6.45 0.78
C2C HEC E . -4.17 6.74 1.50
C3C HEC E . -3.16 6.28 0.74
C4C HEC E . -3.74 5.71 -0.45
CMC HEC E . -4.10 7.42 2.83
CAC HEC E . -1.68 6.32 1.04
CBC HEC E . -1.32 5.86 2.44
ND HEC E . -4.86 4.71 -3.05
C1D HEC E . -3.56 4.54 -2.63
C2D HEC E . -2.85 3.67 -3.54
C3D HEC E . -3.72 3.31 -4.51
C4D HEC E . -4.98 3.96 -4.21
CMD HEC E . -1.41 3.27 -3.38
CAD HEC E . -3.47 2.41 -5.68
CBD HEC E . -2.63 3.05 -6.79
CGD HEC E . -2.61 2.18 -8.03
O1D HEC E . -2.27 0.99 -7.88
O2D HEC E . -2.91 2.72 -9.11
HHA HEC E . -6.05 3.31 -5.94
HHB HEC E . -10.79 6.27 -2.81
HHC HEC E . -6.91 7.12 2.22
HHD HEC E . -1.91 5.12 -1.41
HMA1 HEC E . -11.53 3.98 -4.99
HMA2 HEC E . -11.50 5.71 -4.60
HMA3 HEC E . -11.07 5.16 -6.24
HAA1 HEC E . -9.21 4.08 -7.46
HAA2 HEC E . -7.63 3.31 -7.14
HBA1 HEC E . -8.58 1.35 -6.42
HBA2 HEC E . -10.12 2.13 -5.96
HMB1 HEC E . -11.89 7.06 -1.32
HMB2 HEC E . -11.94 7.52 0.40
HMB3 HEC E . -11.43 8.71 -0.82
HAB HEC E . -8.59 8.78 2.21
HBB1 HEC E . -8.83 6.85 3.52
HBB2 HEC E . -10.27 7.84 3.90
HBB3 HEC E . -10.40 6.45 2.80
HMC1 HEC E . -5.10 7.73 3.15
HMC2 HEC E . -3.69 6.72 3.57
HMC3 HEC E . -3.46 8.29 2.77
HAC HEC E . -1.15 5.69 0.34
HBC1 HEC E . -1.74 4.87 2.63
HBC2 HEC E . -0.24 5.83 2.55
HBC3 HEC E . -1.73 6.57 3.18
HMD1 HEC E . -0.92 3.32 -4.35
HMD2 HEC E . -0.91 3.94 -2.69
HMD3 HEC E . -1.37 2.24 -3.00
HAD1 HEC E . -2.94 1.52 -5.35
HAD2 HEC E . -4.42 2.13 -6.13
HBD1 HEC E . -3.05 4.03 -7.04
HBD2 HEC E . -1.60 3.18 -6.43
N ALA A 1 18.53 -10.92 -3.68
CA ALA A 1 19.05 -9.80 -2.92
C ALA A 1 19.27 -8.61 -3.86
N PRO A 2 18.16 -8.08 -4.38
CA PRO A 2 18.14 -6.96 -5.29
C PRO A 2 18.51 -5.70 -4.54
N LYS A 3 18.38 -5.73 -3.23
CA LYS A 3 18.72 -4.56 -2.41
C LYS A 3 17.78 -3.41 -2.78
N ALA A 4 17.31 -2.72 -1.75
CA ALA A 4 16.41 -1.60 -1.95
C ALA A 4 17.05 -0.62 -2.94
N PRO A 5 16.32 -0.38 -4.04
CA PRO A 5 16.72 0.51 -5.11
C PRO A 5 16.53 1.95 -4.66
N ALA A 6 16.90 2.89 -5.52
CA ALA A 6 16.76 4.30 -5.19
C ALA A 6 15.36 4.78 -5.59
N ASP A 7 14.83 5.68 -4.77
CA ASP A 7 13.51 6.22 -5.02
C ASP A 7 13.30 6.39 -6.53
N GLY A 8 12.05 6.22 -6.95
CA GLY A 8 11.72 6.34 -8.36
C GLY A 8 10.64 5.33 -8.75
N LEU A 9 9.65 5.20 -7.89
CA LEU A 9 8.57 4.27 -8.14
C LEU A 9 7.22 4.98 -7.90
N LYS A 10 6.32 4.81 -8.86
CA LYS A 10 5.01 5.42 -8.77
C LYS A 10 3.94 4.38 -9.12
N MET A 11 2.90 4.36 -8.30
CA MET A 11 1.81 3.43 -8.51
C MET A 11 0.56 4.16 -9.01
N GLU A 12 0.52 4.40 -10.31
CA GLU A 12 -0.60 5.08 -10.91
C GLU A 12 -1.28 4.17 -11.95
N ALA A 13 -1.36 2.89 -11.60
CA ALA A 13 -1.98 1.92 -12.48
C ALA A 13 -3.48 2.19 -12.57
N THR A 14 -3.96 2.95 -11.59
CA THR A 14 -5.38 3.30 -11.54
C THR A 14 -5.57 4.79 -11.84
N LYS A 15 -6.71 5.29 -11.40
CA LYS A 15 -7.04 6.70 -11.60
C LYS A 15 -6.57 7.51 -10.39
N GLN A 16 -5.54 6.99 -9.74
CA GLN A 16 -4.99 7.65 -8.56
C GLN A 16 -3.49 7.34 -8.43
N PRO A 17 -2.69 8.20 -9.07
CA PRO A 17 -1.25 8.10 -9.08
C PRO A 17 -0.70 8.38 -7.68
N VAL A 18 -0.08 7.39 -7.08
CA VAL A 18 0.47 7.56 -5.74
C VAL A 18 1.90 7.03 -5.72
N VAL A 19 2.84 7.95 -5.50
CA VAL A 19 4.25 7.58 -5.46
C VAL A 19 4.62 7.21 -4.02
N PHE A 20 5.54 6.27 -3.92
CA PHE A 20 6.00 5.81 -2.62
C PHE A 20 7.51 5.54 -2.62
N ASN A 21 8.22 6.31 -1.83
CA ASN A 21 9.67 6.16 -1.73
C ASN A 21 10.00 5.20 -0.60
N HIS A 22 10.99 4.34 -0.86
CA HIS A 22 11.45 3.34 0.11
C HIS A 22 12.12 4.05 1.30
N SER A 23 12.75 5.17 1.02
CA SER A 23 13.42 5.93 2.06
C SER A 23 12.43 6.28 3.17
N THR A 24 11.21 6.61 2.76
CA THR A 24 10.17 6.96 3.71
C THR A 24 9.55 5.69 4.31
N HIS A 25 10.05 4.54 3.85
CA HIS A 25 9.58 3.24 4.30
C HIS A 25 10.74 2.22 4.23
N LYS A 26 11.87 2.60 4.80
CA LYS A 26 13.03 1.74 4.81
C LYS A 26 13.19 1.10 6.19
N SER A 27 12.50 1.70 7.16
CA SER A 27 12.56 1.20 8.53
C SER A 27 11.43 0.19 8.76
N VAL A 28 11.11 -0.55 7.70
CA VAL A 28 10.08 -1.56 7.77
C VAL A 28 10.52 -2.81 7.01
N LYS A 29 10.24 -3.95 7.60
CA LYS A 29 10.60 -5.22 6.98
C LYS A 29 9.97 -5.31 5.60
N CYS A 30 10.78 -5.78 4.65
CA CYS A 30 10.32 -5.92 3.28
C CYS A 30 9.10 -6.85 3.27
N GLY A 31 9.04 -7.70 4.29
CA GLY A 31 7.94 -8.64 4.40
C GLY A 31 6.66 -7.93 4.85
N ASP A 32 6.80 -6.64 5.14
CA ASP A 32 5.67 -5.85 5.58
C ASP A 32 4.87 -5.39 4.35
N CYS A 33 5.59 -5.17 3.27
CA CYS A 33 4.96 -4.73 2.04
C CYS A 33 5.00 -5.89 1.04
N HIS A 34 6.18 -6.48 0.90
CA HIS A 34 6.40 -7.60 0.00
C HIS A 34 6.16 -8.93 0.74
N HIS A 35 4.88 -9.25 0.93
CA HIS A 35 4.46 -10.47 1.61
C HIS A 35 4.81 -11.70 0.75
N PRO A 36 4.89 -12.85 1.41
CA PRO A 36 5.21 -14.13 0.80
C PRO A 36 4.11 -14.50 -0.19
N VAL A 37 4.50 -14.86 -1.40
CA VAL A 37 3.54 -15.24 -2.41
C VAL A 37 3.99 -16.54 -3.08
N ASN A 38 3.23 -17.60 -2.83
CA ASN A 38 3.53 -18.89 -3.39
C ASN A 38 4.77 -19.47 -2.70
N GLY A 39 4.84 -19.26 -1.40
CA GLY A 39 5.96 -19.74 -0.62
C GLY A 39 7.29 -19.26 -1.21
N LYS A 40 7.31 -17.97 -1.54
CA LYS A 40 8.51 -17.37 -2.12
C LYS A 40 8.31 -15.86 -2.21
N GLU A 41 8.94 -15.16 -1.29
CA GLU A 41 8.85 -13.71 -1.25
C GLU A 41 8.73 -13.15 -2.68
N ASP A 42 7.72 -12.33 -2.87
CA ASP A 42 7.49 -11.73 -4.18
C ASP A 42 7.66 -10.21 -4.06
N TYR A 43 8.14 -9.62 -5.16
CA TYR A 43 8.37 -8.19 -5.21
C TYR A 43 7.82 -7.63 -6.52
N ARG A 44 6.91 -8.37 -7.14
CA ARG A 44 6.33 -7.93 -8.41
C ARG A 44 5.16 -6.96 -8.14
N LYS A 45 4.73 -6.32 -9.20
CA LYS A 45 3.63 -5.37 -9.10
C LYS A 45 2.57 -5.91 -8.14
N CYS A 46 2.25 -5.09 -7.16
CA CYS A 46 1.26 -5.48 -6.16
C CYS A 46 0.08 -6.15 -6.88
N GLY A 47 -0.30 -5.55 -8.00
CA GLY A 47 -1.40 -6.08 -8.79
C GLY A 47 -0.92 -7.18 -9.73
N THR A 48 -0.61 -6.78 -10.96
CA THR A 48 -0.14 -7.72 -11.96
C THR A 48 -1.15 -8.86 -12.13
N ALA A 49 -1.17 -9.41 -13.34
CA ALA A 49 -2.08 -10.49 -13.64
C ALA A 49 -1.66 -11.74 -12.86
N GLY A 50 -2.60 -12.25 -12.07
CA GLY A 50 -2.34 -13.43 -11.27
C GLY A 50 -2.49 -13.11 -9.78
N CYS A 51 -2.68 -11.84 -9.48
CA CYS A 51 -2.83 -11.39 -8.11
C CYS A 51 -3.95 -10.34 -8.07
N HIS A 52 -3.72 -9.32 -7.25
CA HIS A 52 -4.67 -8.22 -7.08
C HIS A 52 -4.89 -7.50 -8.43
N ASP A 53 -5.76 -8.10 -9.24
CA ASP A 53 -6.07 -7.53 -10.55
C ASP A 53 -7.52 -7.06 -10.55
N SER A 54 -8.01 -6.73 -9.37
CA SER A 54 -9.39 -6.27 -9.24
C SER A 54 -9.40 -4.75 -9.04
N MET A 55 -10.09 -4.07 -9.95
CA MET A 55 -10.19 -2.63 -9.89
C MET A 55 -11.63 -2.16 -10.09
N ASP A 56 -12.51 -2.65 -9.22
CA ASP A 56 -13.91 -2.31 -9.30
C ASP A 56 -14.37 -1.76 -7.94
N LYS A 57 -15.59 -1.24 -7.93
CA LYS A 57 -16.15 -0.69 -6.71
C LYS A 57 -17.28 -1.59 -6.22
N LYS A 58 -16.89 -2.67 -5.56
CA LYS A 58 -17.85 -3.62 -5.04
C LYS A 58 -17.14 -4.93 -4.70
N ASP A 59 -16.87 -5.70 -5.74
CA ASP A 59 -16.19 -6.98 -5.57
C ASP A 59 -15.09 -6.83 -4.50
N LYS A 60 -15.23 -7.62 -3.44
CA LYS A 60 -14.27 -7.58 -2.36
C LYS A 60 -13.26 -8.71 -2.54
N SER A 61 -12.87 -9.32 -1.43
CA SER A 61 -11.91 -10.41 -1.45
C SER A 61 -10.49 -9.84 -1.40
N ALA A 62 -9.53 -10.76 -1.29
CA ALA A 62 -8.14 -10.37 -1.23
C ALA A 62 -7.69 -9.88 -2.61
N LYS A 63 -8.50 -10.19 -3.61
CA LYS A 63 -8.20 -9.79 -4.97
C LYS A 63 -8.23 -8.26 -5.07
N GLY A 64 -9.12 -7.67 -4.27
CA GLY A 64 -9.25 -6.22 -4.26
C GLY A 64 -7.88 -5.54 -4.20
N TYR A 65 -7.63 -4.69 -5.19
CA TYR A 65 -6.38 -3.95 -5.27
C TYR A 65 -6.33 -2.90 -4.19
N TYR A 66 -7.40 -2.09 -4.08
CA TYR A 66 -7.46 -1.04 -3.09
C TYR A 66 -7.81 -1.64 -1.73
N HIS A 67 -8.16 -2.91 -1.71
CA HIS A 67 -8.51 -3.57 -0.47
C HIS A 67 -7.25 -4.17 0.16
N VAL A 68 -6.17 -4.13 -0.59
CA VAL A 68 -4.90 -4.66 -0.12
C VAL A 68 -3.92 -3.51 0.10
N MET A 69 -4.49 -2.32 0.26
CA MET A 69 -3.68 -1.12 0.49
C MET A 69 -4.50 -0.01 1.14
N HIS A 70 -5.51 -0.44 1.90
CA HIS A 70 -6.41 0.48 2.60
C HIS A 70 -6.87 -0.17 3.91
N ASP A 71 -7.78 -1.13 3.79
CA ASP A 71 -8.31 -1.82 4.95
C ASP A 71 -7.16 -2.39 5.77
N LYS A 72 -7.44 -2.65 7.04
CA LYS A 72 -6.43 -3.19 7.93
C LYS A 72 -6.83 -4.62 8.33
N ASN A 73 -8.13 -4.82 8.45
CA ASN A 73 -8.65 -6.13 8.82
C ASN A 73 -7.98 -7.20 7.97
N THR A 74 -7.53 -6.79 6.79
CA THR A 74 -6.87 -7.70 5.87
C THR A 74 -5.86 -8.57 6.63
N LYS A 75 -5.44 -9.64 5.97
CA LYS A 75 -4.48 -10.56 6.55
C LYS A 75 -3.17 -9.80 6.82
N PHE A 76 -2.81 -8.95 5.88
CA PHE A 76 -1.59 -8.17 6.00
C PHE A 76 -1.89 -6.69 6.24
N LYS A 77 -0.85 -5.95 6.59
CA LYS A 77 -1.01 -4.52 6.84
C LYS A 77 -1.26 -3.79 5.53
N SER A 78 -1.84 -2.61 5.64
CA SER A 78 -2.14 -1.81 4.46
C SER A 78 -1.39 -0.48 4.55
N CYS A 79 -1.69 0.38 3.58
CA CYS A 79 -1.05 1.69 3.53
C CYS A 79 -1.74 2.60 4.55
N VAL A 80 -3.06 2.50 4.59
CA VAL A 80 -3.85 3.30 5.51
C VAL A 80 -3.78 2.69 6.91
N GLY A 81 -3.76 1.37 6.94
CA GLY A 81 -3.69 0.65 8.20
C GLY A 81 -2.56 1.18 9.08
N CYS A 82 -1.34 0.91 8.65
CA CYS A 82 -0.17 1.36 9.38
C CYS A 82 -0.38 2.82 9.78
N HIS A 83 -0.78 3.62 8.80
CA HIS A 83 -1.03 5.05 8.99
C HIS A 83 -2.11 5.24 10.07
N VAL A 84 -3.04 4.30 10.11
CA VAL A 84 -4.12 4.36 11.08
C VAL A 84 -3.56 4.08 12.48
N GLU A 85 -2.56 3.20 12.51
CA GLU A 85 -1.93 2.83 13.76
C GLU A 85 -0.84 3.85 14.14
N VAL A 86 -0.64 4.80 13.24
CA VAL A 86 0.36 5.83 13.46
C VAL A 86 -0.34 7.18 13.62
N ALA A 87 -1.08 7.55 12.59
CA ALA A 87 -1.80 8.82 12.61
C ALA A 87 -2.95 8.73 13.62
N GLY A 88 -2.58 8.51 14.87
CA GLY A 88 -3.57 8.40 15.92
C GLY A 88 -3.18 9.26 17.13
N ALA A 89 -2.33 10.24 16.86
CA ALA A 89 -1.87 11.14 17.91
C ALA A 89 -2.38 12.56 17.62
N ASP A 90 -2.59 12.83 16.34
CA ASP A 90 -3.07 14.13 15.92
C ASP A 90 -4.35 13.95 15.11
N ALA A 91 -5.09 15.04 14.97
CA ALA A 91 -6.33 15.02 14.22
C ALA A 91 -6.03 15.27 12.74
N ALA A 92 -5.62 16.50 12.46
CA ALA A 92 -5.30 16.89 11.09
C ALA A 92 -4.47 15.78 10.44
N LYS A 93 -3.46 15.33 11.18
CA LYS A 93 -2.58 14.29 10.68
C LYS A 93 -3.43 13.08 10.25
N LYS A 94 -4.51 12.86 10.98
CA LYS A 94 -5.41 11.76 10.69
C LYS A 94 -6.22 12.09 9.43
N LYS A 95 -5.97 13.27 8.91
CA LYS A 95 -6.67 13.72 7.71
C LYS A 95 -5.65 13.93 6.58
N ASP A 96 -4.40 13.62 6.89
CA ASP A 96 -3.33 13.78 5.91
C ASP A 96 -2.72 12.41 5.61
N LEU A 97 -2.81 11.52 6.59
CA LEU A 97 -2.27 10.18 6.45
C LEU A 97 -3.39 9.23 6.03
N THR A 98 -4.53 9.38 6.71
CA THR A 98 -5.68 8.53 6.43
C THR A 98 -6.76 9.35 5.70
N GLY A 99 -6.43 10.60 5.42
CA GLY A 99 -7.36 11.48 4.73
C GLY A 99 -7.55 11.04 3.28
N CYS A 100 -8.71 11.39 2.73
CA CYS A 100 -9.02 11.04 1.36
C CYS A 100 -8.58 12.19 0.46
N LYS A 101 -8.94 13.40 0.86
CA LYS A 101 -8.57 14.58 0.10
C LYS A 101 -7.49 15.36 0.85
N LYS A 102 -6.60 15.95 0.09
CA LYS A 102 -5.51 16.73 0.67
C LYS A 102 -4.53 15.78 1.36
N SER A 103 -4.76 14.48 1.17
CA SER A 103 -3.91 13.47 1.77
C SER A 103 -2.63 13.31 0.94
N LYS A 104 -1.57 12.92 1.63
CA LYS A 104 -0.29 12.72 0.98
C LYS A 104 -0.45 11.74 -0.18
N CYS A 105 -1.19 10.68 0.09
CA CYS A 105 -1.44 9.66 -0.92
C CYS A 105 -2.30 10.27 -2.02
N HIS A 106 -3.49 10.74 -1.61
CA HIS A 106 -4.45 11.35 -2.52
C HIS A 106 -4.39 12.88 -2.37
N GLU A 107 -3.23 13.44 -2.68
CA GLU A 107 -3.05 14.88 -2.58
C GLU A 107 -3.36 15.55 -3.92
FE HEC B . 9.78 -2.49 -1.97
CHA HEC B . 8.89 -1.98 -5.31
CHB HEC B . 12.65 -4.01 -2.99
CHC HEC B . 10.67 -2.79 1.29
CHD HEC B . 6.74 -1.02 -1.04
NA HEC B . 10.60 -2.87 -3.78
C1A HEC B . 10.08 -2.65 -5.04
C2A HEC B . 10.93 -3.21 -6.05
C3A HEC B . 11.99 -3.78 -5.41
C4A HEC B . 11.78 -3.57 -4.00
CMA HEC B . 13.16 -4.49 -6.01
CAA HEC B . 10.68 -3.16 -7.52
CBA HEC B . 10.41 -4.53 -8.16
CGA HEC B . 11.68 -5.11 -8.75
O1A HEC B . 12.01 -6.26 -8.38
O2A HEC B . 12.32 -4.40 -9.56
NB HEC B . 11.33 -3.23 -1.06
C1B HEC B . 12.44 -3.84 -1.63
C2B HEC B . 13.36 -4.28 -0.60
C3B HEC B . 12.81 -3.93 0.59
C4B HEC B . 11.55 -3.29 0.31
CMB HEC B . 14.67 -4.96 -0.85
CAB HEC B . 13.37 -4.17 1.96
CBB HEC B . 14.85 -3.80 2.10
NC HEC B . 8.90 -1.92 -0.24
C1C HEC B . 9.41 -2.15 1.02
C2C HEC B . 8.45 -1.77 2.03
C3C HEC B . 7.36 -1.31 1.38
C4C HEC B . 7.64 -1.41 -0.04
CMC HEC B . 8.66 -1.88 3.51
CAC HEC B . 6.08 -0.80 1.97
CBC HEC B . 6.21 -0.35 3.43
ND HEC B . 8.16 -1.63 -2.97
C1D HEC B . 6.99 -1.16 -2.41
C2D HEC B . 6.04 -0.80 -3.44
C3D HEC B . 6.64 -1.07 -4.63
C4D HEC B . 7.95 -1.58 -4.34
CMD HEC B . 4.67 -0.26 -3.21
CAD HEC B . 6.07 -0.88 -6.01
CBD HEC B . 5.00 -1.90 -6.38
CGD HEC B . 4.41 -1.59 -7.75
O1D HEC B . 3.24 -1.98 -7.97
O2D HEC B . 5.14 -0.97 -8.56
HHA HEC B . 8.65 -1.74 -6.36
HHB HEC B . 13.57 -4.52 -3.30
HHC HEC B . 10.96 -2.92 2.33
HHD HEC B . 5.79 -0.59 -0.73
HMA1 HEC B . 14.05 -4.29 -5.42
HMA2 HEC B . 12.96 -5.56 -6.03
HMA3 HEC B . 13.31 -4.14 -7.03
HAA1 HEC B . 9.81 -2.53 -7.73
HAA2 HEC B . 11.55 -2.73 -8.03
HBA1 HEC B . 10.03 -5.21 -7.41
HBA2 HEC B . 9.67 -4.41 -8.96
HMB1 HEC B . 14.56 -5.64 -1.70
HMB2 HEC B . 15.42 -4.22 -1.07
HMB3 HEC B . 14.95 -5.54 0.04
HAB HEC B . 12.82 -3.57 2.68
HBB1 HEC B . 14.99 -3.25 3.03
HBB2 HEC B . 15.45 -4.70 2.12
HBB3 HEC B . 15.14 -3.18 1.26
HMC1 HEC B . 7.74 -2.21 3.99
HMC2 HEC B . 9.45 -2.61 3.71
HMC3 HEC B . 8.96 -0.90 3.91
HAC HEC B . 5.74 0.07 1.40
HBC1 HEC B . 6.02 -1.20 4.09
HBC2 HEC B . 7.22 0.03 3.61
HBC3 HEC B . 5.48 0.43 3.64
HMD1 HEC B . 4.75 0.73 -2.74
HMD2 HEC B . 4.13 -0.18 -4.15
HMD3 HEC B . 4.12 -0.91 -2.53
HAD1 HEC B . 5.62 0.11 -6.08
HAD2 HEC B . 6.87 -0.97 -6.74
HBD1 HEC B . 5.44 -2.89 -6.41
HBD2 HEC B . 4.20 -1.87 -5.64
FE HEC C . -1.07 -9.41 -1.85
CHA HEC C . -3.34 -11.02 0.25
CHB HEC C . -1.28 -6.63 -0.01
CHC HEC C . 1.37 -8.08 -3.83
CHD HEC C . -0.98 -12.38 -3.78
NA HEC C . -2.08 -8.96 -0.21
C1A HEC C . -3.01 -9.70 0.50
C2A HEC C . -3.59 -8.90 1.55
C3A HEC C . -3.02 -7.68 1.48
C4A HEC C . -2.08 -7.71 0.39
CMA HEC C . -3.29 -6.48 2.34
CAA HEC C . -4.65 -9.36 2.50
CBA HEC C . -6.07 -8.95 2.13
CGA HEC C . -7.09 -9.60 3.05
O1A HEC C . -6.73 -10.64 3.65
O2A HEC C . -8.21 -9.06 3.12
NB HEC C . -0.17 -7.72 -1.93
C1B HEC C . -0.33 -6.67 -1.03
C2B HEC C . 0.61 -5.62 -1.32
C3B HEC C . 1.35 -6.02 -2.38
C4B HEC C . 0.87 -7.32 -2.76
CMB HEC C . 0.72 -4.33 -0.56
CAB HEC C . 2.46 -5.29 -3.06
CBB HEC C . 3.59 -4.85 -2.12
NC HEC C . -0.05 -10.10 -3.51
C1C HEC C . 0.77 -9.32 -4.30
C2C HEC C . 1.11 -10.02 -5.51
C3C HEC C . 0.51 -11.23 -5.46
C4C HEC C . -0.22 -11.29 -4.21
CMC HEC C . 1.99 -9.48 -6.60
CAC HEC C . 0.56 -12.33 -6.48
CBC HEC C . 1.97 -12.83 -6.79
ND HEC C . -1.97 -11.32 -1.79
C1D HEC C . -1.80 -12.39 -2.66
C2D HEC C . -2.60 -13.52 -2.23
C3D HEC C . -3.25 -13.14 -1.12
C4D HEC C . -2.87 -11.78 -0.83
CMD HEC C . -2.66 -14.84 -2.95
CAD HEC C . -4.22 -13.95 -0.30
CBD HEC C . -3.54 -14.89 0.70
CGD HEC C . -4.19 -16.26 0.68
O1D HEC C . -3.42 -17.25 0.77
O2D HEC C . -5.43 -16.30 0.60
HHA HEC C . -4.02 -11.51 0.95
HHB HEC C . -1.39 -5.68 0.53
HHC HEC C . 2.25 -7.70 -4.34
HHD HEC C . -0.91 -13.30 -4.36
HMA1 HEC C . -2.79 -5.60 1.91
HMA2 HEC C . -4.37 -6.29 2.39
HMA3 HEC C . -2.91 -6.66 3.34
HAA1 HEC C . -4.63 -10.46 2.56
HAA2 HEC C . -4.45 -8.96 3.50
HBA1 HEC C . -6.16 -7.86 2.21
HBA2 HEC C . -6.27 -9.25 1.10
HMB1 HEC C . 1.14 -3.55 -1.19
HMB2 HEC C . -0.27 -4.03 -0.22
HMB3 HEC C . 1.37 -4.47 0.31
HAB HEC C . 2.91 -5.92 -3.82
HBB1 HEC C . 4.12 -4.00 -2.55
HBB2 HEC C . 3.16 -4.54 -1.16
HBB3 HEC C . 4.28 -5.67 -1.97
HMC1 HEC C . 2.49 -10.29 -7.11
HMC2 HEC C . 1.37 -8.93 -7.32
HMC3 HEC C . 2.73 -8.80 -6.17
HAC HEC C . -0.01 -13.19 -6.10
HBC1 HEC C . 2.37 -12.27 -7.64
HBC2 HEC C . 2.62 -12.67 -5.92
HBC3 HEC C . 1.94 -13.89 -7.02
HMD1 HEC C . -2.76 -14.67 -4.01
HMD2 HEC C . -1.74 -15.39 -2.75
HMD3 HEC C . -3.51 -15.41 -2.58
HAD1 HEC C . -4.86 -13.28 0.29
HAD2 HEC C . -4.83 -14.56 -0.96
HBD1 HEC C . -2.49 -15.00 0.45
HBD2 HEC C . -3.62 -14.48 1.70
FE HEC D . 3.41 5.22 4.85
CHA HEC D . 4.70 8.42 5.68
CHB HEC D . 2.43 6.63 1.76
CHC HEC D . 2.42 2.19 3.76
CHD HEC D . 4.30 4.10 7.90
NA HEC D . 3.58 7.14 3.90
C1A HEC D . 4.09 8.31 4.44
C2A HEC D . 3.89 9.40 3.52
C3A HEC D . 3.27 8.91 2.44
C4A HEC D . 3.06 7.50 2.66
CMA HEC D . 2.84 9.65 1.20
CAA HEC D . 4.34 10.82 3.77
CBA HEC D . 5.68 11.18 3.15
CGA HEC D . 6.41 12.22 3.99
O1A HEC D . 5.71 13.12 4.50
O2A HEC D . 7.64 12.09 4.10
NB HEC D . 2.55 4.58 3.12
C1B HEC D . 2.31 5.26 1.94
C2B HEC D . 1.91 4.33 0.90
C3B HEC D . 1.90 3.09 1.46
C4B HEC D . 2.30 3.25 2.84
CMB HEC D . 1.57 4.71 -0.50
CAB HEC D . 1.55 1.79 0.80
CBB HEC D . 2.24 1.58 -0.54
NC HEC D . 3.27 3.55 5.71
C1C HEC D . 2.78 2.38 5.17
C2C HEC D . 2.94 1.29 6.11
C3C HEC D . 3.50 1.80 7.22
C4C HEC D . 3.72 3.21 6.97
CMC HEC D . 2.52 -0.13 5.86
CAC HEC D . 3.88 1.09 8.48
CBC HEC D . 4.33 -0.36 8.27
ND HEC D . 4.30 6.10 6.44
C1D HEC D . 4.59 5.43 7.62
C2D HEC D . 5.26 6.32 8.55
C3D HEC D . 5.37 7.52 7.93
C4D HEC D . 4.78 7.39 6.63
CMD HEC D . 5.72 5.94 9.92
CAD HEC D . 6.00 8.77 8.48
CBD HEC D . 5.02 9.66 9.25
CGD HEC D . 4.46 8.93 10.46
O1D HEC D . 3.24 8.70 10.47
O2D HEC D . 5.29 8.62 11.36
HHA HEC D . 5.16 9.37 5.93
HHB HEC D . 2.02 7.06 0.85
HHC HEC D . 2.18 1.19 3.40
HHD HEC D . 4.53 3.72 8.89
HMA1 HEC D . 3.16 10.69 1.26
HMA2 HEC D . 3.30 9.19 0.32
HMA3 HEC D . 1.75 9.61 1.11
HAA1 HEC D . 3.59 11.51 3.35
HAA2 HEC D . 4.42 10.98 4.84
HBA1 HEC D . 6.30 10.28 3.10
HBA2 HEC D . 5.53 11.57 2.15
HMB1 HEC D . 0.73 4.10 -0.85
HMB2 HEC D . 1.29 5.77 -0.54
HMB3 HEC D . 2.43 4.54 -1.14
HAB HEC D . 1.85 0.97 1.45
HBB1 HEC D . 1.85 0.66 -1.00
HBB2 HEC D . 2.06 2.42 -1.19
HBB3 HEC D . 3.32 1.46 -0.38
HMC1 HEC D . 2.36 -0.63 6.81
HMC2 HEC D . 1.60 -0.14 5.28
HMC3 HEC D . 3.31 -0.65 5.31
HAC HEC D . 4.70 1.62 8.97
HBC1 HEC D . 5.10 -0.61 9.00
HBC2 HEC D . 3.48 -1.03 8.40
HBC3 HEC D . 4.74 -0.47 7.27
HMD1 HEC D . 4.91 6.07 10.63
HMD2 HEC D . 6.04 4.89 9.93
HMD3 HEC D . 6.56 6.58 10.22
HAD1 HEC D . 6.80 8.52 9.15
HAD2 HEC D . 6.39 9.38 7.65
HBD1 HEC D . 5.55 10.56 9.59
HBD2 HEC D . 4.20 9.95 8.60
FE HEC E . -6.59 5.29 -1.72
CHA HEC E . -6.15 3.60 -4.70
CHB HEC E . -9.90 5.62 -2.33
CHC HEC E . -7.00 6.64 1.44
CHD HEC E . -3.11 5.08 -1.18
NA HEC E . -7.75 4.75 -3.22
C1A HEC E . -7.43 4.01 -4.34
C2A HEC E . -8.61 3.71 -5.10
C3A HEC E . -9.66 4.27 -4.45
C4A HEC E . -9.12 4.92 -3.27
CMA HEC E . -11.12 4.24 -4.83
CAA HEC E . -8.65 2.92 -6.38
CBA HEC E . -9.70 1.81 -6.40
CGA HEC E . -10.80 2.11 -7.41
O1A HEC E . -11.95 2.27 -6.95
O2A HEC E . -10.46 2.19 -8.60
NB HEC E . -8.13 5.92 -0.64
C1B HEC E . -9.42 6.10 -1.12
C2B HEC E . -10.19 6.88 -0.19
C3B HEC E . -9.40 7.16 0.86
C4B HEC E . -8.10 6.57 0.58
CMB HEC E . -11.63 7.26 -0.38
CAB HEC E . -9.73 7.94 2.09
CBB HEC E . -10.01 7.07 3.33
NC HEC E . -5.28 5.68 -0.13
C1C HEC E . -5.60 6.26 1.09
C2C HEC E . -4.40 6.57 1.83
C3C HEC E . -3.36 6.17 1.08
C4C HEC E . -3.89 5.61 -0.14
CMC HEC E . -4.38 7.21 3.19
CAC HEC E . -1.90 6.26 1.41
CBC HEC E . -1.55 5.89 2.85
ND HEC E . -4.95 4.56 -2.76
C1D HEC E . -3.64 4.47 -2.31
C2D HEC E . -2.87 3.64 -3.21
C3D HEC E . -3.70 3.23 -4.19
C4D HEC E . -5.00 3.80 -3.91
CMD HEC E . -1.41 3.32 -3.06
CAD HEC E . -3.39 2.35 -5.37
CBD HEC E . -2.55 3.02 -6.45
CGD HEC E . -2.36 2.11 -7.65
O1D HEC E . -2.45 0.87 -7.44
O2D HEC E . -2.13 2.66 -8.74
HHA HEC E . -6.02 3.10 -5.66
HHB HEC E . -10.95 5.79 -2.57
HHC HEC E . -7.16 6.99 2.46
HHD HEC E . -2.04 5.15 -1.09
HMA1 HEC E . -11.42 3.22 -5.03
HMA2 HEC E . -11.71 4.64 -4.02
HMA3 HEC E . -11.26 4.84 -5.72
HAA1 HEC E . -8.86 3.58 -7.21
HAA2 HEC E . -7.68 2.44 -6.53
HBA1 HEC E . -9.23 0.86 -6.68
HBA2 HEC E . -10.14 1.72 -5.41
HMB1 HEC E . -11.69 8.31 -0.69
HMB2 HEC E . -12.08 6.64 -1.15
HMB3 HEC E . -12.18 7.13 0.55
HAB HEC E . -8.90 8.60 2.35
HBB1 HEC E . -10.19 7.71 4.19
HBB2 HEC E . -10.87 6.45 3.14
HBB3 HEC E . -9.14 6.44 3.52
HMC1 HEC E . -5.38 7.21 3.60
HMC2 HEC E . -3.71 6.65 3.84
HMC3 HEC E . -4.01 8.23 3.10
HAC HEC E . -1.34 5.58 0.77
HBC1 HEC E . -0.53 5.53 2.90
HBC2 HEC E . -1.67 6.78 3.49
HBC3 HEC E . -2.24 5.11 3.19
HMD1 HEC E . -1.18 3.19 -1.99
HMD2 HEC E . -1.18 2.40 -3.59
HMD3 HEC E . -0.81 4.13 -3.46
HAD1 HEC E . -2.84 1.47 -5.03
HAD2 HEC E . -4.33 2.02 -5.84
HBD1 HEC E . -3.06 3.93 -6.78
HBD2 HEC E . -1.57 3.27 -6.04
N ALA A 1 16.84 -11.17 0.19
CA ALA A 1 17.93 -10.20 0.21
C ALA A 1 17.87 -9.36 -1.06
N PRO A 2 16.73 -8.69 -1.25
CA PRO A 2 16.45 -7.83 -2.37
C PRO A 2 17.03 -6.44 -2.11
N LYS A 3 17.42 -5.74 -3.17
CA LYS A 3 17.99 -4.42 -3.02
C LYS A 3 16.86 -3.41 -2.88
N ALA A 4 17.23 -2.21 -2.45
CA ALA A 4 16.26 -1.15 -2.26
C ALA A 4 16.54 -0.02 -3.27
N PRO A 5 15.94 -0.18 -4.46
CA PRO A 5 16.07 0.75 -5.56
C PRO A 5 16.00 2.18 -5.03
N ALA A 6 16.44 3.13 -5.83
CA ALA A 6 16.42 4.53 -5.43
C ALA A 6 15.03 5.10 -5.64
N ASP A 7 14.66 6.02 -4.76
CA ASP A 7 13.36 6.65 -4.84
C ASP A 7 13.07 7.03 -6.29
N GLY A 8 11.82 7.38 -6.55
CA GLY A 8 11.40 7.75 -7.88
C GLY A 8 10.37 6.78 -8.44
N LEU A 9 9.77 6.02 -7.53
CA LEU A 9 8.76 5.04 -7.92
C LEU A 9 7.38 5.53 -7.48
N LYS A 10 6.47 5.57 -8.43
CA LYS A 10 5.11 6.02 -8.15
C LYS A 10 4.12 5.05 -8.79
N MET A 11 3.04 4.78 -8.07
CA MET A 11 2.02 3.88 -8.56
C MET A 11 0.80 4.65 -9.06
N GLU A 12 0.48 4.44 -10.34
CA GLU A 12 -0.64 5.11 -10.95
C GLU A 12 -1.26 4.23 -12.03
N ALA A 13 -1.68 3.05 -11.61
CA ALA A 13 -2.30 2.09 -12.53
C ALA A 13 -3.77 2.45 -12.71
N THR A 14 -4.38 2.92 -11.63
CA THR A 14 -5.78 3.29 -11.66
C THR A 14 -5.93 4.79 -11.97
N LYS A 15 -7.07 5.33 -11.57
CA LYS A 15 -7.35 6.74 -11.80
C LYS A 15 -6.85 7.55 -10.60
N GLN A 16 -5.83 7.02 -9.94
CA GLN A 16 -5.26 7.68 -8.78
C GLN A 16 -3.79 7.29 -8.61
N PRO A 17 -2.91 8.22 -8.99
CA PRO A 17 -1.48 8.07 -8.92
C PRO A 17 -1.01 8.35 -7.50
N VAL A 18 -0.19 7.46 -6.96
CA VAL A 18 0.32 7.63 -5.60
C VAL A 18 1.81 7.30 -5.57
N VAL A 19 2.60 8.31 -5.22
CA VAL A 19 4.03 8.14 -5.16
C VAL A 19 4.41 7.50 -3.81
N PHE A 20 5.50 6.74 -3.84
CA PHE A 20 5.97 6.08 -2.64
C PHE A 20 7.49 5.86 -2.68
N ASN A 21 8.17 6.48 -1.74
CA ASN A 21 9.61 6.37 -1.66
C ASN A 21 9.98 5.40 -0.53
N HIS A 22 10.88 4.47 -0.87
CA HIS A 22 11.35 3.45 0.06
C HIS A 22 12.05 4.13 1.26
N SER A 23 12.62 5.29 0.99
CA SER A 23 13.32 6.04 2.03
C SER A 23 12.36 6.32 3.19
N THR A 24 11.15 6.72 2.83
CA THR A 24 10.14 7.03 3.83
C THR A 24 9.55 5.74 4.42
N HIS A 25 10.01 4.62 3.86
CA HIS A 25 9.58 3.30 4.29
C HIS A 25 10.75 2.31 4.23
N LYS A 26 11.88 2.75 4.78
CA LYS A 26 13.08 1.92 4.79
C LYS A 26 13.28 1.35 6.19
N SER A 27 12.35 1.67 7.08
CA SER A 27 12.41 1.19 8.45
C SER A 27 11.29 0.18 8.70
N VAL A 28 10.92 -0.52 7.65
CA VAL A 28 9.86 -1.52 7.75
C VAL A 28 10.30 -2.79 7.01
N LYS A 29 9.97 -3.92 7.61
CA LYS A 29 10.31 -5.21 7.03
C LYS A 29 9.75 -5.28 5.61
N CYS A 30 10.63 -5.62 4.67
CA CYS A 30 10.24 -5.73 3.28
C CYS A 30 9.06 -6.71 3.19
N GLY A 31 8.99 -7.59 4.18
CA GLY A 31 7.92 -8.57 4.22
C GLY A 31 6.60 -7.93 4.64
N ASP A 32 6.67 -6.64 4.95
CA ASP A 32 5.49 -5.90 5.37
C ASP A 32 4.70 -5.47 4.13
N CYS A 33 5.46 -5.16 3.08
CA CYS A 33 4.84 -4.72 1.83
C CYS A 33 4.95 -5.86 0.82
N HIS A 34 6.14 -6.48 0.78
CA HIS A 34 6.42 -7.59 -0.11
C HIS A 34 6.19 -8.92 0.62
N HIS A 35 4.92 -9.29 0.74
CA HIS A 35 4.51 -10.53 1.41
C HIS A 35 4.94 -11.75 0.55
N PRO A 36 5.12 -12.88 1.23
CA PRO A 36 5.51 -14.13 0.63
C PRO A 36 4.31 -14.75 -0.10
N VAL A 37 4.47 -14.98 -1.40
CA VAL A 37 3.39 -15.57 -2.17
C VAL A 37 3.82 -16.94 -2.68
N ASN A 38 2.84 -17.83 -2.81
CA ASN A 38 3.11 -19.18 -3.28
C ASN A 38 4.39 -19.69 -2.64
N GLY A 39 4.67 -19.19 -1.44
CA GLY A 39 5.85 -19.59 -0.71
C GLY A 39 7.12 -19.14 -1.43
N LYS A 40 7.23 -17.82 -1.58
CA LYS A 40 8.39 -17.23 -2.25
C LYS A 40 8.22 -15.72 -2.30
N GLU A 41 8.96 -15.04 -1.43
CA GLU A 41 8.91 -13.59 -1.37
C GLU A 41 8.65 -13.01 -2.77
N ASP A 42 7.59 -12.22 -2.85
CA ASP A 42 7.22 -11.60 -4.12
C ASP A 42 7.54 -10.10 -4.05
N TYR A 43 8.16 -9.61 -5.13
CA TYR A 43 8.52 -8.21 -5.22
C TYR A 43 8.07 -7.65 -6.56
N ARG A 44 7.12 -8.32 -7.20
CA ARG A 44 6.62 -7.87 -8.48
C ARG A 44 5.38 -6.98 -8.29
N LYS A 45 4.94 -6.39 -9.39
CA LYS A 45 3.77 -5.53 -9.35
C LYS A 45 2.75 -6.10 -8.37
N CYS A 46 2.18 -5.21 -7.57
CA CYS A 46 1.19 -5.60 -6.59
C CYS A 46 0.00 -6.23 -7.33
N GLY A 47 -0.42 -5.55 -8.38
CA GLY A 47 -1.53 -6.03 -9.18
C GLY A 47 -1.12 -7.22 -10.05
N THR A 48 -0.55 -6.91 -11.20
CA THR A 48 -0.11 -7.94 -12.12
C THR A 48 -1.26 -8.91 -12.44
N ALA A 49 -1.03 -9.73 -13.45
CA ALA A 49 -2.04 -10.70 -13.85
C ALA A 49 -1.86 -11.99 -13.06
N GLY A 50 -2.91 -12.38 -12.36
CA GLY A 50 -2.88 -13.59 -11.56
C GLY A 50 -3.04 -13.26 -10.06
N CYS A 51 -2.71 -12.03 -9.73
CA CYS A 51 -2.83 -11.58 -8.35
C CYS A 51 -3.97 -10.56 -8.26
N HIS A 52 -3.72 -9.50 -7.50
CA HIS A 52 -4.68 -8.42 -7.30
C HIS A 52 -4.98 -7.74 -8.65
N ASP A 53 -5.87 -8.36 -9.41
CA ASP A 53 -6.26 -7.82 -10.70
C ASP A 53 -7.71 -7.36 -10.65
N SER A 54 -8.14 -7.00 -9.45
CA SER A 54 -9.50 -6.53 -9.26
C SER A 54 -9.50 -5.05 -8.89
N MET A 55 -10.13 -4.26 -9.75
CA MET A 55 -10.20 -2.82 -9.53
C MET A 55 -11.65 -2.35 -9.57
N ASP A 56 -12.46 -2.94 -8.72
CA ASP A 56 -13.87 -2.59 -8.63
C ASP A 56 -14.14 -1.90 -7.30
N LYS A 57 -15.36 -1.38 -7.17
CA LYS A 57 -15.75 -0.69 -5.96
C LYS A 57 -16.79 -1.53 -5.22
N LYS A 58 -16.29 -2.52 -4.49
CA LYS A 58 -17.16 -3.40 -3.73
C LYS A 58 -16.34 -4.57 -3.17
N ASP A 59 -16.02 -5.51 -4.05
CA ASP A 59 -15.25 -6.67 -3.66
C ASP A 59 -14.14 -6.23 -2.70
N LYS A 60 -14.03 -6.96 -1.60
CA LYS A 60 -13.03 -6.67 -0.60
C LYS A 60 -12.19 -7.92 -0.32
N SER A 61 -12.19 -8.81 -1.30
CA SER A 61 -11.45 -10.06 -1.18
C SER A 61 -9.95 -9.78 -1.31
N ALA A 62 -9.18 -10.85 -1.22
CA ALA A 62 -7.73 -10.74 -1.33
C ALA A 62 -7.36 -10.35 -2.76
N LYS A 63 -8.36 -10.38 -3.64
CA LYS A 63 -8.14 -10.05 -5.03
C LYS A 63 -8.37 -8.54 -5.22
N GLY A 64 -8.92 -7.92 -4.19
CA GLY A 64 -9.18 -6.48 -4.24
C GLY A 64 -7.87 -5.69 -4.18
N TYR A 65 -7.59 -4.98 -5.27
CA TYR A 65 -6.40 -4.17 -5.37
C TYR A 65 -6.44 -3.06 -4.33
N TYR A 66 -7.51 -2.26 -4.33
CA TYR A 66 -7.66 -1.17 -3.39
C TYR A 66 -7.98 -1.72 -2.01
N HIS A 67 -8.10 -3.05 -1.91
CA HIS A 67 -8.41 -3.67 -0.64
C HIS A 67 -7.12 -4.17 0.01
N VAL A 68 -6.06 -4.18 -0.78
CA VAL A 68 -4.76 -4.62 -0.30
C VAL A 68 -3.83 -3.41 -0.15
N MET A 69 -4.45 -2.24 -0.08
CA MET A 69 -3.69 -1.01 0.07
C MET A 69 -4.54 0.07 0.74
N HIS A 70 -5.49 -0.38 1.56
CA HIS A 70 -6.40 0.50 2.28
C HIS A 70 -6.89 -0.20 3.56
N ASP A 71 -7.87 -1.06 3.40
CA ASP A 71 -8.42 -1.80 4.53
C ASP A 71 -7.29 -2.25 5.44
N LYS A 72 -7.62 -2.44 6.71
CA LYS A 72 -6.64 -2.87 7.69
C LYS A 72 -7.06 -4.22 8.27
N ASN A 73 -8.25 -4.66 7.85
CA ASN A 73 -8.77 -5.94 8.32
C ASN A 73 -8.34 -7.04 7.35
N THR A 74 -7.08 -6.96 6.95
CA THR A 74 -6.53 -7.94 6.04
C THR A 74 -5.42 -8.74 6.72
N LYS A 75 -5.05 -9.84 6.09
CA LYS A 75 -4.00 -10.70 6.62
C LYS A 75 -2.70 -9.91 6.71
N PHE A 76 -2.47 -9.10 5.68
CA PHE A 76 -1.26 -8.29 5.64
C PHE A 76 -1.61 -6.80 5.62
N LYS A 77 -0.67 -6.00 6.11
CA LYS A 77 -0.87 -4.57 6.16
C LYS A 77 -1.03 -4.02 4.74
N SER A 78 -1.61 -2.84 4.65
CA SER A 78 -1.83 -2.22 3.36
C SER A 78 -1.03 -0.91 3.27
N CYS A 79 -1.70 0.19 3.58
CA CYS A 79 -1.05 1.49 3.54
C CYS A 79 -1.77 2.41 4.53
N VAL A 80 -3.09 2.39 4.45
CA VAL A 80 -3.91 3.21 5.33
C VAL A 80 -3.88 2.63 6.74
N GLY A 81 -3.79 1.31 6.80
CA GLY A 81 -3.75 0.61 8.07
C GLY A 81 -2.62 1.14 8.95
N CYS A 82 -1.40 0.83 8.55
CA CYS A 82 -0.23 1.27 9.29
C CYS A 82 -0.43 2.74 9.67
N HIS A 83 -0.82 3.53 8.68
CA HIS A 83 -1.06 4.97 8.85
C HIS A 83 -2.13 5.19 9.94
N VAL A 84 -3.10 4.28 9.98
CA VAL A 84 -4.16 4.36 10.95
C VAL A 84 -3.61 4.02 12.34
N GLU A 85 -2.64 3.11 12.34
CA GLU A 85 -2.03 2.69 13.59
C GLU A 85 -0.94 3.68 14.01
N VAL A 86 -0.65 4.61 13.11
CA VAL A 86 0.36 5.62 13.37
C VAL A 86 -0.31 6.97 13.58
N ALA A 87 -1.07 7.38 12.58
CA ALA A 87 -1.78 8.65 12.64
C ALA A 87 -2.99 8.51 13.57
N GLY A 88 -2.71 8.12 14.81
CA GLY A 88 -3.76 7.94 15.79
C GLY A 88 -3.41 8.67 17.09
N ALA A 89 -2.59 9.70 16.96
CA ALA A 89 -2.17 10.47 18.11
C ALA A 89 -2.72 11.89 17.98
N ASP A 90 -2.82 12.34 16.75
CA ASP A 90 -3.33 13.68 16.47
C ASP A 90 -4.47 13.60 15.45
N ALA A 91 -5.41 14.51 15.59
CA ALA A 91 -6.56 14.55 14.70
C ALA A 91 -6.26 15.50 13.54
N ALA A 92 -4.98 15.66 13.26
CA ALA A 92 -4.55 16.53 12.18
C ALA A 92 -4.01 15.68 11.02
N LYS A 93 -2.93 14.97 11.30
CA LYS A 93 -2.32 14.11 10.30
C LYS A 93 -3.34 13.09 9.81
N LYS A 94 -4.30 12.79 10.68
CA LYS A 94 -5.34 11.83 10.35
C LYS A 94 -6.02 12.26 9.05
N LYS A 95 -5.85 13.53 8.71
CA LYS A 95 -6.44 14.08 7.51
C LYS A 95 -5.36 14.25 6.43
N ASP A 96 -4.26 13.54 6.65
CA ASP A 96 -3.14 13.62 5.70
C ASP A 96 -2.63 12.20 5.43
N LEU A 97 -2.52 11.43 6.50
CA LEU A 97 -2.04 10.06 6.38
C LEU A 97 -3.18 9.16 5.88
N THR A 98 -4.34 9.33 6.50
CA THR A 98 -5.51 8.56 6.13
C THR A 98 -6.49 9.42 5.32
N GLY A 99 -6.11 10.67 5.15
CA GLY A 99 -6.95 11.61 4.41
C GLY A 99 -7.34 11.03 3.05
N CYS A 100 -8.43 11.56 2.50
CA CYS A 100 -8.92 11.11 1.21
C CYS A 100 -8.53 12.14 0.16
N LYS A 101 -8.65 13.41 0.55
CA LYS A 101 -8.32 14.50 -0.35
C LYS A 101 -7.26 15.39 0.31
N LYS A 102 -6.22 15.69 -0.47
CA LYS A 102 -5.14 16.52 0.02
C LYS A 102 -4.11 15.65 0.73
N SER A 103 -4.46 14.38 0.88
CA SER A 103 -3.57 13.42 1.53
C SER A 103 -2.32 13.21 0.69
N LYS A 104 -1.23 12.88 1.37
CA LYS A 104 0.03 12.64 0.71
C LYS A 104 -0.17 11.61 -0.42
N CYS A 105 -0.94 10.59 -0.10
CA CYS A 105 -1.23 9.54 -1.06
C CYS A 105 -2.07 10.14 -2.19
N HIS A 106 -3.18 10.75 -1.80
CA HIS A 106 -4.11 11.37 -2.73
C HIS A 106 -4.01 12.91 -2.61
N GLU A 107 -2.85 13.43 -2.98
CA GLU A 107 -2.62 14.87 -2.92
C GLU A 107 -2.70 15.48 -4.32
FE HEC B . 9.66 -2.38 -2.05
CHA HEC B . 8.87 -1.96 -5.42
CHB HEC B . 12.63 -3.82 -2.96
CHC HEC B . 10.48 -2.61 1.24
CHD HEC B . 6.59 -0.97 -1.24
NA HEC B . 10.58 -2.75 -3.83
C1A HEC B . 10.07 -2.60 -5.11
C2A HEC B . 10.95 -3.19 -6.08
C3A HEC B . 12.00 -3.70 -5.40
C4A HEC B . 11.77 -3.44 -4.00
CMA HEC B . 13.20 -4.43 -5.94
CAA HEC B . 10.72 -3.20 -7.56
CBA HEC B . 10.48 -4.59 -8.14
CGA HEC B . 11.68 -5.07 -8.94
O1A HEC B . 12.24 -4.22 -9.67
O2A HEC B . 12.01 -6.26 -8.81
NB HEC B . 11.22 -3.08 -1.07
C1B HEC B . 12.38 -3.63 -1.60
C2B HEC B . 13.29 -3.99 -0.54
C3B HEC B . 12.70 -3.66 0.62
C4B HEC B . 11.40 -3.09 0.29
CMB HEC B . 14.64 -4.60 -0.74
CAB HEC B . 13.24 -3.82 2.02
CBB HEC B . 14.68 -3.37 2.18
NC HEC B . 8.75 -1.82 -0.36
C1C HEC B . 9.22 -2.03 0.92
C2C HEC B . 8.21 -1.66 1.90
C3C HEC B . 7.14 -1.23 1.21
C4C HEC B . 7.46 -1.33 -0.20
CMC HEC B . 8.39 -1.76 3.39
CAC HEC B . 5.83 -0.73 1.76
CBC HEC B . 5.93 -0.16 3.17
ND HEC B . 8.07 -1.60 -3.11
C1D HEC B . 6.89 -1.10 -2.59
C2D HEC B . 5.99 -0.73 -3.66
C3D HEC B . 6.61 -1.00 -4.82
C4D HEC B . 7.91 -1.55 -4.49
CMD HEC B . 4.62 -0.15 -3.46
CAD HEC B . 6.11 -0.81 -6.22
CBD HEC B . 4.89 -1.66 -6.56
CGD HEC B . 3.81 -0.82 -7.24
O1D HEC B . 4.17 -0.13 -8.23
O2D HEC B . 2.65 -0.89 -6.77
HHA HEC B . 8.66 -1.77 -6.48
HHB HEC B . 13.57 -4.29 -3.24
HHC HEC B . 10.73 -2.73 2.30
HHD HEC B . 5.62 -0.55 -0.96
HMA1 HEC B . 12.92 -5.45 -6.22
HMA2 HEC B . 13.56 -3.91 -6.83
HMA3 HEC B . 13.98 -4.46 -5.19
HAA1 HEC B . 9.84 -2.61 -7.79
HAA2 HEC B . 11.59 -2.79 -8.07
HBA1 HEC B . 10.30 -5.30 -7.32
HBA2 HEC B . 9.61 -4.57 -8.78
HMB1 HEC B . 14.59 -5.33 -1.56
HMB2 HEC B . 15.36 -3.82 -1.00
HMB3 HEC B . 14.95 -5.10 0.17
HAB HEC B . 12.63 -3.24 2.71
HBB1 HEC B . 14.95 -2.70 1.36
HBB2 HEC B . 14.79 -2.83 3.12
HBB3 HEC B . 15.34 -4.23 2.18
HMC1 HEC B . 8.63 -0.78 3.79
HMC2 HEC B . 7.45 -2.11 3.83
HMC3 HEC B . 9.19 -2.46 3.62
HAC HEC B . 5.45 0.07 1.12
HBC1 HEC B . 6.90 0.29 3.32
HBC2 HEC B . 5.15 0.58 3.33
HBC3 HEC B . 5.79 -0.98 3.90
HMD1 HEC B . 4.45 0.63 -4.21
HMD2 HEC B . 3.87 -0.94 -3.59
HMD3 HEC B . 4.54 0.27 -2.46
HAD1 HEC B . 5.82 0.24 -6.35
HAD2 HEC B . 6.89 -1.06 -6.93
HBD1 HEC B . 5.19 -2.46 -7.24
HBD2 HEC B . 4.47 -2.08 -5.65
FE HEC C . -0.94 -9.54 -2.20
CHA HEC C . -3.16 -11.14 0.03
CHB HEC C . -1.12 -6.73 -0.31
CHC HEC C . 1.43 -8.19 -4.20
CHD HEC C . -0.97 -12.49 -4.12
NA HEC C . -1.92 -9.07 -0.49
C1A HEC C . -2.82 -9.82 0.26
C2A HEC C . -3.37 -9.01 1.32
C3A HEC C . -2.81 -7.79 1.23
C4A HEC C . -1.90 -7.82 0.11
CMA HEC C . -3.05 -6.59 2.11
CAA HEC C . -4.38 -9.49 2.32
CBA HEC C . -5.82 -9.09 2.00
CGA HEC C . -6.81 -9.85 2.87
O1A HEC C . -8.01 -9.82 2.53
O2A HEC C . -6.34 -10.44 3.88
NB HEC C . -0.07 -7.82 -2.26
C1B HEC C . -0.22 -6.77 -1.36
C2B HEC C . 0.71 -5.72 -1.68
C3B HEC C . 1.42 -6.12 -2.76
C4B HEC C . 0.94 -7.43 -3.12
CMB HEC C . 0.84 -4.42 -0.93
CAB HEC C . 2.51 -5.37 -3.48
CBB HEC C . 3.72 -5.06 -2.61
NC HEC C . 0.01 -10.22 -3.84
C1C HEC C . 0.85 -9.46 -4.62
C2C HEC C . 1.19 -10.17 -5.83
C3C HEC C . 0.56 -11.36 -5.78
C4C HEC C . -0.18 -11.40 -4.54
CMC HEC C . 2.09 -9.64 -6.91
CAC HEC C . 0.59 -12.47 -6.79
CBC HEC C . 2.00 -12.97 -7.12
ND HEC C . -1.87 -11.43 -2.07
C1D HEC C . -1.75 -12.49 -2.96
C2D HEC C . -2.54 -13.61 -2.52
C3D HEC C . -3.16 -13.24 -1.37
C4D HEC C . -2.74 -11.88 -1.09
CMD HEC C . -2.65 -14.92 -3.25
CAD HEC C . -4.09 -14.05 -0.53
CBD HEC C . -3.40 -14.90 0.52
CGD HEC C . -4.09 -14.78 1.87
O1D HEC C . -5.32 -15.02 1.90
O2D HEC C . -3.39 -14.45 2.85
HHA HEC C . -3.79 -11.64 0.75
HHB HEC C . -1.23 -5.79 0.22
HHC HEC C . 2.27 -7.79 -4.75
HHD HEC C . -0.97 -13.38 -4.73
HMA1 HEC C . -2.22 -6.49 2.82
HMA2 HEC C . -3.12 -5.70 1.49
HMA3 HEC C . -3.98 -6.72 2.67
HAA1 HEC C . -4.35 -10.58 2.38
HAA2 HEC C . -4.15 -9.07 3.31
HBA1 HEC C . -5.95 -8.02 2.17
HBA2 HEC C . -6.03 -9.32 0.95
HMB1 HEC C . 1.65 -4.50 -0.20
HMB2 HEC C . 1.05 -3.61 -1.63
HMB3 HEC C . -0.11 -4.22 -0.41
HAB HEC C . 2.87 -5.97 -4.32
HBB1 HEC C . 4.34 -4.31 -3.10
HBB2 HEC C . 3.39 -4.68 -1.65
HBB3 HEC C . 4.31 -5.97 -2.46
HMC1 HEC C . 1.50 -9.48 -7.82
HMC2 HEC C . 2.53 -8.70 -6.59
HMC3 HEC C . 2.88 -10.37 -7.11
HAC HEC C . 0.02 -13.32 -6.42
HBC1 HEC C . 2.55 -13.11 -6.20
HBC2 HEC C . 1.92 -13.92 -7.65
HBC3 HEC C . 2.51 -12.24 -7.75
HMD1 HEC C . -1.80 -15.04 -3.92
HMD2 HEC C . -2.66 -15.73 -2.52
HMD3 HEC C . -3.57 -14.94 -3.82
HAD1 HEC C . -4.77 -13.38 0.00
HAD2 HEC C . -4.67 -14.73 -1.16
HBD1 HEC C . -3.41 -15.95 0.22
HBD2 HEC C . -2.36 -14.57 0.63
FE HEC D . 3.36 5.14 4.71
CHA HEC D . 4.58 8.38 5.54
CHB HEC D . 2.49 6.48 1.57
CHC HEC D . 2.37 2.10 3.69
CHD HEC D . 4.28 4.06 7.76
NA HEC D . 3.52 7.06 3.76
C1A HEC D . 4.03 8.24 4.27
C2A HEC D . 3.91 9.30 3.31
C3A HEC D . 3.33 8.78 2.21
C4A HEC D . 3.09 7.39 2.48
CMA HEC D . 2.99 9.48 0.93
CAA HEC D . 4.35 10.72 3.54
CBA HEC D . 5.75 11.02 2.98
CGA HEC D . 6.51 11.97 3.91
O1A HEC D . 7.42 11.48 4.60
O2A HEC D . 6.16 13.17 3.89
NB HEC D . 2.55 4.48 3.00
C1B HEC D . 2.35 5.12 1.79
C2B HEC D . 1.96 4.18 0.78
C3B HEC D . 1.92 2.96 1.36
C4B HEC D . 2.29 3.14 2.74
CMB HEC D . 1.66 4.52 -0.65
CAB HEC D . 1.58 1.64 0.73
CBB HEC D . 2.18 1.44 -0.66
NC HEC D . 3.26 3.48 5.58
C1C HEC D . 2.77 2.30 5.05
C2C HEC D . 2.91 1.23 6.01
C3C HEC D . 3.47 1.76 7.12
C4C HEC D . 3.69 3.16 6.85
CMC HEC D . 2.47 -0.19 5.77
CAC HEC D . 3.82 1.06 8.39
CBC HEC D . 4.20 -0.41 8.22
ND HEC D . 4.26 6.05 6.31
C1D HEC D . 4.52 5.40 7.50
C2D HEC D . 5.10 6.32 8.45
C3D HEC D . 5.18 7.52 7.84
C4D HEC D . 4.66 7.36 6.50
CMD HEC D . 5.51 5.97 9.85
CAD HEC D . 5.73 8.81 8.40
CBD HEC D . 4.63 9.78 8.85
CGD HEC D . 3.73 10.16 7.69
O1D HEC D . 2.88 9.31 7.33
O2D HEC D . 3.88 11.29 7.19
HHA HEC D . 4.98 9.36 5.82
HHB HEC D . 2.13 6.90 0.63
HHC HEC D . 2.07 1.11 3.37
HHD HEC D . 4.54 3.67 8.75
HMA1 HEC D . 3.37 8.90 0.09
HMA2 HEC D . 1.90 9.57 0.84
HMA3 HEC D . 3.44 10.48 0.93
HAA1 HEC D . 3.66 11.40 3.06
HAA2 HEC D . 4.39 10.92 4.61
HBA1 HEC D . 6.32 10.10 2.90
HBA2 HEC D . 5.65 11.50 2.00
HMB1 HEC D . 2.07 5.51 -0.88
HMB2 HEC D . 2.11 3.78 -1.31
HMB3 HEC D . 0.58 4.53 -0.81
HAB HEC D . 1.94 0.83 1.36
HBB1 HEC D . 1.46 1.74 -1.41
HBB2 HEC D . 3.08 2.04 -0.75
HBB3 HEC D . 2.42 0.38 -0.80
HMC1 HEC D . 1.54 -0.20 5.22
HMC2 HEC D . 3.24 -0.71 5.20
HMC3 HEC D . 2.34 -0.69 6.73
HAC HEC D . 4.67 1.56 8.86
HBC1 HEC D . 3.33 -1.04 8.41
HBC2 HEC D . 4.55 -0.57 7.20
HBC3 HEC D . 5.00 -0.67 8.91
HMD1 HEC D . 5.75 4.91 9.90
HMD2 HEC D . 6.39 6.55 10.13
HMD3 HEC D . 4.70 6.19 10.54
HAD1 HEC D . 6.34 8.60 9.27
HAD2 HEC D . 6.32 9.32 7.64
HBD1 HEC D . 4.04 9.33 9.64
HBD2 HEC D . 5.10 10.69 9.23
FE HEC E . -6.37 5.41 -1.90
CHA HEC E . -6.09 3.78 -4.97
CHB HEC E . -9.73 5.90 -2.52
CHC HEC E . -6.76 6.63 1.27
CHD HEC E . -2.98 5.02 -1.44
NA HEC E . -7.64 4.93 -3.43
C1A HEC E . -7.34 4.26 -4.60
C2A HEC E . -8.53 4.12 -5.42
C3A HEC E . -9.55 4.71 -4.74
C4A HEC E . -8.99 5.21 -3.51
CMA HEC E . -10.98 4.84 -5.16
CAA HEC E . -8.59 3.45 -6.76
CBA HEC E . -9.17 2.04 -6.71
CGA HEC E . -9.64 1.60 -8.09
O1A HEC E . -9.80 0.38 -8.28
O2A HEC E . -9.84 2.50 -8.94
NB HEC E . -7.94 6.05 -0.83
C1B HEC E . -9.22 6.31 -1.29
C2B HEC E . -9.96 7.07 -0.32
C3B HEC E . -9.14 7.27 0.73
C4B HEC E . -7.88 6.64 0.42
CMB HEC E . -11.38 7.53 -0.49
CAB HEC E . -9.43 8.02 2.00
CBB HEC E . -9.75 7.11 3.18
NC HEC E . -5.10 5.70 -0.36
C1C HEC E . -5.39 6.28 0.86
C2C HEC E . -4.18 6.51 1.61
C3C HEC E . -3.16 6.07 0.85
C4C HEC E . -3.73 5.56 -0.38
CMC HEC E . -4.12 7.13 2.97
CAC HEC E . -1.69 6.08 1.18
CBC HEC E . -1.37 5.70 2.62
ND HEC E . -4.84 4.62 -3.00
C1D HEC E . -3.53 4.46 -2.59
C2D HEC E . -2.80 3.63 -3.51
C3D HEC E . -3.67 3.28 -4.50
C4D HEC E . -4.93 3.89 -4.19
CMD HEC E . -1.36 3.24 -3.37
CAD HEC E . -3.40 2.42 -5.70
CBD HEC E . -2.61 3.13 -6.79
CGD HEC E . -2.66 2.34 -8.10
O1D HEC E . -2.33 1.13 -8.04
O2D HEC E . -3.03 2.96 -9.12
HHA HEC E . -6.00 3.27 -5.93
HHB HEC E . -10.78 6.11 -2.74
HHC HEC E . -6.92 6.92 2.31
HHD HEC E . -1.89 5.03 -1.34
HMA1 HEC E . -11.21 4.07 -5.90
HMA2 HEC E . -11.62 4.70 -4.29
HMA3 HEC E . -11.15 5.83 -5.58
HAA1 HEC E . -9.21 4.04 -7.43
HAA2 HEC E . -7.58 3.37 -7.17
HBA1 HEC E . -8.40 1.34 -6.38
HBA2 HEC E . -10.02 2.01 -6.03
HMB1 HEC E . -11.85 6.96 -1.29
HMB2 HEC E . -11.92 7.37 0.44
HMB3 HEC E . -11.39 8.59 -0.75
HAB HEC E . -8.57 8.62 2.29
HBB1 HEC E . -9.81 7.71 4.10
HBB2 HEC E . -10.72 6.63 3.02
HBB3 HEC E . -8.98 6.36 3.29
HMC1 HEC E . -3.77 8.16 2.89
HMC2 HEC E . -5.11 7.11 3.42
HMC3 HEC E . -3.43 6.56 3.59
HAC HEC E . -1.17 5.37 0.53
HBC1 HEC E . -0.36 5.30 2.67
HBC2 HEC E . -1.46 6.58 3.25
HBC3 HEC E . -2.08 4.93 2.96
HMD1 HEC E . -0.83 4.01 -2.80
HMD2 HEC E . -1.29 2.29 -2.86
HMD3 HEC E . -0.91 3.15 -4.36
HAD1 HEC E . -2.83 1.54 -5.40
HAD2 HEC E . -4.34 2.11 -6.14
HBD1 HEC E . -3.02 4.12 -6.97
HBD2 HEC E . -1.56 3.22 -6.49
N ALA A 1 18.13 -11.21 0.07
CA ALA A 1 17.08 -10.25 -0.23
C ALA A 1 17.59 -9.24 -1.24
N PRO A 2 16.66 -8.71 -2.03
CA PRO A 2 16.93 -7.71 -3.05
C PRO A 2 17.50 -6.46 -2.42
N LYS A 3 17.73 -5.43 -3.21
CA LYS A 3 18.28 -4.19 -2.70
C LYS A 3 17.28 -3.05 -2.93
N ALA A 4 16.90 -2.41 -1.84
CA ALA A 4 15.95 -1.31 -1.89
C ALA A 4 16.26 -0.45 -3.12
N PRO A 5 15.44 -0.64 -4.16
CA PRO A 5 15.54 0.06 -5.42
C PRO A 5 15.75 1.55 -5.15
N ALA A 6 16.13 2.29 -6.19
CA ALA A 6 16.36 3.71 -6.04
C ALA A 6 15.02 4.45 -6.09
N ASP A 7 14.81 5.28 -5.08
CA ASP A 7 13.57 6.05 -4.99
C ASP A 7 13.23 6.61 -6.37
N GLY A 8 11.99 7.07 -6.50
CA GLY A 8 11.52 7.63 -7.75
C GLY A 8 10.45 6.75 -8.39
N LEU A 9 9.79 5.97 -7.54
CA LEU A 9 8.74 5.08 -8.00
C LEU A 9 7.38 5.62 -7.54
N LYS A 10 6.46 5.71 -8.50
CA LYS A 10 5.13 6.19 -8.21
C LYS A 10 4.10 5.25 -8.82
N MET A 11 3.11 4.90 -8.01
CA MET A 11 2.06 4.00 -8.46
C MET A 11 0.84 4.78 -8.95
N GLU A 12 0.55 4.61 -10.23
CA GLU A 12 -0.59 5.30 -10.83
C GLU A 12 -1.21 4.43 -11.93
N ALA A 13 -1.59 3.23 -11.54
CA ALA A 13 -2.19 2.30 -12.47
C ALA A 13 -3.68 2.64 -12.64
N THR A 14 -4.29 3.05 -11.53
CA THR A 14 -5.70 3.43 -11.56
C THR A 14 -5.86 4.91 -11.85
N LYS A 15 -7.01 5.44 -11.46
CA LYS A 15 -7.30 6.85 -11.67
C LYS A 15 -6.83 7.65 -10.45
N GLN A 16 -5.77 7.15 -9.82
CA GLN A 16 -5.22 7.81 -8.65
C GLN A 16 -3.75 7.43 -8.48
N PRO A 17 -2.88 8.37 -8.85
CA PRO A 17 -1.44 8.24 -8.77
C PRO A 17 -0.98 8.52 -7.36
N VAL A 18 -0.17 7.64 -6.80
CA VAL A 18 0.33 7.82 -5.45
C VAL A 18 1.82 7.47 -5.42
N VAL A 19 2.63 8.50 -5.24
CA VAL A 19 4.07 8.33 -5.19
C VAL A 19 4.45 7.60 -3.89
N PHE A 20 5.52 6.83 -3.96
CA PHE A 20 5.98 6.08 -2.81
C PHE A 20 7.47 5.76 -2.93
N ASN A 21 8.25 6.38 -2.04
CA ASN A 21 9.68 6.16 -2.04
C ASN A 21 10.07 5.27 -0.86
N HIS A 22 10.92 4.29 -1.14
CA HIS A 22 11.40 3.35 -0.14
C HIS A 22 12.14 4.10 0.98
N SER A 23 12.53 5.32 0.67
CA SER A 23 13.25 6.14 1.63
C SER A 23 12.32 6.54 2.77
N THR A 24 11.08 6.85 2.40
CA THR A 24 10.08 7.25 3.37
C THR A 24 9.60 6.04 4.17
N HIS A 25 10.09 4.87 3.77
CA HIS A 25 9.75 3.60 4.41
C HIS A 25 10.95 2.64 4.36
N LYS A 26 12.10 3.16 4.78
CA LYS A 26 13.31 2.37 4.78
C LYS A 26 13.57 1.85 6.20
N SER A 27 13.29 0.57 6.38
CA SER A 27 13.48 -0.06 7.68
C SER A 27 12.45 -1.18 7.88
N VAL A 28 11.22 -0.87 7.53
CA VAL A 28 10.14 -1.84 7.67
C VAL A 28 10.51 -3.11 6.89
N LYS A 29 10.30 -4.24 7.55
CA LYS A 29 10.61 -5.52 6.93
C LYS A 29 9.96 -5.58 5.55
N CYS A 30 10.77 -5.93 4.57
CA CYS A 30 10.29 -6.03 3.20
C CYS A 30 9.07 -6.96 3.18
N GLY A 31 9.01 -7.82 4.18
CA GLY A 31 7.91 -8.76 4.30
C GLY A 31 6.62 -8.05 4.73
N ASP A 32 6.77 -6.76 4.99
CA ASP A 32 5.63 -5.95 5.40
C ASP A 32 4.82 -5.55 4.18
N CYS A 33 5.52 -5.39 3.07
CA CYS A 33 4.88 -5.01 1.82
C CYS A 33 4.96 -6.20 0.86
N HIS A 34 6.18 -6.70 0.68
CA HIS A 34 6.46 -7.82 -0.21
C HIS A 34 6.22 -9.14 0.55
N HIS A 35 4.94 -9.49 0.72
CA HIS A 35 4.53 -10.70 1.40
C HIS A 35 4.80 -11.93 0.51
N PRO A 36 4.90 -13.09 1.15
CA PRO A 36 5.14 -14.36 0.50
C PRO A 36 3.96 -14.71 -0.40
N VAL A 37 4.26 -15.15 -1.62
CA VAL A 37 3.22 -15.50 -2.56
C VAL A 37 3.55 -16.85 -3.20
N ASN A 38 4.50 -16.82 -4.13
CA ASN A 38 4.92 -18.01 -4.82
C ASN A 38 5.91 -18.79 -3.94
N GLY A 39 5.39 -19.27 -2.82
CA GLY A 39 6.21 -20.03 -1.88
C GLY A 39 7.58 -19.37 -1.69
N LYS A 40 7.60 -18.05 -1.85
CA LYS A 40 8.83 -17.29 -1.70
C LYS A 40 8.52 -15.80 -1.85
N GLU A 41 9.08 -15.02 -0.95
CA GLU A 41 8.88 -13.58 -0.98
C GLU A 41 8.84 -13.08 -2.43
N ASP A 42 7.69 -12.53 -2.79
CA ASP A 42 7.51 -12.00 -4.13
C ASP A 42 7.73 -10.49 -4.13
N TYR A 43 8.26 -9.99 -5.24
CA TYR A 43 8.54 -8.58 -5.39
C TYR A 43 7.92 -8.06 -6.69
N ARG A 44 6.93 -8.78 -7.20
CA ARG A 44 6.27 -8.38 -8.43
C ARG A 44 5.16 -7.37 -8.14
N LYS A 45 4.74 -6.68 -9.19
CA LYS A 45 3.69 -5.69 -9.07
C LYS A 45 2.62 -6.19 -8.09
N CYS A 46 2.23 -5.32 -7.18
CA CYS A 46 1.22 -5.67 -6.19
C CYS A 46 0.04 -6.32 -6.92
N GLY A 47 -0.34 -5.70 -8.03
CA GLY A 47 -1.44 -6.21 -8.82
C GLY A 47 -0.98 -7.34 -9.75
N THR A 48 -0.65 -6.94 -10.97
CA THR A 48 -0.19 -7.90 -11.96
C THR A 48 -1.22 -9.02 -12.14
N ALA A 49 -1.26 -9.56 -13.35
CA ALA A 49 -2.19 -10.63 -13.66
C ALA A 49 -1.79 -11.89 -12.88
N GLY A 50 -2.71 -12.35 -12.06
CA GLY A 50 -2.48 -13.54 -11.25
C GLY A 50 -2.61 -13.22 -9.76
N CYS A 51 -2.78 -11.94 -9.48
CA CYS A 51 -2.92 -11.50 -8.09
C CYS A 51 -4.00 -10.43 -8.05
N HIS A 52 -3.75 -9.40 -7.24
CA HIS A 52 -4.67 -8.28 -7.07
C HIS A 52 -4.90 -7.58 -8.42
N ASP A 53 -5.69 -8.22 -9.26
CA ASP A 53 -5.98 -7.66 -10.57
C ASP A 53 -7.44 -7.21 -10.60
N SER A 54 -7.97 -6.91 -9.43
CA SER A 54 -9.34 -6.47 -9.31
C SER A 54 -9.40 -4.95 -9.08
N MET A 55 -10.09 -4.27 -9.98
CA MET A 55 -10.22 -2.83 -9.89
C MET A 55 -11.68 -2.40 -10.07
N ASP A 56 -12.53 -2.91 -9.19
CA ASP A 56 -13.94 -2.59 -9.24
C ASP A 56 -14.36 -1.96 -7.90
N LYS A 57 -15.67 -1.85 -7.73
CA LYS A 57 -16.22 -1.28 -6.51
C LYS A 57 -17.29 -2.22 -5.95
N LYS A 58 -16.85 -3.12 -5.09
CA LYS A 58 -17.75 -4.07 -4.47
C LYS A 58 -16.95 -5.12 -3.71
N ASP A 59 -16.48 -6.12 -4.45
CA ASP A 59 -15.70 -7.19 -3.87
C ASP A 59 -14.40 -6.61 -3.29
N LYS A 60 -14.16 -6.91 -2.03
CA LYS A 60 -12.97 -6.43 -1.35
C LYS A 60 -12.16 -7.62 -0.83
N SER A 61 -12.24 -8.71 -1.58
CA SER A 61 -11.52 -9.92 -1.20
C SER A 61 -10.01 -9.69 -1.29
N ALA A 62 -9.27 -10.78 -1.21
CA ALA A 62 -7.83 -10.72 -1.29
C ALA A 62 -7.41 -10.36 -2.72
N LYS A 63 -8.39 -10.33 -3.60
CA LYS A 63 -8.14 -10.00 -4.99
C LYS A 63 -8.30 -8.49 -5.18
N GLY A 64 -8.88 -7.85 -4.17
CA GLY A 64 -9.09 -6.41 -4.22
C GLY A 64 -7.77 -5.66 -4.18
N TYR A 65 -7.53 -4.85 -5.21
CA TYR A 65 -6.32 -4.06 -5.32
C TYR A 65 -6.34 -2.94 -4.28
N TYR A 66 -7.45 -2.21 -4.23
CA TYR A 66 -7.59 -1.11 -3.29
C TYR A 66 -7.97 -1.65 -1.92
N HIS A 67 -8.12 -2.96 -1.81
CA HIS A 67 -8.48 -3.58 -0.55
C HIS A 67 -7.22 -4.13 0.13
N VAL A 68 -6.12 -4.10 -0.62
CA VAL A 68 -4.86 -4.60 -0.10
C VAL A 68 -3.90 -3.41 0.09
N MET A 69 -4.48 -2.23 0.12
CA MET A 69 -3.68 -1.02 0.30
C MET A 69 -4.52 0.09 0.96
N HIS A 70 -5.53 -0.35 1.71
CA HIS A 70 -6.43 0.57 2.41
C HIS A 70 -6.94 -0.12 3.70
N ASP A 71 -7.63 -1.23 3.52
CA ASP A 71 -8.17 -1.96 4.64
C ASP A 71 -7.07 -2.23 5.66
N LYS A 72 -7.45 -2.85 6.76
CA LYS A 72 -6.50 -3.16 7.82
C LYS A 72 -6.74 -4.59 8.31
N ASN A 73 -8.01 -4.89 8.55
CA ASN A 73 -8.39 -6.21 9.03
C ASN A 73 -7.74 -7.28 8.14
N THR A 74 -7.40 -6.87 6.92
CA THR A 74 -6.77 -7.77 5.98
C THR A 74 -5.71 -8.63 6.68
N LYS A 75 -5.31 -9.70 6.01
CA LYS A 75 -4.32 -10.60 6.54
C LYS A 75 -3.01 -9.83 6.79
N PHE A 76 -2.70 -8.97 5.84
CA PHE A 76 -1.49 -8.17 5.93
C PHE A 76 -1.82 -6.69 6.12
N LYS A 77 -0.82 -5.93 6.56
CA LYS A 77 -0.99 -4.51 6.79
C LYS A 77 -1.18 -3.81 5.44
N SER A 78 -1.79 -2.63 5.51
CA SER A 78 -2.04 -1.85 4.32
C SER A 78 -1.33 -0.49 4.42
N CYS A 79 -1.65 0.38 3.48
CA CYS A 79 -1.05 1.71 3.46
C CYS A 79 -1.79 2.58 4.48
N VAL A 80 -3.10 2.50 4.44
CA VAL A 80 -3.93 3.28 5.35
C VAL A 80 -3.87 2.64 6.75
N GLY A 81 -3.74 1.33 6.75
CA GLY A 81 -3.68 0.59 8.01
C GLY A 81 -2.58 1.14 8.91
N CYS A 82 -1.34 0.87 8.52
CA CYS A 82 -0.19 1.33 9.28
C CYS A 82 -0.43 2.79 9.68
N HIS A 83 -0.80 3.59 8.68
CA HIS A 83 -1.08 5.02 8.87
C HIS A 83 -2.17 5.19 9.95
N VAL A 84 -3.13 4.26 9.94
CA VAL A 84 -4.21 4.32 10.90
C VAL A 84 -3.67 3.97 12.30
N GLU A 85 -2.68 3.09 12.32
CA GLU A 85 -2.08 2.68 13.56
C GLU A 85 -1.07 3.72 14.04
N VAL A 86 -0.62 4.54 13.10
CA VAL A 86 0.34 5.59 13.41
C VAL A 86 -0.40 6.87 13.76
N ALA A 87 -1.25 7.29 12.84
CA ALA A 87 -2.03 8.51 13.04
C ALA A 87 -3.23 8.20 13.94
N GLY A 88 -3.84 9.26 14.45
CA GLY A 88 -4.99 9.12 15.33
C GLY A 88 -4.81 9.98 16.59
N ALA A 89 -3.57 10.07 17.04
CA ALA A 89 -3.26 10.84 18.23
C ALA A 89 -3.47 12.32 17.94
N ASP A 90 -3.38 12.66 16.66
CA ASP A 90 -3.56 14.04 16.23
C ASP A 90 -4.73 14.10 15.23
N ALA A 91 -5.42 15.24 15.27
CA ALA A 91 -6.55 15.45 14.38
C ALA A 91 -6.07 16.14 13.11
N ALA A 92 -4.80 15.95 12.80
CA ALA A 92 -4.20 16.56 11.62
C ALA A 92 -3.71 15.45 10.68
N LYS A 93 -2.65 14.80 11.11
CA LYS A 93 -2.07 13.72 10.32
C LYS A 93 -3.15 12.69 9.99
N LYS A 94 -4.15 12.63 10.86
CA LYS A 94 -5.26 11.71 10.67
C LYS A 94 -6.07 12.13 9.45
N LYS A 95 -5.73 13.28 8.92
CA LYS A 95 -6.42 13.81 7.75
C LYS A 95 -5.41 13.98 6.61
N ASP A 96 -4.16 13.66 6.90
CA ASP A 96 -3.11 13.77 5.91
C ASP A 96 -2.54 12.37 5.61
N LEU A 97 -2.62 11.51 6.60
CA LEU A 97 -2.14 10.15 6.45
C LEU A 97 -3.27 9.25 5.98
N THR A 98 -4.43 9.43 6.62
CA THR A 98 -5.59 8.64 6.27
C THR A 98 -6.61 9.49 5.50
N GLY A 99 -6.23 10.74 5.28
CA GLY A 99 -7.09 11.67 4.56
C GLY A 99 -7.37 11.17 3.14
N CYS A 100 -8.47 11.64 2.58
CA CYS A 100 -8.85 11.25 1.24
C CYS A 100 -8.41 12.35 0.28
N LYS A 101 -8.70 13.58 0.67
CA LYS A 101 -8.33 14.73 -0.16
C LYS A 101 -7.26 15.55 0.57
N LYS A 102 -6.34 16.07 -0.21
CA LYS A 102 -5.26 16.87 0.33
C LYS A 102 -4.27 15.96 1.07
N SER A 103 -4.52 14.66 0.97
CA SER A 103 -3.67 13.69 1.61
C SER A 103 -2.41 13.47 0.79
N LYS A 104 -1.33 13.10 1.49
CA LYS A 104 -0.06 12.87 0.84
C LYS A 104 -0.24 11.87 -0.29
N CYS A 105 -1.03 10.84 -0.01
CA CYS A 105 -1.30 9.80 -1.00
C CYS A 105 -2.14 10.41 -2.11
N HIS A 106 -3.33 10.88 -1.74
CA HIS A 106 -4.27 11.50 -2.66
C HIS A 106 -4.19 13.03 -2.55
N GLU A 107 -3.02 13.56 -2.85
CA GLU A 107 -2.81 15.00 -2.78
C GLU A 107 -3.25 15.66 -4.09
FE HEC B . 9.71 -2.62 -2.09
CHA HEC B . 8.83 -2.12 -5.47
CHB HEC B . 12.65 -4.01 -3.10
CHC HEC B . 10.57 -2.89 1.16
CHD HEC B . 6.57 -1.31 -1.22
NA HEC B . 10.57 -2.93 -3.92
C1A HEC B . 10.03 -2.76 -5.18
C2A HEC B . 10.89 -3.35 -6.18
C3A HEC B . 11.95 -3.88 -5.52
C4A HEC B . 11.75 -3.61 -4.11
CMA HEC B . 13.13 -4.60 -6.11
CAA HEC B . 10.62 -3.37 -7.64
CBA HEC B . 10.36 -4.76 -8.22
CGA HEC B . 11.63 -5.36 -8.79
O1A HEC B . 11.80 -6.59 -8.64
O2A HEC B . 12.42 -4.59 -9.36
NB HEC B . 11.27 -3.29 -1.18
C1B HEC B . 12.40 -3.86 -1.73
C2B HEC B . 13.31 -4.29 -0.69
C3B HEC B . 12.73 -3.98 0.49
C4B HEC B . 11.47 -3.36 0.19
CMB HEC B . 14.64 -4.95 -0.94
CAB HEC B . 13.28 -4.22 1.87
CBB HEC B . 14.73 -3.80 2.04
NC HEC B . 8.76 -2.13 -0.39
C1C HEC B . 9.26 -2.32 0.89
C2C HEC B . 8.29 -1.96 1.88
C3C HEC B . 7.18 -1.55 1.22
C4C HEC B . 7.48 -1.65 -0.19
CMC HEC B . 8.49 -2.04 3.36
CAC HEC B . 5.88 -1.07 1.79
CBC HEC B . 5.96 -0.68 3.27
ND HEC B . 8.03 -1.88 -3.13
C1D HEC B . 6.87 -1.37 -2.58
C2D HEC B . 5.98 -0.91 -3.62
C3D HEC B . 6.60 -1.13 -4.80
C4D HEC B . 7.88 -1.74 -4.50
CMD HEC B . 4.63 -0.30 -3.39
CAD HEC B . 6.10 -0.84 -6.18
CBD HEC B . 4.92 -1.71 -6.62
CGD HEC B . 4.10 -2.16 -5.43
O1D HEC B . 2.91 -1.77 -5.39
O2D HEC B . 4.66 -2.87 -4.58
HHA HEC B . 8.61 -1.90 -6.51
HHB HEC B . 13.60 -4.45 -3.40
HHC HEC B . 10.86 -2.99 2.21
HHD HEC B . 5.58 -0.97 -0.92
HMA1 HEC B . 12.85 -5.64 -6.30
HMA2 HEC B . 13.42 -4.12 -7.03
HMA3 HEC B . 13.96 -4.58 -5.40
HAA1 HEC B . 9.73 -2.76 -7.86
HAA2 HEC B . 11.47 -2.95 -8.18
HBA1 HEC B . 9.98 -5.41 -7.43
HBA2 HEC B . 9.62 -4.69 -9.02
HMB1 HEC B . 15.44 -4.23 -0.75
HMB2 HEC B . 14.75 -5.80 -0.27
HMB3 HEC B . 14.70 -5.29 -1.97
HAB HEC B . 12.68 -3.66 2.59
HBB1 HEC B . 14.83 -3.22 2.96
HBB2 HEC B . 15.36 -4.69 2.09
HBB3 HEC B . 15.05 -3.19 1.20
HMC1 HEC B . 7.79 -2.76 3.78
HMC2 HEC B . 9.51 -2.38 3.57
HMC3 HEC B . 8.33 -1.07 3.81
HAC HEC B . 5.54 -0.19 1.25
HBC1 HEC B . 5.01 -0.26 3.58
HBC2 HEC B . 6.20 -1.56 3.86
HBC3 HEC B . 6.74 0.08 3.39
HMD1 HEC B . 4.64 0.29 -2.48
HMD2 HEC B . 4.37 0.33 -4.24
HMD3 HEC B . 3.88 -1.10 -3.29
HAD1 HEC B . 5.76 0.20 -6.23
HAD2 HEC B . 6.91 -0.98 -6.91
HBD1 HEC B . 4.29 -1.15 -7.31
HBD2 HEC B . 5.31 -2.59 -7.13
FE HEC C . -1.08 -9.51 -1.84
CHA HEC C . -3.37 -11.09 0.29
CHB HEC C . -1.22 -6.73 -0.02
CHC HEC C . 1.37 -8.26 -3.83
CHD HEC C . -1.07 -12.51 -3.77
NA HEC C . -2.07 -9.05 -0.19
C1A HEC C . -3.02 -9.77 0.52
C2A HEC C . -3.58 -8.94 1.56
C3A HEC C . -3.00 -7.73 1.48
C4A HEC C . -2.05 -7.80 0.39
CMA HEC C . -3.23 -6.52 2.34
CAA HEC C . -4.64 -9.39 2.53
CBA HEC C . -6.05 -8.96 2.15
CGA HEC C . -7.09 -9.61 3.06
O1A HEC C . -6.85 -10.78 3.43
O2A HEC C . -8.09 -8.93 3.36
NB HEC C . -0.15 -7.86 -1.93
C1B HEC C . -0.29 -6.80 -1.05
C2B HEC C . 0.65 -5.75 -1.36
C3B HEC C . 1.37 -6.18 -2.41
C4B HEC C . 0.88 -7.48 -2.78
CMB HEC C . 0.77 -4.45 -0.61
CAB HEC C . 2.48 -5.45 -3.12
CBB HEC C . 3.65 -5.06 -2.21
NC HEC C . -0.09 -10.25 -3.51
C1C HEC C . 0.74 -9.49 -4.30
C2C HEC C . 1.07 -10.20 -5.51
C3C HEC C . 0.44 -11.40 -5.45
C4C HEC C . -0.28 -11.43 -4.20
CMC HEC C . 1.96 -9.68 -6.60
CAC HEC C . 0.47 -12.50 -6.46
CBC HEC C . 1.86 -13.04 -6.77
ND HEC C . -2.03 -11.42 -1.77
C1D HEC C . -1.88 -12.50 -2.63
C2D HEC C . -2.69 -13.60 -2.20
C3D HEC C . -3.34 -13.22 -1.08
C4D HEC C . -2.93 -11.85 -0.81
CMD HEC C . -2.78 -14.93 -2.90
CAD HEC C . -4.30 -14.00 -0.24
CBD HEC C . -3.70 -14.52 1.06
CGD HEC C . -2.42 -15.30 0.81
O1D HEC C . -2.04 -15.40 -0.38
O2D HEC C . -1.84 -15.77 1.81
HHA HEC C . -4.05 -11.56 0.99
HHB HEC C . -1.32 -5.78 0.52
HHC HEC C . 2.25 -7.89 -4.36
HHD HEC C . -1.04 -13.43 -4.36
HMA1 HEC C . -3.35 -5.65 1.70
HMA2 HEC C . -4.14 -6.67 2.92
HMA3 HEC C . -2.38 -6.38 3.01
HAA1 HEC C . -4.64 -10.49 2.58
HAA2 HEC C . -4.43 -8.98 3.52
HBA1 HEC C . -6.14 -7.87 2.26
HBA2 HEC C . -6.26 -9.24 1.13
HMB1 HEC C . -0.22 -4.03 -0.45
HMB2 HEC C . 1.25 -4.63 0.34
HMB3 HEC C . 1.37 -3.76 -1.20
HAB HEC C . 2.89 -6.09 -3.90
HBB1 HEC C . 4.19 -4.23 -2.66
HBB2 HEC C . 3.26 -4.75 -1.25
HBB3 HEC C . 4.31 -5.92 -2.09
HMC1 HEC C . 2.55 -8.85 -6.22
HMC2 HEC C . 2.62 -10.47 -6.95
HMC3 HEC C . 1.34 -9.33 -7.44
HAC HEC C . -0.12 -13.35 -6.09
HBC1 HEC C . 1.81 -14.08 -7.05
HBC2 HEC C . 2.29 -12.45 -7.59
HBC3 HEC C . 2.49 -12.93 -5.89
HMD1 HEC C . -1.77 -15.32 -3.07
HMD2 HEC C . -3.34 -15.63 -2.28
HMD3 HEC C . -3.29 -14.80 -3.86
HAD1 HEC C . -5.15 -13.38 0.02
HAD2 HEC C . -4.64 -14.87 -0.80
HBD1 HEC C . -3.48 -13.68 1.72
HBD2 HEC C . -4.42 -15.18 1.56
FE HEC D . 3.38 5.26 4.74
CHA HEC D . 4.65 8.49 5.67
CHB HEC D . 2.53 6.66 1.69
CHC HEC D . 2.49 2.23 3.71
CHD HEC D . 4.27 4.16 7.87
NA HEC D . 3.59 7.20 3.87
C1A HEC D . 4.08 8.37 4.42
C2A HEC D . 3.91 9.47 3.49
C3A HEC D . 3.32 8.96 2.38
C4A HEC D . 3.12 7.55 2.62
CMA HEC D . 2.93 9.69 1.13
CAA HEC D . 4.33 10.88 3.75
CBA HEC D . 5.70 11.24 3.20
CGA HEC D . 6.59 11.85 4.27
O1A HEC D . 7.80 11.58 4.23
O2A HEC D . 6.03 12.58 5.12
NB HEC D . 2.64 4.62 3.07
C1B HEC D . 2.39 5.30 1.89
C2B HEC D . 1.96 4.37 0.86
C3B HEC D . 1.94 3.14 1.43
C4B HEC D . 2.37 3.30 2.79
CMB HEC D . 1.59 4.75 -0.54
CAB HEC D . 1.57 1.84 0.78
CBB HEC D . 2.26 1.59 -0.56
NC HEC D . 3.28 3.60 5.67
C1C HEC D . 2.82 2.41 5.12
C2C HEC D . 2.98 1.33 6.07
C3C HEC D . 3.52 1.85 7.19
C4C HEC D . 3.72 3.26 6.94
CMC HEC D . 2.58 -0.10 5.81
CAC HEC D . 3.88 1.13 8.45
CBC HEC D . 4.36 -0.29 8.26
ND HEC D . 4.24 6.17 6.45
C1D HEC D . 4.59 5.49 7.59
C2D HEC D . 5.36 6.33 8.47
C3D HEC D . 5.47 7.54 7.86
C4D HEC D . 4.77 7.44 6.60
CMD HEC D . 5.91 5.92 9.80
CAD HEC D . 6.17 8.77 8.37
CBD HEC D . 5.33 9.62 9.32
CGD HEC D . 4.93 8.83 10.56
O1D HEC D . 3.90 8.12 10.47
O2D HEC D . 5.67 8.95 11.56
HHA HEC D . 5.05 9.47 5.96
HHB HEC D . 2.15 7.09 0.76
HHC HEC D . 2.26 1.23 3.36
HHD HEC D . 4.46 3.79 8.88
HMA1 HEC D . 3.32 9.16 0.27
HMA2 HEC D . 1.84 9.73 1.06
HMA3 HEC D . 3.33 10.70 1.16
HAA1 HEC D . 3.61 11.56 3.29
HAA2 HEC D . 4.36 11.05 4.83
HBA1 HEC D . 6.18 10.34 2.82
HBA2 HEC D . 5.59 11.96 2.38
HMB1 HEC D . 2.50 4.99 -1.10
HMB2 HEC D . 1.08 3.91 -1.02
HMB3 HEC D . 0.94 5.62 -0.53
HAB HEC D . 1.84 1.01 1.45
HBB1 HEC D . 1.51 1.33 -1.31
HBB2 HEC D . 2.79 2.49 -0.87
HBB3 HEC D . 2.96 0.77 -0.46
HMC1 HEC D . 3.36 -0.60 5.25
HMC2 HEC D . 2.43 -0.61 6.76
HMC3 HEC D . 1.64 -0.12 5.24
HAC HEC D . 4.68 1.67 8.96
HBC1 HEC D . 4.77 -0.41 7.25
HBC2 HEC D . 5.12 -0.53 8.99
HBC3 HEC D . 3.51 -0.98 8.37
HMD1 HEC D . 6.86 6.44 9.98
HMD2 HEC D . 5.20 6.17 10.59
HMD3 HEC D . 6.09 4.84 9.81
HAD1 HEC D . 7.06 8.47 8.91
HAD2 HEC D . 6.44 9.39 7.52
HBD1 HEC D . 5.90 10.49 9.62
HBD2 HEC D . 4.42 9.94 8.80
FE HEC E . -6.46 5.49 -1.79
CHA HEC E . -6.09 3.83 -4.84
CHB HEC E . -9.79 5.89 -2.43
CHC HEC E . -6.85 6.76 1.35
CHD HEC E . -3.02 5.18 -1.32
NA HEC E . -7.68 4.96 -3.32
C1A HEC E . -7.37 4.30 -4.49
C2A HEC E . -8.54 4.14 -5.32
C3A HEC E . -9.57 4.71 -4.65
C4A HEC E . -9.04 5.22 -3.40
CMA HEC E . -11.00 4.81 -5.07
CAA HEC E . -8.57 3.47 -6.65
CBA HEC E . -9.03 2.01 -6.61
CGA HEC E . -9.54 1.56 -7.97
O1A HEC E . -8.82 1.82 -8.96
O2A HEC E . -10.63 0.96 -8.00
NB HEC E . -8.02 6.11 -0.73
C1B HEC E . -9.29 6.34 -1.22
C2B HEC E . -10.05 7.14 -0.27
C3B HEC E . -9.23 7.38 0.78
C4B HEC E . -7.97 6.74 0.50
CMB HEC E . -11.46 7.58 -0.46
CAB HEC E . -9.54 8.16 2.02
CBB HEC E . -9.82 7.29 3.25
NC HEC E . -5.17 5.84 -0.26
C1C HEC E . -5.47 6.44 0.95
C2C HEC E . -4.27 6.72 1.69
C3C HEC E . -3.23 6.29 0.94
C4C HEC E . -3.78 5.74 -0.28
CMC HEC E . -4.22 7.37 3.04
CAC HEC E . -1.76 6.36 1.26
CBC HEC E . -1.42 5.96 2.69
ND HEC E . -4.87 4.73 -2.89
C1D HEC E . -3.56 4.60 -2.46
C2D HEC E . -2.82 3.75 -3.36
C3D HEC E . -3.67 3.38 -4.34
C4D HEC E . -4.94 3.98 -4.06
CMD HEC E . -1.37 3.39 -3.20
CAD HEC E . -3.38 2.49 -5.52
CBD HEC E . -2.55 3.16 -6.60
CGD HEC E . -2.58 2.36 -7.90
O1D HEC E . -2.85 2.97 -8.94
O2D HEC E . -2.32 1.13 -7.81
HHA HEC E . -5.99 3.32 -5.80
HHB HEC E . -10.85 6.06 -2.64
HHC HEC E . -7.02 7.06 2.39
HHD HEC E . -1.94 5.22 -1.22
HMA1 HEC E . -11.15 4.24 -6.00
HMA2 HEC E . -11.64 4.42 -4.29
HMA3 HEC E . -11.25 5.86 -5.25
HAA1 HEC E . -9.26 4.00 -7.32
HAA2 HEC E . -7.57 3.47 -7.09
HBA1 HEC E . -8.20 1.37 -6.31
HBA2 HEC E . -9.84 1.92 -5.88
HMB1 HEC E . -11.99 7.56 0.50
HMB2 HEC E . -11.48 8.59 -0.87
HMB3 HEC E . -11.96 6.90 -1.15
HAB HEC E . -8.70 8.79 2.28
HBB1 HEC E . -10.05 7.93 4.10
HBB2 HEC E . -10.67 6.63 3.04
HBB3 HEC E . -8.94 6.68 3.47
HMC1 HEC E . -5.23 7.50 3.42
HMC2 HEC E . -3.65 6.75 3.73
HMC3 HEC E . -3.74 8.35 2.96
HAC HEC E . -1.22 5.68 0.60
HBC1 HEC E . -2.00 5.07 2.96
HBC2 HEC E . -0.36 5.74 2.77
HBC3 HEC E . -1.67 6.78 3.37
HMD1 HEC E . -0.88 3.43 -4.18
HMD2 HEC E . -0.89 4.09 -2.53
HMD3 HEC E . -1.29 2.38 -2.79
HAD1 HEC E . -2.84 1.61 -5.19
HAD2 HEC E . -4.33 2.20 -5.98
HBD1 HEC E . -2.93 4.16 -6.81
HBD2 HEC E . -1.51 3.23 -6.27
N ALA A 1 19.80 -9.33 -7.31
CA ALA A 1 19.99 -8.99 -5.90
C ALA A 1 19.90 -7.47 -5.73
N PRO A 2 18.69 -6.95 -5.94
CA PRO A 2 18.38 -5.54 -5.82
C PRO A 2 17.99 -5.23 -4.39
N LYS A 3 18.81 -4.43 -3.72
CA LYS A 3 18.53 -4.06 -2.34
C LYS A 3 17.21 -3.28 -2.28
N ALA A 4 17.29 -2.10 -1.70
CA ALA A 4 16.11 -1.25 -1.57
C ALA A 4 16.35 0.07 -2.31
N PRO A 5 16.29 0.00 -3.64
CA PRO A 5 16.49 1.13 -4.52
C PRO A 5 15.81 2.36 -3.94
N ALA A 6 16.19 3.53 -4.42
CA ALA A 6 15.61 4.77 -3.93
C ALA A 6 14.31 5.05 -4.69
N ASP A 7 13.67 6.14 -4.31
CA ASP A 7 12.42 6.53 -4.94
C ASP A 7 12.54 6.37 -6.46
N GLY A 8 11.40 6.44 -7.13
CA GLY A 8 11.37 6.30 -8.57
C GLY A 8 10.20 5.41 -9.00
N LEU A 9 9.56 4.80 -8.02
CA LEU A 9 8.43 3.92 -8.29
C LEU A 9 7.13 4.69 -8.03
N LYS A 10 6.25 4.64 -9.03
CA LYS A 10 4.97 5.32 -8.93
C LYS A 10 3.85 4.34 -9.29
N MET A 11 2.95 4.16 -8.34
CA MET A 11 1.82 3.26 -8.54
C MET A 11 0.59 4.02 -9.04
N GLU A 12 0.53 4.19 -10.35
CA GLU A 12 -0.58 4.89 -10.97
C GLU A 12 -1.28 4.01 -12.00
N ALA A 13 -1.44 2.74 -11.62
CA ALA A 13 -2.09 1.78 -12.51
C ALA A 13 -3.56 2.16 -12.68
N THR A 14 -4.07 2.89 -11.70
CA THR A 14 -5.45 3.32 -11.73
C THR A 14 -5.55 4.80 -12.10
N LYS A 15 -6.68 5.39 -11.75
CA LYS A 15 -6.90 6.80 -12.04
C LYS A 15 -6.47 7.64 -10.83
N GLN A 16 -5.48 7.13 -10.12
CA GLN A 16 -4.97 7.82 -8.95
C GLN A 16 -3.52 7.39 -8.68
N PRO A 17 -2.59 8.16 -9.25
CA PRO A 17 -1.17 7.95 -9.12
C PRO A 17 -0.74 8.14 -7.67
N VAL A 18 -0.05 7.16 -7.13
CA VAL A 18 0.39 7.24 -5.75
C VAL A 18 1.83 6.70 -5.64
N VAL A 19 2.77 7.63 -5.61
CA VAL A 19 4.18 7.26 -5.52
C VAL A 19 4.50 6.88 -4.07
N PHE A 20 5.55 6.08 -3.93
CA PHE A 20 5.98 5.64 -2.61
C PHE A 20 7.48 5.43 -2.57
N ASN A 21 8.13 6.18 -1.70
CA ASN A 21 9.57 6.09 -1.54
C ASN A 21 9.91 5.02 -0.50
N HIS A 22 11.01 4.31 -0.75
CA HIS A 22 11.49 3.26 0.13
C HIS A 22 12.23 3.87 1.33
N SER A 23 12.81 5.04 1.10
CA SER A 23 13.55 5.72 2.15
C SER A 23 12.58 6.21 3.23
N THR A 24 11.31 6.28 2.86
CA THR A 24 10.28 6.73 3.77
C THR A 24 9.53 5.52 4.36
N HIS A 25 10.03 4.33 4.02
CA HIS A 25 9.44 3.07 4.48
C HIS A 25 10.54 2.00 4.57
N LYS A 26 11.63 2.35 5.24
CA LYS A 26 12.74 1.43 5.39
C LYS A 26 12.68 0.81 6.80
N SER A 27 11.99 1.50 7.68
CA SER A 27 11.86 1.03 9.06
C SER A 27 10.61 0.14 9.18
N VAL A 28 10.38 -0.65 8.14
CA VAL A 28 9.24 -1.54 8.12
C VAL A 28 9.68 -2.91 7.61
N LYS A 29 9.07 -3.94 8.18
CA LYS A 29 9.39 -5.31 7.80
C LYS A 29 9.38 -5.42 6.27
N CYS A 30 10.53 -5.80 5.73
CA CYS A 30 10.67 -5.94 4.29
C CYS A 30 9.59 -6.90 3.80
N GLY A 31 9.07 -7.69 4.73
CA GLY A 31 8.04 -8.65 4.42
C GLY A 31 6.64 -8.11 4.77
N ASP A 32 6.61 -6.82 5.04
CA ASP A 32 5.37 -6.16 5.40
C ASP A 32 4.64 -5.72 4.13
N CYS A 33 5.42 -5.26 3.17
CA CYS A 33 4.87 -4.81 1.90
C CYS A 33 4.96 -5.96 0.90
N HIS A 34 6.14 -6.58 0.86
CA HIS A 34 6.42 -7.70 -0.04
C HIS A 34 6.18 -9.02 0.71
N HIS A 35 4.90 -9.38 0.85
CA HIS A 35 4.50 -10.61 1.52
C HIS A 35 4.85 -11.82 0.65
N PRO A 36 4.92 -13.00 1.29
CA PRO A 36 5.24 -14.25 0.67
C PRO A 36 4.15 -14.61 -0.33
N VAL A 37 4.56 -14.98 -1.54
CA VAL A 37 3.59 -15.34 -2.57
C VAL A 37 4.09 -16.58 -3.31
N ASN A 38 3.24 -17.59 -3.34
CA ASN A 38 3.59 -18.84 -4.02
C ASN A 38 4.78 -19.48 -3.31
N GLY A 39 4.80 -19.32 -1.99
CA GLY A 39 5.88 -19.88 -1.19
C GLY A 39 7.25 -19.38 -1.69
N LYS A 40 7.39 -18.07 -1.70
CA LYS A 40 8.64 -17.46 -2.14
C LYS A 40 8.45 -15.94 -2.24
N GLU A 41 8.99 -15.25 -1.25
CA GLU A 41 8.90 -13.80 -1.20
C GLU A 41 8.81 -13.23 -2.62
N ASP A 42 7.79 -12.42 -2.84
CA ASP A 42 7.58 -11.81 -4.14
C ASP A 42 7.81 -10.30 -4.03
N TYR A 43 8.35 -9.73 -5.11
CA TYR A 43 8.63 -8.31 -5.17
C TYR A 43 8.12 -7.73 -6.48
N ARG A 44 7.13 -8.40 -7.07
CA ARG A 44 6.57 -7.93 -8.33
C ARG A 44 5.37 -7.01 -8.07
N LYS A 45 4.93 -6.36 -9.13
CA LYS A 45 3.80 -5.45 -9.02
C LYS A 45 2.77 -6.03 -8.05
N CYS A 46 2.18 -5.15 -7.27
CA CYS A 46 1.17 -5.56 -6.29
C CYS A 46 0.01 -6.21 -7.05
N GLY A 47 -0.39 -5.56 -8.13
CA GLY A 47 -1.49 -6.05 -8.94
C GLY A 47 -1.05 -7.25 -9.79
N THR A 48 -0.49 -6.93 -10.95
CA THR A 48 -0.02 -7.96 -11.85
C THR A 48 -1.14 -8.95 -12.17
N ALA A 49 -0.91 -9.77 -13.18
CA ALA A 49 -1.88 -10.76 -13.59
C ALA A 49 -1.66 -12.05 -12.79
N GLY A 50 -2.70 -12.45 -12.08
CA GLY A 50 -2.63 -13.65 -11.26
C GLY A 50 -2.80 -13.33 -9.78
N CYS A 51 -2.67 -12.04 -9.47
CA CYS A 51 -2.81 -11.58 -8.10
C CYS A 51 -3.95 -10.58 -8.03
N HIS A 52 -3.73 -9.51 -7.27
CA HIS A 52 -4.71 -8.45 -7.08
C HIS A 52 -5.01 -7.78 -8.43
N ASP A 53 -5.97 -8.35 -9.14
CA ASP A 53 -6.36 -7.82 -10.44
C ASP A 53 -7.78 -7.27 -10.36
N SER A 54 -8.20 -6.99 -9.14
CA SER A 54 -9.54 -6.47 -8.91
C SER A 54 -9.48 -4.94 -8.81
N MET A 55 -10.17 -4.29 -9.74
CA MET A 55 -10.21 -2.84 -9.77
C MET A 55 -11.63 -2.32 -9.95
N ASP A 56 -12.49 -2.71 -9.01
CA ASP A 56 -13.88 -2.30 -9.05
C ASP A 56 -14.26 -1.63 -7.74
N LYS A 57 -15.56 -1.43 -7.56
CA LYS A 57 -16.06 -0.79 -6.35
C LYS A 57 -17.12 -1.70 -5.72
N LYS A 58 -16.66 -2.55 -4.81
CA LYS A 58 -17.55 -3.47 -4.13
C LYS A 58 -16.73 -4.56 -3.45
N ASP A 59 -16.41 -5.59 -4.23
CA ASP A 59 -15.64 -6.70 -3.73
C ASP A 59 -14.41 -6.17 -2.98
N LYS A 60 -14.26 -6.64 -1.75
CA LYS A 60 -13.14 -6.21 -0.92
C LYS A 60 -12.27 -7.43 -0.59
N SER A 61 -12.49 -8.50 -1.32
CA SER A 61 -11.74 -9.73 -1.11
C SER A 61 -10.25 -9.45 -1.25
N ALA A 62 -9.47 -10.48 -0.96
CA ALA A 62 -8.02 -10.37 -1.04
C ALA A 62 -7.63 -9.88 -2.43
N LYS A 63 -8.44 -10.26 -3.41
CA LYS A 63 -8.20 -9.86 -4.78
C LYS A 63 -8.29 -8.34 -4.90
N GLY A 64 -9.14 -7.76 -4.07
CA GLY A 64 -9.33 -6.32 -4.07
C GLY A 64 -7.99 -5.59 -4.02
N TYR A 65 -7.71 -4.85 -5.09
CA TYR A 65 -6.48 -4.10 -5.21
C TYR A 65 -6.48 -2.95 -4.21
N TYR A 66 -7.59 -2.21 -4.14
CA TYR A 66 -7.71 -1.09 -3.23
C TYR A 66 -8.03 -1.60 -1.83
N HIS A 67 -8.19 -2.90 -1.70
CA HIS A 67 -8.49 -3.49 -0.40
C HIS A 67 -7.20 -4.01 0.24
N VAL A 68 -6.15 -4.02 -0.55
CA VAL A 68 -4.86 -4.50 -0.08
C VAL A 68 -3.92 -3.30 0.10
N MET A 69 -4.51 -2.11 0.10
CA MET A 69 -3.75 -0.89 0.26
C MET A 69 -4.59 0.19 0.93
N HIS A 70 -5.57 -0.25 1.72
CA HIS A 70 -6.48 0.64 2.44
C HIS A 70 -6.96 -0.04 3.73
N ASP A 71 -7.95 -0.91 3.58
CA ASP A 71 -8.49 -1.62 4.73
C ASP A 71 -7.35 -2.12 5.61
N LYS A 72 -7.68 -2.34 6.87
CA LYS A 72 -6.69 -2.81 7.83
C LYS A 72 -7.16 -4.13 8.43
N ASN A 73 -8.33 -4.56 8.00
CA ASN A 73 -8.89 -5.81 8.48
C ASN A 73 -8.48 -6.95 7.55
N THR A 74 -7.21 -6.93 7.17
CA THR A 74 -6.67 -7.95 6.30
C THR A 74 -5.54 -8.71 6.99
N LYS A 75 -5.19 -9.85 6.41
CA LYS A 75 -4.14 -10.68 6.96
C LYS A 75 -2.82 -9.89 6.95
N PHE A 76 -2.63 -9.15 5.87
CA PHE A 76 -1.41 -8.35 5.72
C PHE A 76 -1.75 -6.86 5.76
N LYS A 77 -0.83 -6.10 6.35
CA LYS A 77 -1.01 -4.66 6.45
C LYS A 77 -1.19 -4.06 5.06
N SER A 78 -1.81 -2.90 5.02
CA SER A 78 -2.04 -2.22 3.75
C SER A 78 -1.18 -0.96 3.68
N CYS A 79 -1.86 0.18 3.67
CA CYS A 79 -1.17 1.47 3.60
C CYS A 79 -1.86 2.43 4.57
N VAL A 80 -3.18 2.47 4.48
CA VAL A 80 -3.96 3.34 5.34
C VAL A 80 -3.98 2.77 6.76
N GLY A 81 -3.94 1.45 6.83
CA GLY A 81 -3.94 0.77 8.11
C GLY A 81 -2.81 1.27 9.01
N CYS A 82 -1.59 0.91 8.63
CA CYS A 82 -0.42 1.32 9.38
C CYS A 82 -0.57 2.79 9.76
N HIS A 83 -0.92 3.60 8.75
CA HIS A 83 -1.12 5.03 8.91
C HIS A 83 -2.18 5.30 10.00
N VAL A 84 -3.18 4.43 10.03
CA VAL A 84 -4.25 4.57 11.01
C VAL A 84 -3.71 4.23 12.40
N GLU A 85 -2.74 3.33 12.42
CA GLU A 85 -2.12 2.92 13.67
C GLU A 85 -0.99 3.88 14.04
N VAL A 86 -0.63 4.73 13.10
CA VAL A 86 0.42 5.70 13.31
C VAL A 86 -0.19 7.03 13.72
N ALA A 87 -1.17 7.47 12.94
CA ALA A 87 -1.84 8.73 13.22
C ALA A 87 -2.00 8.90 14.73
N GLY A 88 -2.42 7.82 15.38
CA GLY A 88 -2.61 7.85 16.82
C GLY A 88 -3.88 8.61 17.19
N ALA A 89 -3.73 9.92 17.35
CA ALA A 89 -4.85 10.77 17.71
C ALA A 89 -4.65 12.15 17.08
N ASP A 90 -3.81 12.18 16.06
CA ASP A 90 -3.53 13.43 15.36
C ASP A 90 -4.59 13.66 14.30
N ALA A 91 -5.78 14.03 14.76
CA ALA A 91 -6.89 14.29 13.86
C ALA A 91 -6.43 15.24 12.75
N ALA A 92 -5.37 15.98 13.04
CA ALA A 92 -4.83 16.91 12.09
C ALA A 92 -4.09 16.15 10.98
N LYS A 93 -3.23 15.24 11.41
CA LYS A 93 -2.45 14.44 10.48
C LYS A 93 -3.35 13.35 9.89
N LYS A 94 -4.43 13.06 10.61
CA LYS A 94 -5.37 12.04 10.18
C LYS A 94 -5.96 12.46 8.82
N LYS A 95 -5.76 13.72 8.48
CA LYS A 95 -6.27 14.25 7.22
C LYS A 95 -5.12 14.36 6.23
N ASP A 96 -4.01 13.73 6.57
CA ASP A 96 -2.84 13.75 5.71
C ASP A 96 -2.37 12.32 5.46
N LEU A 97 -2.38 11.53 6.52
CA LEU A 97 -1.96 10.13 6.42
C LEU A 97 -3.12 9.30 5.89
N THR A 98 -4.27 9.45 6.53
CA THR A 98 -5.46 8.71 6.12
C THR A 98 -6.39 9.61 5.31
N GLY A 99 -6.01 10.88 5.22
CA GLY A 99 -6.80 11.84 4.47
C GLY A 99 -7.08 11.34 3.06
N CYS A 100 -8.21 11.78 2.52
CA CYS A 100 -8.61 11.39 1.19
C CYS A 100 -8.15 12.48 0.21
N LYS A 101 -8.38 13.72 0.61
CA LYS A 101 -8.00 14.85 -0.21
C LYS A 101 -6.92 15.66 0.51
N LYS A 102 -5.87 15.98 -0.23
CA LYS A 102 -4.78 16.75 0.34
C LYS A 102 -3.77 15.80 0.99
N SER A 103 -4.15 14.54 1.06
CA SER A 103 -3.30 13.52 1.65
C SER A 103 -2.06 13.31 0.79
N LYS A 104 -1.00 12.84 1.43
CA LYS A 104 0.25 12.59 0.74
C LYS A 104 0.01 11.56 -0.37
N CYS A 105 -0.81 10.57 -0.05
CA CYS A 105 -1.12 9.52 -1.01
C CYS A 105 -1.96 10.14 -2.13
N HIS A 106 -3.06 10.76 -1.73
CA HIS A 106 -3.98 11.40 -2.66
C HIS A 106 -3.90 12.93 -2.50
N GLU A 107 -2.74 13.48 -2.85
CA GLU A 107 -2.53 14.90 -2.76
C GLU A 107 -2.79 15.58 -4.10
FE HEC B . 9.68 -2.53 -2.03
CHA HEC B . 8.68 -2.10 -5.35
CHB HEC B . 12.63 -3.86 -3.10
CHC HEC B . 10.56 -3.02 1.22
CHD HEC B . 6.67 -1.08 -1.03
NA HEC B . 10.49 -2.87 -3.85
C1A HEC B . 9.92 -2.69 -5.10
C2A HEC B . 10.80 -3.19 -6.13
C3A HEC B . 11.90 -3.68 -5.51
C4A HEC B . 11.70 -3.48 -4.09
CMA HEC B . 13.10 -4.31 -6.13
CAA HEC B . 10.50 -3.16 -7.60
CBA HEC B . 11.52 -2.36 -8.42
CGA HEC B . 12.60 -3.27 -8.99
O1A HEC B . 13.75 -2.79 -9.09
O2A HEC B . 12.24 -4.42 -9.32
NB HEC B . 11.26 -3.26 -1.13
C1B HEC B . 12.39 -3.80 -1.73
C2B HEC B . 13.30 -4.31 -0.73
C3B HEC B . 12.72 -4.08 0.47
C4B HEC B . 11.46 -3.43 0.23
CMB HEC B . 14.61 -4.96 -1.02
CAB HEC B . 13.26 -4.42 1.84
CBB HEC B . 14.78 -4.59 1.87
NC HEC B . 8.84 -1.99 -0.27
C1C HEC B . 9.38 -2.23 0.97
C2C HEC B . 8.44 -1.87 2.00
C3C HEC B . 7.33 -1.41 1.38
C4C HEC B . 7.58 -1.48 -0.03
CMC HEC B . 8.68 -2.00 3.48
CAC HEC B . 6.06 -0.90 2.01
CBC HEC B . 6.20 -0.55 3.48
ND HEC B . 8.03 -1.71 -2.98
C1D HEC B . 6.87 -1.24 -2.40
C2D HEC B . 5.88 -0.93 -3.40
C3D HEC B . 6.44 -1.21 -4.60
C4D HEC B . 7.77 -1.70 -4.35
CMD HEC B . 4.51 -0.40 -3.12
CAD HEC B . 5.82 -1.07 -5.97
CBD HEC B . 4.75 -2.11 -6.27
CGD HEC B . 4.19 -1.92 -7.68
O1D HEC B . 3.03 -2.32 -7.88
O2D HEC B . 4.95 -1.38 -8.52
HHA HEC B . 8.39 -1.94 -6.39
HHB HEC B . 13.60 -4.21 -3.44
HHC HEC B . 10.80 -3.30 2.25
HHD HEC B . 5.74 -0.62 -0.70
HMA1 HEC B . 13.54 -5.03 -5.44
HMA2 HEC B . 12.81 -4.83 -7.04
HMA3 HEC B . 13.83 -3.54 -6.38
HAA1 HEC B . 10.51 -4.18 -8.00
HAA2 HEC B . 9.53 -2.70 -7.76
HBA1 HEC B . 11.01 -1.85 -9.24
HBA2 HEC B . 11.99 -1.62 -7.77
HMB1 HEC B . 14.67 -5.21 -2.07
HMB2 HEC B . 15.43 -4.28 -0.76
HMB3 HEC B . 14.70 -5.88 -0.42
HAB HEC B . 13.01 -3.62 2.53
HBB1 HEC B . 15.04 -5.60 1.54
HBB2 HEC B . 15.24 -3.85 1.22
HBB3 HEC B . 15.14 -4.45 2.90
HMC1 HEC B . 7.78 -2.36 3.97
HMC2 HEC B . 9.49 -2.70 3.66
HMC3 HEC B . 8.95 -1.02 3.89
HAC HEC B . 5.74 0.01 1.49
HBC1 HEC B . 6.04 -1.45 4.09
HBC2 HEC B . 7.20 -0.16 3.68
HBC3 HEC B . 5.45 0.20 3.75
HMD1 HEC B . 4.01 -1.06 -2.41
HMD2 HEC B . 4.58 0.59 -2.70
HMD3 HEC B . 3.93 -0.37 -4.06
HAD1 HEC B . 5.35 -0.09 -6.04
HAD2 HEC B . 6.60 -1.17 -6.72
HBD1 HEC B . 5.19 -3.11 -6.20
HBD2 HEC B . 3.94 -2.02 -5.56
FE HEC C . -1.05 -9.52 -1.91
CHA HEC C . -3.26 -11.19 0.23
CHB HEC C . -1.28 -6.75 -0.04
CHC HEC C . 1.37 -8.14 -3.87
CHD HEC C . -1.00 -12.46 -3.89
NA HEC C . -2.05 -9.10 -0.24
C1A HEC C . -2.95 -9.86 0.48
C2A HEC C . -3.53 -9.08 1.55
C3A HEC C . -2.98 -7.84 1.48
C4A HEC C . -2.05 -7.85 0.36
CMA HEC C . -3.25 -6.65 2.36
CAA HEC C . -4.55 -9.57 2.53
CBA HEC C . -5.99 -9.20 2.17
CGA HEC C . -6.97 -10.03 2.97
O1A HEC C . -8.17 -10.02 2.58
O2A HEC C . -6.53 -10.67 3.94
NB HEC C . -0.16 -7.82 -1.96
C1B HEC C . -0.35 -6.77 -1.07
C2B HEC C . 0.56 -5.69 -1.37
C3B HEC C . 1.30 -6.08 -2.44
C4B HEC C . 0.85 -7.39 -2.81
CMB HEC C . 0.64 -4.40 -0.61
CAB HEC C . 2.39 -5.31 -3.13
CBB HEC C . 3.52 -4.88 -2.22
NC HEC C . -0.06 -10.18 -3.58
C1C HEC C . 0.80 -9.41 -4.33
C2C HEC C . 1.18 -10.11 -5.54
C3C HEC C . 0.57 -11.31 -5.51
C4C HEC C . -0.21 -11.37 -4.29
CMC HEC C . 2.10 -9.57 -6.59
CAC HEC C . 0.64 -12.41 -6.53
CBC HEC C . 2.06 -12.87 -6.85
ND HEC C . -1.95 -11.44 -1.85
C1D HEC C . -1.79 -12.49 -2.75
C2D HEC C . -2.56 -13.62 -2.33
C3D HEC C . -3.19 -13.28 -1.18
C4D HEC C . -2.81 -11.91 -0.88
CMD HEC C . -2.62 -14.94 -3.04
CAD HEC C . -4.11 -14.11 -0.33
CBD HEC C . -3.39 -15.08 0.60
CGD HEC C . -3.92 -16.51 0.42
O1D HEC C . -5.15 -16.64 0.24
O2D HEC C . -3.09 -17.43 0.46
HHA HEC C . -3.90 -11.71 0.94
HHB HEC C . -1.41 -5.81 0.50
HHC HEC C . 2.22 -7.73 -4.41
HHD HEC C . -0.99 -13.34 -4.52
HMA1 HEC C . -2.44 -6.55 3.08
HMA2 HEC C . -3.31 -5.76 1.75
HMA3 HEC C . -4.19 -6.80 2.88
HAA1 HEC C . -4.50 -10.66 2.58
HAA2 HEC C . -4.34 -9.15 3.51
HBA1 HEC C . -6.15 -8.15 2.40
HBA2 HEC C . -6.15 -9.38 1.11
HMB1 HEC C . 1.13 -4.56 0.35
HMB2 HEC C . 1.21 -3.67 -1.19
HMB3 HEC C . -0.36 -4.01 -0.43
HAB HEC C . 2.82 -5.93 -3.91
HBB1 HEC C . 3.12 -4.61 -1.24
HBB2 HEC C . 4.23 -5.69 -2.10
HBB3 HEC C . 4.03 -4.02 -2.65
HMC1 HEC C . 1.51 -9.21 -7.43
HMC2 HEC C . 2.68 -8.75 -6.17
HMC3 HEC C . 2.77 -10.36 -6.92
HAC HEC C . 0.11 -13.29 -6.15
HBC1 HEC C . 2.44 -12.28 -7.68
HBC2 HEC C . 2.70 -12.72 -5.98
HBC3 HEC C . 2.05 -13.92 -7.12
HMD1 HEC C . -1.84 -15.59 -2.68
HMD2 HEC C . -3.60 -15.41 -2.87
HMD3 HEC C . -2.49 -14.77 -4.11
HAD1 HEC C . -4.72 -13.46 0.28
HAD2 HEC C . -4.76 -14.70 -0.99
HBD1 HEC C . -2.33 -15.08 0.37
HBD2 HEC C . -3.55 -14.78 1.62
FE HEC D . 3.30 5.08 4.78
CHA HEC D . 4.64 8.27 5.55
CHB HEC D . 2.43 6.40 1.64
CHC HEC D . 2.28 2.02 3.78
CHD HEC D . 4.23 3.99 7.84
NA HEC D . 3.50 6.96 3.80
C1A HEC D . 4.07 8.13 4.30
C2A HEC D . 4.00 9.18 3.31
C3A HEC D . 3.39 8.66 2.22
C4A HEC D . 3.07 7.28 2.53
CMA HEC D . 3.08 9.35 0.93
CAA HEC D . 4.53 10.57 3.50
CBA HEC D . 5.94 10.79 2.94
CGA HEC D . 6.81 11.53 3.94
O1A HEC D . 7.57 12.42 3.48
O2A HEC D . 6.71 11.21 5.14
NB HEC D . 2.47 4.39 3.08
C1B HEC D . 2.28 5.03 1.87
C2B HEC D . 1.88 4.09 0.85
C3B HEC D . 1.83 2.87 1.44
C4B HEC D . 2.21 3.06 2.83
CMB HEC D . 1.58 4.43 -0.58
CAB HEC D . 1.47 1.56 0.82
CBB HEC D . 2.07 1.34 -0.57
NC HEC D . 3.17 3.42 5.68
C1C HEC D . 2.62 2.26 5.18
C2C HEC D . 2.71 1.20 6.16
C3C HEC D . 3.31 1.72 7.25
C4C HEC D . 3.60 3.10 6.95
CMC HEC D . 2.21 -0.20 5.96
CAC HEC D . 3.64 1.04 8.54
CBC HEC D . 4.01 -0.45 8.39
ND HEC D . 4.23 5.97 6.37
C1D HEC D . 4.54 5.32 7.55
C2D HEC D . 5.24 6.20 8.45
C3D HEC D . 5.35 7.40 7.82
C4D HEC D . 4.73 7.26 6.52
CMD HEC D . 5.72 5.84 9.81
CAD HEC D . 6.00 8.65 8.32
CBD HEC D . 5.05 9.58 9.07
CGD HEC D . 4.44 8.89 10.28
O1D HEC D . 3.35 8.31 10.11
O2D HEC D . 5.08 8.97 11.35
HHA HEC D . 5.05 9.26 5.82
HHB HEC D . 2.03 6.82 0.72
HHC HEC D . 2.02 1.02 3.45
HHD HEC D . 4.49 3.62 8.84
HMA1 HEC D . 2.01 9.49 0.84
HMA2 HEC D . 3.58 10.31 0.90
HMA3 HEC D . 3.43 8.73 0.09
HAA1 HEC D . 3.87 11.27 3.00
HAA2 HEC D . 4.58 10.80 4.56
HBA1 HEC D . 6.40 9.82 2.73
HBA2 HEC D . 5.88 11.37 2.02
HMB1 HEC D . 2.45 4.23 -1.19
HMB2 HEC D . 0.74 3.83 -0.93
HMB3 HEC D . 1.33 5.49 -0.65
HAB HEC D . 1.84 0.75 1.45
HBB1 HEC D . 2.27 0.28 -0.72
HBB2 HEC D . 1.37 1.69 -1.32
HBB3 HEC D . 3.00 1.90 -0.65
HMC1 HEC D . 2.17 -0.72 6.92
HMC2 HEC D . 1.22 -0.18 5.52
HMC3 HEC D . 2.89 -0.74 5.29
HAC HEC D . 4.49 1.53 9.01
HBC1 HEC D . 4.33 -0.62 7.36
HBC2 HEC D . 4.82 -0.69 9.07
HBC3 HEC D . 3.14 -1.06 8.61
HMD1 HEC D . 5.59 6.68 10.49
HMD2 HEC D . 5.15 4.99 10.19
HMD3 HEC D . 6.78 5.57 9.77
HAD1 HEC D . 6.80 8.39 9.02
HAD2 HEC D . 6.41 9.22 7.49
HBD1 HEC D . 5.59 10.47 9.39
HBD2 HEC D . 4.24 9.88 8.40
FE HEC E . -6.31 5.42 -1.84
CHA HEC E . -6.07 3.74 -4.86
CHB HEC E . -9.66 6.00 -2.47
CHC HEC E . -6.68 6.77 1.31
CHD HEC E . -2.94 4.94 -1.32
NA HEC E . -7.57 4.99 -3.37
C1A HEC E . -7.31 4.23 -4.49
C2A HEC E . -8.52 4.01 -5.25
C3A HEC E . -9.52 4.63 -4.59
C4A HEC E . -8.93 5.25 -3.42
CMA HEC E . -10.98 4.70 -4.96
CAA HEC E . -8.61 3.21 -6.52
CBA HEC E . -9.66 2.12 -6.50
CGA HEC E . -10.23 1.86 -7.89
O1A HEC E . -9.82 0.84 -8.50
O2A HEC E . -11.06 2.69 -8.32
NB HEC E . -7.87 6.15 -0.77
C1B HEC E . -9.13 6.43 -1.26
C2B HEC E . -9.85 7.27 -0.32
C3B HEC E . -9.03 7.49 0.72
C4B HEC E . -7.80 6.79 0.45
CMB HEC E . -11.25 7.78 -0.52
CAB HEC E . -9.31 8.29 1.96
CBB HEC E . -9.61 7.46 3.20
NC HEC E . -5.05 5.68 -0.27
C1C HEC E . -5.33 6.31 0.93
C2C HEC E . -4.11 6.55 1.67
C3C HEC E . -3.09 6.07 0.92
C4C HEC E . -3.68 5.53 -0.29
CMC HEC E . -4.05 7.21 3.02
CAC HEC E . -1.63 6.08 1.24
CBC HEC E . -1.31 5.69 2.68
ND HEC E . -4.80 4.57 -2.90
C1D HEC E . -3.49 4.39 -2.47
C2D HEC E . -2.79 3.54 -3.40
C3D HEC E . -3.64 3.21 -4.38
C4D HEC E . -4.91 3.84 -4.07
CMD HEC E . -1.35 3.13 -3.26
CAD HEC E . -3.39 2.34 -5.58
CBD HEC E . -2.58 3.02 -6.67
CGD HEC E . -2.50 2.14 -7.92
O1D HEC E . -2.59 2.72 -9.03
O2D HEC E . -2.34 0.92 -7.74
HHA HEC E . -5.97 3.23 -5.82
HHB HEC E . -10.69 6.24 -2.70
HHC HEC E . -6.83 7.13 2.33
HHD HEC E . -1.85 4.91 -1.21
HMA1 HEC E . -11.56 4.08 -4.27
HMA2 HEC E . -11.32 5.73 -4.90
HMA3 HEC E . -11.11 4.33 -5.97
HAA1 HEC E . -8.87 3.88 -7.35
HAA2 HEC E . -7.65 2.75 -6.72
HBA1 HEC E . -9.22 1.19 -6.14
HBA2 HEC E . -10.48 2.40 -5.84
HMB1 HEC E . -11.75 7.18 -1.28
HMB2 HEC E . -11.80 7.71 0.42
HMB3 HEC E . -11.22 8.82 -0.85
HAB HEC E . -8.43 8.91 2.20
HBB1 HEC E . -10.69 7.28 3.26
HBB2 HEC E . -9.11 6.50 3.12
HBB3 HEC E . -9.28 7.98 4.09
HMC1 HEC E . -3.75 8.25 2.89
HMC2 HEC E . -5.02 7.16 3.49
HMC3 HEC E . -3.30 6.70 3.63
HAC HEC E . -1.11 5.38 0.59
HBC1 HEC E . -2.04 4.96 3.03
HBC2 HEC E . -0.31 5.25 2.72
HBC3 HEC E . -1.34 6.57 3.32
HMD1 HEC E . -0.74 3.62 -4.02
HMD2 HEC E . -0.98 3.42 -2.27
HMD3 HEC E . -1.26 2.05 -3.36
HAD1 HEC E . -2.84 1.45 -5.27
HAD2 HEC E . -4.34 2.04 -6.02
HBD1 HEC E . -3.05 3.96 -6.95
HBD2 HEC E . -1.57 3.20 -6.31
N ALA A 1 16.00 -10.66 -1.39
CA ALA A 1 17.29 -10.17 -0.97
C ALA A 1 17.92 -9.34 -2.08
N PRO A 2 17.13 -8.37 -2.57
CA PRO A 2 17.52 -7.46 -3.63
C PRO A 2 18.25 -6.26 -3.04
N LYS A 3 18.34 -5.19 -3.80
CA LYS A 3 19.01 -3.99 -3.33
C LYS A 3 18.06 -2.80 -3.44
N ALA A 4 17.51 -2.41 -2.30
CA ALA A 4 16.59 -1.29 -2.26
C ALA A 4 17.05 -0.22 -3.26
N PRO A 5 16.41 -0.24 -4.43
CA PRO A 5 16.68 0.68 -5.51
C PRO A 5 16.46 2.11 -5.04
N ALA A 6 17.02 3.07 -5.75
CA ALA A 6 16.87 4.46 -5.39
C ALA A 6 15.44 4.93 -5.72
N ASP A 7 14.92 5.79 -4.85
CA ASP A 7 13.58 6.31 -5.04
C ASP A 7 13.33 6.55 -6.53
N GLY A 8 12.07 6.39 -6.93
CA GLY A 8 11.69 6.59 -8.31
C GLY A 8 10.61 5.59 -8.73
N LEU A 9 9.65 5.40 -7.84
CA LEU A 9 8.56 4.47 -8.11
C LEU A 9 7.22 5.17 -7.84
N LYS A 10 6.32 5.01 -8.79
CA LYS A 10 5.00 5.62 -8.67
C LYS A 10 3.94 4.61 -9.12
N MET A 11 2.89 4.52 -8.30
CA MET A 11 1.80 3.60 -8.60
C MET A 11 0.56 4.36 -9.09
N GLU A 12 0.44 4.42 -10.41
CA GLU A 12 -0.69 5.10 -11.01
C GLU A 12 -1.36 4.20 -12.05
N ALA A 13 -1.60 2.97 -11.64
CA ALA A 13 -2.24 2.00 -12.51
C ALA A 13 -3.73 2.30 -12.60
N THR A 14 -4.20 3.09 -11.65
CA THR A 14 -5.61 3.46 -11.61
C THR A 14 -5.77 4.96 -11.89
N LYS A 15 -6.87 5.50 -11.40
CA LYS A 15 -7.15 6.91 -11.58
C LYS A 15 -6.58 7.71 -10.40
N GLN A 16 -5.57 7.12 -9.77
CA GLN A 16 -4.92 7.76 -8.64
C GLN A 16 -3.45 7.37 -8.57
N PRO A 17 -2.60 8.31 -8.99
CA PRO A 17 -1.16 8.14 -9.02
C PRO A 17 -0.59 8.47 -7.64
N VAL A 18 -0.11 7.44 -6.95
CA VAL A 18 0.46 7.65 -5.62
C VAL A 18 1.91 7.14 -5.62
N VAL A 19 2.83 8.08 -5.40
CA VAL A 19 4.24 7.75 -5.36
C VAL A 19 4.62 7.33 -3.94
N PHE A 20 5.53 6.36 -3.87
CA PHE A 20 6.00 5.87 -2.58
C PHE A 20 7.50 5.62 -2.60
N ASN A 21 8.21 6.39 -1.79
CA ASN A 21 9.65 6.27 -1.69
C ASN A 21 10.00 5.28 -0.59
N HIS A 22 11.06 4.50 -0.84
CA HIS A 22 11.55 3.50 0.10
C HIS A 22 12.28 4.19 1.27
N SER A 23 12.81 5.36 0.98
CA SER A 23 13.54 6.12 1.98
C SER A 23 12.57 6.65 3.04
N THR A 24 11.30 6.65 2.68
CA THR A 24 10.26 7.12 3.57
C THR A 24 9.54 5.94 4.23
N HIS A 25 10.08 4.74 3.98
CA HIS A 25 9.53 3.50 4.52
C HIS A 25 10.66 2.47 4.69
N LYS A 26 11.79 2.93 5.20
CA LYS A 26 12.93 2.06 5.42
C LYS A 26 12.83 1.42 6.80
N SER A 27 13.59 0.36 6.98
CA SER A 27 13.60 -0.35 8.25
C SER A 27 12.46 -1.37 8.29
N VAL A 28 11.28 -0.91 7.91
CA VAL A 28 10.11 -1.77 7.90
C VAL A 28 10.43 -3.05 7.13
N LYS A 29 10.06 -4.18 7.73
CA LYS A 29 10.30 -5.47 7.12
C LYS A 29 9.73 -5.47 5.70
N CYS A 30 10.60 -5.75 4.75
CA CYS A 30 10.19 -5.80 3.35
C CYS A 30 8.99 -6.73 3.23
N GLY A 31 8.87 -7.62 4.21
CA GLY A 31 7.77 -8.59 4.22
C GLY A 31 6.46 -7.91 4.61
N ASP A 32 6.57 -6.64 4.96
CA ASP A 32 5.40 -5.87 5.35
C ASP A 32 4.65 -5.41 4.10
N CYS A 33 5.42 -5.12 3.06
CA CYS A 33 4.85 -4.67 1.80
C CYS A 33 4.97 -5.81 0.79
N HIS A 34 6.14 -6.45 0.78
CA HIS A 34 6.45 -7.56 -0.11
C HIS A 34 6.22 -8.89 0.62
N HIS A 35 4.94 -9.23 0.81
CA HIS A 35 4.55 -10.46 1.50
C HIS A 35 4.89 -11.67 0.61
N PRO A 36 5.00 -12.83 1.26
CA PRO A 36 5.32 -14.09 0.63
C PRO A 36 4.17 -14.50 -0.29
N VAL A 37 4.49 -14.82 -1.54
CA VAL A 37 3.47 -15.22 -2.49
C VAL A 37 3.89 -16.54 -3.16
N ASN A 38 3.14 -17.58 -2.84
CA ASN A 38 3.42 -18.90 -3.39
C ASN A 38 4.72 -19.44 -2.79
N GLY A 39 4.88 -19.17 -1.50
CA GLY A 39 6.06 -19.62 -0.79
C GLY A 39 7.34 -19.10 -1.45
N LYS A 40 7.36 -17.79 -1.66
CA LYS A 40 8.52 -17.16 -2.28
C LYS A 40 8.29 -15.64 -2.35
N GLU A 41 8.96 -14.94 -1.46
CA GLU A 41 8.84 -13.49 -1.41
C GLU A 41 8.60 -12.93 -2.81
N ASP A 42 7.55 -12.13 -2.92
CA ASP A 42 7.20 -11.52 -4.19
C ASP A 42 7.43 -10.02 -4.12
N TYR A 43 8.08 -9.49 -5.16
CA TYR A 43 8.38 -8.08 -5.24
C TYR A 43 7.87 -7.51 -6.55
N ARG A 44 6.98 -8.24 -7.20
CA ARG A 44 6.43 -7.78 -8.47
C ARG A 44 5.23 -6.87 -8.23
N LYS A 45 4.75 -6.28 -9.32
CA LYS A 45 3.61 -5.37 -9.24
C LYS A 45 2.58 -5.95 -8.27
N CYS A 46 2.24 -5.15 -7.27
CA CYS A 46 1.28 -5.56 -6.27
C CYS A 46 0.12 -6.25 -6.99
N GLY A 47 -0.30 -5.66 -8.09
CA GLY A 47 -1.40 -6.20 -8.87
C GLY A 47 -0.90 -7.32 -9.80
N THR A 48 -0.59 -6.94 -11.02
CA THR A 48 -0.10 -7.89 -12.01
C THR A 48 -1.12 -9.03 -12.18
N ALA A 49 -1.12 -9.59 -13.38
CA ALA A 49 -2.02 -10.69 -13.68
C ALA A 49 -1.60 -11.93 -12.88
N GLY A 50 -2.55 -12.44 -12.11
CA GLY A 50 -2.29 -13.61 -11.29
C GLY A 50 -2.46 -13.29 -9.80
N CYS A 51 -2.60 -12.00 -9.52
CA CYS A 51 -2.77 -11.55 -8.15
C CYS A 51 -3.89 -10.51 -8.11
N HIS A 52 -3.66 -9.47 -7.32
CA HIS A 52 -4.61 -8.37 -7.15
C HIS A 52 -4.87 -7.70 -8.52
N ASP A 53 -5.74 -8.30 -9.30
CA ASP A 53 -6.07 -7.78 -10.61
C ASP A 53 -7.54 -7.36 -10.63
N SER A 54 -8.04 -7.00 -9.46
CA SER A 54 -9.42 -6.58 -9.32
C SER A 54 -9.49 -5.07 -9.12
N MET A 55 -10.14 -4.41 -10.07
CA MET A 55 -10.28 -2.97 -10.01
C MET A 55 -11.74 -2.54 -10.26
N ASP A 56 -12.62 -3.05 -9.41
CA ASP A 56 -14.03 -2.74 -9.52
C ASP A 56 -14.53 -2.12 -8.22
N LYS A 57 -15.84 -2.03 -8.09
CA LYS A 57 -16.44 -1.46 -6.91
C LYS A 57 -17.53 -2.40 -6.39
N LYS A 58 -17.12 -3.30 -5.51
CA LYS A 58 -18.05 -4.26 -4.93
C LYS A 58 -17.26 -5.34 -4.18
N ASP A 59 -16.54 -6.13 -4.96
CA ASP A 59 -15.74 -7.20 -4.39
C ASP A 59 -14.67 -6.61 -3.48
N LYS A 60 -14.60 -7.13 -2.26
CA LYS A 60 -13.63 -6.67 -1.29
C LYS A 60 -12.75 -7.83 -0.85
N SER A 61 -12.58 -8.78 -1.76
CA SER A 61 -11.77 -9.96 -1.48
C SER A 61 -10.29 -9.59 -1.56
N ALA A 62 -9.45 -10.56 -1.19
CA ALA A 62 -8.01 -10.36 -1.23
C ALA A 62 -7.60 -9.90 -2.63
N LYS A 63 -8.37 -10.34 -3.61
CA LYS A 63 -8.08 -9.98 -4.99
C LYS A 63 -8.23 -8.47 -5.17
N GLY A 64 -8.95 -7.86 -4.23
CA GLY A 64 -9.17 -6.43 -4.27
C GLY A 64 -7.85 -5.66 -4.21
N TYR A 65 -7.60 -4.90 -5.26
CA TYR A 65 -6.38 -4.11 -5.35
C TYR A 65 -6.42 -2.99 -4.33
N TYR A 66 -7.53 -2.25 -4.29
CA TYR A 66 -7.69 -1.15 -3.36
C TYR A 66 -8.02 -1.69 -1.97
N HIS A 67 -8.18 -3.00 -1.87
CA HIS A 67 -8.51 -3.63 -0.59
C HIS A 67 -7.24 -4.14 0.07
N VAL A 68 -6.16 -4.14 -0.71
CA VAL A 68 -4.88 -4.60 -0.20
C VAL A 68 -3.95 -3.41 0.00
N MET A 69 -4.56 -2.22 0.03
CA MET A 69 -3.80 -1.00 0.21
C MET A 69 -4.67 0.10 0.84
N HIS A 70 -5.62 -0.35 1.66
CA HIS A 70 -6.54 0.54 2.36
C HIS A 70 -7.01 -0.12 3.67
N ASP A 71 -7.89 -1.10 3.53
CA ASP A 71 -8.42 -1.81 4.68
C ASP A 71 -7.25 -2.30 5.55
N LYS A 72 -7.52 -2.42 6.84
CA LYS A 72 -6.52 -2.89 7.77
C LYS A 72 -6.93 -4.25 8.34
N ASN A 73 -8.19 -4.59 8.11
CA ASN A 73 -8.72 -5.85 8.58
C ASN A 73 -8.08 -6.99 7.80
N THR A 74 -7.43 -6.63 6.70
CA THR A 74 -6.78 -7.61 5.86
C THR A 74 -5.78 -8.45 6.68
N LYS A 75 -5.36 -9.55 6.09
CA LYS A 75 -4.41 -10.44 6.75
C LYS A 75 -3.09 -9.71 6.96
N PHE A 76 -2.71 -8.92 5.94
CA PHE A 76 -1.48 -8.18 6.00
C PHE A 76 -1.75 -6.68 6.18
N LYS A 77 -0.71 -5.97 6.59
CA LYS A 77 -0.82 -4.54 6.81
C LYS A 77 -1.12 -3.85 5.48
N SER A 78 -1.69 -2.65 5.57
CA SER A 78 -2.03 -1.88 4.40
C SER A 78 -1.32 -0.52 4.43
N CYS A 79 -1.63 0.30 3.44
CA CYS A 79 -1.03 1.61 3.35
C CYS A 79 -1.72 2.52 4.36
N VAL A 80 -3.04 2.44 4.37
CA VAL A 80 -3.84 3.25 5.29
C VAL A 80 -3.78 2.63 6.68
N GLY A 81 -3.71 1.31 6.71
CA GLY A 81 -3.66 0.59 7.97
C GLY A 81 -2.54 1.13 8.86
N CYS A 82 -1.31 0.86 8.45
CA CYS A 82 -0.15 1.31 9.21
C CYS A 82 -0.39 2.77 9.62
N HIS A 83 -0.78 3.58 8.63
CA HIS A 83 -1.06 5.00 8.84
C HIS A 83 -2.12 5.16 9.94
N VAL A 84 -3.05 4.23 9.97
CA VAL A 84 -4.12 4.28 10.96
C VAL A 84 -3.56 3.86 12.33
N GLU A 85 -2.59 2.96 12.28
CA GLU A 85 -1.97 2.48 13.51
C GLU A 85 -0.89 3.46 13.97
N VAL A 86 -0.49 4.34 13.05
CA VAL A 86 0.53 5.33 13.36
C VAL A 86 -0.10 6.47 14.16
N ALA A 87 -1.14 7.06 13.57
CA ALA A 87 -1.83 8.16 14.22
C ALA A 87 -2.09 7.80 15.68
N GLY A 88 -2.53 8.81 16.43
CA GLY A 88 -2.82 8.61 17.85
C GLY A 88 -3.70 9.74 18.38
N ALA A 89 -3.23 10.96 18.17
CA ALA A 89 -3.97 12.14 18.63
C ALA A 89 -3.66 13.31 17.71
N ASP A 90 -3.23 12.98 16.49
CA ASP A 90 -2.90 14.00 15.52
C ASP A 90 -3.94 13.97 14.38
N ALA A 91 -5.06 14.61 14.64
CA ALA A 91 -6.13 14.67 13.66
C ALA A 91 -5.56 15.07 12.30
N ALA A 92 -4.84 16.19 12.32
CA ALA A 92 -4.24 16.70 11.10
C ALA A 92 -3.58 15.54 10.34
N LYS A 93 -2.84 14.74 11.07
CA LYS A 93 -2.15 13.60 10.49
C LYS A 93 -3.20 12.54 10.08
N LYS A 94 -4.27 12.49 10.85
CA LYS A 94 -5.33 11.54 10.59
C LYS A 94 -6.13 12.00 9.37
N LYS A 95 -5.76 13.17 8.88
CA LYS A 95 -6.44 13.73 7.71
C LYS A 95 -5.42 13.95 6.59
N ASP A 96 -4.17 13.59 6.90
CA ASP A 96 -3.10 13.74 5.93
C ASP A 96 -2.53 12.36 5.60
N LEU A 97 -2.66 11.45 6.55
CA LEU A 97 -2.16 10.10 6.38
C LEU A 97 -3.31 9.19 5.92
N THR A 98 -4.45 9.36 6.56
CA THR A 98 -5.62 8.58 6.22
C THR A 98 -6.65 9.43 5.47
N GLY A 99 -6.27 10.68 5.23
CA GLY A 99 -7.14 11.59 4.53
C GLY A 99 -7.48 11.07 3.13
N CYS A 100 -8.62 11.54 2.62
CA CYS A 100 -9.08 11.12 1.31
C CYS A 100 -8.65 12.19 0.29
N LYS A 101 -8.80 13.44 0.70
CA LYS A 101 -8.44 14.55 -0.16
C LYS A 101 -7.47 15.47 0.58
N LYS A 102 -6.44 15.89 -0.13
CA LYS A 102 -5.42 16.77 0.45
C LYS A 102 -4.35 15.91 1.12
N SER A 103 -4.62 14.63 1.21
CA SER A 103 -3.69 13.70 1.83
C SER A 103 -2.46 13.51 0.93
N LYS A 104 -1.39 13.05 1.54
CA LYS A 104 -0.15 12.82 0.81
C LYS A 104 -0.42 11.81 -0.31
N CYS A 105 -1.20 10.80 0.01
CA CYS A 105 -1.54 9.77 -0.96
C CYS A 105 -2.41 10.40 -2.04
N HIS A 106 -3.57 10.89 -1.63
CA HIS A 106 -4.55 11.52 -2.51
C HIS A 106 -4.55 13.05 -2.27
N GLU A 107 -3.43 13.68 -2.58
CA GLU A 107 -3.32 15.11 -2.40
C GLU A 107 -3.83 15.85 -3.64
FE HEC B . 9.76 -2.34 -1.95
CHA HEC B . 8.96 -1.89 -5.34
CHB HEC B . 12.70 -3.80 -2.87
CHC HEC B . 10.51 -2.63 1.33
CHD HEC B . 6.65 -0.92 -1.17
NA HEC B . 10.65 -2.71 -3.74
C1A HEC B . 10.15 -2.54 -5.03
C2A HEC B . 11.03 -3.14 -5.99
C3A HEC B . 12.07 -3.67 -5.31
C4A HEC B . 11.83 -3.40 -3.91
CMA HEC B . 13.26 -4.40 -5.86
CAA HEC B . 10.81 -3.15 -7.47
CBA HEC B . 11.93 -2.50 -8.28
CGA HEC B . 12.93 -3.54 -8.77
O1A HEC B . 14.13 -3.22 -8.75
O2A HEC B . 12.46 -4.64 -9.16
NB HEC B . 11.27 -3.06 -0.99
C1B HEC B . 12.43 -3.63 -1.52
C2B HEC B . 13.32 -4.01 -0.45
C3B HEC B . 12.72 -3.69 0.71
C4B HEC B . 11.45 -3.10 0.39
CMB HEC B . 14.66 -4.65 -0.65
CAB HEC B . 13.24 -3.90 2.11
CBB HEC B . 14.69 -3.45 2.30
NC HEC B . 8.80 -1.77 -0.27
C1C HEC B . 9.26 -1.98 1.01
C2C HEC B . 8.25 -1.62 1.98
C3C HEC B . 7.17 -1.18 1.28
C4C HEC B . 7.51 -1.28 -0.12
CMC HEC B . 8.41 -1.72 3.47
CAC HEC B . 5.87 -0.70 1.82
CBC HEC B . 5.93 -0.21 3.27
ND HEC B . 8.14 -1.52 -3.04
C1D HEC B . 6.94 -1.06 -2.52
C2D HEC B . 6.03 -0.75 -3.59
C3D HEC B . 6.67 -1.01 -4.75
C4D HEC B . 7.98 -1.50 -4.41
CMD HEC B . 4.64 -0.22 -3.40
CAD HEC B . 6.15 -0.86 -6.15
CBD HEC B . 4.96 -1.77 -6.48
CGD HEC B . 3.81 -0.96 -7.06
O1D HEC B . 4.02 -0.34 -8.12
O2D HEC B . 2.72 -0.99 -6.43
HHA HEC B . 8.77 -1.67 -6.39
HHB HEC B . 13.64 -4.27 -3.15
HHC HEC B . 10.76 -2.77 2.38
HHD HEC B . 5.68 -0.50 -0.90
HMA1 HEC B . 12.96 -4.98 -6.73
HMA2 HEC B . 14.03 -3.69 -6.14
HMA3 HEC B . 13.66 -5.07 -5.09
HAA1 HEC B . 10.71 -4.18 -7.82
HAA2 HEC B . 9.89 -2.61 -7.71
HBA1 HEC B . 11.50 -1.99 -9.15
HBA2 HEC B . 12.45 -1.78 -7.65
HMB1 HEC B . 15.30 -4.44 0.20
HMB2 HEC B . 14.54 -5.73 -0.75
HMB3 HEC B . 15.13 -4.27 -1.56
HAB HEC B . 12.63 -3.33 2.80
HBB1 HEC B . 14.99 -2.83 1.47
HBB2 HEC B . 14.77 -2.90 3.23
HBB3 HEC B . 15.33 -4.33 2.34
HMC1 HEC B . 7.66 -2.40 3.87
HMC2 HEC B . 9.40 -2.10 3.69
HMC3 HEC B . 8.28 -0.73 3.92
HAC HEC B . 5.51 0.14 1.21
HBC1 HEC B . 6.13 -1.06 3.93
HBC2 HEC B . 6.73 0.52 3.37
HBC3 HEC B . 4.98 0.25 3.54
HMD1 HEC B . 4.54 0.19 -2.41
HMD2 HEC B . 4.44 0.56 -4.14
HMD3 HEC B . 3.92 -1.04 -3.53
HAD1 HEC B . 5.82 0.17 -6.30
HAD2 HEC B . 6.94 -1.10 -6.86
HBD1 HEC B . 5.27 -2.51 -7.21
HBD2 HEC B . 4.63 -2.27 -5.57
FE HEC C . -1.02 -9.44 -1.90
CHA HEC C . -3.27 -11.05 0.23
CHB HEC C . -1.22 -6.65 -0.10
CHC HEC C . 1.43 -8.16 -3.91
CHD HEC C . -0.93 -12.46 -3.79
NA HEC C . -2.02 -8.99 -0.27
C1A HEC C . -2.94 -9.72 0.47
C2A HEC C . -3.50 -8.92 1.53
C3A HEC C . -2.92 -7.70 1.44
C4A HEC C . -2.01 -7.74 0.32
CMA HEC C . -3.17 -6.49 2.31
CAA HEC C . -4.51 -9.39 2.52
CBA HEC C . -5.94 -8.98 2.18
CGA HEC C . -6.93 -9.56 3.18
O1A HEC C . -8.08 -9.06 3.21
O2A HEC C . -6.53 -10.49 3.91
NB HEC C . -0.12 -7.77 -2.00
C1B HEC C . -0.29 -6.71 -1.13
C2B HEC C . 0.66 -5.65 -1.43
C3B HEC C . 1.39 -6.07 -2.49
C4B HEC C . 0.92 -7.38 -2.85
CMB HEC C . 0.76 -4.36 -0.68
CAB HEC C . 2.51 -5.34 -3.18
CBB HEC C . 3.64 -4.92 -2.26
NC HEC C . -0.01 -10.17 -3.55
C1C HEC C . 0.82 -9.40 -4.35
C2C HEC C . 1.17 -10.12 -5.55
C3C HEC C . 0.57 -11.33 -5.48
C4C HEC C . -0.17 -11.36 -4.24
CMC HEC C . 2.05 -9.59 -6.65
CAC HEC C . 0.63 -12.45 -6.48
CBC HEC C . 2.04 -12.95 -6.77
ND HEC C . -1.92 -11.37 -1.81
C1D HEC C . -1.74 -12.45 -2.67
C2D HEC C . -2.53 -13.57 -2.23
C3D HEC C . -3.19 -13.18 -1.11
C4D HEC C . -2.80 -11.82 -0.85
CMD HEC C . -2.60 -14.90 -2.92
CAD HEC C . -4.13 -13.99 -0.27
CBD HEC C . -3.46 -14.82 0.82
CGD HEC C . -3.77 -16.30 0.64
O1D HEC C . -4.94 -16.59 0.31
O2D HEC C . -2.85 -17.11 0.86
HHA HEC C . -3.95 -11.54 0.94
HHB HEC C . -1.35 -5.71 0.42
HHC HEC C . 2.29 -7.76 -4.43
HHD HEC C . -0.87 -13.38 -4.38
HMA1 HEC C . -2.30 -6.32 2.94
HMA2 HEC C . -3.35 -5.62 1.68
HMA3 HEC C . -4.04 -6.67 2.93
HAA1 HEC C . -4.49 -10.48 2.57
HAA2 HEC C . -4.29 -8.97 3.50
HBA1 HEC C . -6.03 -7.89 2.20
HBA2 HEC C . -6.21 -9.34 1.19
HMB1 HEC C . 1.27 -3.62 -1.30
HMB2 HEC C . -0.23 -4.00 -0.44
HMB3 HEC C . 1.33 -4.51 0.23
HAB HEC C . 2.94 -5.98 -3.94
HBB1 HEC C . 3.22 -4.58 -1.30
HBB2 HEC C . 4.31 -5.75 -2.09
HBB3 HEC C . 4.20 -4.09 -2.71
HMC1 HEC C . 1.48 -9.53 -7.58
HMC2 HEC C . 2.41 -8.60 -6.37
HMC3 HEC C . 2.90 -10.25 -6.78
HAC HEC C . 0.06 -13.30 -6.10
HBC1 HEC C . 2.45 -12.39 -7.62
HBC2 HEC C . 2.67 -12.79 -5.90
HBC3 HEC C . 2.01 -14.01 -7.02
HMD1 HEC C . -1.59 -15.28 -3.05
HMD2 HEC C . -3.18 -15.60 -2.31
HMD3 HEC C . -3.07 -14.78 -3.89
HAD1 HEC C . -4.83 -13.32 0.23
HAD2 HEC C . -4.69 -14.67 -0.91
HBD1 HEC C . -2.38 -14.69 0.75
HBD2 HEC C . -3.81 -14.50 1.79
FE HEC D . 3.30 5.29 4.62
CHA HEC D . 4.59 8.48 5.48
CHB HEC D . 2.36 6.61 1.57
CHC HEC D . 2.43 2.19 3.60
CHD HEC D . 4.25 4.17 7.73
NA HEC D . 3.47 7.17 3.72
C1A HEC D . 3.98 8.34 4.23
C2A HEC D . 3.82 9.42 3.29
C3A HEC D . 3.20 8.91 2.21
C4A HEC D . 2.98 7.51 2.47
CMA HEC D . 2.80 9.62 0.94
CAA HEC D . 4.26 10.84 3.52
CBA HEC D . 5.63 11.16 2.91
CGA HEC D . 6.36 12.20 3.74
O1A HEC D . 5.97 13.39 3.64
O2A HEC D . 7.29 11.80 4.47
NB HEC D . 2.51 4.57 2.95
C1B HEC D . 2.26 5.24 1.77
C2B HEC D . 1.87 4.30 0.74
C3B HEC D . 1.89 3.08 1.31
C4B HEC D . 2.29 3.24 2.68
CMB HEC D . 1.52 4.67 -0.67
CAB HEC D . 1.56 1.76 0.66
CBB HEC D . 2.23 1.54 -0.70
NC HEC D . 3.23 3.58 5.55
C1C HEC D . 2.79 2.39 5.02
C2C HEC D . 2.97 1.32 5.97
C3C HEC D . 3.52 1.85 7.07
C4C HEC D . 3.70 3.26 6.82
CMC HEC D . 2.58 -0.12 5.73
CAC HEC D . 3.91 1.16 8.35
CBC HEC D . 4.43 -0.27 8.13
ND HEC D . 4.20 6.17 6.28
C1D HEC D . 4.55 5.50 7.44
C2D HEC D . 5.28 6.38 8.31
C3D HEC D . 5.38 7.57 7.70
C4D HEC D . 4.71 7.44 6.43
CMD HEC D . 5.81 6.00 9.67
CAD HEC D . 6.05 8.82 8.19
CBD HEC D . 5.15 9.70 9.07
CGD HEC D . 4.70 8.94 10.31
O1D HEC D . 3.47 8.77 10.46
O2D HEC D . 5.59 8.56 11.10
HHA HEC D . 5.00 9.45 5.75
HHB HEC D . 1.93 7.03 0.66
HHC HEC D . 2.21 1.18 3.25
HHD HEC D . 4.45 3.81 8.73
HMA1 HEC D . 3.26 10.61 0.92
HMA2 HEC D . 3.14 9.05 0.09
HMA3 HEC D . 1.71 9.71 0.91
HAA1 HEC D . 3.54 11.51 3.06
HAA2 HEC D . 4.33 11.03 4.58
HBA1 HEC D . 6.23 10.26 2.87
HBA2 HEC D . 5.50 11.55 1.90
HMB1 HEC D . 1.01 3.83 -1.15
HMB2 HEC D . 0.86 5.54 -0.67
HMB3 HEC D . 2.43 4.91 -1.22
HAB HEC D . 1.88 0.95 1.31
HBB1 HEC D . 1.48 1.56 -1.48
HBB2 HEC D . 2.96 2.34 -0.86
HBB3 HEC D . 2.73 0.58 -0.70
HMC1 HEC D . 2.46 -0.63 6.68
HMC2 HEC D . 1.64 -0.16 5.17
HMC3 HEC D . 3.36 -0.60 5.15
HAC HEC D . 4.70 1.72 8.84
HBC1 HEC D . 5.20 -0.48 8.87
HBC2 HEC D . 3.60 -0.98 8.27
HBC3 HEC D . 4.84 -0.36 7.14
HMD1 HEC D . 6.52 6.75 10.01
HMD2 HEC D . 4.99 5.92 10.38
HMD3 HEC D . 6.32 5.03 9.60
HAD1 HEC D . 6.92 8.55 8.79
HAD2 HEC D . 6.35 9.43 7.34
HBD1 HEC D . 5.70 10.58 9.38
HBD2 HEC D . 4.27 10.00 8.51
FE HEC E . -6.57 5.40 -1.84
CHA HEC E . -6.21 3.76 -4.87
CHB HEC E . -9.88 5.92 -2.51
CHC HEC E . -6.98 6.64 1.35
CHD HEC E . -3.15 5.03 -1.30
NA HEC E . -7.78 4.94 -3.38
C1A HEC E . -7.47 4.25 -4.53
C2A HEC E . -8.64 4.12 -5.37
C3A HEC E . -9.65 4.72 -4.72
C4A HEC E . -9.13 5.23 -3.47
CMA HEC E . -11.08 4.86 -5.16
CAA HEC E . -8.67 3.43 -6.71
CBA HEC E . -9.31 2.06 -6.68
CGA HEC E . -9.77 1.64 -8.07
O1A HEC E . -8.87 1.34 -8.89
O2A HEC E . -11.00 1.63 -8.29
NB HEC E . -8.12 6.06 -0.79
C1B HEC E . -9.39 6.32 -1.27
C2B HEC E . -10.15 7.08 -0.31
C3B HEC E . -9.35 7.28 0.76
C4B HEC E . -8.09 6.65 0.47
CMB HEC E . -11.57 7.54 -0.50
CAB HEC E . -9.67 8.02 2.04
CBB HEC E . -9.99 7.11 3.21
NC HEC E . -5.29 5.67 -0.24
C1C HEC E . -5.60 6.30 0.95
C2C HEC E . -4.40 6.62 1.67
C3C HEC E . -3.36 6.19 0.93
C4C HEC E . -3.91 5.60 -0.27
CMC HEC E . -4.35 7.31 3.01
CAC HEC E . -1.89 6.30 1.24
CBC HEC E . -1.53 5.86 2.65
ND HEC E . -4.98 4.62 -2.90
C1D HEC E . -3.69 4.47 -2.46
C2D HEC E . -2.94 3.64 -3.38
C3D HEC E . -3.78 3.29 -4.37
C4D HEC E . -5.06 3.90 -4.07
CMD HEC E . -1.48 3.27 -3.23
CAD HEC E . -3.49 2.43 -5.57
CBD HEC E . -2.77 3.17 -6.70
CGD HEC E . -2.60 2.27 -7.92
O1D HEC E . -2.43 1.05 -7.71
O2D HEC E . -2.64 2.83 -9.03
HHA HEC E . -6.10 3.24 -5.82
HHB HEC E . -10.91 6.15 -2.75
HHC HEC E . -7.16 6.91 2.38
HHD HEC E . -2.07 5.03 -1.18
HMA1 HEC E . -11.72 4.22 -4.53
HMA2 HEC E . -11.40 5.89 -5.06
HMA3 HEC E . -11.17 4.54 -6.20
HAA1 HEC E . -9.23 4.04 -7.41
HAA2 HEC E . -7.65 3.31 -7.08
HBA1 HEC E . -8.60 1.33 -6.31
HBA2 HEC E . -10.18 2.08 -6.03
HMB1 HEC E . -12.05 6.94 -1.28
HMB2 HEC E . -12.12 7.43 0.43
HMB3 HEC E . -11.58 8.59 -0.80
HAB HEC E . -8.83 8.64 2.32
HBB1 HEC E . -9.06 6.65 3.58
HBB2 HEC E . -10.44 7.69 4.01
HBB3 HEC E . -10.68 6.33 2.90
HMC1 HEC E . -3.85 6.68 3.73
HMC2 HEC E . -3.81 8.25 2.91
HMC3 HEC E . -5.37 7.51 3.35
HAC HEC E . -1.34 5.67 0.55
HBC1 HEC E . -2.15 5.01 2.94
HBC2 HEC E . -0.47 5.57 2.68
HBC3 HEC E . -1.69 6.68 3.35
HMD1 HEC E . -0.89 4.17 -3.07
HMD2 HEC E . -1.38 2.62 -2.36
HMD3 HEC E . -1.14 2.76 -4.11
HAD1 HEC E . -2.86 1.60 -5.27
HAD2 HEC E . -4.43 2.06 -5.98
HBD1 HEC E . -3.34 4.05 -6.98
HBD2 HEC E . -1.78 3.47 -6.35
N ALA A 1 22.20 -9.14 -4.46
CA ALA A 1 20.75 -9.08 -4.36
C ALA A 1 20.29 -7.62 -4.43
N PRO A 2 19.01 -7.45 -4.77
CA PRO A 2 18.36 -6.17 -4.90
C PRO A 2 18.52 -5.39 -3.60
N LYS A 3 18.62 -4.07 -3.71
CA LYS A 3 18.77 -3.23 -2.53
C LYS A 3 17.88 -2.00 -2.66
N ALA A 4 16.61 -2.27 -2.98
CA ALA A 4 15.64 -1.20 -3.13
C ALA A 4 16.31 -0.01 -3.83
N PRO A 5 16.26 -0.04 -5.17
CA PRO A 5 16.82 0.99 -6.03
C PRO A 5 16.56 2.36 -5.42
N ALA A 6 17.31 3.36 -5.88
CA ALA A 6 17.13 4.71 -5.37
C ALA A 6 15.67 5.14 -5.54
N ASP A 7 15.18 5.85 -4.55
CA ASP A 7 13.80 6.32 -4.57
C ASP A 7 13.45 6.74 -6.00
N GLY A 8 12.17 6.59 -6.32
CA GLY A 8 11.68 6.93 -7.64
C GLY A 8 10.68 5.89 -8.15
N LEU A 9 9.81 5.45 -7.25
CA LEU A 9 8.81 4.46 -7.60
C LEU A 9 7.42 5.01 -7.26
N LYS A 10 6.58 5.06 -8.29
CA LYS A 10 5.22 5.55 -8.12
C LYS A 10 4.23 4.54 -8.70
N MET A 11 3.06 4.49 -8.09
CA MET A 11 2.02 3.57 -8.53
C MET A 11 0.79 4.33 -9.02
N GLU A 12 0.54 4.24 -10.31
CA GLU A 12 -0.60 4.91 -10.90
C GLU A 12 -1.21 4.06 -12.02
N ALA A 13 -1.52 2.82 -11.66
CA ALA A 13 -2.10 1.88 -12.61
C ALA A 13 -3.61 2.14 -12.70
N THR A 14 -4.14 2.80 -11.68
CA THR A 14 -5.55 3.12 -11.64
C THR A 14 -5.79 4.59 -11.92
N LYS A 15 -6.94 5.08 -11.47
CA LYS A 15 -7.29 6.47 -11.66
C LYS A 15 -6.80 7.29 -10.46
N GLN A 16 -5.79 6.74 -9.79
CA GLN A 16 -5.22 7.41 -8.63
C GLN A 16 -3.74 7.04 -8.48
N PRO A 17 -2.88 7.98 -8.86
CA PRO A 17 -1.44 7.84 -8.80
C PRO A 17 -0.96 8.11 -7.38
N VAL A 18 -0.20 7.18 -6.82
CA VAL A 18 0.31 7.34 -5.47
C VAL A 18 1.80 6.97 -5.44
N VAL A 19 2.62 7.97 -5.19
CA VAL A 19 4.06 7.76 -5.13
C VAL A 19 4.44 7.26 -3.74
N PHE A 20 5.43 6.39 -3.72
CA PHE A 20 5.91 5.82 -2.46
C PHE A 20 7.42 5.63 -2.48
N ASN A 21 8.09 6.36 -1.60
CA ASN A 21 9.54 6.28 -1.51
C ASN A 21 9.93 5.22 -0.47
N HIS A 22 10.87 4.37 -0.85
CA HIS A 22 11.36 3.29 0.01
C HIS A 22 12.09 3.89 1.23
N SER A 23 12.65 5.08 1.03
CA SER A 23 13.36 5.76 2.09
C SER A 23 12.40 6.12 3.23
N THR A 24 11.21 6.55 2.83
CA THR A 24 10.19 6.92 3.80
C THR A 24 9.54 5.68 4.40
N HIS A 25 9.98 4.52 3.91
CA HIS A 25 9.47 3.23 4.36
C HIS A 25 10.62 2.19 4.36
N LYS A 26 11.74 2.61 4.92
CA LYS A 26 12.91 1.73 4.99
C LYS A 26 13.01 1.14 6.40
N SER A 27 12.25 1.73 7.31
CA SER A 27 12.25 1.27 8.69
C SER A 27 11.15 0.22 8.88
N VAL A 28 10.81 -0.45 7.80
CA VAL A 28 9.78 -1.48 7.85
C VAL A 28 10.27 -2.72 7.10
N LYS A 29 9.95 -3.87 7.65
CA LYS A 29 10.35 -5.13 7.06
C LYS A 29 9.73 -5.25 5.65
N CYS A 30 10.55 -5.70 4.72
CA CYS A 30 10.10 -5.85 3.35
C CYS A 30 8.90 -6.81 3.35
N GLY A 31 8.85 -7.66 4.36
CA GLY A 31 7.76 -8.62 4.49
C GLY A 31 6.47 -7.92 4.92
N ASP A 32 6.58 -6.62 5.14
CA ASP A 32 5.43 -5.84 5.56
C ASP A 32 4.63 -5.41 4.32
N CYS A 33 5.37 -5.11 3.26
CA CYS A 33 4.76 -4.69 2.01
C CYS A 33 4.79 -5.87 1.03
N HIS A 34 5.98 -6.48 0.94
CA HIS A 34 6.21 -7.62 0.05
C HIS A 34 5.96 -8.93 0.82
N HIS A 35 4.67 -9.25 0.99
CA HIS A 35 4.25 -10.45 1.70
C HIS A 35 4.63 -11.70 0.87
N PRO A 36 4.77 -12.83 1.58
CA PRO A 36 5.12 -14.10 0.99
C PRO A 36 3.91 -14.68 0.27
N VAL A 37 4.04 -14.89 -1.03
CA VAL A 37 2.95 -15.44 -1.81
C VAL A 37 3.36 -16.82 -2.36
N ASN A 38 2.36 -17.68 -2.47
CA ASN A 38 2.60 -19.03 -2.97
C ASN A 38 3.86 -19.59 -2.32
N GLY A 39 4.14 -19.11 -1.13
CA GLY A 39 5.31 -19.55 -0.39
C GLY A 39 6.59 -19.15 -1.10
N LYS A 40 6.74 -17.85 -1.31
CA LYS A 40 7.91 -17.32 -1.98
C LYS A 40 7.79 -15.80 -2.09
N GLU A 41 8.53 -15.12 -1.23
CA GLU A 41 8.51 -13.66 -1.23
C GLU A 41 8.37 -13.13 -2.65
N ASP A 42 7.34 -12.32 -2.85
CA ASP A 42 7.07 -11.73 -4.16
C ASP A 42 7.24 -10.22 -4.08
N TYR A 43 7.90 -9.68 -5.10
CA TYR A 43 8.14 -8.25 -5.17
C TYR A 43 7.54 -7.68 -6.45
N ARG A 44 6.77 -8.50 -7.15
CA ARG A 44 6.14 -8.06 -8.39
C ARG A 44 5.03 -7.06 -8.08
N LYS A 45 4.59 -6.37 -9.13
CA LYS A 45 3.53 -5.39 -9.00
C LYS A 45 2.44 -5.94 -8.07
N CYS A 46 1.99 -5.08 -7.18
CA CYS A 46 0.95 -5.47 -6.23
C CYS A 46 -0.32 -5.82 -7.02
N GLY A 47 -0.45 -5.18 -8.17
CA GLY A 47 -1.60 -5.41 -9.03
C GLY A 47 -1.17 -6.01 -10.37
N THR A 48 -0.34 -7.03 -10.29
CA THR A 48 0.15 -7.70 -11.49
C THR A 48 -0.73 -8.91 -11.83
N ALA A 49 -0.85 -9.17 -13.12
CA ALA A 49 -1.65 -10.29 -13.59
C ALA A 49 -1.28 -11.54 -12.79
N GLY A 50 -2.30 -12.15 -12.21
CA GLY A 50 -2.10 -13.36 -11.42
C GLY A 50 -2.13 -13.04 -9.92
N CYS A 51 -2.63 -11.86 -9.60
CA CYS A 51 -2.72 -11.42 -8.22
C CYS A 51 -3.90 -10.47 -8.09
N HIS A 52 -3.65 -9.33 -7.44
CA HIS A 52 -4.65 -8.30 -7.22
C HIS A 52 -4.95 -7.58 -8.54
N ASP A 53 -5.92 -8.12 -9.27
CA ASP A 53 -6.32 -7.54 -10.55
C ASP A 53 -7.66 -6.81 -10.38
N SER A 54 -8.29 -7.07 -9.24
CA SER A 54 -9.57 -6.45 -8.95
C SER A 54 -9.41 -4.93 -8.84
N MET A 55 -10.14 -4.24 -9.70
CA MET A 55 -10.09 -2.78 -9.71
C MET A 55 -11.47 -2.18 -9.99
N ASP A 56 -12.38 -2.44 -9.06
CA ASP A 56 -13.74 -1.94 -9.19
C ASP A 56 -14.22 -1.44 -7.82
N LYS A 57 -15.52 -1.21 -7.74
CA LYS A 57 -16.12 -0.74 -6.50
C LYS A 57 -17.08 -1.80 -5.96
N LYS A 58 -16.51 -2.74 -5.22
CA LYS A 58 -17.29 -3.81 -4.64
C LYS A 58 -16.36 -4.94 -4.20
N ASP A 59 -15.89 -5.69 -5.18
CA ASP A 59 -14.99 -6.80 -4.91
C ASP A 59 -14.00 -6.40 -3.82
N LYS A 60 -14.12 -7.06 -2.67
CA LYS A 60 -13.26 -6.78 -1.55
C LYS A 60 -12.33 -7.97 -1.31
N SER A 61 -12.63 -9.06 -1.99
CA SER A 61 -11.85 -10.28 -1.87
C SER A 61 -10.36 -9.94 -1.89
N ALA A 62 -9.56 -10.91 -1.51
CA ALA A 62 -8.11 -10.73 -1.47
C ALA A 62 -7.64 -10.18 -2.82
N LYS A 63 -8.45 -10.43 -3.84
CA LYS A 63 -8.13 -9.98 -5.18
C LYS A 63 -8.20 -8.45 -5.23
N GLY A 64 -9.07 -7.91 -4.38
CA GLY A 64 -9.24 -6.47 -4.32
C GLY A 64 -7.88 -5.75 -4.31
N TYR A 65 -7.67 -4.93 -5.34
CA TYR A 65 -6.44 -4.19 -5.48
C TYR A 65 -6.43 -3.01 -4.52
N TYR A 66 -7.60 -2.40 -4.31
CA TYR A 66 -7.73 -1.27 -3.41
C TYR A 66 -8.08 -1.76 -2.02
N HIS A 67 -8.30 -3.06 -1.88
CA HIS A 67 -8.65 -3.63 -0.59
C HIS A 67 -7.38 -4.15 0.10
N VAL A 68 -6.31 -4.22 -0.66
CA VAL A 68 -5.05 -4.69 -0.14
C VAL A 68 -4.11 -3.50 0.10
N MET A 69 -4.71 -2.31 0.08
CA MET A 69 -3.94 -1.09 0.28
C MET A 69 -4.81 -0.01 0.93
N HIS A 70 -5.71 -0.46 1.80
CA HIS A 70 -6.62 0.42 2.52
C HIS A 70 -7.14 -0.28 3.79
N ASP A 71 -7.91 -1.33 3.58
CA ASP A 71 -8.46 -2.09 4.69
C ASP A 71 -7.33 -2.50 5.63
N LYS A 72 -7.68 -2.64 6.90
CA LYS A 72 -6.71 -3.04 7.90
C LYS A 72 -7.02 -4.45 8.39
N ASN A 73 -8.30 -4.81 8.30
CA ASN A 73 -8.74 -6.12 8.73
C ASN A 73 -8.02 -7.19 7.90
N THR A 74 -7.58 -6.78 6.72
CA THR A 74 -6.88 -7.68 5.83
C THR A 74 -5.90 -8.55 6.61
N LYS A 75 -5.47 -9.63 5.97
CA LYS A 75 -4.54 -10.55 6.59
C LYS A 75 -3.22 -9.83 6.88
N PHE A 76 -2.84 -8.97 5.95
CA PHE A 76 -1.61 -8.21 6.09
C PHE A 76 -1.91 -6.71 6.29
N LYS A 77 -0.87 -5.98 6.63
CA LYS A 77 -1.00 -4.55 6.85
C LYS A 77 -1.30 -3.85 5.52
N SER A 78 -1.88 -2.67 5.63
CA SER A 78 -2.22 -1.89 4.44
C SER A 78 -1.47 -0.56 4.47
N CYS A 79 -1.77 0.27 3.49
CA CYS A 79 -1.15 1.58 3.38
C CYS A 79 -1.85 2.53 4.36
N VAL A 80 -3.17 2.43 4.40
CA VAL A 80 -3.95 3.26 5.28
C VAL A 80 -3.94 2.67 6.69
N GLY A 81 -3.88 1.34 6.74
CA GLY A 81 -3.85 0.64 8.01
C GLY A 81 -2.74 1.18 8.91
N CYS A 82 -1.51 0.87 8.52
CA CYS A 82 -0.35 1.32 9.28
C CYS A 82 -0.56 2.79 9.66
N HIS A 83 -0.93 3.58 8.66
CA HIS A 83 -1.18 5.01 8.83
C HIS A 83 -2.25 5.22 9.90
N VAL A 84 -3.22 4.33 9.93
CA VAL A 84 -4.31 4.41 10.90
C VAL A 84 -3.79 3.97 12.27
N GLU A 85 -2.87 3.03 12.24
CA GLU A 85 -2.29 2.51 13.47
C GLU A 85 -1.17 3.43 13.95
N VAL A 86 -0.68 4.25 13.03
CA VAL A 86 0.38 5.19 13.36
C VAL A 86 -0.17 6.32 14.22
N ALA A 87 -1.22 6.94 13.71
CA ALA A 87 -1.85 8.04 14.42
C ALA A 87 -2.03 7.66 15.90
N GLY A 88 -2.34 8.66 16.70
CA GLY A 88 -2.54 8.44 18.12
C GLY A 88 -3.36 9.58 18.75
N ALA A 89 -2.91 10.79 18.52
CA ALA A 89 -3.59 11.96 19.04
C ALA A 89 -3.34 13.16 18.12
N ASP A 90 -3.21 12.85 16.84
CA ASP A 90 -2.97 13.89 15.84
C ASP A 90 -4.17 13.98 14.91
N ALA A 91 -4.89 15.09 15.02
CA ALA A 91 -6.06 15.31 14.19
C ALA A 91 -5.63 15.94 12.86
N ALA A 92 -4.35 15.84 12.59
CA ALA A 92 -3.79 16.39 11.37
C ALA A 92 -3.20 15.26 10.53
N LYS A 93 -2.40 14.43 11.18
CA LYS A 93 -1.77 13.31 10.50
C LYS A 93 -2.85 12.31 10.06
N LYS A 94 -3.94 12.32 10.80
CA LYS A 94 -5.05 11.42 10.51
C LYS A 94 -5.94 12.05 9.43
N LYS A 95 -5.51 13.22 8.97
CA LYS A 95 -6.25 13.93 7.94
C LYS A 95 -5.36 14.10 6.72
N ASP A 96 -4.19 13.49 6.77
CA ASP A 96 -3.24 13.58 5.68
C ASP A 96 -2.75 12.18 5.32
N LEU A 97 -2.47 11.39 6.34
CA LEU A 97 -1.99 10.03 6.15
C LEU A 97 -3.17 9.15 5.73
N THR A 98 -4.32 9.44 6.31
CA THR A 98 -5.52 8.67 6.01
C THR A 98 -6.49 9.52 5.18
N GLY A 99 -6.08 10.75 4.92
CA GLY A 99 -6.90 11.67 4.15
C GLY A 99 -7.25 11.07 2.78
N CYS A 100 -8.39 11.51 2.26
CA CYS A 100 -8.85 11.03 0.97
C CYS A 100 -8.42 12.04 -0.10
N LYS A 101 -8.66 13.31 0.20
CA LYS A 101 -8.30 14.37 -0.73
C LYS A 101 -7.09 15.13 -0.18
N LYS A 102 -6.30 15.67 -1.09
CA LYS A 102 -5.12 16.42 -0.71
C LYS A 102 -4.29 15.60 0.27
N SER A 103 -4.50 14.30 0.23
CA SER A 103 -3.79 13.39 1.11
C SER A 103 -2.36 13.17 0.59
N LYS A 104 -1.52 12.63 1.47
CA LYS A 104 -0.14 12.36 1.11
C LYS A 104 -0.10 11.34 -0.03
N CYS A 105 -1.19 10.59 -0.15
CA CYS A 105 -1.29 9.58 -1.18
C CYS A 105 -2.10 10.16 -2.35
N HIS A 106 -3.33 10.55 -2.02
CA HIS A 106 -4.25 11.13 -3.00
C HIS A 106 -4.15 12.66 -2.97
N GLU A 107 -2.94 13.16 -3.21
CA GLU A 107 -2.71 14.59 -3.21
C GLU A 107 -3.43 15.24 -4.39
FE HEC B . 9.62 -2.53 -1.93
CHA HEC B . 8.71 -2.16 -5.34
CHB HEC B . 12.52 -4.02 -2.93
CHC HEC B . 10.46 -2.78 1.31
CHD HEC B . 6.56 -1.04 -1.12
NA HEC B . 10.45 -2.96 -3.76
C1A HEC B . 9.91 -2.81 -5.03
C2A HEC B . 10.77 -3.42 -6.02
C3A HEC B . 11.83 -3.94 -5.35
C4A HEC B . 11.63 -3.65 -3.96
CMA HEC B . 13.00 -4.67 -5.92
CAA HEC B . 10.51 -3.45 -7.49
CBA HEC B . 11.59 -2.78 -8.33
CGA HEC B . 12.60 -3.81 -8.85
O1A HEC B . 12.15 -4.73 -9.58
O2A HEC B . 13.78 -3.66 -8.50
NB HEC B . 11.15 -3.25 -1.03
C1B HEC B . 12.28 -3.84 -1.57
C2B HEC B . 13.18 -4.25 -0.52
C3B HEC B . 12.62 -3.91 0.65
C4B HEC B . 11.35 -3.28 0.34
CMB HEC B . 14.51 -4.92 -0.75
CAB HEC B . 13.16 -4.11 2.04
CBB HEC B . 14.62 -3.71 2.20
NC HEC B . 8.71 -1.94 -0.26
C1C HEC B . 9.21 -2.14 1.01
C2C HEC B . 8.24 -1.74 2.00
C3C HEC B . 7.16 -1.29 1.33
C4C HEC B . 7.45 -1.41 -0.09
CMC HEC B . 8.44 -1.82 3.48
CAC HEC B . 5.87 -0.75 1.90
CBC HEC B . 5.99 -0.27 3.34
ND HEC B . 7.99 -1.73 -3.01
C1D HEC B . 6.81 -1.22 -2.47
C2D HEC B . 5.88 -0.91 -3.51
C3D HEC B . 6.46 -1.22 -4.69
C4D HEC B . 7.78 -1.73 -4.37
CMD HEC B . 4.50 -0.35 -3.30
CAD HEC B . 5.90 -1.09 -6.08
CBD HEC B . 4.82 -2.10 -6.41
CGD HEC B . 4.23 -1.85 -7.79
O1D HEC B . 3.15 -2.42 -8.05
O2D HEC B . 4.87 -1.09 -8.55
HHA HEC B . 8.48 -1.99 -6.39
HHB HEC B . 13.46 -4.49 -3.23
HHC HEC B . 10.72 -2.91 2.35
HHD HEC B . 5.62 -0.58 -0.82
HMA1 HEC B . 13.79 -3.96 -6.17
HMA2 HEC B . 13.38 -5.38 -5.19
HMA3 HEC B . 12.70 -5.21 -6.82
HAA1 HEC B . 10.43 -4.48 -7.82
HAA2 HEC B . 9.57 -2.92 -7.70
HBA1 HEC B . 11.14 -2.29 -9.20
HBA2 HEC B . 12.12 -2.05 -7.73
HMB1 HEC B . 14.36 -5.81 -1.37
HMB2 HEC B . 15.19 -4.24 -1.25
HMB3 HEC B . 14.94 -5.21 0.22
HAB HEC B . 12.59 -3.50 2.74
HBB1 HEC B . 14.93 -3.10 1.34
HBB2 HEC B . 14.75 -3.14 3.11
HBB3 HEC B . 15.24 -4.62 2.24
HMC1 HEC B . 8.74 -0.85 3.86
HMC2 HEC B . 7.51 -2.13 3.95
HMC3 HEC B . 9.22 -2.55 3.70
HAC HEC B . 5.54 0.10 1.30
HBC1 HEC B . 7.00 0.10 3.52
HBC2 HEC B . 5.27 0.54 3.52
HBC3 HEC B . 5.77 -1.09 4.02
HMD1 HEC B . 4.21 0.24 -4.16
HMD2 HEC B . 3.78 -1.17 -3.16
HMD3 HEC B . 4.51 0.28 -2.41
HAD1 HEC B . 5.45 -0.10 -6.19
HAD2 HEC B . 6.70 -1.21 -6.80
HBD1 HEC B . 5.25 -3.11 -6.39
HBD2 HEC B . 4.01 -2.04 -5.67
FE HEC C . -1.18 -9.46 -1.93
CHA HEC C . -3.50 -11.00 0.22
CHB HEC C . -1.35 -6.64 -0.06
CHC HEC C . 1.28 -8.15 -3.87
CHD HEC C . -1.21 -12.40 -3.84
NA HEC C . -2.21 -8.95 -0.26
C1A HEC C . -3.12 -9.68 0.47
C2A HEC C . -3.64 -8.89 1.56
C3A HEC C . -3.05 -7.68 1.49
C4A HEC C . -2.15 -7.71 0.35
CMA HEC C . -3.24 -6.50 2.39
CAA HEC C . -4.64 -9.37 2.57
CBA HEC C . -6.08 -8.97 2.25
CGA HEC C . -6.76 -10.03 1.38
O1A HEC C . -7.94 -10.33 1.68
O2A HEC C . -6.09 -10.51 0.45
NB HEC C . -0.27 -7.75 -1.98
C1B HEC C . -0.41 -6.71 -1.08
C2B HEC C . 0.58 -5.69 -1.34
C3B HEC C . 1.31 -6.10 -2.40
C4B HEC C . 0.78 -7.38 -2.80
CMB HEC C . 0.73 -4.41 -0.55
CAB HEC C . 2.46 -5.40 -3.06
CBB HEC C . 3.57 -4.98 -2.09
NC HEC C . -0.14 -10.19 -3.50
C1C HEC C . 0.76 -9.45 -4.24
C2C HEC C . 1.09 -10.15 -5.46
C3C HEC C . 0.42 -11.32 -5.45
C4C HEC C . -0.35 -11.35 -4.23
CMC HEC C . 2.04 -9.65 -6.51
CAC HEC C . 0.43 -12.40 -6.48
CBC HEC C . 1.78 -13.10 -6.65
ND HEC C . -2.14 -11.33 -1.83
C1D HEC C . -2.03 -12.37 -2.72
C2D HEC C . -2.91 -13.47 -2.33
C3D HEC C . -3.54 -13.07 -1.21
C4D HEC C . -3.07 -11.75 -0.88
CMD HEC C . -3.04 -14.76 -3.08
CAD HEC C . -4.55 -13.84 -0.41
CBD HEC C . -3.94 -14.74 0.67
CGD HEC C . -3.62 -13.94 1.92
O1D HEC C . -4.59 -13.53 2.60
O2D HEC C . -2.41 -13.74 2.17
HHA HEC C . -4.18 -11.49 0.92
HHB HEC C . -1.48 -5.68 0.46
HHC HEC C . 2.08 -7.72 -4.47
HHD HEC C . -1.21 -13.29 -4.46
HMA1 HEC C . -4.25 -6.10 2.27
HMA2 HEC C . -3.10 -6.82 3.43
HMA3 HEC C . -2.51 -5.73 2.15
HAA1 HEC C . -4.62 -10.46 2.63
HAA2 HEC C . -4.41 -8.95 3.55
HBA1 HEC C . -6.65 -8.86 3.17
HBA2 HEC C . -6.08 -8.02 1.70
HMB1 HEC C . 1.52 -4.54 0.19
HMB2 HEC C . 1.00 -3.60 -1.23
HMB3 HEC C . -0.21 -4.18 -0.05
HAB HEC C . 2.91 -6.06 -3.79
HBB1 HEC C . 4.18 -4.20 -2.56
HBB2 HEC C . 3.13 -4.59 -1.18
HBB3 HEC C . 4.20 -5.84 -1.86
HMC1 HEC C . 2.58 -10.49 -6.96
HMC2 HEC C . 1.48 -9.13 -7.29
HMC3 HEC C . 2.76 -8.97 -6.06
HAC HEC C . -0.30 -13.17 -6.21
HBC1 HEC C . 2.42 -12.49 -7.27
HBC2 HEC C . 2.24 -13.23 -5.66
HBC3 HEC C . 1.63 -14.08 -7.10
HMD1 HEC C . -3.65 -14.62 -3.96
HMD2 HEC C . -2.05 -15.11 -3.38
HMD3 HEC C . -3.51 -15.50 -2.43
HAD1 HEC C . -5.23 -13.16 0.08
HAD2 HEC C . -5.12 -14.50 -1.08
HBD1 HEC C . -4.65 -15.52 0.94
HBD2 HEC C . -3.02 -15.19 0.29
FE HEC D . 3.27 5.16 4.71
CHA HEC D . 4.60 8.37 5.51
CHB HEC D . 2.38 6.50 1.59
CHC HEC D . 2.33 2.10 3.67
CHD HEC D . 4.13 4.10 7.81
NA HEC D . 3.46 7.06 3.75
C1A HEC D . 4.02 8.22 4.25
C2A HEC D . 3.91 9.28 3.27
C3A HEC D . 3.30 8.77 2.19
C4A HEC D . 3.01 7.38 2.48
CMA HEC D . 2.96 9.46 0.90
CAA HEC D . 4.42 10.68 3.48
CBA HEC D . 5.82 10.93 2.91
CGA HEC D . 6.63 11.82 3.83
O1A HEC D . 6.89 12.97 3.43
O2A HEC D . 6.97 11.33 4.94
NB HEC D . 2.47 4.47 3.00
C1B HEC D . 2.25 5.13 1.81
C2B HEC D . 1.85 4.19 0.78
C3B HEC D . 1.83 2.96 1.36
C4B HEC D . 2.22 3.14 2.74
CMB HEC D . 1.52 4.55 -0.64
CAB HEC D . 1.48 1.65 0.72
CBB HEC D . 2.13 1.43 -0.65
NC HEC D . 3.16 3.50 5.61
C1C HEC D . 2.70 2.31 5.07
C2C HEC D . 2.84 1.23 6.05
C3C HEC D . 3.37 1.78 7.16
C4C HEC D . 3.58 3.18 6.89
CMC HEC D . 2.44 -0.19 5.81
CAC HEC D . 3.71 1.10 8.45
CBC HEC D . 4.13 -0.37 8.29
ND HEC D . 4.17 6.07 6.32
C1D HEC D . 4.44 5.42 7.51
C2D HEC D . 5.11 6.32 8.43
C3D HEC D . 5.24 7.51 7.79
C4D HEC D . 4.66 7.35 6.48
CMD HEC D . 5.56 5.96 9.82
CAD HEC D . 5.86 8.77 8.31
CBD HEC D . 4.86 9.81 8.78
CGD HEC D . 5.56 11.03 9.36
O1D HEC D . 4.86 11.86 9.97
O2D HEC D . 6.79 11.12 9.16
HHA HEC D . 5.04 9.33 5.76
HHB HEC D . 1.95 6.92 0.67
HHC HEC D . 2.07 1.09 3.34
HHD HEC D . 4.31 3.74 8.82
HMA1 HEC D . 2.08 9.00 0.46
HMA2 HEC D . 2.76 10.52 1.10
HMA3 HEC D . 3.80 9.39 0.21
HAA1 HEC D . 3.75 11.39 2.98
HAA2 HEC D . 4.46 10.90 4.54
HBA1 HEC D . 6.34 9.98 2.80
HBA2 HEC D . 5.74 11.42 1.94
HMB1 HEC D . 1.86 3.75 -1.30
HMB2 HEC D . 0.44 4.67 -0.74
HMB3 HEC D . 2.02 5.48 -0.90
HAB HEC D . 1.83 0.84 1.36
HBB1 HEC D . 1.41 1.68 -1.43
HBB2 HEC D . 3.00 2.07 -0.75
HBB3 HEC D . 2.43 0.39 -0.75
HMC1 HEC D . 3.24 -0.71 5.29
HMC2 HEC D . 2.25 -0.67 6.76
HMC3 HEC D . 1.54 -0.22 5.21
HAC HEC D . 4.55 1.61 8.93
HBC1 HEC D . 4.89 -0.62 9.02
HBC2 HEC D . 3.26 -1.01 8.44
HBC3 HEC D . 4.51 -0.53 7.28
HMD1 HEC D . 4.68 5.71 10.42
HMD2 HEC D . 6.22 5.10 9.77
HMD3 HEC D . 6.07 6.81 10.26
HAD1 HEC D . 6.51 8.53 9.15
HAD2 HEC D . 6.45 9.23 7.51
HBD1 HEC D . 4.23 10.12 7.95
HBD2 HEC D . 4.23 9.38 9.57
FE HEC E . -6.47 5.22 -1.82
CHA HEC E . -6.24 3.41 -4.83
CHB HEC E . -9.86 5.65 -2.47
CHC HEC E . -6.87 6.60 1.25
CHD HEC E . -3.10 4.90 -1.41
NA HEC E . -7.78 4.65 -3.35
C1A HEC E . -7.49 3.90 -4.48
C2A HEC E . -8.70 3.69 -5.26
C3A HEC E . -9.70 4.31 -4.60
C4A HEC E . -9.13 4.91 -3.42
CMA HEC E . -11.14 4.38 -4.99
CAA HEC E . -8.76 2.91 -6.54
CBA HEC E . -9.82 1.83 -6.55
CGA HEC E . -10.34 1.58 -7.97
O1A HEC E . -10.78 2.57 -8.59
O2A HEC E . -10.28 0.40 -8.40
NB HEC E . -8.06 5.90 -0.80
C1B HEC E . -9.34 6.13 -1.27
C2B HEC E . -10.09 6.94 -0.33
C3B HEC E . -9.26 7.21 0.70
C4B HEC E . -8.00 6.56 0.41
CMB HEC E . -11.51 7.38 -0.52
CAB HEC E . -9.55 8.00 1.94
CBB HEC E . -9.83 7.16 3.18
NC HEC E . -5.22 5.58 -0.34
C1C HEC E . -5.51 6.23 0.85
C2C HEC E . -4.29 6.54 1.56
C3C HEC E . -3.27 6.08 0.81
C4C HEC E . -3.84 5.49 -0.38
CMC HEC E . -4.23 7.23 2.88
CAC HEC E . -1.80 6.15 1.11
CBC HEC E . -1.44 5.75 2.53
ND HEC E . -4.98 4.37 -2.92
C1D HEC E . -3.65 4.27 -2.53
C2D HEC E . -2.91 3.43 -3.45
C3D HEC E . -3.78 3.03 -4.39
C4D HEC E . -5.07 3.60 -4.07
CMD HEC E . -1.46 3.11 -3.32
CAD HEC E . -3.52 2.13 -5.56
CBD HEC E . -2.66 2.78 -6.65
CGD HEC E . -2.71 1.97 -7.94
O1D HEC E . -3.30 0.87 -7.90
O2D HEC E . -2.16 2.47 -8.94
HHA HEC E . -6.15 2.84 -5.75
HHB HEC E . -10.91 5.86 -2.70
HHC HEC E . -7.03 6.95 2.27
HHD HEC E . -2.01 4.92 -1.32
HMA1 HEC E . -11.23 4.28 -6.08
HMA2 HEC E . -11.70 3.59 -4.50
HMA3 HEC E . -11.56 5.35 -4.69
HAA1 HEC E . -8.99 3.60 -7.36
HAA2 HEC E . -7.80 2.44 -6.73
HBA1 HEC E . -9.40 0.90 -6.17
HBA2 HEC E . -10.66 2.12 -5.92
HMB1 HEC E . -12.02 7.36 0.45
HMB2 HEC E . -11.53 8.39 -0.91
HMB3 HEC E . -12.02 6.71 -1.20
HAB HEC E . -8.69 8.64 2.17
HBB1 HEC E . -10.90 6.95 3.23
HBB2 HEC E . -9.27 6.23 3.11
HBB3 HEC E . -9.53 7.71 4.07
HMC1 HEC E . -5.24 7.44 3.24
HMC2 HEC E . -3.71 6.60 3.61
HMC3 HEC E . -3.69 8.17 2.78
HAC HEC E . -1.26 5.47 0.44
HBC1 HEC E . -2.06 4.92 2.85
HBC2 HEC E . -0.39 5.45 2.57
HBC3 HEC E . -1.59 6.59 3.20
HMD1 HEC E . -0.87 4.01 -3.43
HMD2 HEC E . -1.27 2.66 -2.34
HMD3 HEC E . -1.19 2.40 -4.10
HAD1 HEC E . -2.99 1.24 -5.24
HAD2 HEC E . -4.45 1.84 -6.03
HBD1 HEC E . -3.03 3.79 -6.85
HBD2 HEC E . -1.62 2.83 -6.32
N ALA A 1 20.63 -10.28 -0.99
CA ALA A 1 19.21 -10.14 -0.71
C ALA A 1 18.65 -8.98 -1.55
N PRO A 2 17.32 -8.90 -1.56
CA PRO A 2 16.57 -7.88 -2.27
C PRO A 2 17.05 -6.50 -1.84
N LYS A 3 17.73 -5.80 -2.73
CA LYS A 3 18.22 -4.47 -2.42
C LYS A 3 17.05 -3.49 -2.36
N ALA A 4 17.36 -2.26 -1.96
CA ALA A 4 16.34 -1.24 -1.85
C ALA A 4 16.63 -0.14 -2.88
N PRO A 5 16.11 -0.36 -4.10
CA PRO A 5 16.26 0.55 -5.21
C PRO A 5 16.13 1.99 -4.73
N ALA A 6 16.60 2.93 -5.53
CA ALA A 6 16.52 4.33 -5.17
C ALA A 6 15.11 4.85 -5.43
N ASP A 7 14.71 5.85 -4.65
CA ASP A 7 13.40 6.44 -4.79
C ASP A 7 13.13 6.75 -6.27
N GLY A 8 11.89 7.09 -6.55
CA GLY A 8 11.49 7.41 -7.91
C GLY A 8 10.45 6.41 -8.42
N LEU A 9 9.84 5.70 -7.48
CA LEU A 9 8.83 4.71 -7.81
C LEU A 9 7.45 5.26 -7.45
N LYS A 10 6.56 5.27 -8.44
CA LYS A 10 5.22 5.77 -8.24
C LYS A 10 4.22 4.78 -8.86
N MET A 11 3.12 4.58 -8.15
CA MET A 11 2.09 3.68 -8.61
C MET A 11 0.88 4.44 -9.15
N GLU A 12 0.61 4.22 -10.43
CA GLU A 12 -0.51 4.89 -11.09
C GLU A 12 -1.12 3.97 -12.15
N ALA A 13 -1.57 2.81 -11.68
CA ALA A 13 -2.17 1.83 -12.57
C ALA A 13 -3.68 2.13 -12.70
N THR A 14 -4.17 2.93 -11.76
CA THR A 14 -5.57 3.30 -11.75
C THR A 14 -5.74 4.79 -12.05
N LYS A 15 -6.89 5.32 -11.66
CA LYS A 15 -7.17 6.72 -11.89
C LYS A 15 -6.75 7.54 -10.66
N GLN A 16 -5.82 6.96 -9.91
CA GLN A 16 -5.31 7.61 -8.71
C GLN A 16 -3.84 7.26 -8.51
N PRO A 17 -2.98 8.09 -9.12
CA PRO A 17 -1.54 7.96 -9.06
C PRO A 17 -1.05 8.23 -7.64
N VAL A 18 -0.23 7.33 -7.10
CA VAL A 18 0.28 7.49 -5.75
C VAL A 18 1.77 7.14 -5.74
N VAL A 19 2.58 8.13 -5.36
CA VAL A 19 4.01 7.94 -5.29
C VAL A 19 4.38 7.37 -3.92
N PHE A 20 5.50 6.65 -3.90
CA PHE A 20 5.96 6.03 -2.67
C PHE A 20 7.48 5.80 -2.72
N ASN A 21 8.19 6.45 -1.81
CA ASN A 21 9.63 6.31 -1.75
C ASN A 21 10.00 5.42 -0.55
N HIS A 22 10.87 4.45 -0.83
CA HIS A 22 11.34 3.50 0.18
C HIS A 22 12.02 4.26 1.33
N SER A 23 12.59 5.41 0.98
CA SER A 23 13.28 6.23 1.97
C SER A 23 12.33 6.55 3.13
N THR A 24 11.10 6.89 2.77
CA THR A 24 10.09 7.24 3.76
C THR A 24 9.57 5.97 4.44
N HIS A 25 10.06 4.82 3.95
CA HIS A 25 9.68 3.52 4.47
C HIS A 25 10.89 2.58 4.46
N LYS A 26 12.03 3.11 4.91
CA LYS A 26 13.25 2.33 4.95
C LYS A 26 13.48 1.82 6.37
N SER A 27 13.15 0.55 6.57
CA SER A 27 13.31 -0.07 7.87
C SER A 27 12.25 -1.14 8.08
N VAL A 28 11.02 -0.79 7.72
CA VAL A 28 9.90 -1.70 7.87
C VAL A 28 10.23 -3.00 7.13
N LYS A 29 9.91 -4.10 7.79
CA LYS A 29 10.17 -5.42 7.21
C LYS A 29 9.60 -5.46 5.80
N CYS A 30 10.49 -5.75 4.85
CA CYS A 30 10.10 -5.82 3.45
C CYS A 30 8.92 -6.79 3.33
N GLY A 31 8.82 -7.68 4.31
CA GLY A 31 7.74 -8.66 4.32
C GLY A 31 6.42 -8.01 4.73
N ASP A 32 6.50 -6.73 5.06
CA ASP A 32 5.32 -5.99 5.46
C ASP A 32 4.57 -5.51 4.21
N CYS A 33 5.34 -5.23 3.17
CA CYS A 33 4.76 -4.77 1.91
C CYS A 33 4.88 -5.90 0.89
N HIS A 34 6.07 -6.52 0.87
CA HIS A 34 6.37 -7.62 -0.04
C HIS A 34 6.13 -8.97 0.66
N HIS A 35 4.86 -9.37 0.67
CA HIS A 35 4.45 -10.63 1.29
C HIS A 35 4.76 -11.81 0.35
N PRO A 36 4.94 -12.99 0.95
CA PRO A 36 5.24 -14.22 0.25
C PRO A 36 3.99 -14.72 -0.48
N VAL A 37 4.14 -15.04 -1.76
CA VAL A 37 3.02 -15.51 -2.54
C VAL A 37 3.40 -16.83 -3.21
N ASN A 38 4.18 -16.71 -4.28
CA ASN A 38 4.62 -17.87 -5.02
C ASN A 38 5.70 -18.60 -4.23
N GLY A 39 5.30 -19.09 -3.05
CA GLY A 39 6.22 -19.80 -2.19
C GLY A 39 7.59 -19.10 -2.13
N LYS A 40 7.54 -17.79 -2.28
CA LYS A 40 8.76 -16.99 -2.25
C LYS A 40 8.39 -15.51 -2.26
N GLU A 41 9.01 -14.77 -1.35
CA GLU A 41 8.76 -13.35 -1.24
C GLU A 41 8.54 -12.74 -2.62
N ASP A 42 7.38 -12.14 -2.80
CA ASP A 42 7.04 -11.53 -4.07
C ASP A 42 7.38 -10.03 -4.02
N TYR A 43 8.10 -9.58 -5.04
CA TYR A 43 8.51 -8.19 -5.14
C TYR A 43 8.08 -7.62 -6.48
N ARG A 44 7.10 -8.25 -7.10
CA ARG A 44 6.61 -7.78 -8.39
C ARG A 44 5.36 -6.92 -8.20
N LYS A 45 4.89 -6.36 -9.30
CA LYS A 45 3.70 -5.53 -9.27
C LYS A 45 2.69 -6.11 -8.28
N CYS A 46 2.10 -5.23 -7.50
CA CYS A 46 1.11 -5.65 -6.51
C CYS A 46 -0.07 -6.28 -7.24
N GLY A 47 -0.52 -5.58 -8.28
CA GLY A 47 -1.65 -6.06 -9.07
C GLY A 47 -1.23 -7.26 -9.92
N THR A 48 -0.65 -6.96 -11.08
CA THR A 48 -0.21 -8.00 -11.98
C THR A 48 -1.37 -8.94 -12.32
N ALA A 49 -1.14 -9.77 -13.32
CA ALA A 49 -2.15 -10.72 -13.75
C ALA A 49 -2.00 -12.01 -12.95
N GLY A 50 -3.07 -12.37 -12.24
CA GLY A 50 -3.06 -13.57 -11.43
C GLY A 50 -3.24 -13.24 -9.95
N CYS A 51 -2.89 -12.00 -9.60
CA CYS A 51 -3.00 -11.55 -8.24
C CYS A 51 -4.12 -10.51 -8.17
N HIS A 52 -3.87 -9.45 -7.39
CA HIS A 52 -4.81 -8.36 -7.20
C HIS A 52 -5.09 -7.68 -8.55
N ASP A 53 -5.90 -8.34 -9.36
CA ASP A 53 -6.26 -7.81 -10.67
C ASP A 53 -7.69 -7.29 -10.64
N SER A 54 -8.14 -6.94 -9.44
CA SER A 54 -9.48 -6.43 -9.26
C SER A 54 -9.43 -4.95 -8.87
N MET A 55 -10.09 -4.14 -9.69
CA MET A 55 -10.14 -2.70 -9.45
C MET A 55 -11.58 -2.19 -9.44
N ASP A 56 -12.38 -2.78 -8.56
CA ASP A 56 -13.77 -2.40 -8.45
C ASP A 56 -14.02 -1.80 -7.06
N LYS A 57 -15.30 -1.58 -6.77
CA LYS A 57 -15.68 -1.01 -5.49
C LYS A 57 -16.83 -1.82 -4.90
N LYS A 58 -16.48 -2.80 -4.08
CA LYS A 58 -17.48 -3.65 -3.45
C LYS A 58 -16.80 -4.89 -2.87
N ASP A 59 -16.28 -5.72 -3.77
CA ASP A 59 -15.61 -6.94 -3.36
C ASP A 59 -14.49 -6.58 -2.38
N LYS A 60 -14.53 -7.21 -1.22
CA LYS A 60 -13.54 -6.97 -0.19
C LYS A 60 -12.66 -8.23 -0.04
N SER A 61 -12.47 -8.91 -1.15
CA SER A 61 -11.66 -10.12 -1.15
C SER A 61 -10.18 -9.76 -1.22
N ALA A 62 -9.35 -10.80 -1.18
CA ALA A 62 -7.91 -10.61 -1.24
C ALA A 62 -7.51 -10.24 -2.67
N LYS A 63 -8.50 -10.29 -3.55
CA LYS A 63 -8.27 -9.95 -4.95
C LYS A 63 -8.46 -8.46 -5.16
N GLY A 64 -9.03 -7.82 -4.16
CA GLY A 64 -9.28 -6.39 -4.22
C GLY A 64 -7.97 -5.61 -4.14
N TYR A 65 -7.67 -4.88 -5.23
CA TYR A 65 -6.47 -4.09 -5.31
C TYR A 65 -6.51 -2.97 -4.28
N TYR A 66 -7.60 -2.19 -4.28
CA TYR A 66 -7.75 -1.10 -3.34
C TYR A 66 -8.10 -1.65 -1.96
N HIS A 67 -8.20 -2.96 -1.86
CA HIS A 67 -8.52 -3.59 -0.58
C HIS A 67 -7.24 -4.09 0.09
N VAL A 68 -6.16 -4.04 -0.68
CA VAL A 68 -4.87 -4.48 -0.17
C VAL A 68 -3.94 -3.27 -0.02
N MET A 69 -4.55 -2.10 -0.03
CA MET A 69 -3.79 -0.87 0.10
C MET A 69 -4.62 0.22 0.78
N HIS A 70 -5.63 -0.22 1.53
CA HIS A 70 -6.53 0.65 2.26
C HIS A 70 -7.06 -0.05 3.52
N ASP A 71 -7.65 -1.22 3.30
CA ASP A 71 -8.19 -1.99 4.41
C ASP A 71 -7.11 -2.17 5.48
N LYS A 72 -7.46 -2.93 6.50
CA LYS A 72 -6.53 -3.19 7.59
C LYS A 72 -6.79 -4.59 8.15
N ASN A 73 -8.06 -4.87 8.38
CA ASN A 73 -8.44 -6.18 8.91
C ASN A 73 -7.78 -7.28 8.09
N THR A 74 -7.44 -6.93 6.85
CA THR A 74 -6.79 -7.87 5.96
C THR A 74 -5.74 -8.69 6.71
N LYS A 75 -5.34 -9.78 6.07
CA LYS A 75 -4.34 -10.66 6.67
C LYS A 75 -3.03 -9.89 6.86
N PHE A 76 -2.71 -9.07 5.85
CA PHE A 76 -1.50 -8.28 5.90
C PHE A 76 -1.82 -6.80 6.07
N LYS A 77 -0.86 -6.07 6.62
CA LYS A 77 -1.03 -4.65 6.83
C LYS A 77 -1.18 -3.94 5.49
N SER A 78 -1.80 -2.77 5.54
CA SER A 78 -2.01 -1.98 4.33
C SER A 78 -1.36 -0.61 4.48
N CYS A 79 -1.61 0.24 3.49
CA CYS A 79 -1.05 1.58 3.51
C CYS A 79 -1.81 2.41 4.54
N VAL A 80 -3.12 2.53 4.32
CA VAL A 80 -3.96 3.30 5.23
C VAL A 80 -3.91 2.66 6.61
N GLY A 81 -3.83 1.34 6.63
CA GLY A 81 -3.78 0.60 7.88
C GLY A 81 -2.67 1.15 8.79
N CYS A 82 -1.44 0.86 8.41
CA CYS A 82 -0.29 1.31 9.18
C CYS A 82 -0.52 2.78 9.56
N HIS A 83 -0.86 3.58 8.56
CA HIS A 83 -1.12 5.00 8.74
C HIS A 83 -2.22 5.20 9.80
N VAL A 84 -3.17 4.29 9.80
CA VAL A 84 -4.27 4.36 10.76
C VAL A 84 -3.75 4.03 12.15
N GLU A 85 -2.76 3.14 12.18
CA GLU A 85 -2.17 2.73 13.45
C GLU A 85 -1.10 3.74 13.88
N VAL A 86 -0.78 4.65 12.98
CA VAL A 86 0.21 5.67 13.26
C VAL A 86 -0.49 7.01 13.46
N ALA A 87 -1.23 7.43 12.45
CA ALA A 87 -1.95 8.69 12.51
C ALA A 87 -3.16 8.54 13.44
N GLY A 88 -2.87 8.17 14.67
CA GLY A 88 -3.92 7.98 15.67
C GLY A 88 -3.55 8.66 16.98
N ALA A 89 -2.69 9.66 16.88
CA ALA A 89 -2.25 10.40 18.05
C ALA A 89 -2.77 11.84 17.96
N ASP A 90 -2.92 12.31 16.73
CA ASP A 90 -3.41 13.66 16.51
C ASP A 90 -4.56 13.61 15.51
N ALA A 91 -5.41 14.63 15.59
CA ALA A 91 -6.57 14.71 14.71
C ALA A 91 -6.24 15.67 13.55
N ALA A 92 -4.95 15.70 13.21
CA ALA A 92 -4.50 16.55 12.12
C ALA A 92 -3.98 15.69 10.98
N LYS A 93 -2.93 14.94 11.28
CA LYS A 93 -2.33 14.06 10.29
C LYS A 93 -3.38 13.05 9.80
N LYS A 94 -4.34 12.77 10.67
CA LYS A 94 -5.40 11.84 10.35
C LYS A 94 -6.09 12.29 9.06
N LYS A 95 -5.89 13.56 8.73
CA LYS A 95 -6.48 14.13 7.53
C LYS A 95 -5.40 14.32 6.47
N ASP A 96 -4.31 13.58 6.63
CA ASP A 96 -3.20 13.66 5.70
C ASP A 96 -2.68 12.26 5.42
N LEU A 97 -2.56 11.47 6.47
CA LEU A 97 -2.07 10.11 6.35
C LEU A 97 -3.20 9.22 5.83
N THR A 98 -4.39 9.42 6.39
CA THR A 98 -5.55 8.65 6.00
C THR A 98 -6.52 9.51 5.20
N GLY A 99 -6.10 10.75 4.96
CA GLY A 99 -6.92 11.68 4.21
C GLY A 99 -7.37 11.07 2.88
N CYS A 100 -8.39 11.68 2.30
CA CYS A 100 -8.92 11.22 1.03
C CYS A 100 -8.54 12.22 -0.06
N LYS A 101 -8.61 13.49 0.32
CA LYS A 101 -8.27 14.55 -0.61
C LYS A 101 -7.24 15.49 0.02
N LYS A 102 -6.18 15.76 -0.73
CA LYS A 102 -5.12 16.62 -0.26
C LYS A 102 -4.09 15.78 0.50
N SER A 103 -4.44 14.52 0.71
CA SER A 103 -3.55 13.61 1.42
C SER A 103 -2.28 13.39 0.60
N LYS A 104 -1.22 13.04 1.32
CA LYS A 104 0.07 12.78 0.67
C LYS A 104 -0.12 11.77 -0.45
N CYS A 105 -0.92 10.75 -0.16
CA CYS A 105 -1.18 9.70 -1.14
C CYS A 105 -2.01 10.31 -2.28
N HIS A 106 -3.16 10.87 -1.91
CA HIS A 106 -4.08 11.50 -2.84
C HIS A 106 -3.97 13.02 -2.74
N GLU A 107 -2.80 13.54 -3.10
CA GLU A 107 -2.57 14.98 -3.04
C GLU A 107 -2.65 15.58 -4.44
FE HEC B . 9.66 -2.39 -1.86
CHA HEC B . 8.91 -1.95 -5.25
CHB HEC B . 12.63 -3.82 -2.74
CHC HEC B . 10.40 -2.67 1.43
CHD HEC B . 6.56 -0.96 -1.10
NA HEC B . 10.58 -2.75 -3.64
C1A HEC B . 10.09 -2.59 -4.93
C2A HEC B . 11.00 -3.17 -5.88
C3A HEC B . 12.04 -3.69 -5.19
C4A HEC B . 11.78 -3.43 -3.79
CMA HEC B . 13.23 -4.41 -5.72
CAA HEC B . 10.78 -3.18 -7.37
CBA HEC B . 10.54 -4.57 -7.96
CGA HEC B . 11.74 -5.03 -8.78
O1A HEC B . 12.17 -4.23 -9.63
O2A HEC B . 12.19 -6.17 -8.54
NB HEC B . 11.19 -3.09 -0.87
C1B HEC B . 12.35 -3.65 -1.39
C2B HEC B . 13.23 -4.02 -0.32
C3B HEC B . 12.63 -3.71 0.84
C4B HEC B . 11.35 -3.13 0.49
CMB HEC B . 14.59 -4.65 -0.51
CAB HEC B . 13.13 -3.90 2.24
CBB HEC B . 14.58 -3.46 2.44
NC HEC B . 8.70 -1.84 -0.19
C1C HEC B . 9.14 -2.07 1.10
C2C HEC B . 8.12 -1.71 2.05
C3C HEC B . 7.06 -1.27 1.36
C4C HEC B . 7.41 -1.34 -0.04
CMC HEC B . 8.26 -1.84 3.54
CAC HEC B . 5.75 -0.78 1.89
CBC HEC B . 5.82 -0.19 3.30
ND HEC B . 8.07 -1.59 -2.95
C1D HEC B . 6.88 -1.11 -2.45
C2D HEC B . 5.98 -0.75 -3.53
C3D HEC B . 6.63 -1.02 -4.68
C4D HEC B . 7.93 -1.55 -4.33
CMD HEC B . 4.60 -0.19 -3.35
CAD HEC B . 6.13 -0.83 -6.08
CBD HEC B . 5.00 -1.78 -6.47
CGD HEC B . 4.10 -2.09 -5.28
O1D HEC B . 4.58 -2.86 -4.40
O2D HEC B . 2.98 -1.56 -5.25
HHA HEC B . 8.71 -1.75 -6.31
HHB HEC B . 13.59 -4.28 -3.01
HHC HEC B . 10.64 -2.80 2.49
HHD HEC B . 5.59 -0.53 -0.84
HMA1 HEC B . 13.35 -5.36 -5.21
HMA2 HEC B . 13.10 -4.60 -6.79
HMA3 HEC B . 14.13 -3.80 -5.57
HAA1 HEC B . 9.91 -2.58 -7.62
HAA2 HEC B . 11.66 -2.77 -7.87
HBA1 HEC B . 10.39 -5.29 -7.14
HBA2 HEC B . 9.67 -4.55 -8.59
HMB1 HEC B . 15.35 -3.87 -0.48
HMB2 HEC B . 14.77 -5.36 0.30
HMB3 HEC B . 14.62 -5.16 -1.46
HAB HEC B . 12.51 -3.32 2.93
HBB1 HEC B . 14.67 -2.94 3.39
HBB2 HEC B . 15.23 -4.34 2.44
HBB3 HEC B . 14.87 -2.79 1.63
HMC1 HEC B . 9.29 -2.10 3.79
HMC2 HEC B . 8.00 -0.89 4.01
HMC3 HEC B . 7.59 -2.62 3.91
HAC HEC B . 5.36 0.01 1.23
HBC1 HEC B . 5.97 -0.99 4.01
HBC2 HEC B . 6.66 0.51 3.35
HBC3 HEC B . 4.90 0.34 3.52
HMD1 HEC B . 3.93 -0.98 -3.00
HMD2 HEC B . 4.63 0.62 -2.62
HMD3 HEC B . 4.24 0.19 -4.31
HAD1 HEC B . 5.75 0.18 -6.21
HAD2 HEC B . 6.95 -1.01 -6.79
HBD1 HEC B . 4.38 -1.32 -7.25
HBD2 HEC B . 5.41 -2.72 -6.85
FE HEC C . -1.13 -9.51 -2.06
CHA HEC C . -3.37 -11.10 0.13
CHB HEC C . -1.24 -6.72 -0.19
CHC HEC C . 1.29 -8.22 -4.08
CHD HEC C . -1.20 -12.46 -4.01
NA HEC C . -2.09 -9.04 -0.37
C1A HEC C . -3.00 -9.77 0.36
C2A HEC C . -3.54 -8.96 1.44
C3A HEC C . -2.95 -7.75 1.35
C4A HEC C . -2.05 -7.80 0.23
CMA HEC C . -3.16 -6.56 2.23
CAA HEC C . -4.56 -9.43 2.44
CBA HEC C . -5.99 -9.00 2.12
CGA HEC C . -6.98 -9.62 3.08
O1A HEC C . -6.58 -10.60 3.76
O2A HEC C . -8.12 -9.13 3.12
NB HEC C . -0.20 -7.83 -2.14
C1B HEC C . -0.34 -6.78 -1.25
C2B HEC C . 0.60 -5.73 -1.57
C3B HEC C . 1.30 -6.14 -2.64
C4B HEC C . 0.81 -7.45 -3.00
CMB HEC C . 0.74 -4.44 -0.81
CAB HEC C . 2.40 -5.42 -3.36
CBB HEC C . 3.59 -5.07 -2.48
NC HEC C . -0.17 -10.24 -3.72
C1C HEC C . 0.71 -9.50 -4.48
C2C HEC C . 1.05 -10.21 -5.68
C3C HEC C . 0.39 -11.38 -5.65
C4C HEC C . -0.38 -11.40 -4.42
CMC HEC C . 1.99 -9.71 -6.75
CAC HEC C . 0.41 -12.49 -6.66
CBC HEC C . 1.81 -13.00 -7.00
ND HEC C . -2.08 -11.40 -1.96
C1D HEC C . -1.99 -12.45 -2.88
C2D HEC C . -2.84 -13.54 -2.46
C3D HEC C . -3.45 -13.17 -1.31
C4D HEC C . -2.97 -11.84 -1.00
CMD HEC C . -3.00 -14.84 -3.20
CAD HEC C . -4.42 -13.94 -0.48
CBD HEC C . -3.79 -14.69 0.69
CGD HEC C . -4.42 -16.06 0.87
O1D HEC C . -3.91 -17.02 0.27
O2D HEC C . -5.42 -16.13 1.63
HHA HEC C . -4.01 -11.59 0.86
HHB HEC C . -1.34 -5.78 0.34
HHC HEC C . 2.14 -7.84 -4.63
HHD HEC C . -1.23 -13.35 -4.65
HMA1 HEC C . -3.02 -6.85 3.28
HMA2 HEC C . -2.45 -5.78 1.97
HMA3 HEC C . -4.18 -6.18 2.10
HAA1 HEC C . -4.55 -10.51 2.48
HAA2 HEC C . -4.31 -9.03 3.42
HBA1 HEC C . -6.06 -7.92 2.20
HBA2 HEC C . -6.24 -9.31 1.11
HMB1 HEC C . -0.18 -4.24 -0.28
HMB2 HEC C . 1.56 -4.52 -0.11
HMB3 HEC C . 0.93 -3.63 -1.52
HAB HEC C . 2.77 -6.03 -4.18
HBB1 HEC C . 4.37 -4.61 -3.09
HBB2 HEC C . 3.29 -4.37 -1.70
HBB3 HEC C . 3.99 -5.97 -2.02
HMC1 HEC C . 1.47 -9.71 -7.71
HMC2 HEC C . 2.31 -8.71 -6.51
HMC3 HEC C . 2.85 -10.37 -6.81
HAC HEC C . -0.17 -13.34 -6.29
HBC1 HEC C . 2.42 -13.00 -6.10
HBC2 HEC C . 1.74 -14.03 -7.37
HBC3 HEC C . 2.26 -12.37 -7.76
HMD1 HEC C . -2.06 -15.39 -3.16
HMD2 HEC C . -3.79 -15.43 -2.74
HMD3 HEC C . -3.26 -14.63 -4.24
HAD1 HEC C . -5.17 -13.27 -0.06
HAD2 HEC C . -4.92 -14.69 -1.11
HBD1 HEC C . -2.73 -14.82 0.50
HBD2 HEC C . -3.92 -14.11 1.60
FE HEC D . 3.38 5.21 4.68
CHA HEC D . 4.60 8.44 5.57
CHB HEC D . 2.56 6.57 1.57
CHC HEC D . 2.45 2.17 3.65
CHD HEC D . 4.25 4.10 7.77
NA HEC D . 3.57 7.12 3.76
C1A HEC D . 4.06 8.30 4.31
C2A HEC D . 3.91 9.38 3.36
C3A HEC D . 3.35 8.87 2.25
C4A HEC D . 3.13 7.47 2.49
CMA HEC D . 2.99 9.59 0.97
CAA HEC D . 4.33 10.80 3.61
CBA HEC D . 5.71 11.14 3.08
CGA HEC D . 6.55 11.85 4.14
O1A HEC D . 7.72 11.42 4.32
O2A HEC D . 6.03 12.79 4.75
NB HEC D . 2.63 4.56 2.97
C1B HEC D . 2.40 5.20 1.78
C2B HEC D . 1.95 4.27 0.78
C3B HEC D . 1.92 3.05 1.35
C4B HEC D . 2.34 3.22 2.72
CMB HEC D . 1.60 4.64 -0.64
CAB HEC D . 1.52 1.75 0.72
CBB HEC D . 2.14 1.51 -0.65
NC HEC D . 3.27 3.54 5.57
C1C HEC D . 2.78 2.36 5.02
C2C HEC D . 2.90 1.29 5.98
C3C HEC D . 3.46 1.81 7.10
C4C HEC D . 3.68 3.21 6.84
CMC HEC D . 2.48 -0.13 5.72
CAC HEC D . 3.78 1.10 8.37
CBC HEC D . 4.20 -0.36 8.19
ND HEC D . 4.24 6.10 6.33
C1D HEC D . 4.53 5.44 7.51
C2D HEC D . 5.14 6.34 8.46
C3D HEC D . 5.24 7.54 7.85
C4D HEC D . 4.68 7.40 6.52
CMD HEC D . 5.58 5.97 9.84
CAD HEC D . 5.81 8.82 8.41
CBD HEC D . 4.75 9.82 8.87
CGD HEC D . 5.40 11.08 9.42
O1D HEC D . 4.88 11.59 10.45
O2D HEC D . 6.38 11.53 8.80
HHA HEC D . 4.99 9.41 5.87
HHB HEC D . 2.21 6.99 0.61
HHC HEC D . 2.17 1.17 3.32
HHD HEC D . 4.50 3.71 8.75
HMA1 HEC D . 3.37 9.02 0.12
HMA2 HEC D . 1.90 9.68 0.91
HMA3 HEC D . 3.43 10.58 0.98
HAA1 HEC D . 3.63 11.48 3.14
HAA2 HEC D . 4.34 10.99 4.68
HBA1 HEC D . 6.23 10.23 2.78
HBA2 HEC D . 5.62 11.81 2.22
HMB1 HEC D . 0.71 4.10 -0.95
HMB2 HEC D . 1.42 5.71 -0.70
HMB3 HEC D . 2.42 4.37 -1.30
HAB HEC D . 1.83 0.93 1.37
HBB1 HEC D . 2.04 0.45 -0.91
HBB2 HEC D . 1.63 2.12 -1.39
HBB3 HEC D . 3.20 1.77 -0.62
HMC1 HEC D . 1.53 -0.13 5.19
HMC2 HEC D . 3.23 -0.64 5.13
HMC3 HEC D . 2.35 -0.65 6.69
HAC HEC D . 4.61 1.60 8.88
HBC1 HEC D . 3.34 -1.00 8.36
HBC2 HEC D . 4.57 -0.51 7.17
HBC3 HEC D . 4.99 -0.61 8.90
HMD1 HEC D . 5.83 4.91 9.87
HMD2 HEC D . 6.44 6.56 10.12
HMD3 HEC D . 4.76 6.16 10.54
HAD1 HEC D . 6.43 8.59 9.27
HAD2 HEC D . 6.40 9.31 7.64
HBD1 HEC D . 4.10 10.09 8.03
HBD2 HEC D . 4.14 9.37 9.66
FE HEC E . -6.36 5.52 -2.01
CHA HEC E . -6.09 3.85 -5.04
CHB HEC E . -9.73 6.03 -2.62
CHC HEC E . -6.76 6.80 1.16
CHD HEC E . -2.98 5.14 -1.52
NA HEC E . -7.63 5.04 -3.52
C1A HEC E . -7.34 4.35 -4.67
C2A HEC E . -8.53 4.18 -5.48
C3A HEC E . -9.54 4.79 -4.81
C4A HEC E . -8.98 5.33 -3.60
CMA HEC E . -10.99 4.90 -5.22
CAA HEC E . -8.59 3.48 -6.80
CBA HEC E . -9.18 2.07 -6.73
CGA HEC E . -9.68 1.62 -8.09
O1A HEC E . -9.30 2.27 -9.08
O2A HEC E . -10.44 0.62 -8.11
NB HEC E . -7.94 6.20 -0.93
C1B HEC E . -9.22 6.44 -1.39
C2B HEC E . -9.96 7.20 -0.43
C3B HEC E . -9.14 7.42 0.63
C4B HEC E . -7.88 6.80 0.31
CMB HEC E . -11.38 7.66 -0.60
CAB HEC E . -9.44 8.18 1.89
CBB HEC E . -9.79 7.27 3.08
NC HEC E . -5.10 5.84 -0.45
C1C HEC E . -5.39 6.43 0.76
C2C HEC E . -4.17 6.68 1.51
C3C HEC E . -3.15 6.23 0.75
C4C HEC E . -3.72 5.70 -0.47
CMC HEC E . -4.11 7.31 2.87
CAC HEC E . -1.68 6.24 1.08
CBC HEC E . -1.36 5.83 2.51
ND HEC E . -4.84 4.73 -3.09
C1D HEC E . -3.53 4.57 -2.66
C2D HEC E . -2.80 3.71 -3.57
C3D HEC E . -3.66 3.36 -4.55
C4D HEC E . -4.93 3.98 -4.25
CMD HEC E . -1.37 3.32 -3.42
CAD HEC E . -3.40 2.48 -5.73
CBD HEC E . -2.65 3.16 -6.87
CGD HEC E . -2.58 2.28 -8.10
O1D HEC E . -2.39 1.06 -7.92
O2D HEC E . -2.73 2.85 -9.21
HHA HEC E . -6.00 3.34 -5.99
HHB HEC E . -10.76 6.25 -2.85
HHC HEC E . -6.90 7.11 2.20
HHD HEC E . -1.89 5.14 -1.43
HMA1 HEC E . -11.61 4.45 -4.45
HMA2 HEC E . -11.25 5.95 -5.35
HMA3 HEC E . -11.13 4.37 -6.17
HAA1 HEC E . -9.21 4.04 -7.50
HAA2 HEC E . -7.59 3.38 -7.21
HBA1 HEC E . -8.41 1.38 -6.39
HBA2 HEC E . -10.02 2.06 -6.02
HMB1 HEC E . -11.85 7.08 -1.39
HMB2 HEC E . -11.93 7.50 0.33
HMB3 HEC E . -11.40 8.72 -0.85
HAB HEC E . -8.58 8.77 2.18
HBB1 HEC E . -10.85 7.02 3.04
HBB2 HEC E . -9.20 6.36 3.02
HBB3 HEC E . -9.56 7.79 4.00
HMC1 HEC E . -3.51 8.22 2.82
HMC2 HEC E . -5.12 7.55 3.21
HMC3 HEC E . -3.65 6.61 3.57
HAC HEC E . -1.16 5.55 0.42
HBC1 HEC E . -1.58 6.65 3.18
HBC2 HEC E . -1.97 4.97 2.78
HBC3 HEC E . -0.30 5.58 2.58
HMD1 HEC E . -0.79 4.16 -3.02
HMD2 HEC E . -1.29 2.47 -2.73
HMD3 HEC E . -0.96 3.04 -4.39
HAD1 HEC E . -2.82 1.61 -5.43
HAD2 HEC E . -4.35 2.14 -6.15
HBD1 HEC E . -3.15 4.10 -7.12
HBD2 HEC E . -1.62 3.37 -6.54
N ALA A 1 16.57 -11.71 -2.80
CA ALA A 1 17.28 -10.72 -2.00
C ALA A 1 17.63 -9.52 -2.88
N PRO A 2 16.60 -8.75 -3.23
CA PRO A 2 16.70 -7.56 -4.05
C PRO A 2 17.15 -6.39 -3.20
N LYS A 3 17.62 -5.33 -3.85
CA LYS A 3 18.08 -4.16 -3.12
C LYS A 3 16.90 -3.21 -2.91
N ALA A 4 17.21 -2.06 -2.33
CA ALA A 4 16.19 -1.05 -2.06
C ALA A 4 16.51 0.21 -2.85
N PRO A 5 16.22 0.17 -4.14
CA PRO A 5 16.44 1.26 -5.07
C PRO A 5 16.04 2.57 -4.42
N ALA A 6 16.48 3.68 -5.00
CA ALA A 6 16.15 4.99 -4.45
C ALA A 6 14.77 5.41 -4.94
N ASP A 7 14.26 6.48 -4.34
CA ASP A 7 12.95 6.99 -4.71
C ASP A 7 12.83 7.03 -6.23
N GLY A 8 11.61 7.23 -6.69
CA GLY A 8 11.34 7.29 -8.11
C GLY A 8 10.29 6.26 -8.52
N LEU A 9 9.76 5.57 -7.51
CA LEU A 9 8.75 4.56 -7.76
C LEU A 9 7.36 5.12 -7.41
N LYS A 10 6.49 5.11 -8.40
CA LYS A 10 5.14 5.61 -8.22
C LYS A 10 4.15 4.60 -8.78
N MET A 11 3.01 4.49 -8.11
CA MET A 11 1.97 3.57 -8.53
C MET A 11 0.77 4.33 -9.10
N GLU A 12 0.65 4.28 -10.42
CA GLU A 12 -0.44 4.94 -11.10
C GLU A 12 -1.09 4.01 -12.12
N ALA A 13 -1.42 2.82 -11.65
CA ALA A 13 -2.04 1.82 -12.51
C ALA A 13 -3.53 2.13 -12.65
N THR A 14 -4.05 2.85 -11.67
CA THR A 14 -5.46 3.22 -11.67
C THR A 14 -5.61 4.71 -11.99
N LYS A 15 -6.76 5.24 -11.62
CA LYS A 15 -7.05 6.65 -11.85
C LYS A 15 -6.64 7.46 -10.62
N GLN A 16 -5.71 6.90 -9.87
CA GLN A 16 -5.23 7.56 -8.67
C GLN A 16 -3.75 7.22 -8.44
N PRO A 17 -2.89 8.03 -9.04
CA PRO A 17 -1.45 7.89 -8.96
C PRO A 17 -0.99 8.17 -7.54
N VAL A 18 -0.16 7.28 -7.00
CA VAL A 18 0.32 7.44 -5.64
C VAL A 18 1.81 7.05 -5.59
N VAL A 19 2.63 8.04 -5.30
CA VAL A 19 4.07 7.82 -5.22
C VAL A 19 4.41 7.26 -3.84
N PHE A 20 5.50 6.51 -3.80
CA PHE A 20 5.96 5.91 -2.56
C PHE A 20 7.47 5.71 -2.56
N ASN A 21 8.13 6.37 -1.62
CA ASN A 21 9.57 6.27 -1.50
C ASN A 21 9.93 5.23 -0.43
N HIS A 22 10.88 4.37 -0.78
CA HIS A 22 11.35 3.32 0.11
C HIS A 22 12.03 3.94 1.34
N SER A 23 12.64 5.09 1.12
CA SER A 23 13.33 5.79 2.20
C SER A 23 12.33 6.12 3.33
N THR A 24 11.15 6.53 2.92
CA THR A 24 10.10 6.88 3.87
C THR A 24 9.44 5.61 4.42
N HIS A 25 9.92 4.48 3.92
CA HIS A 25 9.40 3.16 4.33
C HIS A 25 10.56 2.14 4.33
N LYS A 26 11.65 2.52 4.98
CA LYS A 26 12.81 1.64 5.04
C LYS A 26 12.88 1.01 6.43
N SER A 27 12.12 1.58 7.35
CA SER A 27 12.09 1.10 8.72
C SER A 27 10.86 0.20 8.92
N VAL A 28 10.55 -0.56 7.88
CA VAL A 28 9.42 -1.47 7.93
C VAL A 28 9.85 -2.85 7.43
N LYS A 29 9.25 -3.87 8.02
CA LYS A 29 9.57 -5.24 7.64
C LYS A 29 9.54 -5.36 6.12
N CYS A 30 10.67 -5.76 5.57
CA CYS A 30 10.79 -5.91 4.12
C CYS A 30 9.68 -6.86 3.65
N GLY A 31 9.17 -7.64 4.60
CA GLY A 31 8.12 -8.60 4.30
C GLY A 31 6.75 -8.04 4.69
N ASP A 32 6.72 -6.73 4.92
CA ASP A 32 5.48 -6.07 5.29
C ASP A 32 4.74 -5.64 4.02
N CYS A 33 5.51 -5.30 3.01
CA CYS A 33 4.94 -4.88 1.74
C CYS A 33 5.03 -6.04 0.75
N HIS A 34 6.25 -6.58 0.63
CA HIS A 34 6.54 -7.69 -0.26
C HIS A 34 6.32 -9.02 0.48
N HIS A 35 5.04 -9.36 0.69
CA HIS A 35 4.64 -10.57 1.38
C HIS A 35 4.97 -11.79 0.50
N PRO A 36 5.06 -12.97 1.15
CA PRO A 36 5.35 -14.22 0.52
C PRO A 36 4.25 -14.59 -0.46
N VAL A 37 4.63 -14.93 -1.68
CA VAL A 37 3.65 -15.28 -2.70
C VAL A 37 4.13 -16.53 -3.45
N ASN A 38 3.32 -17.57 -3.39
CA ASN A 38 3.65 -18.82 -4.06
C ASN A 38 4.88 -19.44 -3.39
N GLY A 39 4.96 -19.27 -2.08
CA GLY A 39 6.07 -19.80 -1.31
C GLY A 39 7.40 -19.28 -1.86
N LYS A 40 7.54 -17.96 -1.85
CA LYS A 40 8.75 -17.34 -2.33
C LYS A 40 8.54 -15.82 -2.42
N GLU A 41 9.11 -15.11 -1.47
CA GLU A 41 8.98 -13.66 -1.42
C GLU A 41 8.85 -13.11 -2.84
N ASP A 42 7.81 -12.32 -3.05
CA ASP A 42 7.56 -11.72 -4.35
C ASP A 42 7.82 -10.22 -4.27
N TYR A 43 8.39 -9.68 -5.36
CA TYR A 43 8.70 -8.27 -5.43
C TYR A 43 8.12 -7.69 -6.71
N ARG A 44 7.14 -8.38 -7.28
CA ARG A 44 6.53 -7.90 -8.51
C ARG A 44 5.35 -6.98 -8.18
N LYS A 45 4.89 -6.26 -9.21
CA LYS A 45 3.79 -5.33 -9.03
C LYS A 45 2.77 -5.93 -8.07
N CYS A 46 2.19 -5.07 -7.25
CA CYS A 46 1.20 -5.50 -6.27
C CYS A 46 0.03 -6.13 -7.03
N GLY A 47 -0.33 -5.49 -8.13
CA GLY A 47 -1.44 -5.98 -8.95
C GLY A 47 -0.99 -7.16 -9.81
N THR A 48 -0.47 -6.83 -10.98
CA THR A 48 0.00 -7.85 -11.91
C THR A 48 -1.11 -8.85 -12.19
N ALA A 49 -0.89 -9.67 -13.22
CA ALA A 49 -1.86 -10.68 -13.60
C ALA A 49 -1.62 -11.96 -12.79
N GLY A 50 -2.67 -12.39 -12.12
CA GLY A 50 -2.58 -13.60 -11.31
C GLY A 50 -2.75 -13.26 -9.82
N CYS A 51 -2.61 -11.98 -9.52
CA CYS A 51 -2.75 -11.52 -8.15
C CYS A 51 -3.89 -10.51 -8.09
N HIS A 52 -3.67 -9.45 -7.30
CA HIS A 52 -4.64 -8.39 -7.12
C HIS A 52 -4.93 -7.70 -8.47
N ASP A 53 -5.81 -8.32 -9.24
CA ASP A 53 -6.17 -7.79 -10.54
C ASP A 53 -7.62 -7.30 -10.50
N SER A 54 -8.05 -6.92 -9.31
CA SER A 54 -9.41 -6.45 -9.11
C SER A 54 -9.40 -4.94 -8.80
N MET A 55 -9.99 -4.18 -9.71
CA MET A 55 -10.05 -2.73 -9.53
C MET A 55 -11.49 -2.24 -9.60
N ASP A 56 -12.33 -2.81 -8.75
CA ASP A 56 -13.73 -2.43 -8.70
C ASP A 56 -14.06 -1.90 -7.31
N LYS A 57 -15.35 -1.72 -7.08
CA LYS A 57 -15.83 -1.22 -5.80
C LYS A 57 -17.00 -2.07 -5.31
N LYS A 58 -16.67 -3.07 -4.51
CA LYS A 58 -17.69 -3.97 -3.97
C LYS A 58 -17.00 -5.15 -3.29
N ASP A 59 -16.19 -5.86 -4.06
CA ASP A 59 -15.47 -7.01 -3.53
C ASP A 59 -14.19 -6.54 -2.84
N LYS A 60 -14.10 -6.84 -1.56
CA LYS A 60 -12.94 -6.46 -0.78
C LYS A 60 -12.10 -7.70 -0.47
N SER A 61 -12.27 -8.71 -1.31
CA SER A 61 -11.54 -9.96 -1.15
C SER A 61 -10.03 -9.69 -1.23
N ALA A 62 -9.28 -10.76 -1.11
CA ALA A 62 -7.82 -10.66 -1.16
C ALA A 62 -7.39 -10.25 -2.58
N LYS A 63 -8.36 -10.29 -3.49
CA LYS A 63 -8.09 -9.93 -4.87
C LYS A 63 -8.26 -8.42 -5.04
N GLY A 64 -8.97 -7.82 -4.09
CA GLY A 64 -9.21 -6.39 -4.13
C GLY A 64 -7.89 -5.62 -4.06
N TYR A 65 -7.63 -4.86 -5.12
CA TYR A 65 -6.42 -4.06 -5.22
C TYR A 65 -6.46 -2.94 -4.18
N TYR A 66 -7.56 -2.19 -4.15
CA TYR A 66 -7.72 -1.10 -3.21
C TYR A 66 -8.04 -1.65 -1.83
N HIS A 67 -8.14 -2.97 -1.72
CA HIS A 67 -8.45 -3.60 -0.44
C HIS A 67 -7.15 -4.10 0.20
N VAL A 68 -6.08 -4.06 -0.59
CA VAL A 68 -4.78 -4.50 -0.09
C VAL A 68 -3.87 -3.29 0.07
N MET A 69 -4.49 -2.12 0.08
CA MET A 69 -3.74 -0.88 0.23
C MET A 69 -4.60 0.19 0.91
N HIS A 70 -5.56 -0.27 1.70
CA HIS A 70 -6.48 0.60 2.42
C HIS A 70 -6.99 -0.11 3.69
N ASP A 71 -7.93 -1.04 3.47
CA ASP A 71 -8.50 -1.79 4.58
C ASP A 71 -7.38 -2.25 5.50
N LYS A 72 -7.73 -2.44 6.77
CA LYS A 72 -6.77 -2.88 7.76
C LYS A 72 -7.21 -4.23 8.33
N ASN A 73 -8.39 -4.66 7.91
CA ASN A 73 -8.94 -5.93 8.36
C ASN A 73 -8.49 -7.04 7.40
N THR A 74 -7.22 -6.98 7.03
CA THR A 74 -6.66 -7.97 6.13
C THR A 74 -5.54 -8.75 6.81
N LYS A 75 -5.19 -9.87 6.20
CA LYS A 75 -4.13 -10.71 6.74
C LYS A 75 -2.83 -9.92 6.80
N PHE A 76 -2.60 -9.13 5.76
CA PHE A 76 -1.40 -8.32 5.68
C PHE A 76 -1.74 -6.83 5.76
N LYS A 77 -0.76 -6.06 6.21
CA LYS A 77 -0.94 -4.62 6.33
C LYS A 77 -1.16 -4.01 4.95
N SER A 78 -1.77 -2.83 4.95
CA SER A 78 -2.05 -2.13 3.70
C SER A 78 -1.21 -0.86 3.62
N CYS A 79 -1.90 0.25 3.42
CA CYS A 79 -1.24 1.54 3.32
C CYS A 79 -1.89 2.50 4.32
N VAL A 80 -3.21 2.49 4.32
CA VAL A 80 -3.98 3.35 5.22
C VAL A 80 -3.96 2.75 6.62
N GLY A 81 -3.93 1.43 6.66
CA GLY A 81 -3.92 0.71 7.92
C GLY A 81 -2.81 1.23 8.84
N CYS A 82 -1.58 0.90 8.45
CA CYS A 82 -0.42 1.32 9.22
C CYS A 82 -0.61 2.78 9.62
N HIS A 83 -0.95 3.60 8.62
CA HIS A 83 -1.17 5.03 8.80
C HIS A 83 -2.24 5.25 9.89
N VAL A 84 -3.23 4.36 9.90
CA VAL A 84 -4.30 4.45 10.87
C VAL A 84 -3.76 4.11 12.27
N GLU A 85 -2.80 3.20 12.28
CA GLU A 85 -2.19 2.78 13.53
C GLU A 85 -1.09 3.77 13.94
N VAL A 86 -0.81 4.69 13.04
CA VAL A 86 0.22 5.69 13.30
C VAL A 86 -0.45 7.05 13.53
N ALA A 87 -1.20 7.47 12.52
CA ALA A 87 -1.90 8.75 12.59
C ALA A 87 -3.09 8.61 13.53
N GLY A 88 -2.79 8.25 14.77
CA GLY A 88 -3.82 8.08 15.78
C GLY A 88 -3.44 8.80 17.07
N ALA A 89 -2.59 9.79 16.94
CA ALA A 89 -2.14 10.57 18.09
C ALA A 89 -2.66 12.00 17.97
N ASP A 90 -2.78 12.46 16.72
CA ASP A 90 -3.25 13.80 16.46
C ASP A 90 -4.37 13.75 15.44
N ALA A 91 -5.30 14.70 15.56
CA ALA A 91 -6.43 14.77 14.66
C ALA A 91 -6.10 15.74 13.52
N ALA A 92 -4.81 15.86 13.23
CA ALA A 92 -4.37 16.74 12.16
C ALA A 92 -3.84 15.91 10.99
N LYS A 93 -2.82 15.11 11.28
CA LYS A 93 -2.23 14.25 10.26
C LYS A 93 -3.27 13.24 9.79
N LYS A 94 -4.24 12.97 10.66
CA LYS A 94 -5.29 12.03 10.34
C LYS A 94 -5.98 12.46 9.04
N LYS A 95 -5.77 13.71 8.68
CA LYS A 95 -6.35 14.25 7.47
C LYS A 95 -5.28 14.39 6.40
N ASP A 96 -4.18 13.66 6.60
CA ASP A 96 -3.07 13.69 5.67
C ASP A 96 -2.58 12.26 5.41
N LEU A 97 -2.48 11.51 6.49
CA LEU A 97 -2.03 10.13 6.40
C LEU A 97 -3.19 9.25 5.91
N THR A 98 -4.36 9.50 6.49
CA THR A 98 -5.55 8.74 6.12
C THR A 98 -6.51 9.61 5.32
N GLY A 99 -6.07 10.83 5.06
CA GLY A 99 -6.89 11.78 4.31
C GLY A 99 -7.28 11.20 2.95
N CYS A 100 -8.35 11.75 2.40
CA CYS A 100 -8.85 11.30 1.11
C CYS A 100 -8.45 12.34 0.06
N LYS A 101 -8.58 13.60 0.44
CA LYS A 101 -8.24 14.69 -0.46
C LYS A 101 -7.15 15.56 0.19
N LYS A 102 -6.11 15.81 -0.60
CA LYS A 102 -5.00 16.62 -0.11
C LYS A 102 -3.98 15.72 0.58
N SER A 103 -4.37 14.47 0.77
CA SER A 103 -3.52 13.50 1.43
C SER A 103 -2.26 13.28 0.60
N LYS A 104 -1.19 12.89 1.29
CA LYS A 104 0.08 12.64 0.64
C LYS A 104 -0.12 11.60 -0.48
N CYS A 105 -0.94 10.61 -0.16
CA CYS A 105 -1.21 9.55 -1.12
C CYS A 105 -2.09 10.13 -2.24
N HIS A 106 -3.16 10.81 -1.83
CA HIS A 106 -4.10 11.44 -2.75
C HIS A 106 -4.02 12.97 -2.61
N GLU A 107 -2.90 13.52 -3.05
CA GLU A 107 -2.68 14.96 -2.97
C GLU A 107 -2.87 15.58 -4.36
FE HEC B . 9.72 -2.46 -2.17
CHA HEC B . 8.77 -1.97 -5.49
CHB HEC B . 12.70 -3.75 -3.25
CHC HEC B . 10.60 -2.98 1.08
CHD HEC B . 6.69 -1.10 -1.18
NA HEC B . 10.57 -2.75 -3.99
C1A HEC B . 10.00 -2.57 -5.24
C2A HEC B . 10.88 -3.08 -6.28
C3A HEC B . 11.98 -3.58 -5.65
C4A HEC B . 11.78 -3.37 -4.24
CMA HEC B . 13.17 -4.23 -6.28
CAA HEC B . 10.58 -3.06 -7.74
CBA HEC B . 10.41 -4.44 -8.36
CGA HEC B . 11.69 -4.90 -9.06
O1A HEC B . 12.29 -4.05 -9.75
O2A HEC B . 12.03 -6.08 -8.88
NB HEC B . 11.33 -3.19 -1.28
C1B HEC B . 12.46 -3.72 -1.88
C2B HEC B . 13.36 -4.23 -0.87
C3B HEC B . 12.78 -4.02 0.33
C4B HEC B . 11.51 -3.37 0.08
CMB HEC B . 14.69 -4.87 -1.16
CAB HEC B . 13.32 -4.37 1.69
CBB HEC B . 14.83 -4.54 1.73
NC HEC B . 8.88 -1.98 -0.42
C1C HEC B . 9.40 -2.23 0.84
C2C HEC B . 8.45 -1.90 1.86
C3C HEC B . 7.34 -1.44 1.24
C4C HEC B . 7.61 -1.49 -0.18
CMC HEC B . 8.68 -2.04 3.34
CAC HEC B . 6.05 -0.97 1.85
CBC HEC B . 6.16 -0.67 3.35
ND HEC B . 8.07 -1.67 -3.14
C1D HEC B . 6.91 -1.22 -2.54
C2D HEC B . 5.94 -0.86 -3.56
C3D HEC B . 6.52 -1.11 -4.76
C4D HEC B . 7.85 -1.60 -4.50
CMD HEC B . 4.56 -0.34 -3.28
CAD HEC B . 5.93 -0.90 -6.13
CBD HEC B . 4.73 -1.81 -6.42
CGD HEC B . 3.60 -1.02 -7.06
O1D HEC B . 2.47 -1.12 -6.53
O2D HEC B . 3.88 -0.33 -8.07
HHA HEC B . 8.50 -1.79 -6.53
HHB HEC B . 13.69 -4.11 -3.58
HHC HEC B . 10.85 -3.26 2.11
HHD HEC B . 5.74 -0.68 -0.85
HMA1 HEC B . 13.26 -3.91 -7.31
HMA2 HEC B . 14.07 -3.92 -5.73
HMA3 HEC B . 13.07 -5.31 -6.22
HAA1 HEC B . 9.66 -2.51 -7.92
HAA2 HEC B . 11.41 -2.57 -8.26
HBA1 HEC B . 10.16 -5.16 -7.59
HBA2 HEC B . 9.61 -4.40 -9.10
HMB1 HEC B . 14.84 -5.73 -0.49
HMB2 HEC B . 14.71 -5.21 -2.19
HMB3 HEC B . 15.48 -4.14 -1.00
HAB HEC B . 13.06 -3.58 2.39
HBB1 HEC B . 15.29 -3.88 1.00
HBB2 HEC B . 15.20 -4.30 2.73
HBB3 HEC B . 15.08 -5.59 1.50
HMC1 HEC B . 8.91 -1.06 3.76
HMC2 HEC B . 7.79 -2.45 3.80
HMC3 HEC B . 9.52 -2.71 3.50
HAC HEC B . 5.74 -0.05 1.37
HBC1 HEC B . 7.14 -0.24 3.57
HBC2 HEC B . 5.38 0.03 3.63
HBC3 HEC B . 6.04 -1.60 3.91
HMD1 HEC B . 3.84 -1.14 -3.36
HMD2 HEC B . 4.53 0.10 -2.28
HMD3 HEC B . 4.32 0.43 -4.02
HAD1 HEC B . 5.59 0.13 -6.23
HAD2 HEC B . 6.69 -1.12 -6.88
HBD1 HEC B . 5.04 -2.60 -7.10
HBD2 HEC B . 4.37 -2.25 -5.49
FE HEC C . -0.98 -9.50 -1.95
CHA HEC C . -3.20 -11.18 0.16
CHB HEC C . -1.19 -6.74 -0.06
CHC HEC C . 1.45 -8.11 -3.92
CHD HEC C . -0.90 -12.43 -3.96
NA HEC C . -1.96 -9.09 -0.28
C1A HEC C . -2.88 -9.85 0.42
C2A HEC C . -3.47 -9.06 1.47
C3A HEC C . -2.92 -7.82 1.41
C4A HEC C . -1.98 -7.84 0.32
CMA HEC C . -3.20 -6.65 2.29
CAA HEC C . -4.52 -9.56 2.43
CBA HEC C . -5.95 -9.17 2.05
CGA HEC C . -6.96 -9.98 2.84
O1A HEC C . -8.12 -10.05 2.37
O2A HEC C . -6.56 -10.52 3.90
NB HEC C . -0.09 -7.79 -2.01
C1B HEC C . -0.26 -6.75 -1.10
C2B HEC C . 0.67 -5.69 -1.38
C3B HEC C . 1.40 -6.06 -2.45
C4B HEC C . 0.94 -7.37 -2.84
CMB HEC C . 0.75 -4.40 -0.60
CAB HEC C . 2.49 -5.30 -3.14
CBB HEC C . 3.70 -5.00 -2.23
NC HEC C . 0.03 -10.15 -3.64
C1C HEC C . 0.87 -9.37 -4.39
C2C HEC C . 1.25 -10.06 -5.60
C3C HEC C . 0.64 -11.26 -5.57
C4C HEC C . -0.12 -11.33 -4.35
CMC HEC C . 2.15 -9.50 -6.66
CAC HEC C . 0.71 -12.35 -6.60
CBC HEC C . 2.14 -12.80 -6.94
ND HEC C . -1.86 -11.42 -1.92
C1D HEC C . -1.71 -12.46 -2.82
C2D HEC C . -2.51 -13.59 -2.43
C3D HEC C . -3.15 -13.25 -1.28
C4D HEC C . -2.75 -11.89 -0.96
CMD HEC C . -2.59 -14.89 -3.17
CAD HEC C . -4.10 -14.07 -0.47
CBD HEC C . -3.51 -14.57 0.85
CGD HEC C . -3.47 -16.09 0.89
O1D HEC C . -4.56 -16.69 1.02
O2D HEC C . -2.34 -16.63 0.80
HHA HEC C . -3.84 -11.70 0.87
HHB HEC C . -1.31 -5.82 0.50
HHC HEC C . 2.31 -7.69 -4.45
HHD HEC C . -0.87 -13.32 -4.59
HMA1 HEC C . -2.41 -6.54 3.02
HMA2 HEC C . -3.25 -5.74 1.68
HMA3 HEC C . -4.16 -6.79 2.80
HAA1 HEC C . -4.48 -10.65 2.47
HAA2 HEC C . -4.33 -9.14 3.42
HBA1 HEC C . -6.10 -8.12 2.26
HBA2 HEC C . -6.10 -9.36 0.98
HMB1 HEC C . 1.56 -4.49 0.13
HMB2 HEC C . 0.96 -3.58 -1.28
HMB3 HEC C . -0.18 -4.23 -0.09
HAB HEC C . 2.86 -5.87 -3.98
HBB1 HEC C . 4.33 -5.90 -2.17
HBB2 HEC C . 4.27 -4.18 -2.67
HBB3 HEC C . 3.35 -4.72 -1.24
HMC1 HEC C . 2.64 -8.61 -6.28
HMC2 HEC C . 2.92 -10.25 -6.91
HMC3 HEC C . 1.57 -9.26 -7.55
HAC HEC C . 0.19 -13.23 -6.23
HBC1 HEC C . 2.13 -13.85 -7.22
HBC2 HEC C . 2.51 -12.20 -7.77
HBC3 HEC C . 2.77 -12.66 -6.07
HMD1 HEC C . -3.09 -15.63 -2.55
HMD2 HEC C . -3.16 -14.75 -4.08
HMD3 HEC C . -1.58 -15.23 -3.41
HAD1 HEC C . -4.99 -13.48 -0.23
HAD2 HEC C . -4.39 -14.96 -1.04
HBD1 HEC C . -2.51 -14.19 0.97
HBD2 HEC C . -4.14 -14.22 1.67
FE HEC D . 3.25 5.15 4.68
CHA HEC D . 4.54 8.36 5.48
CHB HEC D . 2.39 6.48 1.54
CHC HEC D . 2.23 2.10 3.68
CHD HEC D . 4.16 4.06 7.75
NA HEC D . 3.44 7.04 3.71
C1A HEC D . 3.98 8.21 4.22
C2A HEC D . 3.88 9.27 3.24
C3A HEC D . 3.29 8.75 2.15
C4A HEC D . 3.00 7.37 2.43
CMA HEC D . 2.96 9.45 0.85
CAA HEC D . 4.37 10.68 3.45
CBA HEC D . 5.76 10.94 2.88
CGA HEC D . 6.52 11.95 3.74
O1A HEC D . 6.96 11.53 4.84
O2A HEC D . 6.66 13.10 3.28
NB HEC D . 2.43 4.47 2.98
C1B HEC D . 2.23 5.12 1.76
C2B HEC D . 1.84 4.16 0.76
C3B HEC D . 1.79 2.95 1.34
C4B HEC D . 2.16 3.14 2.72
CMB HEC D . 1.55 4.50 -0.68
CAB HEC D . 1.43 1.63 0.73
CBB HEC D . 2.13 1.36 -0.61
NC HEC D . 3.13 3.48 5.57
C1C HEC D . 2.62 2.32 5.05
C2C HEC D . 2.73 1.25 6.02
C3C HEC D . 3.31 1.77 7.12
C4C HEC D . 3.56 3.16 6.84
CMC HEC D . 2.27 -0.16 5.80
CAC HEC D . 3.65 1.07 8.41
CBC HEC D . 4.08 -0.38 8.23
ND HEC D . 4.18 6.04 6.27
C1D HEC D . 4.43 5.40 7.47
C2D HEC D . 5.03 6.32 8.41
C3D HEC D . 5.14 7.51 7.78
C4D HEC D . 4.61 7.34 6.45
CMD HEC D . 5.45 5.97 9.81
CAD HEC D . 5.70 8.79 8.33
CBD HEC D . 4.63 9.80 8.76
CGD HEC D . 5.26 11.07 9.31
O1D HEC D . 5.39 12.03 8.51
O2D HEC D . 5.62 11.06 10.51
HHA HEC D . 4.96 9.33 5.74
HHB HEC D . 2.01 6.89 0.60
HHC HEC D . 1.91 1.11 3.36
HHD HEC D . 4.42 3.69 8.73
HMA1 HEC D . 1.88 9.57 0.77
HMA2 HEC D . 3.43 10.43 0.84
HMA3 HEC D . 3.32 8.85 0.02
HAA1 HEC D . 3.68 11.37 2.97
HAA2 HEC D . 4.41 10.89 4.51
HBA1 HEC D . 6.32 10.01 2.85
HBA2 HEC D . 5.67 11.35 1.87
HMB1 HEC D . 2.01 5.46 -0.92
HMB2 HEC D . 1.95 3.73 -1.33
HMB3 HEC D . 0.46 4.57 -0.82
HAB HEC D . 1.71 0.82 1.40
HBB1 HEC D . 2.39 0.31 -0.68
HBB2 HEC D . 1.45 1.62 -1.43
HBB3 HEC D . 3.03 1.97 -0.68
HMC1 HEC D . 1.28 -0.16 5.34
HMC2 HEC D . 2.98 -0.67 5.14
HMC3 HEC D . 2.22 -0.68 6.76
HAC HEC D . 4.48 1.59 8.89
HBC1 HEC D . 3.23 -1.04 8.43
HBC2 HEC D . 4.42 -0.54 7.21
HBC3 HEC D . 4.88 -0.61 8.93
HMD1 HEC D . 5.50 6.88 10.41
HMD2 HEC D . 4.71 5.29 10.24
HMD3 HEC D . 6.42 5.48 9.79
HAD1 HEC D . 6.32 8.58 9.20
HAD2 HEC D . 6.30 9.28 7.56
HBD1 HEC D . 4.01 10.05 7.91
HBD2 HEC D . 4.02 9.36 9.54
FE HEC E . -6.33 5.44 -1.85
CHA HEC E . -6.05 3.76 -4.89
CHB HEC E . -9.68 5.97 -2.51
CHC HEC E . -6.73 6.75 1.30
CHD HEC E . -2.95 5.04 -1.36
NA HEC E . -7.59 4.96 -3.38
C1A HEC E . -7.30 4.26 -4.54
C2A HEC E . -8.48 4.12 -5.36
C3A HEC E . -9.49 4.73 -4.69
C4A HEC E . -8.94 5.26 -3.47
CMA HEC E . -10.93 4.86 -5.11
CAA HEC E . -8.54 3.42 -6.68
CBA HEC E . -9.21 2.05 -6.62
CGA HEC E . -9.71 1.62 -7.99
O1A HEC E . -10.94 1.47 -8.13
O2A HEC E . -8.85 1.46 -8.89
NB HEC E . -7.90 6.12 -0.79
C1B HEC E . -9.17 6.40 -1.28
C2B HEC E . -9.90 7.22 -0.34
C3B HEC E . -9.09 7.44 0.71
C4B HEC E . -7.84 6.76 0.43
CMB HEC E . -11.30 7.71 -0.54
CAB HEC E . -9.37 8.22 1.96
CBB HEC E . -9.68 7.36 3.18
NC HEC E . -5.07 5.74 -0.29
C1C HEC E . -5.36 6.35 0.91
C2C HEC E . -4.15 6.60 1.65
C3C HEC E . -3.12 6.13 0.90
C4C HEC E . -3.70 5.61 -0.31
CMC HEC E . -4.10 7.24 3.01
CAC HEC E . -1.66 6.17 1.23
CBC HEC E . -1.35 5.85 2.69
ND HEC E . -4.80 4.63 -2.93
C1D HEC E . -3.49 4.47 -2.50
C2D HEC E . -2.77 3.63 -3.42
C3D HEC E . -3.62 3.27 -4.40
C4D HEC E . -4.89 3.89 -4.10
CMD HEC E . -1.32 3.24 -3.27
CAD HEC E . -3.35 2.39 -5.59
CBD HEC E . -2.58 3.08 -6.71
CGD HEC E . -2.51 2.21 -7.94
O1D HEC E . -2.62 2.79 -9.05
O2D HEC E . -2.34 0.99 -7.78
HHA HEC E . -5.96 3.23 -5.84
HHB HEC E . -10.72 6.20 -2.73
HHC HEC E . -6.88 7.06 2.33
HHD HEC E . -1.86 5.05 -1.26
HMA1 HEC E . -11.06 5.81 -5.63
HMA2 HEC E . -11.19 4.04 -5.78
HMA3 HEC E . -11.57 4.84 -4.23
HAA1 HEC E . -9.10 4.02 -7.39
HAA2 HEC E . -7.53 3.27 -7.05
HBA1 HEC E . -8.48 1.31 -6.28
HBA2 HEC E . -10.05 2.08 -5.93
HMB1 HEC E . -11.78 7.15 -1.34
HMB2 HEC E . -11.87 7.57 0.39
HMB3 HEC E . -11.28 8.76 -0.80
HAB HEC E . -8.51 8.84 2.21
HBB1 HEC E . -10.39 6.59 2.91
HBB2 HEC E . -8.77 6.90 3.55
HBB3 HEC E . -10.11 7.98 3.96
HMC1 HEC E . -3.50 6.62 3.68
HMC2 HEC E . -3.64 8.23 2.92
HMC3 HEC E . -5.10 7.34 3.41
HAC HEC E . -1.14 5.42 0.63
HBC1 HEC E . -0.30 5.55 2.78
HBC2 HEC E . -1.52 6.74 3.30
HBC3 HEC E . -1.98 5.03 3.04
HMD1 HEC E . -1.02 2.64 -4.12
HMD2 HEC E . -0.70 4.14 -3.23
HMD3 HEC E . -1.19 2.67 -2.36
HAD1 HEC E . -2.78 1.52 -5.28
HAD2 HEC E . -4.31 2.07 -6.02
HBD1 HEC E . -3.05 4.03 -6.96
HBD2 HEC E . -1.56 3.28 -6.36
N ALA A 1 22.85 -6.92 -4.13
CA ALA A 1 21.54 -7.52 -4.27
C ALA A 1 20.46 -6.42 -4.20
N PRO A 2 19.21 -6.85 -4.42
CA PRO A 2 18.05 -5.99 -4.40
C PRO A 2 18.07 -5.12 -3.15
N LYS A 3 18.72 -3.97 -3.25
CA LYS A 3 18.80 -3.06 -2.12
C LYS A 3 17.87 -1.87 -2.35
N ALA A 4 16.67 -2.17 -2.82
CA ALA A 4 15.69 -1.14 -3.09
C ALA A 4 16.38 0.08 -3.70
N PRO A 5 16.46 0.07 -5.04
CA PRO A 5 17.08 1.12 -5.82
C PRO A 5 16.71 2.48 -5.23
N ALA A 6 17.47 3.50 -5.59
CA ALA A 6 17.22 4.84 -5.08
C ALA A 6 15.76 5.21 -5.33
N ASP A 7 15.19 5.94 -4.39
CA ASP A 7 13.81 6.37 -4.49
C ASP A 7 13.50 6.70 -5.95
N GLY A 8 12.24 6.46 -6.33
CA GLY A 8 11.80 6.73 -7.69
C GLY A 8 10.80 5.67 -8.15
N LEU A 9 9.89 5.33 -7.26
CA LEU A 9 8.86 4.34 -7.56
C LEU A 9 7.49 4.93 -7.27
N LYS A 10 6.65 4.93 -8.29
CA LYS A 10 5.29 5.46 -8.15
C LYS A 10 4.30 4.45 -8.73
N MET A 11 3.15 4.37 -8.09
CA MET A 11 2.10 3.46 -8.54
C MET A 11 0.88 4.22 -9.04
N GLU A 12 0.66 4.12 -10.35
CA GLU A 12 -0.47 4.79 -10.97
C GLU A 12 -1.09 3.91 -12.05
N ALA A 13 -1.44 2.70 -11.66
CA ALA A 13 -2.04 1.75 -12.59
C ALA A 13 -3.52 2.08 -12.77
N THR A 14 -4.12 2.56 -11.68
CA THR A 14 -5.53 2.92 -11.71
C THR A 14 -5.69 4.41 -12.02
N LYS A 15 -6.84 4.94 -11.63
CA LYS A 15 -7.14 6.34 -11.86
C LYS A 15 -6.68 7.16 -10.66
N GLN A 16 -5.62 6.69 -10.02
CA GLN A 16 -5.07 7.36 -8.86
C GLN A 16 -3.60 6.96 -8.66
N PRO A 17 -2.72 7.90 -9.04
CA PRO A 17 -1.29 7.75 -8.95
C PRO A 17 -0.84 8.04 -7.51
N VAL A 18 -0.07 7.13 -6.93
CA VAL A 18 0.41 7.32 -5.57
C VAL A 18 1.88 6.93 -5.50
N VAL A 19 2.72 7.92 -5.28
CA VAL A 19 4.15 7.69 -5.19
C VAL A 19 4.50 7.22 -3.77
N PHE A 20 5.49 6.35 -3.70
CA PHE A 20 5.93 5.82 -2.42
C PHE A 20 7.44 5.57 -2.42
N ASN A 21 8.12 6.31 -1.56
CA ASN A 21 9.57 6.18 -1.45
C ASN A 21 9.90 5.13 -0.39
N HIS A 22 10.95 4.37 -0.66
CA HIS A 22 11.43 3.31 0.23
C HIS A 22 12.14 3.94 1.44
N SER A 23 12.66 5.14 1.24
CA SER A 23 13.36 5.85 2.31
C SER A 23 12.37 6.27 3.39
N THR A 24 11.10 6.33 3.00
CA THR A 24 10.05 6.73 3.93
C THR A 24 9.38 5.49 4.53
N HIS A 25 9.86 4.32 4.09
CA HIS A 25 9.34 3.03 4.55
C HIS A 25 10.49 2.00 4.57
N LYS A 26 11.60 2.40 5.17
CA LYS A 26 12.75 1.52 5.27
C LYS A 26 12.82 0.93 6.68
N SER A 27 12.02 1.50 7.56
CA SER A 27 11.98 1.04 8.94
C SER A 27 10.92 -0.06 9.10
N VAL A 28 10.58 -0.67 7.97
CA VAL A 28 9.59 -1.73 7.97
C VAL A 28 10.13 -2.92 7.18
N LYS A 29 9.83 -4.11 7.67
CA LYS A 29 10.28 -5.34 7.03
C LYS A 29 9.68 -5.41 5.62
N CYS A 30 10.52 -5.85 4.69
CA CYS A 30 10.09 -5.97 3.31
C CYS A 30 8.88 -6.92 3.26
N GLY A 31 8.83 -7.81 4.24
CA GLY A 31 7.74 -8.77 4.32
C GLY A 31 6.44 -8.08 4.73
N ASP A 32 6.53 -6.79 5.02
CA ASP A 32 5.39 -6.03 5.43
C ASP A 32 4.61 -5.57 4.19
N CYS A 33 5.36 -5.32 3.13
CA CYS A 33 4.76 -4.88 1.88
C CYS A 33 4.87 -6.02 0.86
N HIS A 34 6.06 -6.61 0.80
CA HIS A 34 6.35 -7.72 -0.11
C HIS A 34 6.14 -9.06 0.62
N HIS A 35 4.87 -9.43 0.79
CA HIS A 35 4.49 -10.66 1.45
C HIS A 35 4.81 -11.87 0.54
N PRO A 36 4.93 -13.05 1.18
CA PRO A 36 5.23 -14.29 0.52
C PRO A 36 4.08 -14.67 -0.39
N VAL A 37 4.38 -14.98 -1.65
CA VAL A 37 3.35 -15.35 -2.60
C VAL A 37 3.76 -16.65 -3.30
N ASN A 38 2.98 -17.70 -3.04
CA ASN A 38 3.25 -18.99 -3.63
C ASN A 38 4.53 -19.57 -3.02
N GLY A 39 4.73 -19.29 -1.75
CA GLY A 39 5.91 -19.76 -1.04
C GLY A 39 7.19 -19.24 -1.70
N LYS A 40 7.25 -17.91 -1.82
CA LYS A 40 8.40 -17.27 -2.43
C LYS A 40 8.19 -15.76 -2.47
N GLU A 41 8.85 -15.07 -1.56
CA GLU A 41 8.73 -13.63 -1.48
C GLU A 41 8.49 -13.04 -2.87
N ASP A 42 7.42 -12.25 -2.97
CA ASP A 42 7.07 -11.63 -4.23
C ASP A 42 7.31 -10.12 -4.13
N TYR A 43 7.95 -9.58 -5.18
CA TYR A 43 8.25 -8.16 -5.23
C TYR A 43 7.74 -7.57 -6.54
N ARG A 44 6.77 -8.25 -7.15
CA ARG A 44 6.21 -7.77 -8.40
C ARG A 44 5.03 -6.85 -8.14
N LYS A 45 4.55 -6.23 -9.21
CA LYS A 45 3.42 -5.32 -9.11
C LYS A 45 2.38 -5.91 -8.15
N CYS A 46 2.07 -5.14 -7.12
CA CYS A 46 1.10 -5.57 -6.13
C CYS A 46 -0.08 -6.22 -6.86
N GLY A 47 -0.45 -5.60 -7.97
CA GLY A 47 -1.55 -6.10 -8.77
C GLY A 47 -1.09 -7.21 -9.72
N THR A 48 -0.75 -6.79 -10.94
CA THR A 48 -0.29 -7.73 -11.95
C THR A 48 -1.31 -8.84 -12.15
N ALA A 49 -1.34 -9.37 -13.37
CA ALA A 49 -2.27 -10.43 -13.71
C ALA A 49 -1.85 -11.72 -12.97
N GLY A 50 -2.77 -12.20 -12.14
CA GLY A 50 -2.50 -13.42 -11.39
C GLY A 50 -2.63 -13.16 -9.88
N CYS A 51 -2.80 -11.90 -9.54
CA CYS A 51 -2.94 -11.50 -8.14
C CYS A 51 -4.07 -10.48 -8.04
N HIS A 52 -3.83 -9.44 -7.24
CA HIS A 52 -4.78 -8.37 -7.01
C HIS A 52 -5.09 -7.66 -8.34
N ASP A 53 -6.07 -8.17 -9.06
CA ASP A 53 -6.46 -7.60 -10.33
C ASP A 53 -7.79 -6.85 -10.17
N SER A 54 -8.45 -7.13 -9.06
CA SER A 54 -9.72 -6.49 -8.77
C SER A 54 -9.53 -4.99 -8.63
N MET A 55 -10.26 -4.25 -9.46
CA MET A 55 -10.18 -2.80 -9.43
C MET A 55 -11.56 -2.17 -9.66
N ASP A 56 -12.46 -2.44 -8.72
CA ASP A 56 -13.81 -1.92 -8.80
C ASP A 56 -14.20 -1.30 -7.45
N LYS A 57 -15.49 -1.09 -7.28
CA LYS A 57 -16.00 -0.52 -6.05
C LYS A 57 -17.06 -1.45 -5.46
N LYS A 58 -16.59 -2.39 -4.66
CA LYS A 58 -17.50 -3.35 -4.02
C LYS A 58 -16.67 -4.50 -3.45
N ASP A 59 -16.20 -5.35 -4.35
CA ASP A 59 -15.41 -6.50 -3.95
C ASP A 59 -14.30 -6.05 -3.00
N LYS A 60 -14.23 -6.73 -1.86
CA LYS A 60 -13.23 -6.41 -0.86
C LYS A 60 -12.38 -7.64 -0.57
N SER A 61 -12.56 -8.65 -1.41
CA SER A 61 -11.82 -9.89 -1.26
C SER A 61 -10.32 -9.62 -1.37
N ALA A 62 -9.54 -10.65 -1.05
CA ALA A 62 -8.10 -10.54 -1.11
C ALA A 62 -7.69 -10.05 -2.50
N LYS A 63 -8.49 -10.41 -3.48
CA LYS A 63 -8.23 -10.01 -4.85
C LYS A 63 -8.32 -8.49 -4.97
N GLY A 64 -9.15 -7.92 -4.11
CA GLY A 64 -9.34 -6.48 -4.12
C GLY A 64 -7.99 -5.75 -4.09
N TYR A 65 -7.73 -5.00 -5.17
CA TYR A 65 -6.50 -4.25 -5.28
C TYR A 65 -6.49 -3.09 -4.30
N TYR A 66 -7.62 -2.38 -4.21
CA TYR A 66 -7.74 -1.25 -3.31
C TYR A 66 -8.07 -1.76 -1.90
N HIS A 67 -8.23 -3.06 -1.76
CA HIS A 67 -8.54 -3.64 -0.46
C HIS A 67 -7.26 -4.14 0.21
N VAL A 68 -6.20 -4.17 -0.58
CA VAL A 68 -4.91 -4.62 -0.08
C VAL A 68 -3.98 -3.43 0.11
N MET A 69 -4.58 -2.24 0.06
CA MET A 69 -3.83 -1.01 0.23
C MET A 69 -4.68 0.07 0.89
N HIS A 70 -5.69 -0.39 1.64
CA HIS A 70 -6.60 0.49 2.36
C HIS A 70 -7.13 -0.22 3.62
N ASP A 71 -8.12 -1.08 3.41
CA ASP A 71 -8.70 -1.83 4.51
C ASP A 71 -7.60 -2.28 5.46
N LYS A 72 -7.97 -2.44 6.72
CA LYS A 72 -7.03 -2.86 7.74
C LYS A 72 -7.45 -4.22 8.29
N ASN A 73 -8.66 -4.62 7.91
CA ASN A 73 -9.20 -5.89 8.36
C ASN A 73 -8.74 -6.99 7.40
N THR A 74 -7.46 -6.98 7.09
CA THR A 74 -6.89 -7.97 6.19
C THR A 74 -5.80 -8.77 6.90
N LYS A 75 -5.45 -9.90 6.29
CA LYS A 75 -4.43 -10.77 6.85
C LYS A 75 -3.10 -10.00 6.93
N PHE A 76 -2.84 -9.23 5.89
CA PHE A 76 -1.62 -8.43 5.83
C PHE A 76 -1.94 -6.94 5.88
N LYS A 77 -0.95 -6.18 6.35
CA LYS A 77 -1.10 -4.74 6.47
C LYS A 77 -1.29 -4.15 5.07
N SER A 78 -1.88 -2.96 5.04
CA SER A 78 -2.13 -2.28 3.78
C SER A 78 -1.28 -1.00 3.71
N CYS A 79 -1.98 0.12 3.55
CA CYS A 79 -1.31 1.40 3.46
C CYS A 79 -1.99 2.37 4.43
N VAL A 80 -3.32 2.37 4.37
CA VAL A 80 -4.10 3.23 5.24
C VAL A 80 -4.13 2.64 6.66
N GLY A 81 -4.05 1.31 6.71
CA GLY A 81 -4.07 0.61 7.97
C GLY A 81 -2.96 1.12 8.90
N CYS A 82 -1.74 0.78 8.53
CA CYS A 82 -0.58 1.19 9.32
C CYS A 82 -0.77 2.66 9.71
N HIS A 83 -1.09 3.48 8.70
CA HIS A 83 -1.31 4.90 8.88
C HIS A 83 -2.39 5.15 9.94
N VAL A 84 -3.39 4.27 9.95
CA VAL A 84 -4.47 4.38 10.91
C VAL A 84 -3.96 3.96 12.30
N GLU A 85 -3.05 3.00 12.30
CA GLU A 85 -2.48 2.52 13.54
C GLU A 85 -1.33 3.43 13.99
N VAL A 86 -0.98 4.36 13.12
CA VAL A 86 0.10 5.29 13.42
C VAL A 86 -0.49 6.52 14.12
N ALA A 87 -1.44 7.16 13.44
CA ALA A 87 -2.07 8.34 13.99
C ALA A 87 -2.80 7.97 15.29
N GLY A 88 -3.18 9.00 16.03
CA GLY A 88 -3.87 8.80 17.29
C GLY A 88 -4.30 10.14 17.91
N ALA A 89 -3.33 11.04 18.00
CA ALA A 89 -3.59 12.35 18.56
C ALA A 89 -3.41 13.41 17.48
N ASP A 90 -2.53 13.10 16.54
CA ASP A 90 -2.25 14.02 15.44
C ASP A 90 -3.38 13.91 14.41
N ALA A 91 -4.45 14.65 14.66
CA ALA A 91 -5.59 14.67 13.77
C ALA A 91 -5.12 15.02 12.36
N ALA A 92 -4.36 16.10 12.28
CA ALA A 92 -3.84 16.55 11.00
C ALA A 92 -3.28 15.36 10.22
N LYS A 93 -2.47 14.57 10.91
CA LYS A 93 -1.87 13.40 10.30
C LYS A 93 -2.97 12.39 9.94
N LYS A 94 -4.05 12.45 10.70
CA LYS A 94 -5.17 11.55 10.47
C LYS A 94 -5.97 12.06 9.27
N LYS A 95 -5.54 13.19 8.74
CA LYS A 95 -6.21 13.79 7.60
C LYS A 95 -5.22 13.96 6.45
N ASP A 96 -3.98 13.57 6.73
CA ASP A 96 -2.93 13.68 5.74
C ASP A 96 -2.40 12.27 5.41
N LEU A 97 -2.53 11.39 6.38
CA LEU A 97 -2.08 10.02 6.22
C LEU A 97 -3.24 9.15 5.73
N THR A 98 -4.39 9.37 6.36
CA THR A 98 -5.59 8.62 6.01
C THR A 98 -6.54 9.49 5.17
N GLY A 99 -6.14 10.74 5.02
CA GLY A 99 -6.95 11.68 4.25
C GLY A 99 -7.22 11.15 2.85
N CYS A 100 -8.37 11.54 2.32
CA CYS A 100 -8.76 11.11 0.99
C CYS A 100 -8.30 12.18 -0.02
N LYS A 101 -8.58 13.43 0.32
CA LYS A 101 -8.19 14.54 -0.54
C LYS A 101 -7.11 15.37 0.16
N LYS A 102 -6.12 15.76 -0.62
CA LYS A 102 -5.03 16.55 -0.09
C LYS A 102 -4.06 15.64 0.66
N SER A 103 -4.40 14.37 0.70
CA SER A 103 -3.57 13.38 1.37
C SER A 103 -2.29 13.13 0.57
N LYS A 104 -1.23 12.82 1.30
CA LYS A 104 0.06 12.55 0.67
C LYS A 104 -0.13 11.53 -0.44
N CYS A 105 -0.95 10.53 -0.16
CA CYS A 105 -1.22 9.48 -1.13
C CYS A 105 -2.03 10.08 -2.28
N HIS A 106 -3.20 10.61 -1.94
CA HIS A 106 -4.11 11.22 -2.90
C HIS A 106 -4.00 12.76 -2.80
N GLU A 107 -2.80 13.25 -3.10
CA GLU A 107 -2.56 14.69 -3.05
C GLU A 107 -2.66 15.28 -4.46
FE HEC B . 9.63 -2.47 -1.87
CHA HEC B . 8.81 -1.97 -5.27
CHB HEC B . 12.57 -3.95 -2.88
CHC HEC B . 10.45 -2.83 1.37
CHD HEC B . 6.56 -1.06 -1.05
NA HEC B . 10.52 -2.83 -3.70
C1A HEC B . 10.00 -2.63 -4.98
C2A HEC B . 10.87 -3.21 -5.96
C3A HEC B . 11.92 -3.77 -5.30
C4A HEC B . 11.69 -3.52 -3.89
CMA HEC B . 13.09 -4.49 -5.88
CAA HEC B . 10.62 -3.20 -7.44
CBA HEC B . 10.34 -4.57 -8.05
CGA HEC B . 11.59 -5.16 -8.67
O1A HEC B . 11.98 -6.26 -8.23
O2A HEC B . 12.14 -4.51 -9.59
NB HEC B . 11.18 -3.22 -0.97
C1B HEC B . 12.32 -3.79 -1.52
C2B HEC B . 13.21 -4.23 -0.47
C3B HEC B . 12.63 -3.93 0.71
C4B HEC B . 11.37 -3.29 0.41
CMB HEC B . 14.54 -4.90 -0.70
CAB HEC B . 13.15 -4.17 2.09
CBB HEC B . 14.61 -3.79 2.28
NC HEC B . 8.70 -1.94 -0.20
C1C HEC B . 9.18 -2.19 1.08
C2C HEC B . 8.17 -1.85 2.06
C3C HEC B . 7.09 -1.40 1.38
C4C HEC B . 7.43 -1.45 -0.02
CMC HEC B . 8.34 -2.00 3.55
CAC HEC B . 5.79 -0.91 1.95
CBC HEC B . 5.86 -0.49 3.41
ND HEC B . 8.03 -1.63 -2.95
C1D HEC B . 6.84 -1.19 -2.42
C2D HEC B . 5.90 -0.88 -3.47
C3D HEC B . 6.52 -1.13 -4.63
C4D HEC B . 7.85 -1.60 -4.32
CMD HEC B . 4.50 -0.37 -3.25
CAD HEC B . 5.98 -0.97 -6.03
CBD HEC B . 4.88 -1.98 -6.38
CGD HEC B . 3.93 -2.19 -5.22
O1D HEC B . 4.38 -2.81 -4.23
O2D HEC B . 2.77 -1.74 -5.35
HHA HEC B . 8.61 -1.72 -6.31
HHB HEC B . 13.51 -4.41 -3.17
HHC HEC B . 10.72 -2.96 2.42
HHD HEC B . 5.60 -0.62 -0.77
HMA1 HEC B . 13.99 -4.20 -5.34
HMA2 HEC B . 12.94 -5.56 -5.79
HMA3 HEC B . 13.21 -4.22 -6.93
HAA1 HEC B . 9.76 -2.56 -7.67
HAA2 HEC B . 11.50 -2.80 -7.96
HBA1 HEC B . 9.99 -5.24 -7.27
HBA2 HEC B . 9.58 -4.47 -8.82
HMB1 HEC B . 14.96 -5.18 0.26
HMB2 HEC B . 14.40 -5.79 -1.31
HMB3 HEC B . 15.21 -4.21 -1.21
HAB HEC B . 12.57 -3.59 2.81
HBB1 HEC B . 14.74 -3.27 3.23
HBB2 HEC B . 15.23 -4.69 2.28
HBB3 HEC B . 14.93 -3.13 1.46
HMC1 HEC B . 9.15 -2.70 3.75
HMC2 HEC B . 8.57 -1.03 3.98
HMC3 HEC B . 7.42 -2.38 3.98
HAC HEC B . 5.45 -0.05 1.38
HBC1 HEC B . 5.11 0.27 3.61
HBC2 HEC B . 5.69 -1.36 4.05
HBC3 HEC B . 6.85 -0.08 3.62
HMD1 HEC B . 3.88 -1.17 -2.85
HMD2 HEC B . 4.52 0.45 -2.55
HMD3 HEC B . 4.09 -0.03 -4.21
HAD1 HEC B . 5.54 0.02 -6.14
HAD2 HEC B . 6.78 -1.10 -6.75
HBD1 HEC B . 4.32 -1.60 -7.24
HBD2 HEC B . 5.35 -2.93 -6.65
FE HEC C . -1.12 -9.57 -1.84
CHA HEC C . -3.39 -11.21 0.26
CHB HEC C . -1.30 -6.81 0.04
CHC HEC C . 1.29 -8.23 -3.84
CHD HEC C . -1.04 -12.53 -3.79
NA HEC C . -2.11 -9.15 -0.18
C1A HEC C . -3.05 -9.88 0.52
C2A HEC C . -3.64 -9.08 1.56
C3A HEC C . -3.06 -7.86 1.51
C4A HEC C . -2.11 -7.89 0.42
CMA HEC C . -3.33 -6.67 2.38
CAA HEC C . -4.71 -9.56 2.52
CBA HEC C . -6.11 -9.14 2.13
CGA HEC C . -7.15 -9.91 2.93
O1A HEC C . -8.31 -9.97 2.44
O2A HEC C . -6.78 -10.43 3.99
NB HEC C . -0.23 -7.89 -1.92
C1B HEC C . -0.38 -6.85 -1.01
C2B HEC C . 0.57 -5.79 -1.29
C3B HEC C . 1.28 -6.18 -2.37
C4B HEC C . 0.79 -7.48 -2.76
CMB HEC C . 0.70 -4.52 -0.51
CAB HEC C . 2.39 -5.43 -3.06
CBB HEC C . 3.54 -5.05 -2.13
NC HEC C . -0.13 -10.25 -3.52
C1C HEC C . 0.67 -9.46 -4.32
C2C HEC C . 1.00 -10.15 -5.55
C3C HEC C . 0.41 -11.36 -5.50
C4C HEC C . -0.29 -11.43 -4.23
CMC HEC C . 1.84 -9.58 -6.65
CAC HEC C . 0.44 -12.45 -6.52
CBC HEC C . 1.85 -12.97 -6.82
ND HEC C . -2.04 -11.49 -1.80
C1D HEC C . -1.86 -12.55 -2.67
C2D HEC C . -2.65 -13.68 -2.25
C3D HEC C . -3.31 -13.31 -1.12
C4D HEC C . -2.93 -11.95 -0.84
CMD HEC C . -2.71 -15.00 -2.96
CAD HEC C . -4.25 -14.14 -0.30
CBD HEC C . -3.60 -14.79 0.91
CGD HEC C . -4.51 -15.87 1.51
O1D HEC C . -5.13 -16.58 0.70
O2D HEC C . -4.55 -15.96 2.75
HHA HEC C . -4.07 -11.70 0.95
HHB HEC C . -1.40 -5.88 0.60
HHC HEC C . 2.15 -7.83 -4.37
HHD HEC C . -0.98 -13.45 -4.39
HMA1 HEC C . -4.35 -6.72 2.75
HMA2 HEC C . -2.64 -6.67 3.21
HMA3 HEC C . -3.21 -5.76 1.79
HAA1 HEC C . -4.69 -10.64 2.56
HAA2 HEC C . -4.51 -9.15 3.50
HBA1 HEC C . -6.24 -8.07 2.33
HBA2 HEC C . -6.28 -9.33 1.06
HMB1 HEC C . 1.29 -3.80 -1.07
HMB2 HEC C . -0.30 -4.09 -0.34
HMB3 HEC C . 1.16 -4.72 0.45
HAB HEC C . 2.80 -6.06 -3.85
HBB1 HEC C . 3.15 -4.75 -1.15
HBB2 HEC C . 4.21 -5.89 -2.01
HBB3 HEC C . 4.09 -4.21 -2.57
HMC1 HEC C . 1.20 -9.10 -7.39
HMC2 HEC C . 2.53 -8.85 -6.23
HMC3 HEC C . 2.41 -10.39 -7.12
HAC HEC C . -0.14 -13.30 -6.17
HBC1 HEC C . 2.26 -12.42 -7.66
HBC2 HEC C . 2.48 -12.83 -5.94
HBC3 HEC C . 1.79 -14.03 -7.07
HMD1 HEC C . -2.99 -14.84 -4.00
HMD2 HEC C . -1.72 -15.47 -2.92
HMD3 HEC C . -3.44 -15.64 -2.48
HAD1 HEC C . -5.05 -13.50 0.07
HAD2 HEC C . -4.67 -14.93 -0.91
HBD1 HEC C . -2.66 -15.25 0.63
HBD2 HEC C . -3.42 -14.04 1.69
FE HEC D . 3.17 5.02 4.81
CHA HEC D . 4.50 8.21 5.62
CHB HEC D . 2.32 6.35 1.68
CHC HEC D . 2.20 1.95 3.78
CHD HEC D . 4.02 3.93 7.90
NA HEC D . 3.38 6.90 3.86
C1A HEC D . 3.93 8.06 4.36
C2A HEC D . 3.85 9.13 3.39
C3A HEC D . 3.24 8.61 2.29
C4A HEC D . 2.94 7.23 2.58
CMA HEC D . 2.91 9.31 1.01
CAA HEC D . 4.35 10.53 3.59
CBA HEC D . 5.74 10.78 3.03
CGA HEC D . 6.57 11.65 3.96
O1A HEC D . 7.49 11.08 4.59
O2A HEC D . 6.25 12.85 4.05
NB HEC D . 2.38 4.33 3.10
C1B HEC D . 2.17 4.98 1.89
C2B HEC D . 1.78 4.04 0.88
C3B HEC D . 1.75 2.82 1.45
C4B HEC D . 2.12 3.00 2.84
CMB HEC D . 1.46 4.40 -0.55
CAB HEC D . 1.39 1.50 0.82
CBB HEC D . 2.03 1.28 -0.55
NC HEC D . 3.03 3.35 5.71
C1C HEC D . 2.53 2.17 5.19
C2C HEC D . 2.62 1.11 6.16
C3C HEC D . 3.18 1.63 7.27
C4C HEC D . 3.44 3.03 6.99
CMC HEC D . 2.16 -0.30 5.93
CAC HEC D . 3.49 0.95 8.57
CBC HEC D . 3.89 -0.52 8.40
ND HEC D . 4.07 5.90 6.42
C1D HEC D . 4.34 5.25 7.61
C2D HEC D . 4.99 6.15 8.53
C3D HEC D . 5.13 7.34 7.91
C4D HEC D . 4.56 7.18 6.59
CMD HEC D . 5.42 5.79 9.94
CAD HEC D . 5.75 8.59 8.44
CBD HEC D . 4.75 9.55 9.10
CGD HEC D . 4.06 8.89 10.27
O1D HEC D . 2.90 8.47 10.09
O2D HEC D . 4.71 8.80 11.34
HHA HEC D . 4.94 9.17 5.88
HHB HEC D . 1.91 6.77 0.76
HHC HEC D . 1.97 0.95 3.43
HHD HEC D . 4.23 3.56 8.91
HMA1 HEC D . 3.36 10.31 1.01
HMA2 HEC D . 3.30 8.74 0.17
HMA3 HEC D . 1.83 9.41 0.91
HAA1 HEC D . 3.67 11.23 3.11
HAA2 HEC D . 4.39 10.74 4.66
HBA1 HEC D . 6.25 9.83 2.89
HBA2 HEC D . 5.65 11.29 2.07
HMB1 HEC D . 2.35 4.83 -1.02
HMB2 HEC D . 1.16 3.50 -1.09
HMB3 HEC D . 0.65 5.12 -0.58
HAB HEC D . 1.72 0.69 1.46
HBB1 HEC D . 2.87 1.97 -0.66
HBB2 HEC D . 2.38 0.25 -0.62
HBB3 HEC D . 1.30 1.48 -1.33
HMC1 HEC D . 2.08 -0.81 6.90
HMC2 HEC D . 1.20 -0.30 5.43
HMC3 HEC D . 2.90 -0.82 5.32
HAC HEC D . 4.32 1.45 9.06
HBC1 HEC D . 4.68 -0.76 9.12
HBC2 HEC D . 3.02 -1.15 8.59
HBC3 HEC D . 4.25 -0.69 7.39
HMD1 HEC D . 6.12 6.54 10.30
HMD2 HEC D . 4.56 5.75 10.58
HMD3 HEC D . 5.91 4.82 9.92
HAD1 HEC D . 6.49 8.35 9.19
HAD2 HEC D . 6.22 9.14 7.61
HBD1 HEC D . 5.28 10.44 9.45
HBD2 HEC D . 4.00 9.85 8.37
FE HEC E . -6.42 5.28 -2.01
CHA HEC E . -6.12 3.57 -4.99
CHB HEC E . -9.78 5.77 -2.63
CHC HEC E . -6.84 6.61 1.15
CHD HEC E . -3.04 4.91 -1.47
NA HEC E . -7.68 4.78 -3.50
C1A HEC E . -7.38 4.06 -4.65
C2A HEC E . -8.56 3.92 -5.47
C3A HEC E . -9.57 4.52 -4.81
C4A HEC E . -9.03 5.06 -3.60
CMA HEC E . -11.01 4.64 -5.24
CAA HEC E . -8.61 3.19 -6.79
CBA HEC E . -8.93 1.71 -6.67
CGA HEC E . -9.35 1.13 -8.01
O1A HEC E . -8.47 0.62 -8.73
O2A HEC E . -10.57 1.21 -8.30
NB HEC E . -8.00 5.97 -0.94
C1B HEC E . -9.27 6.22 -1.42
C2B HEC E . -10.01 7.03 -0.48
C3B HEC E . -9.20 7.27 0.58
C4B HEC E . -7.94 6.61 0.30
CMB HEC E . -11.43 7.50 -0.68
CAB HEC E . -9.50 8.05 1.81
CBB HEC E . -9.81 7.19 3.04
NC HEC E . -5.17 5.62 -0.43
C1C HEC E . -5.47 6.23 0.77
C2C HEC E . -4.25 6.48 1.53
C3C HEC E . -3.23 6.02 0.78
C4C HEC E . -3.79 5.49 -0.44
CMC HEC E . -4.21 7.13 2.88
CAC HEC E . -1.76 6.05 1.11
CBC HEC E . -1.46 5.64 2.55
ND HEC E . -4.88 4.47 -3.04
C1D HEC E . -3.58 4.32 -2.62
C2D HEC E . -2.84 3.47 -3.51
C3D HEC E . -3.70 3.10 -4.49
C4D HEC E . -4.97 3.72 -4.20
CMD HEC E . -1.40 3.09 -3.35
CAD HEC E . -3.42 2.21 -5.67
CBD HEC E . -2.58 2.86 -6.76
CGD HEC E . -2.58 2.02 -8.03
O1D HEC E . -2.42 2.63 -9.11
O2D HEC E . -2.74 0.79 -7.90
HHA HEC E . -6.03 3.03 -5.93
HHB HEC E . -10.82 5.99 -2.87
HHC HEC E . -7.00 6.94 2.18
HHD HEC E . -1.95 4.94 -1.38
HMA1 HEC E . -11.10 4.35 -6.29
HMA2 HEC E . -11.63 3.98 -4.64
HMA3 HEC E . -11.34 5.66 -5.12
HAA1 HEC E . -9.38 3.64 -7.42
HAA2 HEC E . -7.64 3.28 -7.28
HBA1 HEC E . -8.05 1.17 -6.33
HBA2 HEC E . -9.74 1.56 -5.96
HMB1 HEC E . -11.42 8.51 -1.08
HMB2 HEC E . -11.94 6.83 -1.38
HMB3 HEC E . -11.95 7.48 0.28
HAB HEC E . -8.64 8.67 2.07
HBB1 HEC E . -10.45 6.36 2.74
HBB2 HEC E . -8.89 6.80 3.45
HBB3 HEC E . -10.33 7.79 3.79
HMC1 HEC E . -5.20 7.10 3.33
HMC2 HEC E . -3.50 6.60 3.51
HMC3 HEC E . -3.89 8.17 2.77
HAC HEC E . -1.23 5.36 0.46
HBC1 HEC E . -1.51 6.51 3.20
HBC2 HEC E . -2.16 4.89 2.88
HBC3 HEC E . -0.44 5.23 2.60
HMD1 HEC E . -0.90 3.83 -2.73
HMD2 HEC E . -1.33 2.11 -2.89
HMD3 HEC E . -0.92 3.07 -4.34
HAD1 HEC E . -2.89 1.32 -5.33
HAD2 HEC E . -4.37 1.91 -6.13
HBD1 HEC E . -2.99 3.85 -6.99
HBD2 HEC E . -1.55 2.97 -6.41
N ALA A 1 16.94 -10.18 -5.89
CA ALA A 1 17.04 -10.06 -4.45
C ALA A 1 18.15 -9.07 -4.09
N PRO A 2 17.95 -7.83 -4.52
CA PRO A 2 18.85 -6.73 -4.30
C PRO A 2 18.68 -6.19 -2.88
N LYS A 3 19.16 -4.99 -2.63
CA LYS A 3 19.04 -4.40 -1.31
C LYS A 3 17.81 -3.49 -1.27
N ALA A 4 17.83 -2.49 -2.14
CA ALA A 4 16.72 -1.55 -2.21
C ALA A 4 16.73 -0.84 -3.58
N PRO A 5 15.53 -0.64 -4.12
CA PRO A 5 15.32 0.01 -5.40
C PRO A 5 15.72 1.48 -5.30
N ALA A 6 15.64 2.19 -6.42
CA ALA A 6 16.01 3.59 -6.43
C ALA A 6 14.73 4.44 -6.41
N ASP A 7 14.61 5.24 -5.35
CA ASP A 7 13.45 6.09 -5.19
C ASP A 7 13.06 6.66 -6.56
N GLY A 8 11.79 7.06 -6.66
CA GLY A 8 11.28 7.62 -7.90
C GLY A 8 10.19 6.73 -8.49
N LEU A 9 9.64 5.87 -7.64
CA LEU A 9 8.59 4.97 -8.07
C LEU A 9 7.23 5.56 -7.71
N LYS A 10 6.26 5.34 -8.58
CA LYS A 10 4.92 5.84 -8.36
C LYS A 10 3.91 4.83 -8.90
N MET A 11 2.87 4.60 -8.11
CA MET A 11 1.83 3.66 -8.48
C MET A 11 0.60 4.39 -9.02
N GLU A 12 0.54 4.49 -10.34
CA GLU A 12 -0.56 5.16 -10.99
C GLU A 12 -1.23 4.22 -12.01
N ALA A 13 -1.43 2.99 -11.58
CA ALA A 13 -2.06 1.99 -12.44
C ALA A 13 -3.55 2.27 -12.54
N THR A 14 -4.03 3.08 -11.62
CA THR A 14 -5.44 3.44 -11.59
C THR A 14 -5.63 4.92 -11.90
N LYS A 15 -6.75 5.46 -11.45
CA LYS A 15 -7.06 6.86 -11.66
C LYS A 15 -6.58 7.67 -10.46
N GLN A 16 -5.50 7.20 -9.86
CA GLN A 16 -4.91 7.87 -8.70
C GLN A 16 -3.44 7.53 -8.57
N PRO A 17 -2.60 8.36 -9.19
CA PRO A 17 -1.16 8.22 -9.18
C PRO A 17 -0.62 8.47 -7.78
N VAL A 18 -0.19 7.42 -7.11
CA VAL A 18 0.35 7.55 -5.77
C VAL A 18 1.84 7.25 -5.77
N VAL A 19 2.61 8.19 -5.25
CA VAL A 19 4.05 8.04 -5.19
C VAL A 19 4.45 7.40 -3.86
N PHE A 20 5.54 6.66 -3.89
CA PHE A 20 6.03 6.00 -2.70
C PHE A 20 7.54 5.76 -2.77
N ASN A 21 8.26 6.38 -1.85
CA ASN A 21 9.70 6.25 -1.81
C ASN A 21 10.10 5.33 -0.65
N HIS A 22 11.00 4.40 -0.95
CA HIS A 22 11.50 3.44 0.02
C HIS A 22 12.23 4.17 1.16
N SER A 23 12.63 5.40 0.87
CA SER A 23 13.33 6.21 1.86
C SER A 23 12.38 6.57 3.01
N THR A 24 11.10 6.62 2.68
CA THR A 24 10.09 6.95 3.67
C THR A 24 9.52 5.67 4.31
N HIS A 25 10.00 4.54 3.79
CA HIS A 25 9.58 3.22 4.26
C HIS A 25 10.75 2.24 4.18
N LYS A 26 11.89 2.67 4.71
CA LYS A 26 13.08 1.83 4.69
C LYS A 26 13.34 1.29 6.10
N SER A 27 12.42 1.62 6.99
CA SER A 27 12.52 1.17 8.38
C SER A 27 11.40 0.17 8.70
N VAL A 28 10.99 -0.55 7.67
CA VAL A 28 9.93 -1.54 7.83
C VAL A 28 10.32 -2.82 7.10
N LYS A 29 10.03 -3.94 7.74
CA LYS A 29 10.34 -5.24 7.16
C LYS A 29 9.73 -5.33 5.76
N CYS A 30 10.56 -5.74 4.81
CA CYS A 30 10.12 -5.87 3.43
C CYS A 30 8.92 -6.81 3.41
N GLY A 31 8.86 -7.68 4.40
CA GLY A 31 7.76 -8.63 4.50
C GLY A 31 6.47 -7.93 4.89
N ASP A 32 6.58 -6.64 5.16
CA ASP A 32 5.43 -5.84 5.56
C ASP A 32 4.67 -5.40 4.30
N CYS A 33 5.43 -5.19 3.23
CA CYS A 33 4.83 -4.77 1.98
C CYS A 33 4.95 -5.93 0.98
N HIS A 34 6.14 -6.54 0.94
CA HIS A 34 6.43 -7.65 0.06
C HIS A 34 6.20 -8.98 0.82
N HIS A 35 4.94 -9.34 0.98
CA HIS A 35 4.53 -10.56 1.66
C HIS A 35 4.90 -11.78 0.81
N PRO A 36 5.00 -12.94 1.47
CA PRO A 36 5.32 -14.20 0.85
C PRO A 36 4.20 -14.62 -0.10
N VAL A 37 4.56 -14.95 -1.33
CA VAL A 37 3.56 -15.36 -2.30
C VAL A 37 4.00 -16.66 -2.96
N ASN A 38 3.23 -17.71 -2.71
CA ASN A 38 3.53 -19.02 -3.27
C ASN A 38 4.79 -19.57 -2.62
N GLY A 39 4.91 -19.33 -1.32
CA GLY A 39 6.07 -19.79 -0.57
C GLY A 39 7.36 -19.28 -1.19
N LYS A 40 7.39 -17.97 -1.44
CA LYS A 40 8.56 -17.34 -2.03
C LYS A 40 8.32 -15.83 -2.12
N GLU A 41 8.96 -15.11 -1.20
CA GLU A 41 8.83 -13.67 -1.17
C GLU A 41 8.63 -13.12 -2.58
N ASP A 42 7.60 -12.30 -2.73
CA ASP A 42 7.30 -11.70 -4.01
C ASP A 42 7.51 -10.18 -3.93
N TYR A 43 8.12 -9.64 -4.98
CA TYR A 43 8.39 -8.22 -5.06
C TYR A 43 7.89 -7.66 -6.39
N ARG A 44 6.97 -8.38 -7.02
CA ARG A 44 6.43 -7.94 -8.29
C ARG A 44 5.24 -7.01 -8.07
N LYS A 45 4.78 -6.41 -9.16
CA LYS A 45 3.65 -5.50 -9.10
C LYS A 45 2.60 -6.06 -8.13
N CYS A 46 2.27 -5.26 -7.14
CA CYS A 46 1.29 -5.65 -6.14
C CYS A 46 0.13 -6.33 -6.86
N GLY A 47 -0.28 -5.73 -7.97
CA GLY A 47 -1.37 -6.27 -8.76
C GLY A 47 -0.89 -7.39 -9.68
N THR A 48 -0.55 -7.00 -10.90
CA THR A 48 -0.07 -7.96 -11.89
C THR A 48 -1.09 -9.08 -12.07
N ALA A 49 -1.10 -9.64 -13.28
CA ALA A 49 -2.02 -10.71 -13.60
C ALA A 49 -1.62 -11.98 -12.82
N GLY A 50 -2.54 -12.46 -12.01
CA GLY A 50 -2.29 -13.64 -11.21
C GLY A 50 -2.45 -13.34 -9.72
N CYS A 51 -2.60 -12.06 -9.41
CA CYS A 51 -2.76 -11.63 -8.03
C CYS A 51 -3.89 -10.60 -7.98
N HIS A 52 -3.66 -9.55 -7.18
CA HIS A 52 -4.62 -8.46 -7.01
C HIS A 52 -4.89 -7.79 -8.36
N ASP A 53 -5.89 -8.31 -9.06
CA ASP A 53 -6.26 -7.76 -10.36
C ASP A 53 -7.56 -6.97 -10.22
N SER A 54 -8.26 -7.23 -9.12
CA SER A 54 -9.52 -6.55 -8.86
C SER A 54 -9.28 -5.05 -8.74
N MET A 55 -9.93 -4.30 -9.63
CA MET A 55 -9.80 -2.85 -9.64
C MET A 55 -11.16 -2.19 -9.93
N ASP A 56 -12.10 -2.42 -9.03
CA ASP A 56 -13.43 -1.86 -9.17
C ASP A 56 -13.93 -1.39 -7.81
N LYS A 57 -15.12 -0.80 -7.83
CA LYS A 57 -15.72 -0.31 -6.59
C LYS A 57 -16.88 -1.23 -6.19
N LYS A 58 -16.52 -2.31 -5.51
CA LYS A 58 -17.51 -3.27 -5.06
C LYS A 58 -16.81 -4.58 -4.70
N ASP A 59 -16.58 -5.40 -5.71
CA ASP A 59 -15.92 -6.68 -5.51
C ASP A 59 -14.79 -6.51 -4.49
N LYS A 60 -14.87 -7.29 -3.43
CA LYS A 60 -13.87 -7.24 -2.38
C LYS A 60 -12.96 -8.47 -2.49
N SER A 61 -12.59 -9.00 -1.33
CA SER A 61 -11.74 -10.17 -1.28
C SER A 61 -10.26 -9.75 -1.37
N ALA A 62 -9.39 -10.68 -1.02
CA ALA A 62 -7.96 -10.42 -1.05
C ALA A 62 -7.57 -9.97 -2.46
N LYS A 63 -8.36 -10.40 -3.43
CA LYS A 63 -8.10 -10.04 -4.81
C LYS A 63 -8.21 -8.53 -4.98
N GLY A 64 -9.03 -7.93 -4.13
CA GLY A 64 -9.23 -6.49 -4.17
C GLY A 64 -7.90 -5.75 -4.12
N TYR A 65 -7.62 -5.03 -5.21
CA TYR A 65 -6.38 -4.28 -5.32
C TYR A 65 -6.39 -3.12 -4.33
N TYR A 66 -7.51 -2.39 -4.27
CA TYR A 66 -7.64 -1.27 -3.36
C TYR A 66 -7.98 -1.77 -1.97
N HIS A 67 -8.13 -3.08 -1.83
CA HIS A 67 -8.46 -3.66 -0.52
C HIS A 67 -7.18 -4.19 0.13
N VAL A 68 -6.10 -4.18 -0.65
CA VAL A 68 -4.82 -4.65 -0.16
C VAL A 68 -3.89 -3.46 0.03
N MET A 69 -4.48 -2.27 0.02
CA MET A 69 -3.70 -1.05 0.18
C MET A 69 -4.54 0.04 0.85
N HIS A 70 -5.46 -0.41 1.70
CA HIS A 70 -6.36 0.48 2.44
C HIS A 70 -6.76 -0.17 3.77
N ASP A 71 -7.75 -1.04 3.70
CA ASP A 71 -8.23 -1.73 4.88
C ASP A 71 -7.04 -2.33 5.63
N LYS A 72 -7.20 -2.45 6.94
CA LYS A 72 -6.16 -2.99 7.79
C LYS A 72 -6.61 -4.35 8.34
N ASN A 73 -7.93 -4.53 8.38
CA ASN A 73 -8.49 -5.77 8.88
C ASN A 73 -7.92 -6.94 8.09
N THR A 74 -7.39 -6.62 6.92
CA THR A 74 -6.81 -7.64 6.06
C THR A 74 -5.78 -8.47 6.84
N LYS A 75 -5.42 -9.60 6.25
CA LYS A 75 -4.45 -10.49 6.88
C LYS A 75 -3.12 -9.76 7.03
N PHE A 76 -2.79 -9.00 6.01
CA PHE A 76 -1.54 -8.24 6.02
C PHE A 76 -1.81 -6.74 5.95
N LYS A 77 -0.83 -5.98 6.41
CA LYS A 77 -0.95 -4.53 6.41
C LYS A 77 -1.09 -4.03 4.97
N SER A 78 -1.64 -2.83 4.84
CA SER A 78 -1.84 -2.24 3.53
C SER A 78 -1.00 -0.95 3.42
N CYS A 79 -1.67 0.16 3.70
CA CYS A 79 -1.01 1.46 3.63
C CYS A 79 -1.72 2.41 4.60
N VAL A 80 -3.04 2.41 4.51
CA VAL A 80 -3.85 3.26 5.38
C VAL A 80 -3.83 2.70 6.80
N GLY A 81 -3.78 1.38 6.88
CA GLY A 81 -3.77 0.71 8.17
C GLY A 81 -2.64 1.23 9.04
N CYS A 82 -1.42 0.92 8.64
CA CYS A 82 -0.24 1.36 9.37
C CYS A 82 -0.43 2.83 9.74
N HIS A 83 -0.83 3.61 8.73
CA HIS A 83 -1.06 5.05 8.89
C HIS A 83 -2.11 5.29 9.98
N VAL A 84 -3.07 4.38 10.06
CA VAL A 84 -4.13 4.49 11.04
C VAL A 84 -3.56 4.22 12.44
N GLU A 85 -2.66 3.24 12.49
CA GLU A 85 -2.03 2.87 13.75
C GLU A 85 -0.95 3.89 14.12
N VAL A 86 -0.67 4.78 13.18
CA VAL A 86 0.34 5.80 13.39
C VAL A 86 -0.35 7.15 13.59
N ALA A 87 -1.14 7.53 12.59
CA ALA A 87 -1.86 8.80 12.64
C ALA A 87 -3.08 8.65 13.54
N GLY A 88 -2.82 8.23 14.78
CA GLY A 88 -3.89 8.05 15.74
C GLY A 88 -3.57 8.76 17.05
N ALA A 89 -2.74 9.78 16.94
CA ALA A 89 -2.34 10.55 18.11
C ALA A 89 -2.90 11.98 17.98
N ASP A 90 -3.02 12.42 16.74
CA ASP A 90 -3.53 13.75 16.46
C ASP A 90 -4.69 13.65 15.47
N ALA A 91 -5.64 14.56 15.62
CA ALA A 91 -6.81 14.59 14.76
C ALA A 91 -6.55 15.58 13.61
N ALA A 92 -5.27 15.76 13.30
CA ALA A 92 -4.89 16.66 12.23
C ALA A 92 -4.28 15.85 11.08
N LYS A 93 -3.14 15.25 11.35
CA LYS A 93 -2.46 14.45 10.36
C LYS A 93 -3.39 13.34 9.87
N LYS A 94 -4.34 13.00 10.72
CA LYS A 94 -5.31 11.96 10.39
C LYS A 94 -6.00 12.31 9.08
N LYS A 95 -5.90 13.58 8.72
CA LYS A 95 -6.52 14.06 7.49
C LYS A 95 -5.45 14.25 6.43
N ASP A 96 -4.29 13.64 6.68
CA ASP A 96 -3.18 13.73 5.75
C ASP A 96 -2.65 12.33 5.44
N LEU A 97 -2.61 11.52 6.49
CA LEU A 97 -2.13 10.15 6.35
C LEU A 97 -3.29 9.25 5.90
N THR A 98 -4.40 9.39 6.59
CA THR A 98 -5.58 8.59 6.27
C THR A 98 -6.60 9.46 5.52
N GLY A 99 -6.25 10.72 5.32
CA GLY A 99 -7.11 11.65 4.62
C GLY A 99 -7.40 11.17 3.20
N CYS A 100 -8.58 11.52 2.72
CA CYS A 100 -8.98 11.14 1.38
C CYS A 100 -8.57 12.24 0.41
N LYS A 101 -8.77 13.47 0.84
CA LYS A 101 -8.41 14.62 0.02
C LYS A 101 -7.34 15.44 0.75
N LYS A 102 -6.33 15.83 -0.01
CA LYS A 102 -5.24 16.62 0.54
C LYS A 102 -4.21 15.68 1.18
N SER A 103 -4.56 14.40 1.20
CA SER A 103 -3.69 13.40 1.78
C SER A 103 -2.46 13.20 0.89
N LYS A 104 -1.36 12.81 1.52
CA LYS A 104 -0.12 12.58 0.80
C LYS A 104 -0.37 11.55 -0.31
N CYS A 105 -1.10 10.51 0.05
CA CYS A 105 -1.41 9.45 -0.89
C CYS A 105 -2.25 10.04 -2.02
N HIS A 106 -3.35 10.68 -1.62
CA HIS A 106 -4.28 11.32 -2.55
C HIS A 106 -4.23 12.85 -2.37
N GLU A 107 -3.10 13.42 -2.75
CA GLU A 107 -2.92 14.86 -2.65
C GLU A 107 -3.23 15.53 -3.98
FE HEC B . 9.74 -2.47 -1.87
CHA HEC B . 8.91 -2.05 -5.28
CHB HEC B . 12.65 -3.95 -2.80
CHC HEC B . 10.49 -2.73 1.40
CHD HEC B . 6.63 -1.02 -1.10
NA HEC B . 10.60 -2.87 -3.68
C1A HEC B . 10.10 -2.70 -4.95
C2A HEC B . 10.98 -3.30 -5.92
C3A HEC B . 12.02 -3.82 -5.23
C4A HEC B . 11.79 -3.56 -3.84
CMA HEC B . 13.22 -4.55 -5.78
CAA HEC B . 10.76 -3.30 -7.40
CBA HEC B . 11.88 -2.64 -8.20
CGA HEC B . 12.88 -3.66 -8.70
O1A HEC B . 12.43 -4.71 -9.21
O2A HEC B . 14.09 -3.39 -8.56
NB HEC B . 11.24 -3.17 -0.92
C1B HEC B . 12.37 -3.78 -1.43
C2B HEC B . 13.25 -4.21 -0.37
C3B HEC B . 12.66 -3.86 0.79
C4B HEC B . 11.40 -3.23 0.46
CMB HEC B . 14.57 -4.89 -0.57
CAB HEC B . 13.15 -4.09 2.19
CBB HEC B . 14.61 -3.68 2.40
NC HEC B . 8.77 -1.89 -0.20
C1C HEC B . 9.24 -2.10 1.08
C2C HEC B . 8.22 -1.73 2.05
C3C HEC B . 7.16 -1.29 1.35
C4C HEC B . 7.49 -1.38 -0.05
CMC HEC B . 8.39 -1.83 3.54
CAC HEC B . 5.85 -0.79 1.89
CBC HEC B . 5.93 -0.27 3.33
ND HEC B . 8.11 -1.66 -2.96
C1D HEC B . 6.92 -1.18 -2.45
C2D HEC B . 6.01 -0.85 -3.53
C3D HEC B . 6.63 -1.14 -4.68
C4D HEC B . 7.95 -1.64 -4.34
CMD HEC B . 4.62 -0.30 -3.33
CAD HEC B . 6.12 -0.99 -6.08
CBD HEC B . 4.90 -1.85 -6.39
CGD HEC B . 3.75 -1.00 -6.93
O1D HEC B . 2.64 -1.12 -6.38
O2D HEC B . 4.01 -0.25 -7.91
HHA HEC B . 8.71 -1.85 -6.33
HHB HEC B . 13.59 -4.43 -3.06
HHC HEC B . 10.73 -2.85 2.46
HHD HEC B . 5.66 -0.57 -0.83
HMA1 HEC B . 13.89 -3.84 -6.26
HMA2 HEC B . 13.74 -5.06 -4.96
HMA3 HEC B . 12.89 -5.29 -6.51
HAA1 HEC B . 10.69 -4.33 -7.75
HAA2 HEC B . 9.84 -2.78 -7.63
HBA1 HEC B . 11.45 -2.13 -9.07
HBA2 HEC B . 12.39 -1.91 -7.58
HMB1 HEC B . 15.08 -4.46 -1.43
HMB2 HEC B . 15.18 -4.76 0.33
HMB3 HEC B . 14.40 -5.96 -0.75
HAB HEC B . 12.55 -3.52 2.89
HBB1 HEC B . 15.23 -4.56 2.48
HBB2 HEC B . 14.94 -3.07 1.55
HBB3 HEC B . 14.69 -3.09 3.32
HMC1 HEC B . 9.22 -2.51 3.77
HMC2 HEC B . 8.59 -0.85 3.95
HMC3 HEC B . 7.47 -2.23 3.97
HAC HEC B . 5.49 0.03 1.27
HBC1 HEC B . 6.91 0.17 3.50
HBC2 HEC B . 5.16 0.48 3.48
HBC3 HEC B . 5.77 -1.10 4.02
HMD1 HEC B . 4.44 0.47 -4.08
HMD2 HEC B . 3.89 -1.10 -3.45
HMD3 HEC B . 4.53 0.13 -2.33
HAD1 HEC B . 5.83 0.06 -6.25
HAD2 HEC B . 6.89 -1.26 -6.79
HBD1 HEC B . 5.16 -2.59 -7.13
HBD2 HEC B . 4.56 -2.34 -5.48
FE HEC C . -0.99 -9.54 -1.77
CHA HEC C . -3.27 -11.12 0.36
CHB HEC C . -1.20 -6.73 0.03
CHC HEC C . 1.44 -8.25 -3.78
CHD HEC C . -0.91 -12.55 -3.65
NA HEC C . -1.99 -9.07 -0.13
C1A HEC C . -2.93 -9.79 0.59
C2A HEC C . -3.52 -8.97 1.62
C3A HEC C . -2.94 -7.75 1.53
C4A HEC C . -2.00 -7.80 0.44
CMA HEC C . -3.21 -6.54 2.37
CAA HEC C . -4.57 -9.43 2.59
CBA HEC C . -5.99 -9.01 2.21
CGA HEC C . -7.02 -9.67 3.11
O1A HEC C . -6.73 -10.81 3.56
O2A HEC C . -8.06 -9.04 3.34
NB HEC C . -0.10 -7.85 -1.88
C1B HEC C . -0.26 -6.79 -1.00
C2B HEC C . 0.68 -5.74 -1.30
C3B HEC C . 1.42 -6.16 -2.36
C4B HEC C . 0.93 -7.48 -2.72
CMB HEC C . 0.80 -4.44 -0.56
CAB HEC C . 2.53 -5.44 -3.06
CBB HEC C . 3.67 -5.03 -2.14
NC HEC C . 0.01 -10.27 -3.42
C1C HEC C . 0.81 -9.49 -4.23
C2C HEC C . 1.16 -10.21 -5.43
C3C HEC C . 0.57 -11.42 -5.36
C4C HEC C . -0.15 -11.46 -4.11
CMC HEC C . 2.03 -9.68 -6.54
CAC HEC C . 0.61 -12.54 -6.35
CBC HEC C . 2.02 -13.05 -6.64
ND HEC C . -1.91 -11.45 -1.68
C1D HEC C . -1.73 -12.53 -2.53
C2D HEC C . -2.52 -13.66 -2.08
C3D HEC C . -3.17 -13.26 -0.96
C4D HEC C . -2.80 -11.89 -0.72
CMD HEC C . -2.55 -15.00 -2.75
CAD HEC C . -4.11 -14.07 -0.11
CBD HEC C . -3.60 -14.32 1.31
CGD HEC C . -4.71 -14.12 2.33
O1D HEC C . -5.17 -12.96 2.47
O2D HEC C . -5.10 -15.14 2.95
HHA HEC C . -3.95 -11.61 1.06
HHB HEC C . -1.31 -5.78 0.55
HHC HEC C . 2.31 -7.86 -4.31
HHD HEC C . -0.85 -13.47 -4.24
HMA1 HEC C . -4.18 -6.64 2.85
HMA2 HEC C . -2.43 -6.46 3.14
HMA3 HEC C . -3.20 -5.65 1.74
HAA1 HEC C . -4.56 -10.52 2.65
HAA2 HEC C . -4.36 -9.00 3.57
HBA1 HEC C . -6.08 -7.93 2.30
HBA2 HEC C . -6.18 -9.31 1.18
HMB1 HEC C . 1.52 -4.55 0.25
HMB2 HEC C . 1.14 -3.66 -1.24
HMB3 HEC C . -0.18 -4.18 -0.15
HAB HEC C . 2.95 -6.08 -3.82
HBB1 HEC C . 3.27 -4.62 -1.21
HBB2 HEC C . 4.29 -5.89 -1.92
HBB3 HEC C . 4.27 -4.26 -2.63
HMC1 HEC C . 2.67 -8.88 -6.14
HMC2 HEC C . 2.67 -10.48 -6.93
HMC3 HEC C . 1.41 -9.29 -7.33
HAC HEC C . 0.04 -13.39 -5.97
HBC1 HEC C . 1.98 -14.13 -6.86
HBC2 HEC C . 2.44 -12.53 -7.50
HBC3 HEC C . 2.66 -12.89 -5.77
HMD1 HEC C . -2.96 -15.74 -2.06
HMD2 HEC C . -3.19 -14.95 -3.63
HMD3 HEC C . -1.55 -15.29 -3.04
HAD1 HEC C . -5.06 -13.55 -0.03
HAD2 HEC C . -4.27 -15.05 -0.57
HBD1 HEC C . -3.24 -15.34 1.39
HBD2 HEC C . -2.80 -13.62 1.54
FE HEC D . 3.38 5.16 4.75
CHA HEC D . 4.64 8.38 5.53
CHB HEC D . 2.47 6.48 1.61
CHC HEC D . 2.38 2.11 3.75
CHD HEC D . 4.27 4.10 7.82
NA HEC D . 3.54 7.06 3.77
C1A HEC D . 4.06 8.24 4.28
C2A HEC D . 3.91 9.30 3.31
C3A HEC D . 3.31 8.78 2.23
C4A HEC D . 3.08 7.38 2.50
CMA HEC D . 2.93 9.47 0.96
CAA HEC D . 4.35 10.72 3.53
CBA HEC D . 5.74 11.03 2.95
CGA HEC D . 6.55 11.89 3.91
O1A HEC D . 7.55 11.35 4.43
O2A HEC D . 6.16 13.06 4.10
NB HEC D . 2.54 4.47 3.04
C1B HEC D . 2.33 5.11 1.84
C2B HEC D . 1.97 4.16 0.82
C3B HEC D . 1.95 2.93 1.41
C4B HEC D . 2.29 3.13 2.79
CMB HEC D . 1.68 4.49 -0.62
CAB HEC D . 1.62 1.62 0.78
CBB HEC D . 2.19 1.44 -0.62
NC HEC D . 3.26 3.51 5.64
C1C HEC D . 2.76 2.33 5.13
C2C HEC D . 2.89 1.26 6.10
C3C HEC D . 3.46 1.80 7.20
C4C HEC D . 3.69 3.20 6.92
CMC HEC D . 2.46 -0.16 5.88
CAC HEC D . 3.81 1.11 8.49
CBC HEC D . 4.19 -0.36 8.32
ND HEC D . 4.28 6.07 6.33
C1D HEC D . 4.55 5.43 7.54
C2D HEC D . 5.17 6.36 8.46
C3D HEC D . 5.27 7.54 7.83
C4D HEC D . 4.71 7.37 6.50
CMD HEC D . 5.61 6.01 9.85
CAD HEC D . 5.85 8.83 8.35
CBD HEC D . 4.80 9.83 8.82
CGD HEC D . 3.87 10.22 7.68
O1D HEC D . 4.12 11.27 7.07
O2D HEC D . 2.93 9.43 7.42
HHA HEC D . 5.07 9.36 5.78
HHB HEC D . 2.07 6.89 0.68
HHC HEC D . 2.09 1.10 3.42
HHD HEC D . 4.52 3.73 8.82
HMA1 HEC D . 3.33 8.92 0.11
HMA2 HEC D . 1.84 9.53 0.88
HMA3 HEC D . 3.34 10.49 0.96
HAA1 HEC D . 3.65 11.40 3.06
HAA2 HEC D . 4.40 10.92 4.60
HBA1 HEC D . 6.26 10.10 2.77
HBA2 HEC D . 5.62 11.57 2.01
HMB1 HEC D . 2.28 3.86 -1.27
HMB2 HEC D . 0.62 4.33 -0.82
HMB3 HEC D . 1.93 5.54 -0.80
HAB HEC D . 2.02 0.81 1.39
HBB1 HEC D . 3.11 2.01 -0.72
HBB2 HEC D . 2.41 0.38 -0.80
HBB3 HEC D . 1.46 1.79 -1.37
HMC1 HEC D . 2.33 -0.65 6.85
HMC2 HEC D . 1.50 -0.17 5.34
HMC3 HEC D . 3.21 -0.68 5.30
HAC HEC D . 4.66 1.61 8.95
HBC1 HEC D . 3.32 -0.99 8.53
HBC2 HEC D . 4.53 -0.54 7.31
HBC3 HEC D . 4.98 -0.61 9.02
HMD1 HEC D . 4.95 5.24 10.25
HMD2 HEC D . 6.63 5.64 9.84
HMD3 HEC D . 5.55 6.89 10.48
HAD1 HEC D . 6.49 8.61 9.21
HAD2 HEC D . 6.44 9.30 7.57
HBD1 HEC D . 4.20 9.40 9.62
HBD2 HEC D . 5.30 10.73 9.17
FE HEC E . -6.55 5.28 -1.81
CHA HEC E . -6.18 3.65 -4.84
CHB HEC E . -9.82 5.85 -2.47
CHC HEC E . -6.91 6.53 1.38
CHD HEC E . -3.11 4.85 -1.26
NA HEC E . -7.74 4.84 -3.33
C1A HEC E . -7.44 4.16 -4.51
C2A HEC E . -8.61 4.05 -5.34
C3A HEC E . -9.62 4.65 -4.68
C4A HEC E . -9.08 5.15 -3.43
CMA HEC E . -11.04 4.81 -5.12
CAA HEC E . -8.64 3.38 -6.68
CBA HEC E . -9.31 2.01 -6.66
CGA HEC E . -9.76 1.60 -8.06
O1A HEC E . -10.61 0.68 -8.14
O2A HEC E . -9.25 2.21 -9.02
NB HEC E . -8.06 5.96 -0.74
C1B HEC E . -9.32 6.25 -1.23
C2B HEC E . -10.06 7.05 -0.28
C3B HEC E . -9.26 7.24 0.78
C4B HEC E . -8.01 6.56 0.50
CMB HEC E . -11.46 7.54 -0.48
CAB HEC E . -9.56 8.00 2.05
CBB HEC E . -9.86 7.10 3.25
NC HEC E . -5.25 5.56 -0.22
C1C HEC E . -5.55 6.17 0.98
C2C HEC E . -4.35 6.42 1.74
C3C HEC E . -3.31 5.96 1.00
C4C HEC E . -3.87 5.42 -0.22
CMC HEC E . -4.30 7.07 3.09
CAC HEC E . -1.85 5.99 1.34
CBC HEC E . -1.54 5.60 2.77
ND HEC E . -4.95 4.47 -2.86
C1D HEC E . -3.65 4.31 -2.42
C2D HEC E . -2.91 3.49 -3.35
C3D HEC E . -3.76 3.16 -4.35
C4D HEC E . -5.03 3.76 -4.04
CMD HEC E . -1.47 3.12 -3.20
CAD HEC E . -3.48 2.32 -5.56
CBD HEC E . -2.76 3.07 -6.68
CGD HEC E . -2.57 2.18 -7.91
O1D HEC E . -2.73 0.95 -7.74
O2D HEC E . -2.27 2.75 -8.98
HHA HEC E . -6.08 3.12 -5.80
HHB HEC E . -10.86 6.08 -2.70
HHC HEC E . -7.09 6.81 2.42
HHD HEC E . -2.02 4.83 -1.14
HMA1 HEC E . -11.23 5.86 -5.39
HMA2 HEC E . -11.22 4.19 -6.00
HMA3 HEC E . -11.71 4.52 -4.32
HAA1 HEC E . -9.20 3.99 -7.38
HAA2 HEC E . -7.63 3.23 -7.05
HBA1 HEC E . -8.61 1.26 -6.29
HBA2 HEC E . -10.19 2.03 -6.01
HMB1 HEC E . -11.44 8.60 -0.74
HMB2 HEC E . -11.94 6.98 -1.29
HMB3 HEC E . -12.03 7.41 0.43
HAB HEC E . -8.70 8.61 2.31
HBB1 HEC E . -10.62 6.36 2.98
HBB2 HEC E . -8.95 6.59 3.57
HBB3 HEC E . -10.25 7.72 4.07
HMC1 HEC E . -5.27 6.99 3.57
HMC2 HEC E . -3.55 6.58 3.70
HMC3 HEC E . -4.04 8.12 2.97
HAC HEC E . -1.32 5.29 0.70
HBC1 HEC E . -2.28 4.88 3.13
HBC2 HEC E . -0.55 5.16 2.83
HBC3 HEC E . -1.57 6.49 3.42
HMD1 HEC E . -1.00 3.06 -4.20
HMD2 HEC E . -0.95 3.87 -2.61
HMD3 HEC E . -1.39 2.15 -2.71
HAD1 HEC E . -2.84 1.48 -5.29
HAD2 HEC E . -4.42 1.95 -5.98
HBD1 HEC E . -3.35 3.94 -6.98
HBD2 HEC E . -1.77 3.40 -6.34
N ALA A 1 12.81 -7.03 -4.64
CA ALA A 1 13.94 -7.83 -5.06
C ALA A 1 15.19 -7.40 -4.28
N PRO A 2 16.26 -8.19 -4.44
CA PRO A 2 17.53 -7.96 -3.80
C PRO A 2 17.94 -6.50 -3.96
N LYS A 3 18.26 -5.84 -2.86
CA LYS A 3 18.66 -4.45 -2.91
C LYS A 3 17.42 -3.56 -2.82
N ALA A 4 17.62 -2.36 -2.31
CA ALA A 4 16.54 -1.41 -2.16
C ALA A 4 16.76 -0.23 -3.10
N PRO A 5 16.23 -0.37 -4.32
CA PRO A 5 16.32 0.62 -5.37
C PRO A 5 16.13 2.01 -4.78
N ALA A 6 16.54 3.04 -5.51
CA ALA A 6 16.40 4.40 -5.04
C ALA A 6 15.00 4.92 -5.40
N ASP A 7 14.58 5.94 -4.68
CA ASP A 7 13.28 6.54 -4.91
C ASP A 7 13.07 6.74 -6.42
N GLY A 8 11.84 7.06 -6.77
CA GLY A 8 11.50 7.28 -8.17
C GLY A 8 10.43 6.29 -8.63
N LEU A 9 9.86 5.58 -7.67
CA LEU A 9 8.83 4.60 -7.96
C LEU A 9 7.46 5.18 -7.57
N LYS A 10 6.55 5.16 -8.54
CA LYS A 10 5.21 5.67 -8.31
C LYS A 10 4.19 4.71 -8.91
N MET A 11 3.14 4.45 -8.15
CA MET A 11 2.09 3.55 -8.59
C MET A 11 0.89 4.34 -9.12
N GLU A 12 0.68 4.24 -10.42
CA GLU A 12 -0.43 4.93 -11.06
C GLU A 12 -1.08 4.02 -12.11
N ALA A 13 -1.43 2.83 -11.67
CA ALA A 13 -2.07 1.87 -12.56
C ALA A 13 -3.57 2.19 -12.67
N THR A 14 -4.03 3.00 -11.73
CA THR A 14 -5.43 3.38 -11.71
C THR A 14 -5.58 4.87 -12.02
N LYS A 15 -6.69 5.43 -11.56
CA LYS A 15 -6.97 6.84 -11.78
C LYS A 15 -6.42 7.64 -10.60
N GLN A 16 -5.35 7.13 -10.01
CA GLN A 16 -4.72 7.80 -8.89
C GLN A 16 -3.27 7.33 -8.74
N PRO A 17 -2.35 8.22 -9.15
CA PRO A 17 -0.92 8.00 -9.11
C PRO A 17 -0.40 8.31 -7.70
N VAL A 18 0.07 7.30 -7.00
CA VAL A 18 0.59 7.49 -5.66
C VAL A 18 2.07 7.12 -5.64
N VAL A 19 2.89 8.11 -5.32
CA VAL A 19 4.32 7.92 -5.25
C VAL A 19 4.70 7.35 -3.88
N PHE A 20 5.76 6.56 -3.87
CA PHE A 20 6.23 5.95 -2.63
C PHE A 20 7.74 5.73 -2.67
N ASN A 21 8.42 6.39 -1.74
CA ASN A 21 9.87 6.27 -1.65
C ASN A 21 10.23 5.34 -0.49
N HIS A 22 11.11 4.37 -0.81
CA HIS A 22 11.57 3.39 0.17
C HIS A 22 12.26 4.10 1.34
N SER A 23 12.72 5.32 1.08
CA SER A 23 13.39 6.09 2.10
C SER A 23 12.41 6.45 3.22
N THR A 24 11.16 6.69 2.83
CA THR A 24 10.13 7.03 3.78
C THR A 24 9.52 5.76 4.39
N HIS A 25 10.05 4.62 3.95
CA HIS A 25 9.61 3.31 4.41
C HIS A 25 10.78 2.32 4.38
N LYS A 26 11.88 2.73 4.98
CA LYS A 26 13.07 1.90 5.03
C LYS A 26 13.23 1.32 6.44
N SER A 27 12.34 1.76 7.32
CA SER A 27 12.37 1.30 8.70
C SER A 27 11.28 0.26 8.93
N VAL A 28 10.92 -0.43 7.85
CA VAL A 28 9.89 -1.46 7.92
C VAL A 28 10.38 -2.71 7.18
N LYS A 29 10.03 -3.85 7.73
CA LYS A 29 10.42 -5.12 7.14
C LYS A 29 9.83 -5.21 5.73
N CYS A 30 10.67 -5.69 4.81
CA CYS A 30 10.24 -5.83 3.43
C CYS A 30 9.04 -6.78 3.39
N GLY A 31 8.98 -7.65 4.39
CA GLY A 31 7.90 -8.61 4.48
C GLY A 31 6.60 -7.94 4.90
N ASP A 32 6.71 -6.65 5.19
CA ASP A 32 5.55 -5.88 5.60
C ASP A 32 4.77 -5.42 4.36
N CYS A 33 5.53 -5.14 3.32
CA CYS A 33 4.94 -4.69 2.06
C CYS A 33 4.99 -5.84 1.06
N HIS A 34 6.18 -6.43 0.95
CA HIS A 34 6.42 -7.56 0.05
C HIS A 34 6.17 -8.89 0.78
N HIS A 35 4.89 -9.24 0.88
CA HIS A 35 4.47 -10.47 1.55
C HIS A 35 4.88 -11.69 0.70
N PRO A 36 5.03 -12.83 1.39
CA PRO A 36 5.42 -14.09 0.78
C PRO A 36 4.23 -14.68 0.04
N VAL A 37 4.38 -14.90 -1.25
CA VAL A 37 3.31 -15.45 -2.06
C VAL A 37 3.73 -16.82 -2.59
N ASN A 38 2.74 -17.70 -2.75
CA ASN A 38 3.00 -19.04 -3.24
C ASN A 38 4.27 -19.59 -2.57
N GLY A 39 4.51 -19.11 -1.36
CA GLY A 39 5.68 -19.55 -0.61
C GLY A 39 6.97 -19.12 -1.31
N LYS A 40 7.10 -17.81 -1.48
CA LYS A 40 8.29 -17.26 -2.14
C LYS A 40 8.15 -15.74 -2.20
N GLU A 41 8.88 -15.08 -1.31
CA GLU A 41 8.87 -13.63 -1.25
C GLU A 41 8.73 -13.05 -2.65
N ASP A 42 7.70 -12.23 -2.82
CA ASP A 42 7.44 -11.59 -4.11
C ASP A 42 7.67 -10.09 -3.99
N TYR A 43 8.24 -9.52 -5.05
CA TYR A 43 8.52 -8.10 -5.09
C TYR A 43 8.07 -7.52 -6.42
N ARG A 44 7.13 -8.20 -7.07
CA ARG A 44 6.63 -7.74 -8.36
C ARG A 44 5.39 -6.85 -8.15
N LYS A 45 4.95 -6.25 -9.24
CA LYS A 45 3.78 -5.38 -9.20
C LYS A 45 2.75 -5.97 -8.23
N CYS A 46 2.17 -5.09 -7.43
CA CYS A 46 1.18 -5.51 -6.45
C CYS A 46 0.00 -6.12 -7.21
N GLY A 47 -0.41 -5.42 -8.26
CA GLY A 47 -1.53 -5.87 -9.07
C GLY A 47 -1.12 -7.05 -9.95
N THR A 48 -0.55 -6.72 -11.10
CA THR A 48 -0.11 -7.74 -12.04
C THR A 48 -1.26 -8.70 -12.37
N ALA A 49 -1.04 -9.50 -13.41
CA ALA A 49 -2.05 -10.45 -13.83
C ALA A 49 -1.85 -11.77 -13.08
N GLY A 50 -2.88 -12.14 -12.33
CA GLY A 50 -2.83 -13.37 -11.55
C GLY A 50 -2.99 -13.09 -10.06
N CYS A 51 -2.73 -11.84 -9.70
CA CYS A 51 -2.84 -11.42 -8.31
C CYS A 51 -3.98 -10.41 -8.20
N HIS A 52 -3.73 -9.36 -7.43
CA HIS A 52 -4.69 -8.28 -7.20
C HIS A 52 -4.99 -7.56 -8.53
N ASP A 53 -5.84 -8.19 -9.33
CA ASP A 53 -6.21 -7.62 -10.62
C ASP A 53 -7.67 -7.17 -10.57
N SER A 54 -8.12 -6.86 -9.37
CA SER A 54 -9.49 -6.41 -9.17
C SER A 54 -9.52 -4.89 -9.00
N MET A 55 -10.21 -4.24 -9.93
CA MET A 55 -10.31 -2.78 -9.89
C MET A 55 -11.77 -2.35 -10.09
N ASP A 56 -12.63 -2.82 -9.22
CA ASP A 56 -14.04 -2.50 -9.28
C ASP A 56 -14.51 -1.98 -7.92
N LYS A 57 -15.83 -1.91 -7.77
CA LYS A 57 -16.42 -1.45 -6.53
C LYS A 57 -17.38 -2.51 -5.99
N LYS A 58 -16.86 -3.36 -5.13
CA LYS A 58 -17.65 -4.43 -4.55
C LYS A 58 -16.72 -5.44 -3.87
N ASP A 59 -16.18 -6.33 -4.69
CA ASP A 59 -15.29 -7.36 -4.20
C ASP A 59 -14.22 -6.71 -3.31
N LYS A 60 -14.04 -7.29 -2.14
CA LYS A 60 -13.06 -6.78 -1.20
C LYS A 60 -12.14 -7.92 -0.75
N SER A 61 -12.29 -9.05 -1.42
CA SER A 61 -11.49 -10.22 -1.10
C SER A 61 -10.00 -9.88 -1.19
N ALA A 62 -9.19 -10.93 -1.25
CA ALA A 62 -7.75 -10.74 -1.34
C ALA A 62 -7.38 -10.31 -2.75
N LYS A 63 -8.40 -10.26 -3.61
CA LYS A 63 -8.20 -9.87 -4.99
C LYS A 63 -8.29 -8.34 -5.11
N GLY A 64 -9.10 -7.76 -4.22
CA GLY A 64 -9.29 -6.32 -4.21
C GLY A 64 -7.95 -5.60 -4.14
N TYR A 65 -7.66 -4.83 -5.19
CA TYR A 65 -6.43 -4.07 -5.27
C TYR A 65 -6.40 -3.02 -4.18
N TYR A 66 -7.33 -2.06 -4.23
CA TYR A 66 -7.40 -1.01 -3.24
C TYR A 66 -7.74 -1.60 -1.88
N HIS A 67 -8.07 -2.88 -1.85
CA HIS A 67 -8.41 -3.54 -0.60
C HIS A 67 -7.13 -4.02 0.10
N VAL A 68 -6.13 -4.31 -0.72
CA VAL A 68 -4.85 -4.76 -0.20
C VAL A 68 -3.92 -3.57 -0.03
N MET A 69 -4.52 -2.40 0.12
CA MET A 69 -3.75 -1.18 0.30
C MET A 69 -4.60 -0.09 0.94
N HIS A 70 -5.54 -0.52 1.78
CA HIS A 70 -6.45 0.37 2.50
C HIS A 70 -6.97 -0.32 3.77
N ASP A 71 -7.93 -1.22 3.56
CA ASP A 71 -8.52 -1.95 4.67
C ASP A 71 -7.41 -2.44 5.60
N LYS A 72 -7.74 -2.51 6.88
CA LYS A 72 -6.79 -2.95 7.88
C LYS A 72 -7.19 -4.33 8.39
N ASN A 73 -8.38 -4.75 7.97
CA ASN A 73 -8.90 -6.04 8.38
C ASN A 73 -8.44 -7.12 7.40
N THR A 74 -7.16 -7.04 7.05
CA THR A 74 -6.59 -7.99 6.12
C THR A 74 -5.50 -8.82 6.80
N LYS A 75 -5.13 -9.91 6.14
CA LYS A 75 -4.10 -10.79 6.68
C LYS A 75 -2.80 -10.01 6.85
N PHE A 76 -2.53 -9.16 5.88
CA PHE A 76 -1.32 -8.35 5.92
C PHE A 76 -1.66 -6.86 6.08
N LYS A 77 -0.65 -6.11 6.50
CA LYS A 77 -0.83 -4.68 6.71
C LYS A 77 -1.02 -3.99 5.35
N SER A 78 -1.61 -2.81 5.39
CA SER A 78 -1.86 -2.04 4.18
C SER A 78 -1.04 -0.75 4.21
N CYS A 79 -1.59 0.27 3.58
CA CYS A 79 -0.93 1.56 3.53
C CYS A 79 -1.67 2.51 4.47
N VAL A 80 -2.99 2.41 4.48
CA VAL A 80 -3.82 3.24 5.33
C VAL A 80 -3.83 2.66 6.74
N GLY A 81 -3.72 1.35 6.81
CA GLY A 81 -3.72 0.66 8.09
C GLY A 81 -2.59 1.17 8.99
N CYS A 82 -1.38 0.84 8.60
CA CYS A 82 -0.21 1.25 9.36
C CYS A 82 -0.37 2.73 9.73
N HIS A 83 -0.77 3.52 8.73
CA HIS A 83 -0.99 4.95 8.90
C HIS A 83 -2.04 5.20 10.00
N VAL A 84 -3.01 4.31 10.07
CA VAL A 84 -4.06 4.42 11.07
C VAL A 84 -3.51 4.01 12.43
N GLU A 85 -2.63 3.01 12.41
CA GLU A 85 -2.02 2.52 13.63
C GLU A 85 -0.89 3.45 14.07
N VAL A 86 -0.56 4.38 13.19
CA VAL A 86 0.50 5.33 13.48
C VAL A 86 -0.08 6.51 14.26
N ALA A 87 -1.18 7.04 13.74
CA ALA A 87 -1.84 8.17 14.39
C ALA A 87 -1.97 7.89 15.89
N GLY A 88 -2.41 8.91 16.62
CA GLY A 88 -2.58 8.78 18.05
C GLY A 88 -3.76 9.62 18.53
N ALA A 89 -3.65 10.92 18.33
CA ALA A 89 -4.70 11.85 18.74
C ALA A 89 -4.55 13.16 17.96
N ASP A 90 -4.03 13.04 16.75
CA ASP A 90 -3.83 14.19 15.90
C ASP A 90 -4.93 14.25 14.85
N ALA A 91 -5.62 15.39 14.80
CA ALA A 91 -6.69 15.57 13.84
C ALA A 91 -6.13 16.17 12.56
N ALA A 92 -4.85 15.93 12.34
CA ALA A 92 -4.18 16.43 11.16
C ALA A 92 -3.50 15.27 10.42
N LYS A 93 -2.71 14.52 11.18
CA LYS A 93 -2.00 13.38 10.61
C LYS A 93 -3.02 12.32 10.16
N LYS A 94 -4.15 12.31 10.85
CA LYS A 94 -5.21 11.37 10.53
C LYS A 94 -6.03 11.90 9.36
N LYS A 95 -5.59 13.03 8.83
CA LYS A 95 -6.27 13.65 7.71
C LYS A 95 -5.27 13.89 6.57
N ASP A 96 -4.03 13.49 6.82
CA ASP A 96 -2.98 13.65 5.83
C ASP A 96 -2.40 12.28 5.49
N LEU A 97 -2.48 11.37 6.45
CA LEU A 97 -1.97 10.02 6.26
C LEU A 97 -3.10 9.12 5.79
N THR A 98 -4.28 9.32 6.38
CA THR A 98 -5.44 8.53 6.03
C THR A 98 -6.40 9.35 5.16
N GLY A 99 -6.00 10.59 4.90
CA GLY A 99 -6.81 11.47 4.08
C GLY A 99 -6.93 10.94 2.65
N CYS A 100 -8.05 11.28 2.02
CA CYS A 100 -8.30 10.84 0.66
C CYS A 100 -8.17 12.06 -0.27
N LYS A 101 -8.27 13.23 0.34
CA LYS A 101 -8.17 14.47 -0.42
C LYS A 101 -7.14 15.39 0.26
N LYS A 102 -6.15 15.78 -0.53
CA LYS A 102 -5.10 16.65 -0.03
C LYS A 102 -4.08 15.81 0.75
N SER A 103 -4.37 14.53 0.86
CA SER A 103 -3.48 13.62 1.56
C SER A 103 -2.21 13.38 0.75
N LYS A 104 -1.16 12.98 1.46
CA LYS A 104 0.12 12.71 0.81
C LYS A 104 -0.07 11.67 -0.29
N CYS A 105 -1.07 10.82 -0.08
CA CYS A 105 -1.37 9.77 -1.04
C CYS A 105 -2.20 10.38 -2.17
N HIS A 106 -3.46 10.66 -1.85
CA HIS A 106 -4.40 11.24 -2.81
C HIS A 106 -4.35 12.78 -2.72
N GLU A 107 -3.15 13.31 -2.92
CA GLU A 107 -2.96 14.75 -2.86
C GLU A 107 -3.35 15.38 -4.21
FE HEC B . 9.79 -2.42 -1.88
CHA HEC B . 9.02 -1.95 -5.25
CHB HEC B . 12.72 -3.96 -2.81
CHC HEC B . 10.61 -2.71 1.40
CHD HEC B . 6.74 -0.97 -1.05
NA HEC B . 10.68 -2.84 -3.67
C1A HEC B . 10.20 -2.61 -4.95
C2A HEC B . 11.11 -3.14 -5.93
C3A HEC B . 12.14 -3.70 -5.26
C4A HEC B . 11.87 -3.52 -3.85
CMA HEC B . 13.35 -4.40 -5.82
CAA HEC B . 10.91 -3.07 -7.42
CBA HEC B . 10.70 -4.44 -8.08
CGA HEC B . 11.96 -4.89 -8.79
O1A HEC B . 12.23 -6.11 -8.75
O2A HEC B . 12.64 -4.02 -9.37
NB HEC B . 11.33 -3.18 -0.92
C1B HEC B . 12.46 -3.77 -1.45
C2B HEC B . 13.37 -4.18 -0.41
C3B HEC B . 12.78 -3.85 0.76
C4B HEC B . 11.52 -3.21 0.45
CMB HEC B . 14.69 -4.87 -0.62
CAB HEC B . 13.31 -4.06 2.16
CBB HEC B . 14.78 -3.66 2.33
NC HEC B . 8.89 -1.85 -0.18
C1C HEC B . 9.37 -2.06 1.10
C2C HEC B . 8.38 -1.69 2.07
C3C HEC B . 7.30 -1.24 1.39
C4C HEC B . 7.62 -1.34 -0.01
CMC HEC B . 8.56 -1.78 3.55
CAC HEC B . 6.01 -0.72 1.94
CBC HEC B . 6.10 -0.22 3.38
ND HEC B . 8.21 -1.59 -2.94
C1D HEC B . 7.03 -1.11 -2.41
C2D HEC B . 6.12 -0.78 -3.47
C3D HEC B . 6.74 -1.06 -4.64
C4D HEC B . 8.05 -1.56 -4.31
CMD HEC B . 4.72 -0.24 -3.27
CAD HEC B . 6.21 -0.88 -6.03
CBD HEC B . 5.15 -1.92 -6.43
CGD HEC B . 4.55 -1.59 -7.79
O1D HEC B . 5.19 -0.81 -8.52
O2D HEC B . 3.45 -2.11 -8.06
HHA HEC B . 8.82 -1.72 -6.30
HHB HEC B . 13.64 -4.47 -3.09
HHC HEC B . 10.87 -2.85 2.46
HHD HEC B . 5.78 -0.55 -0.77
HMA1 HEC B . 13.84 -4.96 -5.03
HMA2 HEC B . 13.04 -5.07 -6.61
HMA3 HEC B . 14.04 -3.65 -6.22
HAA1 HEC B . 10.03 -2.47 -7.63
HAA2 HEC B . 11.79 -2.62 -7.88
HBA1 HEC B . 10.44 -5.17 -7.32
HBA2 HEC B . 9.90 -4.36 -8.81
HMB1 HEC B . 15.44 -4.41 0.04
HMB2 HEC B . 14.59 -5.92 -0.37
HMB3 HEC B . 14.99 -4.75 -1.65
HAB HEC B . 12.73 -3.46 2.86
HBB1 HEC B . 15.06 -2.95 1.56
HBB2 HEC B . 14.92 -3.21 3.32
HBB3 HEC B . 15.40 -4.55 2.25
HMC1 HEC B . 8.82 -0.80 3.95
HMC2 HEC B . 7.62 -2.11 4.01
HMC3 HEC B . 9.34 -2.50 3.79
HAC HEC B . 5.65 0.11 1.33
HBC1 HEC B . 7.09 0.17 3.56
HBC2 HEC B . 5.36 0.56 3.54
HBC3 HEC B . 5.90 -1.05 4.07
HMD1 HEC B . 4.69 0.32 -2.34
HMD2 HEC B . 4.46 0.41 -4.10
HMD3 HEC B . 4.01 -1.07 -3.22
HAD1 HEC B . 5.75 0.10 -6.14
HAD2 HEC B . 7.03 -0.97 -6.74
HBD1 HEC B . 5.60 -2.90 -6.48
HBD2 HEC B . 4.36 -1.91 -5.69
FE HEC C . -0.94 -9.51 -2.14
CHA HEC C . -3.18 -11.10 0.12
CHB HEC C . -1.13 -6.69 -0.20
CHC HEC C . 1.42 -8.14 -4.10
CHD HEC C . -1.01 -12.42 -4.04
NA HEC C . -1.94 -9.02 -0.39
C1A HEC C . -2.84 -9.77 0.36
C2A HEC C . -3.36 -8.98 1.45
C3A HEC C . -2.79 -7.76 1.37
C4A HEC C . -1.91 -7.78 0.22
CMA HEC C . -3.00 -6.58 2.26
CAA HEC C . -4.35 -9.48 2.46
CBA HEC C . -5.80 -9.08 2.16
CGA HEC C . -6.76 -9.81 3.08
O1A HEC C . -7.94 -9.36 3.14
O2A HEC C . -6.32 -10.78 3.71
NB HEC C . -0.07 -7.78 -2.15
C1B HEC C . -0.22 -6.73 -1.25
C2B HEC C . 0.71 -5.67 -1.56
C3B HEC C . 1.42 -6.07 -2.65
C4B HEC C . 0.93 -7.38 -3.01
CMB HEC C . 0.84 -4.39 -0.81
CAB HEC C . 2.51 -5.33 -3.36
CBB HEC C . 3.67 -4.92 -2.46
NC HEC C . 0.00 -10.18 -3.73
C1C HEC C . 0.85 -9.41 -4.51
C2C HEC C . 1.17 -10.11 -5.73
C3C HEC C . 0.53 -11.29 -5.70
C4C HEC C . -0.21 -11.33 -4.46
CMC HEC C . 2.07 -9.58 -6.81
CAC HEC C . 0.53 -12.38 -6.73
CBC HEC C . 1.92 -12.93 -7.04
ND HEC C . -1.91 -11.37 -1.99
C1D HEC C . -1.79 -12.42 -2.89
C2D HEC C . -2.59 -13.54 -2.45
C3D HEC C . -3.19 -13.17 -1.31
C4D HEC C . -2.77 -11.84 -1.02
CMD HEC C . -2.70 -14.85 -3.19
CAD HEC C . -4.13 -13.99 -0.46
CBD HEC C . -3.44 -14.82 0.62
CGD HEC C . -2.51 -15.85 0.01
O1D HEC C . -2.94 -17.02 -0.06
O2D HEC C . -1.40 -15.45 -0.39
HHA HEC C . -3.82 -11.60 0.84
HHB HEC C . -1.24 -5.75 0.33
HHC HEC C . 2.26 -7.74 -4.64
HHD HEC C . -1.02 -13.30 -4.68
HMA1 HEC C . -3.99 -6.66 2.73
HMA2 HEC C . -2.23 -6.56 3.03
HMA3 HEC C . -2.96 -5.66 1.68
HAA1 HEC C . -4.31 -10.56 2.51
HAA2 HEC C . -4.10 -9.06 3.44
HBA1 HEC C . -5.91 -8.01 2.30
HBA2 HEC C . -6.03 -9.34 1.12
HMB1 HEC C . 1.42 -3.67 -1.38
HMB2 HEC C . -0.15 -3.98 -0.61
HMB3 HEC C . 1.34 -4.58 0.14
HAB HEC C . 2.93 -5.96 -4.15
HBB1 HEC C . 4.35 -5.76 -2.33
HBB2 HEC C . 4.20 -4.08 -2.91
HBB3 HEC C . 3.29 -4.61 -1.49
HMC1 HEC C . 2.77 -8.85 -6.39
HMC2 HEC C . 2.62 -10.40 -7.27
HMC3 HEC C . 1.47 -9.08 -7.57
HAC HEC C . -0.07 -13.21 -6.38
HBC1 HEC C . 2.53 -12.92 -6.14
HBC2 HEC C . 1.83 -13.95 -7.40
HBC3 HEC C . 2.39 -12.31 -7.80
HMD1 HEC C . -2.55 -14.68 -4.25
HMD2 HEC C . -1.95 -15.54 -2.83
HMD3 HEC C . -3.69 -15.27 -3.03
HAD1 HEC C . -4.83 -13.32 0.04
HAD2 HEC C . -4.69 -14.69 -1.09
HBD1 HEC C . -2.86 -14.15 1.26
HBD2 HEC C . -4.20 -15.33 1.22
FE HEC D . 3.39 5.19 4.74
CHA HEC D . 4.64 8.40 5.56
CHB HEC D . 2.52 6.50 1.60
CHC HEC D . 2.45 2.10 3.70
CHD HEC D . 4.21 4.12 7.84
NA HEC D . 3.58 7.07 3.78
C1A HEC D . 4.07 8.24 4.31
C2A HEC D . 3.90 9.33 3.36
C3A HEC D . 3.31 8.81 2.26
C4A HEC D . 3.12 7.40 2.52
CMA HEC D . 2.92 9.52 1.00
CAA HEC D . 4.31 10.76 3.60
CBA HEC D . 5.69 11.10 3.03
CGA HEC D . 6.42 12.10 3.92
O1A HEC D . 6.25 13.30 3.68
O2A HEC D . 7.13 11.61 4.83
NB HEC D . 2.59 4.48 3.03
C1B HEC D . 2.40 5.14 1.82
C2B HEC D . 2.05 4.18 0.79
C3B HEC D . 2.03 2.96 1.37
C4B HEC D . 2.36 3.14 2.76
CMB HEC D . 1.76 4.53 -0.65
CAB HEC D . 1.72 1.64 0.73
CBB HEC D . 2.29 1.48 -0.68
NC HEC D . 3.31 3.49 5.63
C1C HEC D . 2.88 2.30 5.08
C2C HEC D . 3.02 1.23 6.05
C3C HEC D . 3.52 1.78 7.18
C4C HEC D . 3.70 3.19 6.91
CMC HEC D . 2.65 -0.21 5.81
CAC HEC D . 3.86 1.10 8.47
CBC HEC D . 4.18 -0.39 8.32
ND HEC D . 4.25 6.08 6.35
C1D HEC D . 4.50 5.45 7.57
C2D HEC D . 5.09 6.37 8.50
C3D HEC D . 5.21 7.55 7.87
C4D HEC D . 4.70 7.38 6.53
CMD HEC D . 5.49 6.02 9.91
CAD HEC D . 5.78 8.83 8.41
CBD HEC D . 4.75 9.70 9.13
CGD HEC D . 4.14 8.96 10.32
O1D HEC D . 3.00 8.49 10.17
O2D HEC D . 4.83 8.90 11.36
HHA HEC D . 5.08 9.36 5.81
HHB HEC D . 2.13 6.92 0.67
HHC HEC D . 2.17 1.11 3.38
HHD HEC D . 4.40 3.75 8.86
HMA1 HEC D . 3.42 10.49 0.96
HMA2 HEC D . 3.23 8.92 0.14
HMA3 HEC D . 1.84 9.65 0.97
HAA1 HEC D . 3.59 11.42 3.13
HAA2 HEC D . 4.35 10.94 4.67
HBA1 HEC D . 6.29 10.19 2.94
HBA2 HEC D . 5.57 11.54 2.04
HMB1 HEC D . 2.71 4.69 -1.17
HMB2 HEC D . 1.22 3.71 -1.12
HMB3 HEC D . 1.17 5.44 -0.69
HAB HEC D . 2.14 0.84 1.33
HBB1 HEC D . 1.52 1.75 -1.42
HBB2 HEC D . 3.15 2.14 -0.81
HBB3 HEC D . 2.59 0.45 -0.84
HMC1 HEC D . 3.48 -0.84 6.11
HMC2 HEC D . 1.76 -0.46 6.39
HMC3 HEC D . 2.46 -0.35 4.74
HAC HEC D . 4.72 1.58 8.92
HBC1 HEC D . 4.61 -0.76 9.25
HBC2 HEC D . 3.27 -0.94 8.10
HBC3 HEC D . 4.90 -0.52 7.52
HMD1 HEC D . 6.50 5.61 9.91
HMD2 HEC D . 5.47 6.92 10.52
HMD3 HEC D . 4.79 5.29 10.31
HAD1 HEC D . 6.57 8.60 9.13
HAD2 HEC D . 6.18 9.43 7.59
HBD1 HEC D . 5.23 10.61 9.50
HBD2 HEC D . 3.95 9.97 8.44
FE HEC E . -6.51 5.22 -1.89
CHA HEC E . -6.14 3.49 -4.86
CHB HEC E . -9.85 5.47 -2.38
CHC HEC E . -6.84 6.56 1.29
CHD HEC E . -3.02 4.99 -1.42
NA HEC E . -7.72 4.63 -3.34
C1A HEC E . -7.41 3.89 -4.47
C2A HEC E . -8.63 3.57 -5.18
C3A HEC E . -9.66 4.12 -4.51
C4A HEC E . -9.10 4.78 -3.35
CMA HEC E . -11.11 4.07 -4.85
CAA HEC E . -8.68 2.77 -6.46
CBA HEC E . -9.71 1.64 -6.44
CGA HEC E . -10.65 1.75 -7.64
O1A HEC E . -11.37 2.78 -7.72
O2A HEC E . -10.63 0.81 -8.45
NB HEC E . -8.02 5.83 -0.77
C1B HEC E . -9.34 5.94 -1.18
C2B HEC E . -10.12 6.62 -0.18
C3B HEC E . -9.30 6.92 0.84
C4B HEC E . -7.98 6.44 0.48
CMB HEC E . -11.59 6.92 -0.29
CAB HEC E . -9.63 7.64 2.12
CBB HEC E . -10.53 6.84 3.06
NC HEC E . -5.16 5.62 -0.34
C1C HEC E . -5.45 6.26 0.86
C2C HEC E . -4.24 6.59 1.56
C3C HEC E . -3.21 6.16 0.81
C4C HEC E . -3.78 5.56 -0.37
CMC HEC E . -4.18 7.28 2.89
CAC HEC E . -1.74 6.26 1.09
CBC HEC E . -1.35 5.78 2.48
ND HEC E . -4.89 4.46 -2.95
C1D HEC E . -3.58 4.37 -2.54
C2D HEC E . -2.83 3.52 -3.44
C3D HEC E . -3.69 3.10 -4.39
C4D HEC E . -4.98 3.69 -4.09
CMD HEC E . -1.37 3.19 -3.31
CAD HEC E . -3.41 2.21 -5.56
CBD HEC E . -2.53 2.84 -6.64
CGD HEC E . -2.35 1.90 -7.82
O1D HEC E . -2.25 2.43 -8.95
O2D HEC E . -2.33 0.67 -7.58
HHA HEC E . -6.04 3.00 -5.82
HHB HEC E . -10.90 5.65 -2.61
HHC HEC E . -6.98 6.92 2.30
HHD HEC E . -1.95 5.05 -1.35
HMA1 HEC E . -11.62 4.91 -4.39
HMA2 HEC E . -11.24 4.12 -5.93
HMA3 HEC E . -11.55 3.15 -4.47
HAA1 HEC E . -8.93 3.43 -7.29
HAA2 HEC E . -7.70 2.31 -6.64
HBA1 HEC E . -9.19 0.69 -6.48
HBA2 HEC E . -10.30 1.70 -5.53
HMB1 HEC E . -12.16 6.15 0.23
HMB2 HEC E . -11.80 7.89 0.15
HMB3 HEC E . -11.88 6.92 -1.35
HAB HEC E . -8.71 7.85 2.67
HBB1 HEC E . -10.52 7.29 4.05
HBB2 HEC E . -11.55 6.83 2.66
HBB3 HEC E . -10.17 5.81 3.14
HMC1 HEC E . -3.59 8.20 2.80
HMC2 HEC E . -5.19 7.54 3.21
HMC3 HEC E . -3.71 6.62 3.63
HAC HEC E . -1.19 5.67 0.37
HBC1 HEC E . -0.26 5.67 2.53
HBC2 HEC E . -1.67 6.49 3.23
HBC3 HEC E . -1.81 4.81 2.67
HMD1 HEC E . -0.87 3.97 -2.74
HMD2 HEC E . -1.27 2.24 -2.79
HMD3 HEC E . -0.93 3.12 -4.30
HAD1 HEC E . -2.90 1.31 -5.22
HAD2 HEC E . -4.35 1.92 -6.04
HBD1 HEC E . -3.00 3.76 -6.99
HBD2 HEC E . -1.55 3.06 -6.22
N ALA A 1 17.58 -9.61 1.01
CA ALA A 1 17.00 -9.44 -0.31
C ALA A 1 17.76 -8.32 -1.06
N PRO A 2 17.45 -8.20 -2.34
CA PRO A 2 18.04 -7.22 -3.23
C PRO A 2 17.90 -5.83 -2.62
N LYS A 3 19.01 -5.24 -2.22
CA LYS A 3 18.98 -3.91 -1.62
C LYS A 3 18.00 -3.04 -2.39
N ALA A 4 17.19 -2.29 -1.64
CA ALA A 4 16.21 -1.42 -2.25
C ALA A 4 16.91 -0.48 -3.24
N PRO A 5 16.19 -0.16 -4.31
CA PRO A 5 16.66 0.70 -5.38
C PRO A 5 16.52 2.15 -4.95
N ALA A 6 16.95 3.07 -5.80
CA ALA A 6 16.87 4.48 -5.48
C ALA A 6 15.45 4.98 -5.73
N ASP A 7 14.96 5.75 -4.77
CA ASP A 7 13.61 6.30 -4.86
C ASP A 7 13.32 6.67 -6.32
N GLY A 8 12.06 6.53 -6.69
CA GLY A 8 11.63 6.85 -8.05
C GLY A 8 10.59 5.83 -8.54
N LEU A 9 9.66 5.50 -7.66
CA LEU A 9 8.61 4.55 -7.99
C LEU A 9 7.25 5.19 -7.71
N LYS A 10 6.39 5.13 -8.73
CA LYS A 10 5.05 5.70 -8.60
C LYS A 10 4.03 4.68 -9.11
N MET A 11 2.94 4.58 -8.38
CA MET A 11 1.87 3.66 -8.75
C MET A 11 0.63 4.42 -9.23
N GLU A 12 0.41 4.35 -10.54
CA GLU A 12 -0.73 5.02 -11.13
C GLU A 12 -1.40 4.11 -12.17
N ALA A 13 -1.69 2.89 -11.75
CA ALA A 13 -2.32 1.92 -12.63
C ALA A 13 -3.82 2.21 -12.71
N THR A 14 -4.28 3.00 -11.74
CA THR A 14 -5.69 3.35 -11.69
C THR A 14 -5.88 4.85 -11.96
N LYS A 15 -7.03 5.36 -11.55
CA LYS A 15 -7.34 6.77 -11.75
C LYS A 15 -6.89 7.55 -10.52
N GLN A 16 -5.93 6.99 -9.80
CA GLN A 16 -5.40 7.63 -8.61
C GLN A 16 -3.92 7.30 -8.44
N PRO A 17 -3.08 8.14 -9.04
CA PRO A 17 -1.63 8.01 -9.01
C PRO A 17 -1.14 8.26 -7.59
N VAL A 18 -0.34 7.34 -7.08
CA VAL A 18 0.20 7.48 -5.73
C VAL A 18 1.66 7.05 -5.72
N VAL A 19 2.54 8.01 -5.44
CA VAL A 19 3.96 7.74 -5.39
C VAL A 19 4.34 7.29 -3.98
N PHE A 20 5.35 6.42 -3.92
CA PHE A 20 5.81 5.90 -2.66
C PHE A 20 7.32 5.67 -2.68
N ASN A 21 8.01 6.42 -1.83
CA ASN A 21 9.47 6.31 -1.74
C ASN A 21 9.84 5.31 -0.65
N HIS A 22 10.79 4.43 -0.97
CA HIS A 22 11.27 3.41 -0.06
C HIS A 22 11.98 4.07 1.14
N SER A 23 12.64 5.19 0.87
CA SER A 23 13.34 5.92 1.91
C SER A 23 12.40 6.24 3.07
N THR A 24 11.28 6.86 2.72
CA THR A 24 10.29 7.23 3.72
C THR A 24 9.79 5.98 4.45
N HIS A 25 10.05 4.82 3.84
CA HIS A 25 9.65 3.53 4.39
C HIS A 25 10.86 2.57 4.39
N LYS A 26 12.02 3.13 4.71
CA LYS A 26 13.24 2.35 4.76
C LYS A 26 13.47 1.86 6.20
N SER A 27 13.17 0.59 6.41
CA SER A 27 13.34 -0.01 7.73
C SER A 27 12.30 -1.11 7.94
N VAL A 28 11.07 -0.81 7.55
CA VAL A 28 9.99 -1.76 7.69
C VAL A 28 10.33 -3.03 6.92
N LYS A 29 10.10 -4.16 7.57
CA LYS A 29 10.39 -5.45 6.96
C LYS A 29 9.76 -5.50 5.57
N CYS A 30 10.60 -5.81 4.59
CA CYS A 30 10.14 -5.90 3.21
C CYS A 30 8.93 -6.83 3.16
N GLY A 31 8.85 -7.71 4.15
CA GLY A 31 7.75 -8.65 4.22
C GLY A 31 6.46 -7.96 4.64
N ASP A 32 6.58 -6.66 4.92
CA ASP A 32 5.43 -5.88 5.33
C ASP A 32 4.66 -5.43 4.09
N CYS A 33 5.40 -5.18 3.01
CA CYS A 33 4.80 -4.76 1.77
C CYS A 33 4.90 -5.91 0.76
N HIS A 34 6.09 -6.54 0.75
CA HIS A 34 6.38 -7.65 -0.14
C HIS A 34 6.16 -8.98 0.61
N HIS A 35 4.89 -9.37 0.71
CA HIS A 35 4.49 -10.60 1.38
C HIS A 35 4.86 -11.81 0.51
N PRO A 36 4.96 -12.98 1.16
CA PRO A 36 5.29 -14.24 0.52
C PRO A 36 4.20 -14.61 -0.47
N VAL A 37 4.59 -15.00 -1.67
CA VAL A 37 3.63 -15.39 -2.69
C VAL A 37 4.10 -16.66 -3.37
N ASN A 38 3.38 -17.74 -3.12
CA ASN A 38 3.71 -19.03 -3.70
C ASN A 38 4.95 -19.60 -2.99
N GLY A 39 4.99 -19.39 -1.69
CA GLY A 39 6.10 -19.89 -0.89
C GLY A 39 7.43 -19.37 -1.44
N LYS A 40 7.47 -18.07 -1.68
CA LYS A 40 8.67 -17.43 -2.19
C LYS A 40 8.45 -15.91 -2.28
N GLU A 41 9.04 -15.21 -1.33
CA GLU A 41 8.92 -13.76 -1.28
C GLU A 41 8.81 -13.20 -2.70
N ASP A 42 7.76 -12.41 -2.91
CA ASP A 42 7.52 -11.81 -4.20
C ASP A 42 7.76 -10.30 -4.11
N TYR A 43 8.25 -9.73 -5.22
CA TYR A 43 8.53 -8.31 -5.29
C TYR A 43 8.03 -7.75 -6.61
N ARG A 44 7.07 -8.42 -7.21
CA ARG A 44 6.51 -7.98 -8.48
C ARG A 44 5.31 -7.06 -8.24
N LYS A 45 4.87 -6.43 -9.32
CA LYS A 45 3.74 -5.52 -9.24
C LYS A 45 2.71 -6.08 -8.26
N CYS A 46 2.12 -5.18 -7.48
CA CYS A 46 1.13 -5.57 -6.50
C CYS A 46 -0.05 -6.20 -7.24
N GLY A 47 -0.49 -5.52 -8.29
CA GLY A 47 -1.61 -6.02 -9.08
C GLY A 47 -1.18 -7.22 -9.93
N THR A 48 -0.61 -6.91 -11.08
CA THR A 48 -0.17 -7.95 -11.99
C THR A 48 -1.31 -8.93 -12.30
N ALA A 49 -1.08 -9.76 -13.30
CA ALA A 49 -2.09 -10.74 -13.70
C ALA A 49 -1.88 -12.03 -12.90
N GLY A 50 -2.92 -12.40 -12.16
CA GLY A 50 -2.87 -13.59 -11.35
C GLY A 50 -3.01 -13.26 -9.87
N CYS A 51 -2.84 -11.98 -9.56
CA CYS A 51 -2.95 -11.50 -8.20
C CYS A 51 -4.07 -10.47 -8.12
N HIS A 52 -3.81 -9.41 -7.35
CA HIS A 52 -4.76 -8.32 -7.16
C HIS A 52 -5.03 -7.63 -8.51
N ASP A 53 -5.80 -8.31 -9.35
CA ASP A 53 -6.14 -7.77 -10.66
C ASP A 53 -7.59 -7.30 -10.65
N SER A 54 -8.07 -6.99 -9.46
CA SER A 54 -9.44 -6.53 -9.31
C SER A 54 -9.46 -5.02 -9.01
N MET A 55 -10.18 -4.29 -9.85
CA MET A 55 -10.28 -2.86 -9.68
C MET A 55 -11.74 -2.41 -9.75
N ASP A 56 -12.55 -2.96 -8.86
CA ASP A 56 -13.95 -2.62 -8.80
C ASP A 56 -14.25 -1.89 -7.50
N LYS A 57 -15.47 -1.36 -7.41
CA LYS A 57 -15.88 -0.64 -6.23
C LYS A 57 -16.94 -1.46 -5.47
N LYS A 58 -16.46 -2.44 -4.72
CA LYS A 58 -17.36 -3.30 -3.96
C LYS A 58 -16.54 -4.45 -3.35
N ASP A 59 -16.36 -5.48 -4.15
CA ASP A 59 -15.60 -6.65 -3.71
C ASP A 59 -14.39 -6.19 -2.89
N LYS A 60 -14.26 -6.78 -1.71
CA LYS A 60 -13.16 -6.44 -0.82
C LYS A 60 -12.34 -7.70 -0.53
N SER A 61 -12.39 -8.64 -1.46
CA SER A 61 -11.67 -9.88 -1.32
C SER A 61 -10.16 -9.64 -1.40
N ALA A 62 -9.41 -10.71 -1.21
CA ALA A 62 -7.95 -10.62 -1.26
C ALA A 62 -7.52 -10.25 -2.68
N LYS A 63 -8.47 -10.33 -3.59
CA LYS A 63 -8.21 -10.01 -4.99
C LYS A 63 -8.39 -8.50 -5.20
N GLY A 64 -9.02 -7.87 -4.22
CA GLY A 64 -9.25 -6.43 -4.29
C GLY A 64 -7.94 -5.65 -4.22
N TYR A 65 -7.67 -4.89 -5.28
CA TYR A 65 -6.47 -4.10 -5.38
C TYR A 65 -6.49 -3.00 -4.34
N TYR A 66 -7.58 -2.22 -4.33
CA TYR A 66 -7.72 -1.12 -3.38
C TYR A 66 -8.07 -1.68 -2.01
N HIS A 67 -8.19 -2.99 -1.90
CA HIS A 67 -8.51 -3.63 -0.64
C HIS A 67 -7.24 -4.15 0.01
N VAL A 68 -6.15 -4.12 -0.76
CA VAL A 68 -4.87 -4.59 -0.27
C VAL A 68 -3.93 -3.40 -0.09
N MET A 69 -4.53 -2.22 -0.06
CA MET A 69 -3.76 -0.99 0.10
C MET A 69 -4.58 0.10 0.79
N HIS A 70 -5.56 -0.36 1.59
CA HIS A 70 -6.45 0.52 2.33
C HIS A 70 -6.95 -0.19 3.59
N ASP A 71 -7.83 -1.16 3.39
CA ASP A 71 -8.38 -1.92 4.50
C ASP A 71 -7.27 -2.20 5.52
N LYS A 72 -7.69 -2.41 6.77
CA LYS A 72 -6.76 -2.68 7.84
C LYS A 72 -7.17 -3.97 8.55
N ASN A 73 -8.21 -4.61 8.01
CA ASN A 73 -8.71 -5.84 8.59
C ASN A 73 -8.16 -7.03 7.78
N THR A 74 -7.33 -6.70 6.80
CA THR A 74 -6.73 -7.72 5.96
C THR A 74 -5.68 -8.50 6.75
N LYS A 75 -5.29 -9.63 6.18
CA LYS A 75 -4.30 -10.50 6.82
C LYS A 75 -2.98 -9.73 6.92
N PHE A 76 -2.66 -9.00 5.86
CA PHE A 76 -1.44 -8.22 5.82
C PHE A 76 -1.74 -6.72 5.79
N LYS A 77 -0.76 -5.95 6.23
CA LYS A 77 -0.91 -4.50 6.26
C LYS A 77 -1.05 -3.98 4.84
N SER A 78 -1.62 -2.78 4.73
CA SER A 78 -1.82 -2.16 3.43
C SER A 78 -1.03 -0.85 3.35
N CYS A 79 -1.72 0.24 3.66
CA CYS A 79 -1.09 1.55 3.61
C CYS A 79 -1.81 2.46 4.61
N VAL A 80 -3.13 2.43 4.53
CA VAL A 80 -3.95 3.24 5.41
C VAL A 80 -3.90 2.66 6.83
N GLY A 81 -3.78 1.35 6.88
CA GLY A 81 -3.72 0.66 8.17
C GLY A 81 -2.58 1.21 9.03
N CYS A 82 -1.36 0.89 8.61
CA CYS A 82 -0.18 1.34 9.34
C CYS A 82 -0.38 2.81 9.69
N HIS A 83 -0.82 3.58 8.70
CA HIS A 83 -1.05 5.01 8.85
C HIS A 83 -2.12 5.25 9.94
N VAL A 84 -3.10 4.35 9.97
CA VAL A 84 -4.18 4.46 10.95
C VAL A 84 -3.61 4.20 12.35
N GLU A 85 -2.61 3.34 12.40
CA GLU A 85 -1.97 3.00 13.66
C GLU A 85 -0.92 4.06 14.02
N VAL A 86 -0.47 4.77 13.00
CA VAL A 86 0.54 5.80 13.20
C VAL A 86 -0.17 7.13 13.47
N ALA A 87 -1.26 7.35 12.76
CA ALA A 87 -2.03 8.57 12.91
C ALA A 87 -2.05 8.98 14.39
N GLY A 88 -2.03 7.95 15.25
CA GLY A 88 -2.04 8.19 16.68
C GLY A 88 -3.23 9.07 17.08
N ALA A 89 -3.15 9.60 18.29
CA ALA A 89 -4.20 10.46 18.80
C ALA A 89 -4.05 11.87 18.22
N ASP A 90 -3.91 11.92 16.91
CA ASP A 90 -3.74 13.19 16.22
C ASP A 90 -4.86 13.35 15.19
N ALA A 91 -5.70 14.34 15.43
CA ALA A 91 -6.82 14.62 14.55
C ALA A 91 -6.39 15.64 13.49
N ALA A 92 -5.09 15.65 13.24
CA ALA A 92 -4.52 16.58 12.26
C ALA A 92 -3.94 15.78 11.09
N LYS A 93 -3.04 14.87 11.44
CA LYS A 93 -2.40 14.03 10.43
C LYS A 93 -3.40 13.00 9.91
N LYS A 94 -4.41 12.74 10.72
CA LYS A 94 -5.44 11.79 10.35
C LYS A 94 -6.11 12.23 9.06
N LYS A 95 -5.90 13.50 8.72
CA LYS A 95 -6.47 14.07 7.52
C LYS A 95 -5.37 14.25 6.47
N ASP A 96 -4.27 13.56 6.70
CA ASP A 96 -3.14 13.63 5.79
C ASP A 96 -2.62 12.22 5.50
N LEU A 97 -2.52 11.44 6.56
CA LEU A 97 -2.05 10.07 6.43
C LEU A 97 -3.17 9.19 5.90
N THR A 98 -4.35 9.34 6.50
CA THR A 98 -5.51 8.57 6.10
C THR A 98 -6.47 9.45 5.29
N GLY A 99 -6.11 10.72 5.17
CA GLY A 99 -6.93 11.65 4.43
C GLY A 99 -7.33 11.08 3.07
N CYS A 100 -8.41 11.65 2.52
CA CYS A 100 -8.90 11.21 1.23
C CYS A 100 -8.53 12.26 0.18
N LYS A 101 -8.67 13.51 0.57
CA LYS A 101 -8.36 14.61 -0.32
C LYS A 101 -7.31 15.53 0.35
N LYS A 102 -6.26 15.80 -0.39
CA LYS A 102 -5.18 16.65 0.11
C LYS A 102 -4.15 15.78 0.83
N SER A 103 -4.46 14.49 0.93
CA SER A 103 -3.58 13.55 1.58
C SER A 103 -2.31 13.36 0.75
N LYS A 104 -1.24 12.97 1.42
CA LYS A 104 0.03 12.75 0.75
C LYS A 104 -0.17 11.74 -0.38
N CYS A 105 -0.99 10.73 -0.10
CA CYS A 105 -1.27 9.70 -1.08
C CYS A 105 -2.11 10.31 -2.20
N HIS A 106 -3.28 10.82 -1.79
CA HIS A 106 -4.23 11.44 -2.71
C HIS A 106 -4.14 12.98 -2.58
N GLU A 107 -2.97 13.50 -2.90
CA GLU A 107 -2.76 14.93 -2.82
C GLU A 107 -2.93 15.58 -4.20
FE HEC B . 9.61 -2.44 -2.10
CHA HEC B . 8.74 -2.00 -5.48
CHB HEC B . 12.53 -3.87 -3.07
CHC HEC B . 10.42 -2.73 1.16
CHD HEC B . 6.54 -1.00 -1.24
NA HEC B . 10.46 -2.82 -3.91
C1A HEC B . 9.94 -2.62 -5.18
C2A HEC B . 10.83 -3.17 -6.17
C3A HEC B . 11.89 -3.69 -5.51
C4A HEC B . 11.66 -3.46 -4.11
CMA HEC B . 13.10 -4.36 -6.09
CAA HEC B . 10.60 -3.14 -7.65
CBA HEC B . 10.41 -4.52 -8.28
CGA HEC B . 11.69 -4.98 -8.97
O1A HEC B . 12.19 -6.05 -8.58
O2A HEC B . 12.15 -4.24 -9.88
NB HEC B . 11.15 -3.15 -1.17
C1B HEC B . 12.29 -3.71 -1.71
C2B HEC B . 13.19 -4.13 -0.67
C3B HEC B . 12.61 -3.81 0.50
C4B HEC B . 11.33 -3.21 0.20
CMB HEC B . 14.53 -4.78 -0.90
CAB HEC B . 13.14 -4.04 1.89
CBB HEC B . 14.60 -3.61 2.08
NC HEC B . 8.70 -1.88 -0.41
C1C HEC B . 9.19 -2.11 0.87
C2C HEC B . 8.21 -1.74 1.86
C3C HEC B . 7.12 -1.30 1.20
C4C HEC B . 7.42 -1.38 -0.21
CMC HEC B . 8.41 -1.85 3.34
CAC HEC B . 5.83 -0.79 1.77
CBC HEC B . 5.95 -0.28 3.21
ND HEC B . 7.98 -1.64 -3.14
C1D HEC B . 6.81 -1.13 -2.60
C2D HEC B . 5.90 -0.75 -3.64
C3D HEC B . 6.50 -1.02 -4.82
C4D HEC B . 7.79 -1.58 -4.52
CMD HEC B . 4.53 -0.15 -3.43
CAD HEC B . 5.96 -0.80 -6.21
CBD HEC B . 4.86 -1.76 -6.60
CGD HEC B . 4.36 -1.49 -8.01
O1D HEC B . 5.05 -0.71 -8.72
O2D HEC B . 3.31 -2.06 -8.38
HHA HEC B . 8.49 -1.82 -6.52
HHB HEC B . 13.48 -4.34 -3.37
HHC HEC B . 10.68 -2.89 2.21
HHD HEC B . 5.58 -0.58 -0.95
HMA1 HEC B . 13.04 -5.44 -5.90
HMA2 HEC B . 13.14 -4.19 -7.16
HMA3 HEC B . 14.00 -3.97 -5.62
HAA1 HEC B . 9.70 -2.57 -7.86
HAA2 HEC B . 11.45 -2.67 -8.15
HBA1 HEC B . 10.16 -5.24 -7.50
HBA2 HEC B . 9.62 -4.48 -9.02
HMB1 HEC B . 14.47 -5.42 -1.79
HMB2 HEC B . 15.28 -4.01 -1.05
HMB3 HEC B . 14.78 -5.38 -0.03
HAB HEC B . 12.55 -3.48 2.61
HBB1 HEC B . 15.22 -4.49 2.21
HBB2 HEC B . 14.93 -3.07 1.19
HBB3 HEC B . 14.67 -2.96 2.95
HMC1 HEC B . 8.18 -0.90 3.81
HMC2 HEC B . 7.74 -2.62 3.74
HMC3 HEC B . 9.44 -2.13 3.55
HAC HEC B . 5.46 0.04 1.16
HBC1 HEC B . 6.76 0.45 3.27
HBC2 HEC B . 5.01 0.19 3.50
HBC3 HEC B . 6.16 -1.12 3.87
HMD1 HEC B . 3.81 -0.95 -3.29
HMD2 HEC B . 4.56 0.49 -2.54
HMD3 HEC B . 4.25 0.45 -4.29
HAD1 HEC B . 5.56 0.21 -6.28
HAD2 HEC B . 6.77 -0.93 -6.93
HBD1 HEC B . 5.23 -2.79 -6.56
HBD2 HEC B . 4.02 -1.66 -5.91
FE HEC C . -1.06 -9.48 -2.03
CHA HEC C . -3.24 -11.10 0.16
CHB HEC C . -1.23 -6.69 -0.18
CHC HEC C . 1.35 -8.15 -4.05
CHD HEC C . -1.09 -12.44 -4.00
NA HEC C . -2.01 -9.03 -0.35
C1A HEC C . -2.92 -9.78 0.40
C2A HEC C . -3.48 -8.97 1.46
C3A HEC C . -2.92 -7.75 1.36
C4A HEC C . -2.00 -7.78 0.24
CMA HEC C . -3.18 -6.55 2.23
CAA HEC C . -4.49 -9.46 2.45
CBA HEC C . -5.92 -9.06 2.11
CGA HEC C . -6.92 -9.69 3.09
O1A HEC C . -8.06 -9.19 3.13
O2A HEC C . -6.50 -10.65 3.77
NB HEC C . -0.16 -7.79 -2.12
C1B HEC C . -0.32 -6.73 -1.23
C2B HEC C . 0.60 -5.66 -1.57
C3B HEC C . 1.31 -6.06 -2.63
C4B HEC C . 0.84 -7.39 -2.98
CMB HEC C . 0.69 -4.36 -0.83
CAB HEC C . 2.39 -5.31 -3.37
CBB HEC C . 3.56 -4.89 -2.47
NC HEC C . -0.09 -10.19 -3.70
C1C HEC C . 0.77 -9.43 -4.48
C2C HEC C . 1.11 -10.14 -5.69
C3C HEC C . 0.47 -11.32 -5.65
C4C HEC C . -0.28 -11.36 -4.41
CMC HEC C . 2.01 -9.61 -6.76
CAC HEC C . 0.49 -12.42 -6.67
CBC HEC C . 1.89 -12.92 -7.01
ND HEC C . -1.99 -11.39 -1.94
C1D HEC C . -1.85 -12.45 -2.84
C2D HEC C . -2.62 -13.57 -2.38
C3D HEC C . -3.22 -13.21 -1.22
C4D HEC C . -2.83 -11.84 -0.96
CMD HEC C . -2.70 -14.90 -3.08
CAD HEC C . -4.12 -14.03 -0.35
CBD HEC C . -3.48 -14.48 0.96
CGD HEC C . -4.13 -15.75 1.49
O1D HEC C . -3.83 -16.82 0.91
O2D HEC C . -4.94 -15.63 2.45
HHA HEC C . -3.88 -11.61 0.90
HHB HEC C . -1.35 -5.74 0.35
HHC HEC C . 2.18 -7.74 -4.61
HHD HEC C . -1.12 -13.32 -4.63
HMA1 HEC C . -2.43 -6.51 3.03
HMA2 HEC C . -3.10 -5.65 1.63
HMA3 HEC C . -4.17 -6.61 2.66
HAA1 HEC C . -4.47 -10.54 2.50
HAA2 HEC C . -4.26 -9.03 3.43
HBA1 HEC C . -6.02 -7.97 2.17
HBA2 HEC C . -6.17 -9.39 1.11
HMB1 HEC C . 1.25 -4.51 0.10
HMB2 HEC C . 1.22 -3.62 -1.45
HMB3 HEC C . -0.31 -3.99 -0.60
HAB HEC C . 2.80 -5.94 -4.16
HBB1 HEC C . 4.13 -4.11 -2.98
HBB2 HEC C . 3.17 -4.50 -1.53
HBB3 HEC C . 4.20 -5.75 -2.28
HMC1 HEC C . 1.43 -9.37 -7.65
HMC2 HEC C . 2.52 -8.71 -6.41
HMC3 HEC C . 2.75 -10.37 -7.02
HAC HEC C . -0.07 -13.28 -6.29
HBC1 HEC C . 1.85 -13.98 -7.25
HBC2 HEC C . 2.27 -12.36 -7.87
HBC3 HEC C . 2.55 -12.76 -6.15
HMD1 HEC C . -3.40 -15.55 -2.56
HMD2 HEC C . -3.05 -14.75 -4.10
HMD3 HEC C . -1.71 -15.37 -3.10
HAD1 HEC C . -5.01 -13.46 -0.10
HAD2 HEC C . -4.42 -14.94 -0.88
HBD1 HEC C . -2.43 -14.67 0.81
HBD2 HEC C . -3.60 -13.69 1.71
FE HEC D . 3.37 5.20 4.70
CHA HEC D . 4.62 8.41 5.55
CHB HEC D . 2.43 6.54 1.62
CHC HEC D . 2.45 2.13 3.68
CHD HEC D . 4.33 4.09 7.77
NA HEC D . 3.51 7.10 3.78
C1A HEC D . 4.04 8.27 4.29
C2A HEC D . 3.89 9.35 3.34
C3A HEC D . 3.29 8.83 2.24
C4A HEC D . 3.04 7.43 2.52
CMA HEC D . 2.91 9.54 0.97
CAA HEC D . 4.35 10.75 3.56
CBA HEC D . 5.72 11.07 2.97
CGA HEC D . 6.49 12.04 3.86
O1A HEC D . 7.55 11.61 4.37
O2A HEC D . 6.01 13.18 3.99
NB HEC D . 2.58 4.52 3.01
C1B HEC D . 2.30 5.17 1.82
C2B HEC D . 1.86 4.24 0.82
C3B HEC D . 1.87 3.02 1.39
C4B HEC D . 2.31 3.18 2.75
CMB HEC D . 1.48 4.60 -0.59
CAB HEC D . 1.50 1.70 0.76
CBB HEC D . 2.07 1.50 -0.64
NC HEC D . 3.27 3.52 5.60
C1C HEC D . 2.76 2.35 5.08
C2C HEC D . 2.90 1.27 6.04
C3C HEC D . 3.49 1.79 7.13
C4C HEC D . 3.73 3.20 6.86
CMC HEC D . 2.46 -0.14 5.81
CAC HEC D . 3.85 1.09 8.41
CBC HEC D . 4.25 -0.37 8.22
ND HEC D . 4.27 6.09 6.32
C1D HEC D . 4.61 5.43 7.48
C2D HEC D . 5.30 6.31 8.39
C3D HEC D . 5.38 7.51 7.77
C4D HEC D . 4.74 7.38 6.49
CMD HEC D . 5.82 5.93 9.74
CAD HEC D . 6.01 8.77 8.29
CBD HEC D . 5.00 9.80 8.80
CGD HEC D . 5.71 11.05 9.32
O1D HEC D . 5.33 12.15 8.86
O2D HEC D . 6.62 10.88 10.16
HHA HEC D . 5.00 9.39 5.83
HHB HEC D . 2.02 6.96 0.70
HHC HEC D . 2.26 1.12 3.32
HHD HEC D . 4.60 3.70 8.75
HMA1 HEC D . 3.39 10.52 0.96
HMA2 HEC D . 3.26 8.95 0.12
HMA3 HEC D . 1.83 9.66 0.92
HAA1 HEC D . 3.64 11.45 3.10
HAA2 HEC D . 4.40 10.96 4.63
HBA1 HEC D . 6.29 10.15 2.88
HBA2 HEC D . 5.61 11.52 1.99
HMB1 HEC D . 1.23 5.66 -0.63
HMB2 HEC D . 2.33 4.42 -1.25
HMB3 HEC D . 0.63 4.00 -0.90
HAB HEC D . 1.86 0.89 1.38
HBB1 HEC D . 1.95 0.45 -0.93
HBB2 HEC D . 1.56 2.14 -1.34
HBB3 HEC D . 3.15 1.74 -0.63
HMC1 HEC D . 1.49 -0.15 5.31
HMC2 HEC D . 3.19 -0.67 5.19
HMC3 HEC D . 2.37 -0.65 6.77
HAC HEC D . 4.71 1.59 8.87
HBC1 HEC D . 5.05 -0.62 8.91
HBC2 HEC D . 3.38 -1.00 8.43
HBC3 HEC D . 4.58 -0.53 7.20
HMD1 HEC D . 6.46 5.05 9.66
HMD2 HEC D . 6.39 6.76 10.16
HMD3 HEC D . 4.98 5.70 10.40
HAD1 HEC D . 6.67 8.53 9.12
HAD2 HEC D . 6.58 9.24 7.50
HBD1 HEC D . 4.34 10.09 7.99
HBD2 HEC D . 4.43 9.38 9.61
FE HEC E . -6.39 5.44 -1.88
CHA HEC E . -6.18 3.79 -4.94
CHB HEC E . -9.78 5.93 -2.44
CHC HEC E . -6.76 6.69 1.29
CHD HEC E . -3.01 5.08 -1.47
NA HEC E . -7.70 4.95 -3.37
C1A HEC E . -7.43 4.28 -4.56
C2A HEC E . -8.62 4.17 -5.36
C3A HEC E . -9.62 4.75 -4.68
C4A HEC E . -9.05 5.24 -3.44
CMA HEC E . -11.06 4.89 -5.07
CAA HEC E . -8.69 3.50 -6.70
CBA HEC E . -9.25 2.07 -6.66
CGA HEC E . -9.79 1.67 -8.03
O1A HEC E . -9.14 2.02 -9.03
O2A HEC E . -10.85 1.00 -8.04
NB HEC E . -7.97 6.08 -0.77
C1B HEC E . -9.24 6.34 -1.23
C2B HEC E . -9.97 7.13 -0.25
C3B HEC E . -9.13 7.34 0.78
C4B HEC E . -7.89 6.69 0.46
CMB HEC E . -11.39 7.59 -0.41
CAB HEC E . -9.40 8.10 2.05
CBB HEC E . -9.68 7.22 3.26
NC HEC E . -5.12 5.74 -0.35
C1C HEC E . -5.39 6.33 0.87
C2C HEC E . -4.16 6.58 1.58
C3C HEC E . -3.15 6.16 0.81
C4C HEC E . -3.74 5.62 -0.40
CMC HEC E . -4.08 7.22 2.94
CAC HEC E . -1.68 6.20 1.10
CBC HEC E . -1.30 5.77 2.51
ND HEC E . -4.89 4.66 -3.01
C1D HEC E . -3.57 4.51 -2.61
C2D HEC E . -2.87 3.67 -3.53
C3D HEC E . -3.74 3.31 -4.50
C4D HEC E . -5.01 3.93 -4.17
CMD HEC E . -1.42 3.28 -3.42
CAD HEC E . -3.49 2.44 -5.70
CBD HEC E . -2.72 3.13 -6.82
CGD HEC E . -2.63 2.24 -8.05
O1D HEC E . -2.47 1.01 -7.85
O2D HEC E . -2.72 2.80 -9.16
HHA HEC E . -6.10 3.28 -5.89
HHB HEC E . -10.83 6.13 -2.64
HHC HEC E . -6.89 6.99 2.33
HHD HEC E . -1.92 5.10 -1.40
HMA1 HEC E . -11.12 5.08 -6.14
HMA2 HEC E . -11.60 3.97 -4.84
HMA3 HEC E . -11.51 5.72 -4.53
HAA1 HEC E . -9.33 4.08 -7.37
HAA2 HEC E . -7.69 3.43 -7.14
HBA1 HEC E . -8.46 1.38 -6.38
HBA2 HEC E . -10.06 2.03 -5.94
HMB1 HEC E . -11.88 7.02 -1.20
HMB2 HEC E . -11.92 7.45 0.53
HMB3 HEC E . -11.40 8.64 -0.67
HAB HEC E . -8.54 8.72 2.30
HBB1 HEC E . -8.92 6.44 3.32
HBB2 HEC E . -9.66 7.82 4.17
HBB3 HEC E . -10.66 6.76 3.15
HMC1 HEC E . -5.06 7.24 3.40
HMC2 HEC E . -3.40 6.65 3.58
HMC3 HEC E . -3.69 8.24 2.85
HAC HEC E . -1.14 5.54 0.41
HBC1 HEC E . -1.40 6.61 3.19
HBC2 HEC E . -1.97 4.96 2.83
HBC3 HEC E . -0.28 5.40 2.52
HMD1 HEC E . -1.07 2.86 -4.35
HMD2 HEC E . -0.82 4.17 -3.18
HMD3 HEC E . -1.30 2.55 -2.62
HAD1 HEC E . -2.91 1.57 -5.40
HAD2 HEC E . -4.45 2.11 -6.11
HBD1 HEC E . -3.25 4.05 -7.09
HBD2 HEC E . -1.72 3.37 -6.48
N ALA A 1 17.45 -10.90 -0.77
CA ALA A 1 18.50 -9.93 -0.97
C ALA A 1 18.40 -9.35 -2.38
N PRO A 2 17.31 -8.61 -2.62
CA PRO A 2 17.01 -7.97 -3.88
C PRO A 2 17.58 -6.56 -3.88
N LYS A 3 17.92 -6.06 -2.70
CA LYS A 3 18.47 -4.71 -2.58
C LYS A 3 17.33 -3.69 -2.74
N ALA A 4 17.59 -2.50 -2.23
CA ALA A 4 16.60 -1.43 -2.32
C ALA A 4 17.05 -0.40 -3.36
N PRO A 5 16.37 -0.43 -4.51
CA PRO A 5 16.64 0.44 -5.62
C PRO A 5 16.60 1.89 -5.16
N ALA A 6 16.84 2.82 -6.07
CA ALA A 6 16.83 4.23 -5.72
C ALA A 6 15.40 4.77 -5.83
N ASP A 7 15.06 5.64 -4.90
CA ASP A 7 13.74 6.24 -4.88
C ASP A 7 13.34 6.63 -6.30
N GLY A 8 12.05 6.92 -6.46
CA GLY A 8 11.53 7.32 -7.76
C GLY A 8 10.51 6.30 -8.27
N LEU A 9 9.84 5.65 -7.32
CA LEU A 9 8.83 4.67 -7.66
C LEU A 9 7.45 5.20 -7.30
N LYS A 10 6.58 5.23 -8.30
CA LYS A 10 5.22 5.71 -8.11
C LYS A 10 4.24 4.71 -8.70
N MET A 11 3.08 4.61 -8.05
CA MET A 11 2.05 3.69 -8.50
C MET A 11 0.84 4.46 -9.04
N GLU A 12 0.61 4.33 -10.34
CA GLU A 12 -0.50 5.00 -10.98
C GLU A 12 -1.13 4.08 -12.03
N ALA A 13 -1.50 2.89 -11.59
CA ALA A 13 -2.12 1.93 -12.47
C ALA A 13 -3.61 2.23 -12.61
N THR A 14 -4.13 2.91 -11.60
CA THR A 14 -5.55 3.27 -11.59
C THR A 14 -5.71 4.77 -11.90
N LYS A 15 -6.87 5.30 -11.51
CA LYS A 15 -7.15 6.70 -11.74
C LYS A 15 -6.69 7.51 -10.52
N GLN A 16 -5.89 6.86 -9.69
CA GLN A 16 -5.37 7.51 -8.50
C GLN A 16 -3.90 7.19 -8.32
N PRO A 17 -3.06 8.03 -8.93
CA PRO A 17 -1.61 7.92 -8.89
C PRO A 17 -1.12 8.18 -7.47
N VAL A 18 -0.29 7.28 -6.96
CA VAL A 18 0.24 7.44 -5.62
C VAL A 18 1.74 7.10 -5.62
N VAL A 19 2.54 8.08 -5.23
CA VAL A 19 3.98 7.89 -5.18
C VAL A 19 4.37 7.32 -3.82
N PHE A 20 5.47 6.60 -3.82
CA PHE A 20 5.97 5.97 -2.60
C PHE A 20 7.48 5.73 -2.68
N ASN A 21 8.20 6.40 -1.78
CA ASN A 21 9.65 6.27 -1.74
C ASN A 21 10.03 5.31 -0.62
N HIS A 22 10.94 4.39 -0.94
CA HIS A 22 11.44 3.40 0.01
C HIS A 22 12.17 4.10 1.17
N SER A 23 12.63 5.31 0.90
CA SER A 23 13.34 6.08 1.90
C SER A 23 12.40 6.44 3.05
N THR A 24 11.14 6.66 2.70
CA THR A 24 10.13 7.00 3.69
C THR A 24 9.53 5.73 4.31
N HIS A 25 10.03 4.58 3.83
CA HIS A 25 9.59 3.27 4.31
C HIS A 25 10.77 2.28 4.28
N LYS A 26 11.88 2.70 4.85
CA LYS A 26 13.07 1.87 4.89
C LYS A 26 13.25 1.32 6.30
N SER A 27 12.33 1.70 7.18
CA SER A 27 12.38 1.25 8.56
C SER A 27 11.29 0.22 8.82
N VAL A 28 10.90 -0.47 7.75
CA VAL A 28 9.87 -1.49 7.85
C VAL A 28 10.32 -2.75 7.10
N LYS A 29 9.98 -3.89 7.67
CA LYS A 29 10.34 -5.16 7.08
C LYS A 29 9.76 -5.24 5.67
N CYS A 30 10.62 -5.63 4.73
CA CYS A 30 10.20 -5.76 3.35
C CYS A 30 9.02 -6.71 3.29
N GLY A 31 8.94 -7.58 4.28
CA GLY A 31 7.86 -8.55 4.36
C GLY A 31 6.55 -7.88 4.77
N ASP A 32 6.64 -6.58 5.02
CA ASP A 32 5.47 -5.81 5.42
C ASP A 32 4.68 -5.41 4.18
N CYS A 33 5.42 -5.14 3.11
CA CYS A 33 4.81 -4.73 1.85
C CYS A 33 4.90 -5.90 0.87
N HIS A 34 6.09 -6.50 0.81
CA HIS A 34 6.37 -7.63 -0.06
C HIS A 34 6.12 -8.95 0.69
N HIS A 35 4.85 -9.37 0.69
CA HIS A 35 4.42 -10.59 1.35
C HIS A 35 4.70 -11.80 0.44
N PRO A 36 4.80 -12.98 1.06
CA PRO A 36 5.06 -14.24 0.39
C PRO A 36 3.90 -14.57 -0.53
N VAL A 37 4.20 -15.10 -1.71
CA VAL A 37 3.17 -15.45 -2.67
C VAL A 37 3.48 -16.82 -3.27
N ASN A 38 4.47 -16.83 -4.15
CA ASN A 38 4.87 -18.07 -4.81
C ASN A 38 5.94 -18.76 -3.96
N GLY A 39 5.51 -19.21 -2.79
CA GLY A 39 6.41 -19.90 -1.88
C GLY A 39 7.81 -19.28 -1.92
N LYS A 40 7.83 -17.96 -2.06
CA LYS A 40 9.09 -17.25 -2.12
C LYS A 40 8.81 -15.74 -2.20
N GLU A 41 9.05 -15.07 -1.09
CA GLU A 41 8.83 -13.63 -1.02
C GLU A 41 8.81 -13.03 -2.42
N ASP A 42 7.66 -12.50 -2.79
CA ASP A 42 7.50 -11.89 -4.11
C ASP A 42 7.74 -10.38 -4.00
N TYR A 43 8.26 -9.81 -5.09
CA TYR A 43 8.55 -8.40 -5.15
C TYR A 43 8.04 -7.82 -6.47
N ARG A 44 7.06 -8.47 -7.07
CA ARG A 44 6.50 -8.01 -8.32
C ARG A 44 5.32 -7.08 -8.07
N LYS A 45 4.88 -6.42 -9.13
CA LYS A 45 3.76 -5.50 -9.05
C LYS A 45 2.72 -6.07 -8.08
N CYS A 46 2.15 -5.17 -7.29
CA CYS A 46 1.14 -5.57 -6.32
C CYS A 46 -0.04 -6.20 -7.07
N GLY A 47 -0.45 -5.51 -8.13
CA GLY A 47 -1.56 -5.98 -8.95
C GLY A 47 -1.13 -7.16 -9.82
N THR A 48 -0.56 -6.83 -10.98
CA THR A 48 -0.11 -7.85 -11.90
C THR A 48 -1.25 -8.82 -12.23
N ALA A 49 -1.02 -9.63 -13.26
CA ALA A 49 -2.01 -10.59 -13.68
C ALA A 49 -1.82 -11.89 -12.88
N GLY A 50 -2.88 -12.28 -12.20
CA GLY A 50 -2.86 -13.49 -11.39
C GLY A 50 -3.06 -13.17 -9.91
N CYS A 51 -2.78 -11.92 -9.57
CA CYS A 51 -2.92 -11.49 -8.20
C CYS A 51 -4.05 -10.45 -8.14
N HIS A 52 -3.81 -9.40 -7.35
CA HIS A 52 -4.77 -8.31 -7.16
C HIS A 52 -5.02 -7.62 -8.51
N ASP A 53 -5.84 -8.26 -9.34
CA ASP A 53 -6.16 -7.71 -10.64
C ASP A 53 -7.61 -7.21 -10.64
N SER A 54 -8.09 -6.89 -9.44
CA SER A 54 -9.44 -6.40 -9.28
C SER A 54 -9.43 -4.91 -8.92
N MET A 55 -10.13 -4.13 -9.73
CA MET A 55 -10.20 -2.70 -9.50
C MET A 55 -11.64 -2.20 -9.59
N ASP A 56 -12.48 -2.76 -8.73
CA ASP A 56 -13.88 -2.38 -8.70
C ASP A 56 -14.25 -1.89 -7.29
N LYS A 57 -15.54 -1.72 -7.08
CA LYS A 57 -16.04 -1.25 -5.79
C LYS A 57 -17.15 -2.17 -5.31
N LYS A 58 -16.76 -3.17 -4.52
CA LYS A 58 -17.72 -4.12 -4.00
C LYS A 58 -16.96 -5.30 -3.37
N ASP A 59 -16.21 -5.99 -4.21
CA ASP A 59 -15.44 -7.14 -3.77
C ASP A 59 -14.29 -6.66 -2.87
N LYS A 60 -14.28 -7.17 -1.65
CA LYS A 60 -13.25 -6.80 -0.68
C LYS A 60 -12.41 -8.03 -0.36
N SER A 61 -12.34 -8.93 -1.33
CA SER A 61 -11.56 -10.15 -1.16
C SER A 61 -10.07 -9.85 -1.25
N ALA A 62 -9.28 -10.91 -1.22
CA ALA A 62 -7.83 -10.76 -1.31
C ALA A 62 -7.44 -10.39 -2.74
N LYS A 63 -8.44 -10.37 -3.61
CA LYS A 63 -8.22 -10.03 -5.00
C LYS A 63 -8.43 -8.52 -5.19
N GLY A 64 -8.99 -7.89 -4.15
CA GLY A 64 -9.25 -6.47 -4.21
C GLY A 64 -7.94 -5.67 -4.11
N TYR A 65 -7.67 -4.92 -5.18
CA TYR A 65 -6.46 -4.11 -5.25
C TYR A 65 -6.53 -3.01 -4.21
N TYR A 66 -7.58 -2.19 -4.26
CA TYR A 66 -7.75 -1.10 -3.32
C TYR A 66 -8.13 -1.65 -1.95
N HIS A 67 -8.27 -2.97 -1.86
CA HIS A 67 -8.63 -3.60 -0.59
C HIS A 67 -7.36 -4.13 0.08
N VAL A 68 -6.28 -4.13 -0.68
CA VAL A 68 -5.00 -4.61 -0.15
C VAL A 68 -4.05 -3.42 0.02
N MET A 69 -4.65 -2.24 0.10
CA MET A 69 -3.87 -1.02 0.27
C MET A 69 -4.71 0.08 0.92
N HIS A 70 -5.67 -0.34 1.73
CA HIS A 70 -6.56 0.55 2.44
C HIS A 70 -7.07 -0.12 3.73
N ASP A 71 -8.01 -1.04 3.56
CA ASP A 71 -8.58 -1.74 4.69
C ASP A 71 -7.45 -2.21 5.61
N LYS A 72 -7.79 -2.38 6.89
CA LYS A 72 -6.82 -2.81 7.87
C LYS A 72 -7.22 -4.19 8.39
N ASN A 73 -8.43 -4.60 8.04
CA ASN A 73 -8.95 -5.89 8.46
C ASN A 73 -8.54 -6.95 7.44
N THR A 74 -7.29 -6.89 7.03
CA THR A 74 -6.76 -7.84 6.07
C THR A 74 -5.66 -8.69 6.69
N LYS A 75 -5.32 -9.77 6.00
CA LYS A 75 -4.29 -10.67 6.48
C LYS A 75 -2.96 -9.91 6.62
N PHE A 76 -2.71 -9.05 5.64
CA PHE A 76 -1.50 -8.26 5.64
C PHE A 76 -1.81 -6.76 5.81
N LYS A 77 -0.82 -6.04 6.30
CA LYS A 77 -0.98 -4.61 6.52
C LYS A 77 -1.19 -3.91 5.17
N SER A 78 -1.78 -2.73 5.24
CA SER A 78 -2.04 -1.95 4.04
C SER A 78 -1.22 -0.67 4.06
N CYS A 79 -1.78 0.36 3.44
CA CYS A 79 -1.11 1.65 3.38
C CYS A 79 -1.81 2.60 4.36
N VAL A 80 -3.12 2.51 4.39
CA VAL A 80 -3.92 3.35 5.27
C VAL A 80 -3.90 2.75 6.68
N GLY A 81 -3.81 1.43 6.73
CA GLY A 81 -3.78 0.73 8.00
C GLY A 81 -2.65 1.25 8.90
N CYS A 82 -1.43 0.91 8.51
CA CYS A 82 -0.27 1.33 9.26
C CYS A 82 -0.44 2.80 9.63
N HIS A 83 -0.83 3.59 8.63
CA HIS A 83 -1.06 5.03 8.79
C HIS A 83 -2.11 5.27 9.88
N VAL A 84 -3.09 4.39 9.93
CA VAL A 84 -4.16 4.50 10.91
C VAL A 84 -3.60 4.20 12.30
N GLU A 85 -2.75 3.18 12.35
CA GLU A 85 -2.13 2.78 13.61
C GLU A 85 -1.04 3.77 14.01
N VAL A 86 -0.83 4.75 13.13
CA VAL A 86 0.18 5.77 13.39
C VAL A 86 -0.51 7.12 13.58
N ALA A 87 -1.24 7.53 12.56
CA ALA A 87 -1.95 8.80 12.61
C ALA A 87 -3.22 8.64 13.46
N GLY A 88 -3.00 8.20 14.69
CA GLY A 88 -4.11 8.01 15.62
C GLY A 88 -3.84 8.69 16.96
N ALA A 89 -3.01 9.73 16.89
CA ALA A 89 -2.64 10.48 18.09
C ALA A 89 -3.18 11.90 17.97
N ASP A 90 -3.24 12.38 16.73
CA ASP A 90 -3.73 13.72 16.47
C ASP A 90 -4.83 13.65 15.41
N ALA A 91 -5.76 14.60 15.51
CA ALA A 91 -6.87 14.66 14.58
C ALA A 91 -6.54 15.67 13.47
N ALA A 92 -5.25 15.82 13.21
CA ALA A 92 -4.80 16.73 12.19
C ALA A 92 -4.16 15.95 11.03
N LYS A 93 -3.08 15.24 11.37
CA LYS A 93 -2.38 14.45 10.39
C LYS A 93 -3.32 13.36 9.85
N LYS A 94 -4.31 13.03 10.66
CA LYS A 94 -5.27 12.01 10.29
C LYS A 94 -5.92 12.39 8.96
N LYS A 95 -5.77 13.67 8.61
CA LYS A 95 -6.34 14.17 7.37
C LYS A 95 -5.23 14.30 6.33
N ASP A 96 -4.10 13.65 6.61
CA ASP A 96 -2.96 13.70 5.72
C ASP A 96 -2.48 12.28 5.46
N LEU A 97 -2.41 11.50 6.52
CA LEU A 97 -1.96 10.12 6.42
C LEU A 97 -3.12 9.25 5.94
N THR A 98 -4.28 9.47 6.54
CA THR A 98 -5.46 8.71 6.18
C THR A 98 -6.45 9.60 5.42
N GLY A 99 -6.03 10.82 5.16
CA GLY A 99 -6.85 11.77 4.45
C GLY A 99 -7.23 11.24 3.06
N CYS A 100 -8.32 11.77 2.53
CA CYS A 100 -8.80 11.35 1.22
C CYS A 100 -8.39 12.42 0.21
N LYS A 101 -8.54 13.67 0.61
CA LYS A 101 -8.19 14.79 -0.26
C LYS A 101 -7.12 15.64 0.42
N LYS A 102 -6.10 15.98 -0.34
CA LYS A 102 -5.01 16.79 0.17
C LYS A 102 -3.98 15.88 0.84
N SER A 103 -4.34 14.61 0.96
CA SER A 103 -3.46 13.64 1.58
C SER A 103 -2.20 13.45 0.72
N LYS A 104 -1.15 12.95 1.36
CA LYS A 104 0.10 12.71 0.66
C LYS A 104 -0.13 11.70 -0.47
N CYS A 105 -0.91 10.67 -0.15
CA CYS A 105 -1.21 9.65 -1.13
C CYS A 105 -2.08 10.26 -2.22
N HIS A 106 -3.21 10.82 -1.79
CA HIS A 106 -4.17 11.46 -2.70
C HIS A 106 -4.10 12.98 -2.53
N GLU A 107 -2.97 13.55 -2.89
CA GLU A 107 -2.78 14.98 -2.77
C GLU A 107 -3.13 15.68 -4.10
FE HEC B . 9.69 -2.47 -1.99
CHA HEC B . 8.87 -2.06 -5.37
CHB HEC B . 12.64 -3.91 -2.92
CHC HEC B . 10.52 -2.68 1.29
CHD HEC B . 6.59 -1.08 -1.19
NA HEC B . 10.58 -2.85 -3.79
C1A HEC B . 10.06 -2.69 -5.06
C2A HEC B . 10.95 -3.29 -6.03
C3A HEC B . 11.99 -3.81 -5.35
C4A HEC B . 11.77 -3.54 -3.96
CMA HEC B . 13.19 -4.54 -5.91
CAA HEC B . 10.71 -3.31 -7.51
CBA HEC B . 11.81 -2.65 -8.34
CGA HEC B . 12.81 -3.69 -8.84
O1A HEC B . 14.01 -3.52 -8.53
O2A HEC B . 12.36 -4.62 -9.54
NB HEC B . 11.24 -3.15 -1.04
C1B HEC B . 12.39 -3.72 -1.56
C2B HEC B . 13.30 -4.09 -0.51
C3B HEC B . 12.72 -3.75 0.66
C4B HEC B . 11.44 -3.17 0.34
CMB HEC B . 14.64 -4.73 -0.71
CAB HEC B . 13.25 -3.93 2.04
CBB HEC B . 14.71 -3.51 2.20
NC HEC B . 8.73 -1.93 -0.31
C1C HEC B . 9.22 -2.12 0.97
C2C HEC B . 8.23 -1.72 1.94
C3C HEC B . 7.15 -1.29 1.26
C4C HEC B . 7.46 -1.42 -0.15
CMC HEC B . 8.41 -1.78 3.44
CAC HEC B . 5.86 -0.78 1.81
CBC HEC B . 5.94 -0.27 3.25
ND HEC B . 8.07 -1.69 -3.07
C1D HEC B . 6.87 -1.22 -2.55
C2D HEC B . 5.95 -0.90 -3.61
C3D HEC B . 6.59 -1.17 -4.78
C4D HEC B . 7.90 -1.66 -4.44
CMD HEC B . 4.56 -0.38 -3.41
CAD HEC B . 6.06 -1.01 -6.17
CBD HEC B . 4.85 -1.90 -6.48
CGD HEC B . 3.70 -1.07 -7.05
O1D HEC B . 2.63 -1.09 -6.42
O2D HEC B . 3.93 -0.44 -8.10
HHA HEC B . 8.66 -1.84 -6.42
HHB HEC B . 13.58 -4.40 -3.20
HHC HEC B . 10.78 -2.78 2.33
HHD HEC B . 5.61 -0.68 -0.92
HMA1 HEC B . 13.60 -5.20 -5.15
HMA2 HEC B . 12.88 -5.13 -6.78
HMA3 HEC B . 13.94 -3.82 -6.21
HAA1 HEC B . 10.62 -4.35 -7.86
HAA2 HEC B . 9.78 -2.78 -7.74
HBA1 HEC B . 11.37 -2.14 -9.19
HBA2 HEC B . 12.35 -1.93 -7.71
HMB1 HEC B . 15.39 -4.21 -0.12
HMB2 HEC B . 14.60 -5.77 -0.42
HMB3 HEC B . 14.91 -4.67 -1.78
HAB HEC B . 12.67 -3.32 2.74
HBB1 HEC B . 14.97 -2.78 1.43
HBB2 HEC B . 14.86 -3.06 3.19
HBB3 HEC B . 15.35 -4.39 2.10
HMC1 HEC B . 7.51 -2.14 3.90
HMC2 HEC B . 9.24 -2.46 3.67
HMC3 HEC B . 8.65 -0.79 3.82
HAC HEC B . 5.50 0.05 1.20
HBC1 HEC B . 5.18 0.48 3.41
HBC2 HEC B . 5.79 -1.10 3.94
HBC3 HEC B . 6.93 0.16 3.42
HMD1 HEC B . 3.86 -1.20 -3.37
HMD2 HEC B . 4.52 0.18 -2.48
HMD3 HEC B . 4.30 0.28 -4.25
HAD1 HEC B . 5.75 0.03 -6.32
HAD2 HEC B . 6.84 -1.27 -6.88
HBD1 HEC B . 5.14 -2.65 -7.22
HBD2 HEC B . 4.52 -2.38 -5.57
FE HEC C . -1.15 -9.49 -1.97
CHA HEC C . -3.44 -11.09 0.15
CHB HEC C . -1.35 -6.70 -0.10
CHC HEC C . 1.29 -8.16 -3.92
CHD HEC C . -1.15 -12.43 -3.93
NA HEC C . -2.16 -9.04 -0.30
C1A HEC C . -3.10 -9.77 0.40
C2A HEC C . -3.69 -8.97 1.45
C3A HEC C . -3.11 -7.75 1.38
C4A HEC C . -2.15 -7.79 0.29
CMA HEC C . -3.37 -6.55 2.24
CAA HEC C . -4.73 -9.44 2.41
CBA HEC C . -6.15 -9.03 2.03
CGA HEC C . -7.19 -9.80 2.83
O1A HEC C . -8.36 -9.80 2.41
O2A HEC C . -6.79 -10.38 3.87
NB HEC C . -0.25 -7.80 -2.02
C1B HEC C . -0.41 -6.75 -1.13
C2B HEC C . 0.52 -5.69 -1.42
C3B HEC C . 1.26 -6.10 -2.48
C4B HEC C . 0.77 -7.41 -2.85
CMB HEC C . 0.63 -4.40 -0.66
CAB HEC C . 2.37 -5.36 -3.17
CBB HEC C . 3.55 -5.02 -2.26
NC HEC C . -0.16 -10.19 -3.61
C1C HEC C . 0.70 -9.42 -4.38
C2C HEC C . 1.06 -10.12 -5.58
C3C HEC C . 0.42 -11.31 -5.55
C4C HEC C . -0.34 -11.35 -4.33
CMC HEC C . 1.98 -9.60 -6.64
CAC HEC C . 0.47 -12.41 -6.58
CBC HEC C . 1.88 -12.91 -6.89
ND HEC C . -2.11 -11.38 -1.92
C1D HEC C . -1.96 -12.44 -2.80
C2D HEC C . -2.75 -13.57 -2.37
C3D HEC C . -3.38 -13.20 -1.24
C4D HEC C . -2.99 -11.85 -0.95
CMD HEC C . -2.82 -14.88 -3.09
CAD HEC C . -4.33 -14.02 -0.41
CBD HEC C . -3.65 -14.83 0.69
CGD HEC C . -4.17 -16.26 0.71
O1D HEC C . -3.33 -17.17 0.89
O2D HEC C . -5.40 -16.42 0.54
HHA HEC C . -4.09 -11.60 0.86
HHB HEC C . -1.47 -5.76 0.44
HHC HEC C . 2.16 -7.77 -4.45
HHD HEC C . -1.14 -13.33 -4.56
HMA1 HEC C . -2.57 -6.43 2.97
HMA2 HEC C . -3.44 -5.66 1.63
HMA3 HEC C . -4.32 -6.69 2.78
HAA1 HEC C . -4.73 -10.53 2.46
HAA2 HEC C . -4.53 -9.03 3.40
HBA1 HEC C . -6.28 -7.96 2.23
HBA2 HEC C . -6.32 -9.21 0.97
HMB1 HEC C . 0.80 -3.58 -1.36
HMB2 HEC C . -0.30 -4.24 -0.11
HMB3 HEC C . 1.47 -4.46 0.04
HAB HEC C . 2.76 -5.97 -3.98
HBB1 HEC C . 3.17 -4.68 -1.28
HBB2 HEC C . 4.17 -5.91 -2.12
HBB3 HEC C . 4.14 -4.23 -2.71
HMC1 HEC C . 2.53 -10.43 -7.10
HMC2 HEC C . 1.41 -9.08 -7.40
HMC3 HEC C . 2.70 -8.90 -6.19
HAC HEC C . -0.10 -13.26 -6.22
HBC1 HEC C . 1.83 -13.96 -7.20
HBC2 HEC C . 2.31 -12.31 -7.70
HBC3 HEC C . 2.49 -12.82 -6.00
HMD1 HEC C . -2.09 -15.57 -2.67
HMD2 HEC C . -3.82 -15.30 -2.97
HMD3 HEC C . -2.62 -14.74 -4.15
HAD1 HEC C . -5.05 -13.35 0.08
HAD2 HEC C . -4.87 -14.72 -1.04
HBD1 HEC C . -2.58 -14.85 0.51
HBD2 HEC C . -3.84 -14.38 1.66
FE HEC D . 3.38 5.17 4.66
CHA HEC D . 4.68 8.37 5.47
CHB HEC D . 2.48 6.52 1.53
CHC HEC D . 2.42 2.11 3.60
CHD HEC D . 4.16 4.11 7.77
NA HEC D . 3.56 7.06 3.69
C1A HEC D . 4.09 8.23 4.21
C2A HEC D . 3.98 9.30 3.25
C3A HEC D . 3.38 8.79 2.16
C4A HEC D . 3.11 7.40 2.43
CMA HEC D . 3.02 9.50 0.88
CAA HEC D . 4.46 10.71 3.47
CBA HEC D . 5.85 10.99 2.89
CGA HEC D . 6.70 11.76 3.87
O1A HEC D . 6.16 12.72 4.47
O2A HEC D . 7.88 11.39 4.01
NB HEC D . 2.57 4.49 2.94
C1B HEC D . 2.34 5.15 1.74
C2B HEC D . 1.93 4.21 0.72
C3B HEC D . 1.91 2.98 1.29
C4B HEC D . 2.32 3.16 2.67
CMB HEC D . 1.58 4.57 -0.69
CAB HEC D . 1.54 1.68 0.66
CBB HEC D . 2.22 1.43 -0.69
NC HEC D . 3.26 3.49 5.55
C1C HEC D . 2.83 2.29 5.01
C2C HEC D . 2.97 1.23 5.97
C3C HEC D . 3.47 1.77 7.09
C4C HEC D . 3.65 3.18 6.84
CMC HEC D . 2.60 -0.21 5.73
CAC HEC D . 3.79 1.09 8.39
CBC HEC D . 4.13 -0.39 8.25
ND HEC D . 4.25 6.06 6.27
C1D HEC D . 4.47 5.44 7.49
C2D HEC D . 5.06 6.35 8.43
C3D HEC D . 5.21 7.53 7.79
C4D HEC D . 4.70 7.36 6.45
CMD HEC D . 5.44 6.00 9.84
CAD HEC D . 5.78 8.81 8.34
CBD HEC D . 4.74 9.74 8.93
CGD HEC D . 4.00 9.08 10.09
O1D HEC D . 2.89 8.56 9.83
O2D HEC D . 4.56 9.11 11.20
HHA HEC D . 5.15 9.32 5.71
HHB HEC D . 2.08 6.94 0.62
HHC HEC D . 2.13 1.11 3.27
HHD HEC D . 4.32 3.75 8.79
HMA1 HEC D . 3.38 8.92 0.03
HMA2 HEC D . 1.93 9.60 0.82
HMA3 HEC D . 3.47 10.49 0.88
HAA1 HEC D . 3.77 11.40 3.00
HAA2 HEC D . 4.52 10.91 4.54
HBA1 HEC D . 6.34 10.05 2.65
HBA2 HEC D . 5.74 11.58 1.98
HMB1 HEC D . 0.50 4.71 -0.78
HMB2 HEC D . 2.09 5.50 -0.96
HMB3 HEC D . 1.90 3.78 -1.36
HAB HEC D . 1.84 0.85 1.32
HBB1 HEC D . 2.62 0.43 -0.71
HBB2 HEC D . 1.47 1.54 -1.49
HBB3 HEC D . 3.02 2.16 -0.84
HMC1 HEC D . 1.70 -0.45 6.29
HMC2 HEC D . 2.41 -0.36 4.66
HMC3 HEC D . 3.42 -0.85 6.04
HAC HEC D . 4.65 1.57 8.85
HBC1 HEC D . 4.83 -0.53 7.43
HBC2 HEC D . 4.57 -0.76 9.17
HBC3 HEC D . 3.21 -0.95 8.04
HMD1 HEC D . 6.00 6.83 10.28
HMD2 HEC D . 4.53 5.84 10.42
HMD3 HEC D . 6.05 5.11 9.85
HAD1 HEC D . 6.50 8.58 9.12
HAD2 HEC D . 6.28 9.36 7.53
HBD1 HEC D . 5.24 10.64 9.31
HBD2 HEC D . 4.01 10.03 8.18
FE HEC E . -6.36 5.45 -1.71
CHA HEC E . -6.14 3.71 -4.79
CHB HEC E . -9.72 5.99 -2.40
CHC HEC E . -6.73 6.78 1.36
CHD HEC E . -2.99 5.02 -1.32
NA HEC E . -7.64 4.97 -3.30
C1A HEC E . -7.38 4.22 -4.43
C2A HEC E . -8.59 4.02 -5.19
C3A HEC E . -9.59 4.65 -4.53
C4A HEC E . -9.00 5.25 -3.35
CMA HEC E . -11.03 4.74 -4.91
CAA HEC E . -8.68 3.25 -6.48
CBA HEC E . -9.75 2.16 -6.48
CGA HEC E . -10.38 2.00 -7.86
O1A HEC E . -9.64 2.28 -8.84
O2A HEC E . -11.56 1.62 -7.91
NB HEC E . -7.93 6.16 -0.71
C1B HEC E . -9.19 6.43 -1.19
C2B HEC E . -9.91 7.26 -0.25
C3B HEC E . -9.09 7.48 0.80
C4B HEC E . -7.85 6.79 0.51
CMB HEC E . -11.32 7.76 -0.44
CAB HEC E . -9.36 8.28 2.04
CBB HEC E . -9.68 7.43 3.27
NC HEC E . -5.10 5.71 -0.22
C1C HEC E . -5.37 6.35 0.98
C2C HEC E . -4.15 6.64 1.68
C3C HEC E . -3.13 6.19 0.92
C4C HEC E . -3.72 5.60 -0.27
CMC HEC E . -4.07 7.33 3.01
CAC HEC E . -1.66 6.25 1.21
CBC HEC E . -1.29 5.87 2.64
ND HEC E . -4.86 4.59 -2.85
C1D HEC E . -3.55 4.44 -2.45
C2D HEC E . -2.83 3.60 -3.38
C3D HEC E . -3.70 3.23 -4.34
C4D HEC E . -4.97 3.85 -4.02
CMD HEC E . -1.39 3.22 -3.25
CAD HEC E . -3.45 2.36 -5.54
CBD HEC E . -2.66 3.04 -6.65
CGD HEC E . -2.59 2.18 -7.89
O1D HEC E . -2.71 2.75 -8.99
O2D HEC E . -2.44 0.94 -7.72
HHA HEC E . -6.06 3.18 -5.73
HHB HEC E . -10.75 6.25 -2.63
HHC HEC E . -6.88 7.11 2.40
HHD HEC E . -1.89 5.01 -1.23
HMA1 HEC E . -11.53 3.81 -4.67
HMA2 HEC E . -11.50 5.55 -4.36
HMA3 HEC E . -11.12 4.93 -5.98
HAA1 HEC E . -8.91 3.92 -7.29
HAA2 HEC E . -7.73 2.75 -6.67
HBA1 HEC E . -9.31 1.21 -6.18
HBA2 HEC E . -10.54 2.43 -5.78
HMB1 HEC E . -11.87 7.64 0.49
HMB2 HEC E . -11.30 8.81 -0.72
HMB3 HEC E . -11.80 7.18 -1.23
HAB HEC E . -8.49 8.88 2.28
HBB1 HEC E . -8.77 6.92 3.60
HBB2 HEC E . -10.05 8.06 4.07
HBB3 HEC E . -10.43 6.68 3.01
HMC1 HEC E . -3.61 6.66 3.74
HMC2 HEC E . -3.46 8.23 2.91
HMC3 HEC E . -5.08 7.60 3.34
HAC HEC E . -1.13 5.57 0.55
HBC1 HEC E . -1.90 5.03 2.95
HBC2 HEC E . -0.24 5.60 2.68
HBC3 HEC E . -1.47 6.71 3.30
HMD1 HEC E . -0.91 3.26 -4.23
HMD2 HEC E . -0.88 3.92 -2.58
HMD3 HEC E . -1.31 2.21 -2.84
HAD1 HEC E . -2.88 1.48 -5.23
HAD2 HEC E . -4.40 2.05 -5.96
HBD1 HEC E . -3.14 3.99 -6.91
HBD2 HEC E . -1.64 3.24 -6.30
N ALA A 1 17.23 -10.85 -3.00
CA ALA A 1 16.48 -9.72 -2.50
C ALA A 1 17.27 -8.44 -2.76
N PRO A 2 17.12 -7.92 -3.98
CA PRO A 2 17.77 -6.71 -4.44
C PRO A 2 17.68 -5.64 -3.36
N LYS A 3 18.72 -4.82 -3.24
CA LYS A 3 18.75 -3.77 -2.24
C LYS A 3 17.66 -2.74 -2.57
N ALA A 4 17.04 -2.22 -1.53
CA ALA A 4 15.99 -1.23 -1.68
C ALA A 4 16.36 -0.28 -2.83
N PRO A 5 15.75 -0.52 -3.99
CA PRO A 5 15.94 0.25 -5.19
C PRO A 5 15.95 1.73 -4.85
N ALA A 6 16.48 2.54 -5.77
CA ALA A 6 16.54 3.97 -5.54
C ALA A 6 15.14 4.58 -5.72
N ASP A 7 14.83 5.53 -4.84
CA ASP A 7 13.54 6.19 -4.89
C ASP A 7 13.20 6.55 -6.34
N GLY A 8 11.95 6.92 -6.55
CA GLY A 8 11.50 7.28 -7.88
C GLY A 8 10.44 6.30 -8.40
N LEU A 9 9.79 5.63 -7.44
CA LEU A 9 8.76 4.66 -7.78
C LEU A 9 7.40 5.22 -7.40
N LYS A 10 6.52 5.28 -8.40
CA LYS A 10 5.18 5.78 -8.18
C LYS A 10 4.16 4.83 -8.82
N MET A 11 3.10 4.55 -8.06
CA MET A 11 2.06 3.67 -8.54
C MET A 11 0.85 4.45 -9.03
N GLU A 12 0.57 4.30 -10.32
CA GLU A 12 -0.55 4.99 -10.94
C GLU A 12 -1.16 4.12 -12.03
N ALA A 13 -1.57 2.92 -11.65
CA ALA A 13 -2.18 1.99 -12.58
C ALA A 13 -3.65 2.36 -12.77
N THR A 14 -4.26 2.83 -11.69
CA THR A 14 -5.66 3.21 -11.73
C THR A 14 -5.79 4.70 -12.07
N LYS A 15 -6.92 5.27 -11.67
CA LYS A 15 -7.18 6.67 -11.93
C LYS A 15 -6.69 7.50 -10.74
N GLN A 16 -5.73 6.94 -10.03
CA GLN A 16 -5.16 7.61 -8.87
C GLN A 16 -3.70 7.20 -8.68
N PRO A 17 -2.80 8.12 -9.03
CA PRO A 17 -1.37 7.93 -8.93
C PRO A 17 -0.93 8.20 -7.49
N VAL A 18 -0.13 7.29 -6.95
CA VAL A 18 0.35 7.45 -5.58
C VAL A 18 1.85 7.11 -5.54
N VAL A 19 2.64 8.14 -5.27
CA VAL A 19 4.08 7.95 -5.19
C VAL A 19 4.45 7.38 -3.81
N PHE A 20 5.53 6.61 -3.79
CA PHE A 20 5.99 6.01 -2.56
C PHE A 20 7.51 5.79 -2.58
N ASN A 21 8.18 6.44 -1.65
CA ASN A 21 9.63 6.34 -1.55
C ASN A 21 9.99 5.28 -0.51
N HIS A 22 10.96 4.43 -0.87
CA HIS A 22 11.43 3.36 0.00
C HIS A 22 12.14 3.96 1.22
N SER A 23 12.74 5.13 1.01
CA SER A 23 13.45 5.80 2.09
C SER A 23 12.47 6.18 3.20
N THR A 24 11.26 6.53 2.79
CA THR A 24 10.23 6.91 3.74
C THR A 24 9.53 5.67 4.29
N HIS A 25 10.04 4.51 3.91
CA HIS A 25 9.51 3.22 4.34
C HIS A 25 10.63 2.17 4.37
N LYS A 26 11.73 2.52 5.03
CA LYS A 26 12.86 1.62 5.13
C LYS A 26 12.88 0.98 6.51
N SER A 27 12.18 1.63 7.44
CA SER A 27 12.11 1.14 8.80
C SER A 27 10.86 0.28 8.98
N VAL A 28 10.58 -0.52 7.96
CA VAL A 28 9.42 -1.40 8.00
C VAL A 28 9.81 -2.78 7.49
N LYS A 29 9.21 -3.79 8.10
CA LYS A 29 9.49 -5.16 7.71
C LYS A 29 9.47 -5.29 6.20
N CYS A 30 10.61 -5.67 5.64
CA CYS A 30 10.73 -5.84 4.20
C CYS A 30 9.64 -6.79 3.73
N GLY A 31 9.13 -7.57 4.67
CA GLY A 31 8.07 -8.52 4.36
C GLY A 31 6.70 -7.97 4.74
N ASP A 32 6.67 -6.67 4.98
CA ASP A 32 5.43 -6.00 5.33
C ASP A 32 4.70 -5.58 4.07
N CYS A 33 5.47 -5.14 3.09
CA CYS A 33 4.90 -4.70 1.82
C CYS A 33 4.99 -5.87 0.83
N HIS A 34 6.18 -6.47 0.77
CA HIS A 34 6.44 -7.60 -0.11
C HIS A 34 6.20 -8.93 0.64
N HIS A 35 4.92 -9.29 0.76
CA HIS A 35 4.50 -10.51 1.44
C HIS A 35 4.87 -11.73 0.58
N PRO A 36 4.93 -12.89 1.24
CA PRO A 36 5.25 -14.16 0.63
C PRO A 36 4.19 -14.52 -0.39
N VAL A 37 4.61 -14.91 -1.58
CA VAL A 37 3.68 -15.27 -2.63
C VAL A 37 4.19 -16.53 -3.35
N ASN A 38 3.34 -17.56 -3.35
CA ASN A 38 3.70 -18.81 -4.01
C ASN A 38 4.90 -19.43 -3.29
N GLY A 39 4.90 -19.29 -1.97
CA GLY A 39 5.98 -19.84 -1.17
C GLY A 39 7.34 -19.33 -1.67
N LYS A 40 7.48 -18.02 -1.69
CA LYS A 40 8.72 -17.41 -2.14
C LYS A 40 8.52 -15.89 -2.25
N GLU A 41 9.06 -15.19 -1.27
CA GLU A 41 8.95 -13.74 -1.24
C GLU A 41 8.85 -13.18 -2.66
N ASP A 42 7.82 -12.38 -2.89
CA ASP A 42 7.61 -11.79 -4.19
C ASP A 42 7.84 -10.27 -4.10
N TYR A 43 8.34 -9.71 -5.21
CA TYR A 43 8.62 -8.29 -5.28
C TYR A 43 8.12 -7.74 -6.60
N ARG A 44 7.13 -8.39 -7.19
CA ARG A 44 6.57 -7.95 -8.45
C ARG A 44 5.38 -7.03 -8.21
N LYS A 45 4.93 -6.39 -9.28
CA LYS A 45 3.81 -5.48 -9.20
C LYS A 45 2.77 -6.04 -8.23
N CYS A 46 2.18 -5.14 -7.45
CA CYS A 46 1.18 -5.53 -6.48
C CYS A 46 0.01 -6.19 -7.23
N GLY A 47 -0.44 -5.50 -8.26
CA GLY A 47 -1.54 -6.00 -9.07
C GLY A 47 -1.10 -7.19 -9.92
N THR A 48 -0.55 -6.88 -11.08
CA THR A 48 -0.09 -7.92 -11.99
C THR A 48 -1.21 -8.91 -12.29
N ALA A 49 -0.98 -9.73 -13.31
CA ALA A 49 -1.97 -10.72 -13.71
C ALA A 49 -1.75 -12.00 -12.91
N GLY A 50 -2.78 -12.38 -12.17
CA GLY A 50 -2.71 -13.58 -11.35
C GLY A 50 -2.87 -13.24 -9.87
N CYS A 51 -2.73 -11.96 -9.57
CA CYS A 51 -2.86 -11.50 -8.20
C CYS A 51 -3.99 -10.47 -8.14
N HIS A 52 -3.75 -9.41 -7.36
CA HIS A 52 -4.71 -8.33 -7.19
C HIS A 52 -4.97 -7.64 -8.54
N ASP A 53 -5.75 -8.31 -9.38
CA ASP A 53 -6.09 -7.78 -10.68
C ASP A 53 -7.54 -7.28 -10.67
N SER A 54 -8.01 -6.97 -9.48
CA SER A 54 -9.37 -6.48 -9.31
C SER A 54 -9.35 -5.00 -8.91
N MET A 55 -10.04 -4.20 -9.71
CA MET A 55 -10.11 -2.77 -9.44
C MET A 55 -11.56 -2.28 -9.44
N ASP A 56 -12.36 -2.89 -8.58
CA ASP A 56 -13.77 -2.53 -8.48
C ASP A 56 -14.08 -2.13 -7.04
N LYS A 57 -15.27 -1.58 -6.86
CA LYS A 57 -15.70 -1.16 -5.53
C LYS A 57 -17.03 -1.84 -5.19
N LYS A 58 -16.90 -2.98 -4.53
CA LYS A 58 -18.07 -3.75 -4.13
C LYS A 58 -17.65 -5.17 -3.76
N ASP A 59 -16.67 -5.67 -4.49
CA ASP A 59 -16.16 -7.01 -4.24
C ASP A 59 -14.72 -6.92 -3.74
N LYS A 60 -14.59 -6.94 -2.42
CA LYS A 60 -13.28 -6.86 -1.80
C LYS A 60 -12.51 -8.15 -2.07
N SER A 61 -12.15 -8.84 -1.00
CA SER A 61 -11.41 -10.08 -1.11
C SER A 61 -9.91 -9.79 -1.24
N ALA A 62 -9.13 -10.87 -1.21
CA ALA A 62 -7.70 -10.74 -1.32
C ALA A 62 -7.33 -10.38 -2.76
N LYS A 63 -8.34 -10.36 -3.61
CA LYS A 63 -8.13 -10.03 -5.01
C LYS A 63 -8.35 -8.53 -5.21
N GLY A 64 -8.95 -7.91 -4.21
CA GLY A 64 -9.22 -6.48 -4.27
C GLY A 64 -7.93 -5.67 -4.20
N TYR A 65 -7.66 -4.91 -5.26
CA TYR A 65 -6.47 -4.09 -5.34
C TYR A 65 -6.53 -2.98 -4.30
N TYR A 66 -7.62 -2.21 -4.31
CA TYR A 66 -7.80 -1.13 -3.36
C TYR A 66 -8.15 -1.69 -1.99
N HIS A 67 -8.23 -3.01 -1.89
CA HIS A 67 -8.57 -3.64 -0.63
C HIS A 67 -7.30 -4.16 0.03
N VAL A 68 -6.20 -4.08 -0.72
CA VAL A 68 -4.92 -4.54 -0.22
C VAL A 68 -3.98 -3.34 -0.05
N MET A 69 -4.59 -2.16 -0.01
CA MET A 69 -3.81 -0.94 0.14
C MET A 69 -4.65 0.15 0.82
N HIS A 70 -5.62 -0.31 1.62
CA HIS A 70 -6.51 0.58 2.36
C HIS A 70 -7.00 -0.12 3.64
N ASP A 71 -8.00 -0.98 3.47
CA ASP A 71 -8.55 -1.71 4.60
C ASP A 71 -7.41 -2.16 5.51
N LYS A 72 -7.74 -2.32 6.79
CA LYS A 72 -6.76 -2.75 7.77
C LYS A 72 -7.18 -4.12 8.32
N ASN A 73 -8.37 -4.54 7.96
CA ASN A 73 -8.89 -5.81 8.41
C ASN A 73 -8.46 -6.91 7.43
N THR A 74 -7.19 -6.87 7.06
CA THR A 74 -6.64 -7.84 6.14
C THR A 74 -5.52 -8.64 6.81
N LYS A 75 -5.17 -9.74 6.16
CA LYS A 75 -4.13 -10.61 6.69
C LYS A 75 -2.81 -9.82 6.77
N PHE A 76 -2.58 -9.02 5.74
CA PHE A 76 -1.37 -8.21 5.68
C PHE A 76 -1.71 -6.72 5.66
N LYS A 77 -0.80 -5.93 6.22
CA LYS A 77 -0.99 -4.49 6.27
C LYS A 77 -1.12 -3.95 4.85
N SER A 78 -1.74 -2.79 4.74
CA SER A 78 -1.93 -2.14 3.45
C SER A 78 -1.10 -0.87 3.36
N CYS A 79 -1.74 0.24 3.68
CA CYS A 79 -1.07 1.54 3.64
C CYS A 79 -1.78 2.47 4.61
N VAL A 80 -3.09 2.49 4.52
CA VAL A 80 -3.90 3.33 5.39
C VAL A 80 -3.86 2.78 6.82
N GLY A 81 -3.84 1.45 6.90
CA GLY A 81 -3.82 0.78 8.19
C GLY A 81 -2.67 1.31 9.05
N CYS A 82 -1.45 0.98 8.64
CA CYS A 82 -0.27 1.41 9.35
C CYS A 82 -0.45 2.89 9.73
N HIS A 83 -0.85 3.67 8.73
CA HIS A 83 -1.08 5.10 8.88
C HIS A 83 -2.13 5.35 9.97
N VAL A 84 -3.12 4.47 10.01
CA VAL A 84 -4.19 4.58 10.99
C VAL A 84 -3.62 4.34 12.38
N GLU A 85 -2.60 3.50 12.44
CA GLU A 85 -1.96 3.17 13.70
C GLU A 85 -0.90 4.22 14.04
N VAL A 86 -0.43 4.89 13.00
CA VAL A 86 0.59 5.91 13.18
C VAL A 86 -0.09 7.26 13.43
N ALA A 87 -1.23 7.44 12.79
CA ALA A 87 -1.99 8.68 12.94
C ALA A 87 -1.91 9.15 14.39
N GLY A 88 -1.82 8.17 15.29
CA GLY A 88 -1.75 8.46 16.71
C GLY A 88 -2.89 9.37 17.14
N ALA A 89 -2.75 9.93 18.34
CA ALA A 89 -3.77 10.82 18.88
C ALA A 89 -3.60 12.21 18.26
N ASP A 90 -3.51 12.23 16.94
CA ASP A 90 -3.35 13.49 16.23
C ASP A 90 -4.47 13.63 15.20
N ALA A 91 -5.30 14.65 15.41
CA ALA A 91 -6.41 14.90 14.52
C ALA A 91 -5.97 15.87 13.42
N ALA A 92 -4.67 15.84 13.13
CA ALA A 92 -4.11 16.71 12.11
C ALA A 92 -3.55 15.86 10.98
N LYS A 93 -2.74 14.88 11.35
CA LYS A 93 -2.14 13.98 10.38
C LYS A 93 -3.17 12.94 9.94
N LYS A 94 -4.19 12.78 10.77
CA LYS A 94 -5.24 11.82 10.47
C LYS A 94 -6.04 12.31 9.26
N LYS A 95 -5.75 13.54 8.85
CA LYS A 95 -6.43 14.13 7.72
C LYS A 95 -5.43 14.30 6.56
N ASP A 96 -4.31 13.61 6.69
CA ASP A 96 -3.27 13.68 5.68
C ASP A 96 -2.76 12.27 5.38
N LEU A 97 -2.54 11.52 6.45
CA LEU A 97 -2.04 10.15 6.32
C LEU A 97 -3.20 9.25 5.87
N THR A 98 -4.36 9.49 6.45
CA THR A 98 -5.54 8.70 6.12
C THR A 98 -6.53 9.54 5.33
N GLY A 99 -6.13 10.78 5.05
CA GLY A 99 -6.98 11.69 4.30
C GLY A 99 -7.43 11.05 2.98
N CYS A 100 -8.50 11.61 2.43
CA CYS A 100 -9.05 11.11 1.18
C CYS A 100 -8.70 12.10 0.08
N LYS A 101 -8.76 13.38 0.43
CA LYS A 101 -8.47 14.43 -0.52
C LYS A 101 -7.36 15.33 0.06
N LYS A 102 -6.31 15.51 -0.74
CA LYS A 102 -5.19 16.34 -0.33
C LYS A 102 -4.22 15.49 0.49
N SER A 103 -4.60 14.23 0.67
CA SER A 103 -3.77 13.31 1.43
C SER A 103 -2.42 13.11 0.73
N LYS A 104 -1.45 12.65 1.50
CA LYS A 104 -0.12 12.42 0.97
C LYS A 104 -0.21 11.42 -0.19
N CYS A 105 -1.07 10.43 -0.01
CA CYS A 105 -1.25 9.41 -1.03
C CYS A 105 -2.10 10.01 -2.16
N HIS A 106 -3.15 10.71 -1.76
CA HIS A 106 -4.07 11.36 -2.69
C HIS A 106 -3.94 12.89 -2.57
N GLU A 107 -2.78 13.39 -2.98
CA GLU A 107 -2.53 14.82 -2.92
C GLU A 107 -2.82 15.47 -4.27
FE HEC B . 9.73 -2.46 -2.11
CHA HEC B . 8.73 -1.99 -5.45
CHB HEC B . 12.64 -3.83 -3.21
CHC HEC B . 10.61 -2.91 1.12
CHD HEC B . 6.70 -1.02 -1.13
NA HEC B . 10.52 -2.80 -3.96
C1A HEC B . 9.95 -2.60 -5.20
C2A HEC B . 10.83 -3.11 -6.23
C3A HEC B . 11.91 -3.62 -5.62
C4A HEC B . 11.72 -3.43 -4.20
CMA HEC B . 13.10 -4.28 -6.25
CAA HEC B . 10.53 -3.06 -7.71
CBA HEC B . 11.25 -1.94 -8.45
CGA HEC B . 10.49 -1.54 -9.70
O1A HEC B . 10.51 -2.34 -10.66
O2A HEC B . 9.90 -0.43 -9.68
NB HEC B . 11.30 -3.19 -1.24
C1B HEC B . 12.41 -3.76 -1.84
C2B HEC B . 13.30 -4.28 -0.84
C3B HEC B . 12.74 -4.03 0.36
C4B HEC B . 11.49 -3.35 0.11
CMB HEC B . 14.61 -4.97 -1.13
CAB HEC B . 13.28 -4.37 1.72
CBB HEC B . 14.79 -4.57 1.75
NC HEC B . 8.88 -1.93 -0.38
C1C HEC B . 9.43 -2.16 0.87
C2C HEC B . 8.49 -1.78 1.90
C3C HEC B . 7.39 -1.32 1.28
C4C HEC B . 7.62 -1.40 -0.14
CMC HEC B . 8.74 -1.90 3.37
CAC HEC B . 6.12 -0.81 1.91
CBC HEC B . 6.25 -0.47 3.39
ND HEC B . 8.07 -1.64 -3.09
C1D HEC B . 6.92 -1.15 -2.49
C2D HEC B . 5.95 -0.78 -3.51
C3D HEC B . 6.51 -1.04 -4.70
C4D HEC B . 7.82 -1.58 -4.45
CMD HEC B . 4.59 -0.21 -3.22
CAD HEC B . 5.91 -0.84 -6.07
CBD HEC B . 4.81 -1.84 -6.42
CGD HEC B . 4.29 -1.61 -7.83
O1D HEC B . 5.11 -1.16 -8.66
O2D HEC B . 3.10 -1.88 -8.05
HHA HEC B . 8.44 -1.81 -6.48
HHB HEC B . 13.60 -4.23 -3.55
HHC HEC B . 10.86 -3.16 2.15
HHD HEC B . 5.75 -0.60 -0.79
HMA1 HEC B . 13.30 -3.82 -7.22
HMA2 HEC B . 13.97 -4.15 -5.60
HMA3 HEC B . 12.91 -5.34 -6.38
HAA1 HEC B . 10.84 -4.00 -8.17
HAA2 HEC B . 9.46 -2.92 -7.86
HBA1 HEC B . 11.33 -1.07 -7.79
HBA2 HEC B . 12.24 -2.26 -8.73
HMB1 HEC B . 14.56 -5.44 -2.11
HMB2 HEC B . 15.42 -4.24 -1.11
HMB3 HEC B . 14.79 -5.73 -0.37
HAB HEC B . 13.04 -3.56 2.42
HBB1 HEC B . 15.18 -4.24 2.72
HBB2 HEC B . 15.03 -5.63 1.61
HBB3 HEC B . 15.26 -3.99 0.96
HMC1 HEC B . 9.01 -0.92 3.77
HMC2 HEC B . 7.85 -2.27 3.87
HMC3 HEC B . 9.57 -2.59 3.55
HAC HEC B . 5.81 0.11 1.40
HBC1 HEC B . 5.50 0.27 3.67
HBC2 HEC B . 6.12 -1.37 3.99
HBC3 HEC B . 7.25 -0.06 3.59
HMD1 HEC B . 4.66 0.87 -3.13
HMD2 HEC B . 3.91 -0.46 -4.04
HMD3 HEC B . 4.20 -0.63 -2.30
HAD1 HEC B . 5.47 0.15 -6.13
HAD2 HEC B . 6.69 -0.95 -6.83
HBD1 HEC B . 5.20 -2.86 -6.35
HBD2 HEC B . 3.98 -1.72 -5.72
FE HEC C . -1.03 -9.45 -2.03
CHA HEC C . -3.23 -11.09 0.13
CHB HEC C . -1.24 -6.64 -0.18
CHC HEC C . 1.38 -8.09 -4.02
CHD HEC C . -1.00 -12.39 -3.99
NA HEC C . -2.00 -8.99 -0.35
C1A HEC C . -2.92 -9.75 0.38
C2A HEC C . -3.50 -8.95 1.42
C3A HEC C . -2.95 -7.72 1.34
C4A HEC C . -2.02 -7.75 0.23
CMA HEC C . -3.22 -6.52 2.21
CAA HEC C . -4.53 -9.44 2.41
CBA HEC C . -5.96 -9.07 2.04
CGA HEC C . -6.96 -9.91 2.81
O1A HEC C . -6.51 -10.61 3.76
O2A HEC C . -8.16 -9.85 2.46
NB HEC C . -0.15 -7.73 -2.10
C1B HEC C . -0.33 -6.68 -1.22
C2B HEC C . 0.59 -5.60 -1.54
C3B HEC C . 1.32 -6.00 -2.61
C4B HEC C . 0.86 -7.33 -2.96
CMB HEC C . 0.67 -4.30 -0.79
CAB HEC C . 2.40 -5.24 -3.32
CBB HEC C . 3.53 -4.77 -2.41
NC HEC C . -0.05 -10.13 -3.69
C1C HEC C . 0.80 -9.35 -4.47
C2C HEC C . 1.17 -10.06 -5.67
C3C HEC C . 0.54 -11.26 -5.63
C4C HEC C . -0.21 -11.31 -4.40
CMC HEC C . 2.07 -9.53 -6.75
CAC HEC C . 0.59 -12.37 -6.65
CBC HEC C . 2.00 -12.82 -6.99
ND HEC C . -1.94 -11.35 -1.96
C1D HEC C . -1.79 -12.40 -2.84
C2D HEC C . -2.56 -13.54 -2.40
C3D HEC C . -3.18 -13.19 -1.26
C4D HEC C . -2.79 -11.82 -0.97
CMD HEC C . -2.63 -14.86 -3.12
CAD HEC C . -4.10 -14.01 -0.40
CBD HEC C . -3.43 -14.57 0.85
CGD HEC C . -2.69 -15.87 0.54
O1D HEC C . -2.98 -16.44 -0.53
O2D HEC C . -1.85 -16.25 1.38
HHA HEC C . -3.86 -11.59 0.86
HHB HEC C . -1.37 -5.71 0.35
HHC HEC C . 2.23 -7.68 -4.57
HHD HEC C . -1.01 -13.28 -4.62
HMA1 HEC C . -4.15 -6.68 2.76
HMA2 HEC C . -2.40 -6.38 2.91
HMA3 HEC C . -3.32 -5.63 1.58
HAA1 HEC C . -4.48 -10.52 2.47
HAA2 HEC C . -4.32 -9.01 3.39
HBA1 HEC C . -6.13 -8.02 2.28
HBA2 HEC C . -6.11 -9.23 0.97
HMB1 HEC C . 0.82 -3.49 -1.50
HMB2 HEC C . -0.26 -4.14 -0.25
HMB3 HEC C . 1.50 -4.34 -0.09
HAB HEC C . 2.84 -5.87 -4.09
HBB1 HEC C . 4.22 -5.60 -2.23
HBB2 HEC C . 4.06 -3.95 -2.88
HBB3 HEC C . 3.11 -4.44 -1.45
HMC1 HEC C . 2.72 -10.34 -7.10
HMC2 HEC C . 1.48 -9.15 -7.57
HMC3 HEC C . 2.68 -8.72 -6.33
HAC HEC C . 0.05 -13.23 -6.27
HBC1 HEC C . 2.66 -12.65 -6.13
HBC2 HEC C . 1.99 -13.89 -7.22
HBC3 HEC C . 2.37 -12.28 -7.85
HMD1 HEC C . -2.85 -14.70 -4.17
HMD2 HEC C . -1.68 -15.38 -3.01
HMD3 HEC C . -3.43 -15.46 -2.68
HAD1 HEC C . -4.94 -13.40 -0.08
HAD2 HEC C . -4.46 -14.86 -0.98
HBD1 HEC C . -2.73 -13.85 1.25
HBD2 HEC C . -4.20 -14.78 1.61
FE HEC D . 3.35 5.19 4.74
CHA HEC D . 4.64 8.41 5.53
CHB HEC D . 2.43 6.55 1.61
CHC HEC D . 2.34 2.15 3.70
CHD HEC D . 4.31 4.10 7.76
NA HEC D . 3.52 7.10 3.77
C1A HEC D . 4.06 8.28 4.28
C2A HEC D . 3.95 9.34 3.31
C3A HEC D . 3.34 8.83 2.23
C4A HEC D . 3.07 7.44 2.50
CMA HEC D . 2.99 9.53 0.95
CAA HEC D . 4.43 10.75 3.52
CBA HEC D . 5.83 11.01 2.97
CGA HEC D . 6.66 11.84 3.94
O1A HEC D . 7.79 11.40 4.24
O2A HEC D . 6.15 12.90 4.35
NB HEC D . 2.50 4.53 3.03
C1B HEC D . 2.30 5.19 1.82
C2B HEC D . 1.91 4.24 0.80
C3B HEC D . 1.89 3.02 1.38
C4B HEC D . 2.25 3.20 2.76
CMB HEC D . 1.61 4.60 -0.63
CAB HEC D . 1.54 1.71 0.74
CBB HEC D . 2.08 1.55 -0.68
NC HEC D . 3.23 3.54 5.61
C1C HEC D . 2.67 2.38 5.11
C2C HEC D . 2.79 1.31 6.07
C3C HEC D . 3.41 1.82 7.15
C4C HEC D . 3.68 3.21 6.87
CMC HEC D . 2.31 -0.09 5.86
CAC HEC D . 3.77 1.12 8.42
CBC HEC D . 4.15 -0.35 8.24
ND HEC D . 4.27 6.09 6.32
C1D HEC D . 4.61 5.43 7.48
C2D HEC D . 5.30 6.31 8.39
C3D HEC D . 5.40 7.51 7.77
C4D HEC D . 4.76 7.38 6.48
CMD HEC D . 5.82 5.93 9.74
CAD HEC D . 6.03 8.77 8.28
CBD HEC D . 5.03 9.84 8.71
CGD HEC D . 5.75 11.08 9.23
O1D HEC D . 5.23 12.19 8.94
O2D HEC D . 6.79 10.90 9.89
HHA HEC D . 5.04 9.39 5.81
HHB HEC D . 2.03 6.97 0.69
HHC HEC D . 2.09 1.15 3.37
HHD HEC D . 4.61 3.71 8.74
HMA1 HEC D . 3.25 10.59 1.03
HMA2 HEC D . 3.53 9.08 0.12
HMA3 HEC D . 1.91 9.44 0.77
HAA1 HEC D . 3.75 11.44 3.03
HAA2 HEC D . 4.47 10.96 4.59
HBA1 HEC D . 6.34 10.06 2.80
HBA2 HEC D . 5.74 11.55 2.02
HMB1 HEC D . 2.49 4.43 -1.24
HMB2 HEC D . 0.79 3.97 -0.99
HMB3 HEC D . 1.32 5.65 -0.69
HAB HEC D . 1.95 0.90 1.33
HBB1 HEC D . 2.37 0.50 -0.84
HBB2 HEC D . 1.31 1.83 -1.39
HBB3 HEC D . 2.96 2.19 -0.81
HMC1 HEC D . 2.99 -0.62 5.18
HMC2 HEC D . 2.26 -0.61 6.81
HMC3 HEC D . 1.31 -0.06 5.41
HAC HEC D . 4.62 1.61 8.89
HBC1 HEC D . 4.47 -0.51 7.22
HBC2 HEC D . 4.96 -0.60 8.92
HBC3 HEC D . 3.29 -0.98 8.46
HMD1 HEC D . 6.35 6.77 10.18
HMD2 HEC D . 4.97 5.65 10.38
HMD3 HEC D . 6.50 5.09 9.65
HAD1 HEC D . 6.64 8.53 9.15
HAD2 HEC D . 6.66 9.21 7.51
HBD1 HEC D . 4.41 10.12 7.86
HBD2 HEC D . 4.39 9.45 9.50
FE HEC E . -6.46 5.42 -1.92
CHA HEC E . -6.18 3.79 -4.95
CHB HEC E . -9.80 5.96 -2.51
CHC HEC E . -6.84 6.65 1.29
CHD HEC E . -3.06 5.02 -1.41
NA HEC E . -7.71 4.97 -3.42
C1A HEC E . -7.43 4.29 -4.59
C2A HEC E . -8.61 4.16 -5.40
C3A HEC E . -9.62 4.77 -4.73
C4A HEC E . -9.07 5.27 -3.49
CMA HEC E . -11.05 4.91 -5.15
CAA HEC E . -8.67 3.49 -6.74
CBA HEC E . -9.29 2.09 -6.70
CGA HEC E . -9.79 1.69 -8.08
O1A HEC E . -11.02 1.45 -8.18
O2A HEC E . -8.95 1.62 -8.99
NB HEC E . -8.01 6.09 -0.82
C1B HEC E . -9.29 6.35 -1.28
C2B HEC E . -10.03 7.10 -0.30
C3B HEC E . -9.21 7.30 0.76
C4B HEC E . -7.95 6.67 0.44
CMB HEC E . -11.45 7.57 -0.47
CAB HEC E . -9.51 8.03 2.04
CBB HEC E . -9.81 7.10 3.22
NC HEC E . -5.18 5.72 -0.33
C1C HEC E . -5.48 6.27 0.90
C2C HEC E . -4.26 6.44 1.67
C3C HEC E . -3.24 6.00 0.91
C4C HEC E . -3.81 5.55 -0.35
CMC HEC E . -4.20 7.01 3.06
CAC HEC E . -1.78 5.97 1.25
CBC HEC E . -1.49 5.66 2.71
ND HEC E . -4.93 4.63 -2.98
C1D HEC E . -3.61 4.47 -2.56
C2D HEC E . -2.88 3.64 -3.50
C3D HEC E . -3.75 3.31 -4.48
C4D HEC E . -5.02 3.91 -4.17
CMD HEC E . -1.44 3.26 -3.37
CAD HEC E . -3.48 2.45 -5.70
CBD HEC E . -2.71 3.17 -6.80
CGD HEC E . -2.75 2.38 -8.10
O1D HEC E . -3.02 3.02 -9.14
O2D HEC E . -2.54 1.15 -8.02
HHA HEC E . -6.09 3.27 -5.90
HHB HEC E . -10.84 6.20 -2.74
HHC HEC E . -6.98 6.97 2.32
HHD HEC E . -1.97 5.04 -1.32
HMA1 HEC E . -11.36 4.02 -5.70
HMA2 HEC E . -11.68 5.03 -4.27
HMA3 HEC E . -11.16 5.79 -5.78
HAA1 HEC E . -9.27 4.08 -7.42
HAA2 HEC E . -7.66 3.39 -7.14
HBA1 HEC E . -8.54 1.38 -6.38
HBA2 HEC E . -10.13 2.08 -6.01
HMB1 HEC E . -11.92 7.02 -1.28
HMB2 HEC E . -12.00 7.38 0.46
HMB3 HEC E . -11.47 8.64 -0.69
HAB HEC E . -8.65 8.64 2.32
HBB1 HEC E . -10.75 6.59 3.04
HBB2 HEC E . -9.01 6.37 3.32
HBB3 HEC E . -9.88 7.70 4.13
HMC1 HEC E . -3.55 6.38 3.68
HMC2 HEC E . -3.81 8.03 3.01
HMC3 HEC E . -5.21 7.03 3.48
HAC HEC E . -1.28 5.20 0.65
HBC1 HEC E . -0.51 5.19 2.80
HBC2 HEC E . -1.51 6.58 3.29
HBC3 HEC E . -2.25 4.97 3.09
HMD1 HEC E . -1.33 2.51 -2.59
HMD2 HEC E . -1.08 2.86 -4.31
HMD3 HEC E . -0.85 4.14 -3.11
HAD1 HEC E . -2.89 1.58 -5.40
HAD2 HEC E . -4.43 2.12 -6.12
HBD1 HEC E . -3.14 4.15 -6.97
HBD2 HEC E . -1.67 3.29 -6.49
#